data_8FH3
#
_entry.id   8FH3
#
_cell.length_a   1.00
_cell.length_b   1.00
_cell.length_c   1.00
_cell.angle_alpha   90.00
_cell.angle_beta   90.00
_cell.angle_gamma   90.00
#
_symmetry.space_group_name_H-M   'P 1'
#
loop_
_entity.id
_entity.type
_entity.pdbx_description
1 polymer 'WD repeat-containing protein 35'
2 polymer 'Intraflagellar transport protein 122 homolog'
3 polymer 'WD repeat-containing protein 19'
4 polymer 'Intraflagellar transport protein 140 homolog'
5 polymer 'Tubby-related protein 3'
6 non-polymer 'ZINC ION'
#
loop_
_entity_poly.entity_id
_entity_poly.type
_entity_poly.pdbx_seq_one_letter_code
_entity_poly.pdbx_strand_id
1 'polypeptide(L)'
;MFFYLSKKISIPNNVKLQCVSWNKEQGFIACGGEDGLLKVLKLETQTDDAKLRGLAAPSNLSMNQTLEGHSGSVQVVTWN
EQYQKLTTSDENGLIIVWMLYKGSWIEEMINNRNKSVVRSMSWNADGQKICIVYEDGAVIVGSVDGNRIWGKDLKGIQLS
HVTWSADSKVLLFGMANGEIHIYDNQGNFMIKMKLSCLVNVTGAISIAGIHWYHGTEGYVEPDCPCLAVCFDNGRCQIMR
HENDQNPVLIDTGMYVVGIQWNHMGSVLAVAGFQKAAMQDKDVNIVQFYTPFGEHLGTLKVPGKEISALSWEGGGLKIAL
AVDSFIYFANIRPNYKWGYCSNTVVYAYTRPDRPEYCVVFWDTKNNEKYVKYVKGLISITTCGDFCILATKADENHPQEE
NEMETFGATFVLVLCNSIGTPLDPKYIDIVPLFVAMTKTHVIAASKEAFYTWQYRVAKKLTALEINQITRSRKEGRERIY
HVDDTPSGSMDGVLDYSKTIQGTRDPICAITASDKILIVGRESGTIQRYSLPNVGLIQKYSLNCRAYQLSLNCNSSRLAI
IDISGVLTFFDLDARVTDSTGQQVVGELLKLERRDVWDMKWAKDNPDLFAMMEKTRMYVFRNLDPEEPIQTSGYICNFED
LEIKSVLLDEILKDPEHPNKDYLINFEIRSLRDSRALIEKVGIKDASQFIEDNPHPRLWRLLAEAALQKLDLYTAEQAFV
RCKDYQGIKFVKRLGKLLSESMKQAEVVGYFGRFEEAERTYLEMDRRDLAIGLRLKLGDWFRVLQLLKTGSGDADDSLLE
QANNAIGDYFADRQKWLNAVQYYVQGRNQERLAECYYMLEDYEGLENLAISLPENHKLLPEIAQMFVRVGMCEQAVTAFL
KCSQPKAAVDTCVHLNQWNKAVELAKNHSMKEIGSLLARYASHLLEKNKTLDAIELYRKANYFFDAAKLMFKIADEEAKK
GSKPLRVKKLYVLSALLIEQYHEQMKNAQRGKVKGKSSEATSALAGLLEEEVLSTTDRFTDNAWRGAEAYHFFILAQRQL
YEGCVDTALKTALHLKDYEDIIPPVEIYSLLALCACASRAFGTCSKAFIKLKSLETLSSEQKQQYEDLALEIFTKHTSKD
NRKPELDSLMEGGEGKLPTCVATGSPITEYQFWMCSVCKHGVLAQEISHYSFCPLCHSPVG
;
A
2 'polypeptide(L)'
;MRAVLTWRDKAEHCINDIAFKPDGTQLILAAGSRLLVYDTSDGTLLQPLKGHKDTVYCVAYAKDGKRFASGSADKSVIIW
TSKLEGILKYTHNDAIQCVSYNPITHQLASCSSSDFGLWSPEQKSVSKHKSSSKIICCSWTNDGQYLALGMFNGIISIRN
KNGEEKVKIERPGGSLSPIWSICWNPSSRWESFWMNRENEDAEDVIVNRYIQEIPSTLKSAVYSSQGSEAEEEEPEEDDD
SPRDDNLEERNDILAVADWGQKVSFYQLSGKQIGKDRALNFDPCCISYFTKGEYILLGGSDKQVSLFTKDGVRLGTVGEQ
NSWVWTCQAKPDSNYVVVGCQDGTISFYQLIFSTVHGLYKDRYAYRDSMTDVIVQHLITEQKVRIKCKELVKKIAIYRNR
LAIQLPEKILIYELYSEDLSDMHYRVKEKIIKKFECNLLVVCANHIILCQEKRLQCLSFSGVKEREWQMESLIRYIKVIG
GPPGREGLLVGLKNGQILKIFVDNLFAIVLLKQATAVRCLDMSASRKKLAVVDENDTCLVYDIDTKELLFQEPNANSVAW
NTQCEDMLCFSGGGYLNIKASTFPVHRQKLQGFVVGYNGSKIFCLHVFSISAVEVPQSAPMYQYLDRKLFKEAYQIACLG
VTDTDWRELAMEALEGLDFETAKKAFIRVQDLRYLELISSIEERKKRGETNNDLFLADVFSYQGKFHEAAKLYKRSGHEN
LALEMYTDLCMFEYAKDFLGSGDPKETKMLITKQADWARNIKEPKAAVEMYISAGEHVKAIEICGDHGWVDMLIDIARKL
DKAEREPLLLCATYLKKLDSPGYAAETYLKMGDLKSLVQLHVETQRWDEAFALGEKHPEFKDDIYMPYAQWLAENDRFEE
AQKAFHKAGRQREAVQVLEQLTNNAVAESRFNDAAYYYWMLSMQCLDIAQDPAQKDTMLGKFYHFQRLAELYHGYHAIHR
HTEDPFSVHRPETLFNISRFLLHSLPKDTPSGISKVKILFTLAKQSKALGAYRLARHAYDKLRGLYIPARFQKSIELGTL
TIRAKPFHDSEELVPLCYRCSTNNPLLNNLGNVCINCRQPFIFSASSYDVLHLVEFYLEEGITDEEAISLIDLEVLRPKR
DDRQLEIANNSSQILRLVETKDSIGDEDPFTAKLSFEQGGSEFVPVVVSRLVLRSMSRRDVLIKRWPPPLRWQYFRSLLP
DASITMCPSCFQMFHSEDYELLVLQHGCCPYCRRCKDDPGP
;
B
3 'polypeptide(L)'
;MKRIFSLLEKTWLGAPIQFAWQKTSGNYLAVTGADYIVKIFDRHGQKRSEINLPGNCVAMDWDKDGDVLAVIAEKSSCIY
LWDANTNKTSQLDNGMRDQMSFLLWSKVGSFLAVGTVKGNLLIYNHQTSRKIPVLGKHTKRITCGCWNAENLLALGGEDK
MITVSNQEGDTIRQTQVRSEPSNMQFFLMKMDDRTSAAESMISVVLGKKTLFFLNLNEPDNPADLEFQQDFGNIVCYNWY
GDGRIMIGFSCGHFVVISTHTGELGQEIFQARNHKDNLTSIAVSQTLNKVATCGDNCIKIQDLVDLKDMYVILNLDEENK
GLGTLSWTDDGQLLALSTQRGSLHVFLTKLPILGDACSTRIAYLTSLLEVTVANPVEGELPITVSVDVEPNFVAVGLYHL
AVGMNNRAWFYVLGENAVKKLKDMEYLGTVASICLHSDYAAALFEGKVQLHLIESEILDAQEERETRLFPAVDDKCRILC
HALTSDFLIYGTDTGVVQYFYIEDWQFVNDYRHPVSVKKIFPDPNGTRLVFIDEKSDGFVYCPVNDATYEIPDFSPTIKG
VLWENWPMDKGVFIAYDDDKVYTYVFHKDTIQGAKVILAGSTKVPFAHKPLLLYNGELTCQTQSGKVNNIYLSTHGFLSN
LKDTGPDELRPMLAQNLMLKRFSDAWEMCRILNDEAAWNELARACLHHMEVEFAIRVYRRIGNVGIVMSLEQIKGIEDYN
LLAGHLAMFTNDYNLAQDLYLASSCPIAALEMRRDLQHWDSALQLAKHLAPDQIPFISKEYAIQLEFAGDYVNALAHYEK
GITGDNKEHDEACLAGVAQMSIRMGDIRRGVNQALKHPSRVLKRDCGAILENMKQFSEAAQLYEKGLYYDKAASVYIRSK
NWAKVGDLLPHVSSPKIHLQYAKAKEADGRYKEAVVAYENAKQWQSVIRIYLDHLNNPEKAVNIVRETQSLDGAKMVARF
FLQLGDYGSAIQFLVMSKCNNEAFTLAQQHNKMEIYADIIGSEDTTNEDYQSIALYFEGEKRYLQAGKFFLLCGQYSRAL
KHFLKCPSSEDNVAIEMAIETVGQAKDELLTNQLIDHLLGENDGMPKDAKYLFRLYMALKQYREAAQTAIIIAREEQSAG
NYRNAHDVLFSMYAELKSQKIKIPSEMATNLMILHSYILVKIHVKNGDHMKGARMLIRVANNISKFPSHIVPILTSTVIE
CHRAGLKNSAFSFAAMLMRPEYRSKIDAKYKKKIEGMVRRPDISEIEEATTPCPFCKFLLPECELLCPGCKNSIPYCIAT
GRHMLKDDWTVCPHCDFPALYSELKIMLNTESTCPMCSERLNAAQLKKISDCTQYLRTEEEL
;
C
4 'polypeptide(L)'
;MALYYDHQIEAPDAAGSPSFISWHPVHPFLAVAYISTTSTGSVDIYLEQGECVPDTHVERPFRVASLCWHPTRLVLAVGW
ETGEVTVFNKQDKEQHTMPLTHTADITVLRWSPSGNCLLSGDRLGVLLLWRLDQRGRVQGTPLLKHEYGKHLTHCIFRLP
PPGEDLVQLAKAAVSGDEKALDMFNWKKSSSGSLLKMGSHEGLLFFVSLMDGTVHYVDEKGKTTQVVSADSTIQMLFYME
KREALVVVTENLRLSLYTVPPEGKAEEVMKVKLSGKTGRRADIALIEGSLLVMAVGEAALRFWDIERGENYILSPDEKFG
FEKGENMNCVCYCKVKGLLAAGTDRGRVAMWRKVPDFLGSPGAEGKDRWALQTPTELQGNITQIQWGSRKNLLAVNSVIS
VAILSERAMSSHFHQQVAAMQVSPSLLNVCFLSTGVAHSLRTDMHISGVFATKDAVAVWNGRQVAIFELSGAAIRSAGTF
LCETPVLAMHEENVYTVESNRVQVRTWQGTVKQLLLFSETEGNPCFLDICGNFLVVGTDLAHFKSFDLSRREAKAHCSCR
SLAELVPGVGGIASLRCSSSGSTISILPSKADNSPDSKICFYDVEMDTVTVFDFKTGQIDRRETLSFNEQETNKSHLFVD
EGLKNYVPVNHFWDQSEPRLFVCEAVQETPRSQPQSANGQPQDGRAGPAADVLILSFFISEEHGFLLHESFPRPATSHSL
LGMEVPYYYFTRKPEEADREDEVEPGCHHIPQMVSRRPLRDFVGLEDCDKATRDAMLHFSFFVTIGDMDEAFKSIKLIKS
EAVWENMARMCVKTQRLDVAKVCLGNMGHARGARALREAEQEPELEARVAVLATQLGMLEDAEQLYRKCKRHDLLNKFYQ
AAGRWQEALQVAEHHDRVHLRSTYHRYAGHLEASADCSRALSYYEKSDTHRFEVPRMLSEDLPSLELYVNKMKDKTLWRW
WAQYLESQGEMDAALHYYELARDHFSLVRIHCFQGNVQKAAQIANETGNLAASYHLARQYESQEEVGQAVHFYTRAQAFK
NAIRLCKENGLDDQLMNLALLSSPEDMIEAARYYEEKGVQMDRAVMLYHKAGHFSKALELAFATQQFVALQLIAEDLDET
SDPALLARCSDFFIEHSQYERAVELLLAARKYQEALQLCLGQNMSITEEMAEKMTVAKDSSDLPEESRRELLEQIADCCM
RQGSYHLATKKYTQAGNKLKAMRALLKSGDTEKITFFASVSRQKEIYIMAANYLQSLDWRKEPEIMKNIIGFYTKGRALD
LLAGFYDACAQVEIDEYQNYDKAHGALTEAYKCLAKAKAKSPLDQETRLAQLQSRMALVKRFIQARRTYTEDPKESIKQC
ELLLEEPDLDSTIRIGDVYGFLVEHYVRKEEYQTAYRFLEEMRRRLPLANMSYYVSPQAVDAVHRGLGLPLPRTVPEQVR
HNSMEDARELDEEVVEEADDDP
;
E
5 'polypeptide(L)'
;MEASRCRLSPSGDSVFHEEMMKMRQAKLDYQRLLLEKRQRKKRLEPFMVQPNPEARLRRAKPRASDEQTPLVNCHTPHSN
VILHGIDGPAAVLKPDEVHAPSVSSSVVEEDAENTVDTASKPGLQERLQKHDISESVNFDEETDGISQSACLERPNSASS
QNSTDTGTSGSATAAQPADNLLGDIDDLEDFVYSPAPQGVTVRCRIIRDKRGMDRGLFPTYYMYLEKEENQKIFLLAARK
RKKSKTANYLISIDPVDLSREGESYVGKLRSNLMGTKFTVYDRGICPMKGRGLVGAAHTRQELAAISYETNVLGFKGPRK
MSVIIPGMTLNHKQIPYQPQNNHDSLLSRWQNRTMENLVELHNKAPVWNSDTQSYVLNFRGRVTQASVKNFQIVHKNDPD
YIVMQFGRVADDVFTLDYNYPLCAVQAFGIGLSSFDSKLACE
;
I
#
# COMPACT_ATOMS: atom_id res chain seq x y z
N MET A 1 42.71 -17.02 -35.73
CA MET A 1 44.09 -16.90 -35.33
C MET A 1 44.44 -15.43 -35.22
N PHE A 2 43.98 -14.78 -34.15
CA PHE A 2 44.28 -13.38 -33.93
C PHE A 2 45.12 -13.25 -32.66
N PHE A 3 45.83 -12.13 -32.55
CA PHE A 3 46.89 -12.05 -31.56
C PHE A 3 47.39 -10.64 -31.34
N TYR A 4 47.60 -10.28 -30.07
CA TYR A 4 47.80 -8.91 -29.61
C TYR A 4 48.49 -8.94 -28.26
N LEU A 5 49.26 -7.91 -27.94
CA LEU A 5 49.89 -7.85 -26.62
C LEU A 5 48.90 -7.51 -25.52
N SER A 6 49.23 -7.91 -24.30
CA SER A 6 48.32 -7.89 -23.18
C SER A 6 48.85 -7.14 -21.97
N LYS A 7 50.10 -7.38 -21.64
CA LYS A 7 50.65 -6.97 -20.36
C LYS A 7 52.16 -6.90 -20.50
N LYS A 8 52.80 -6.15 -19.62
CA LYS A 8 54.23 -6.09 -19.62
C LYS A 8 54.75 -6.14 -18.18
N ILE A 9 55.01 -7.37 -17.69
CA ILE A 9 55.72 -7.48 -16.44
C ILE A 9 57.10 -6.92 -16.66
N SER A 10 57.72 -6.48 -15.56
CA SER A 10 59.03 -5.89 -15.68
C SER A 10 59.95 -6.52 -14.67
N ILE A 11 61.25 -6.40 -14.92
CA ILE A 11 62.29 -6.99 -14.09
C ILE A 11 63.14 -5.85 -13.56
N PRO A 12 63.43 -5.80 -12.26
CA PRO A 12 64.07 -4.62 -11.70
C PRO A 12 65.47 -4.42 -12.23
N ASN A 13 65.92 -3.18 -12.15
CA ASN A 13 67.33 -2.83 -12.33
C ASN A 13 67.82 -3.18 -13.74
N ASN A 14 66.92 -3.12 -14.70
CA ASN A 14 67.22 -3.19 -16.14
C ASN A 14 68.26 -4.26 -16.47
N VAL A 15 68.08 -5.45 -15.90
CA VAL A 15 68.94 -6.56 -16.28
C VAL A 15 68.46 -7.07 -17.63
N LYS A 16 69.29 -7.81 -18.34
CA LYS A 16 68.96 -8.29 -19.67
C LYS A 16 68.57 -9.75 -19.62
N LEU A 17 67.28 -10.03 -19.78
CA LEU A 17 66.83 -11.42 -19.83
C LEU A 17 67.42 -12.13 -21.04
N GLN A 18 67.83 -13.38 -20.85
CA GLN A 18 68.31 -14.21 -21.94
C GLN A 18 67.53 -15.49 -22.15
N CYS A 19 66.68 -15.89 -21.22
CA CYS A 19 65.97 -17.14 -21.40
C CYS A 19 64.69 -17.15 -20.60
N VAL A 20 63.62 -17.64 -21.23
CA VAL A 20 62.30 -17.71 -20.62
C VAL A 20 61.76 -19.10 -20.90
N SER A 21 61.30 -19.79 -19.87
CA SER A 21 60.69 -21.10 -20.07
C SER A 21 59.40 -21.19 -19.29
N TRP A 22 58.28 -21.13 -19.97
CA TRP A 22 56.98 -21.23 -19.32
C TRP A 22 56.65 -22.69 -19.05
N ASN A 23 56.61 -23.06 -17.78
CA ASN A 23 56.21 -24.40 -17.40
C ASN A 23 54.78 -24.69 -17.84
N LYS A 24 54.56 -25.87 -18.39
CA LYS A 24 53.26 -26.18 -18.96
C LYS A 24 52.31 -26.75 -17.93
N GLU A 25 52.78 -27.63 -17.05
CA GLU A 25 51.87 -28.26 -16.08
C GLU A 25 51.44 -27.26 -15.01
N GLN A 26 52.37 -26.52 -14.44
CA GLN A 26 52.07 -25.48 -13.49
C GLN A 26 52.52 -24.15 -14.08
N GLY A 27 51.63 -23.16 -14.09
CA GLY A 27 51.88 -22.00 -14.91
C GLY A 27 53.04 -21.12 -14.46
N PHE A 28 54.14 -21.74 -14.05
CA PHE A 28 55.28 -21.04 -13.52
C PHE A 28 56.09 -20.49 -14.67
N ILE A 29 56.49 -19.23 -14.59
CA ILE A 29 57.32 -18.61 -15.60
C ILE A 29 58.66 -18.38 -14.97
N ALA A 30 59.69 -19.07 -15.46
CA ALA A 30 61.02 -18.93 -14.90
C ALA A 30 61.88 -18.16 -15.86
N CYS A 31 62.35 -17.00 -15.44
CA CYS A 31 63.05 -16.08 -16.33
C CYS A 31 64.48 -15.92 -15.88
N GLY A 32 65.41 -16.11 -16.79
CA GLY A 32 66.82 -16.02 -16.48
C GLY A 32 67.23 -14.56 -16.52
N GLY A 33 68.23 -14.22 -15.72
CA GLY A 33 68.77 -12.88 -15.70
C GLY A 33 70.11 -12.80 -16.40
N GLU A 34 70.66 -11.60 -16.44
CA GLU A 34 71.98 -11.40 -17.00
C GLU A 34 73.04 -11.23 -15.92
N ASP A 35 72.68 -11.31 -14.66
CA ASP A 35 73.67 -11.13 -13.61
C ASP A 35 73.37 -12.05 -12.44
N GLY A 36 73.17 -13.32 -12.75
CA GLY A 36 72.79 -14.26 -11.72
C GLY A 36 71.34 -14.18 -11.35
N LEU A 37 70.58 -13.29 -11.96
CA LEU A 37 69.16 -13.22 -11.65
C LEU A 37 68.48 -14.43 -12.23
N LEU A 38 67.75 -15.14 -11.37
CA LEU A 38 66.87 -16.20 -11.81
C LEU A 38 65.60 -16.09 -11.00
N LYS A 39 64.52 -15.77 -11.68
CA LYS A 39 63.28 -15.45 -11.02
C LYS A 39 62.28 -16.49 -11.44
N VAL A 40 61.30 -16.75 -10.59
CA VAL A 40 60.17 -17.56 -10.98
C VAL A 40 58.93 -16.72 -10.79
N LEU A 41 58.12 -16.62 -11.83
CA LEU A 41 56.94 -15.79 -11.82
C LEU A 41 55.74 -16.67 -12.07
N LYS A 42 54.57 -16.18 -11.69
CA LYS A 42 53.33 -16.85 -11.94
C LYS A 42 52.26 -15.77 -12.01
N LEU A 43 51.19 -16.03 -12.73
CA LEU A 43 50.09 -15.06 -12.82
C LEU A 43 48.91 -15.49 -11.98
N GLU A 44 48.11 -14.50 -11.59
CA GLU A 44 46.84 -14.69 -10.91
C GLU A 44 47.01 -15.57 -9.68
N SER A 59 49.12 -8.60 -10.06
CA SER A 59 48.52 -9.76 -10.69
C SER A 59 49.35 -11.01 -10.49
N ASN A 60 50.66 -10.83 -10.34
CA ASN A 60 51.53 -11.97 -10.11
C ASN A 60 51.22 -12.61 -8.77
N LEU A 61 51.20 -13.94 -8.75
CA LEU A 61 50.91 -14.70 -7.55
C LEU A 61 52.18 -15.12 -6.83
N SER A 62 53.13 -15.70 -7.54
CA SER A 62 54.30 -16.29 -6.89
C SER A 62 55.57 -15.61 -7.36
N MET A 63 55.54 -14.29 -7.47
CA MET A 63 56.74 -13.52 -7.75
C MET A 63 57.83 -13.88 -6.77
N ASN A 64 58.90 -14.48 -7.26
CA ASN A 64 59.91 -15.12 -6.43
C ASN A 64 61.29 -14.72 -6.91
N GLN A 65 62.28 -14.90 -6.04
CA GLN A 65 63.67 -14.66 -6.41
C GLN A 65 64.51 -15.81 -5.89
N THR A 66 64.77 -16.79 -6.74
CA THR A 66 65.66 -17.89 -6.38
C THR A 66 67.07 -17.52 -6.85
N LEU A 67 67.72 -16.68 -6.07
CA LEU A 67 69.10 -16.32 -6.31
C LEU A 67 70.06 -17.32 -5.69
N GLU A 68 69.55 -18.45 -5.22
CA GLU A 68 70.39 -19.48 -4.61
C GLU A 68 71.44 -19.96 -5.62
N GLY A 69 72.70 -19.67 -5.37
CA GLY A 69 73.70 -19.98 -6.36
C GLY A 69 73.56 -19.05 -7.56
N HIS A 70 74.01 -19.55 -8.69
CA HIS A 70 73.95 -18.83 -9.96
C HIS A 70 74.73 -17.51 -9.87
N SER A 71 76.04 -17.68 -9.87
CA SER A 71 76.93 -16.58 -10.12
C SER A 71 76.89 -16.21 -11.60
N GLY A 72 77.58 -15.13 -11.95
CA GLY A 72 77.73 -14.75 -13.34
C GLY A 72 76.39 -14.47 -13.95
N SER A 73 76.23 -14.91 -15.20
CA SER A 73 75.00 -14.77 -15.95
C SER A 73 74.21 -16.07 -15.87
N VAL A 74 73.05 -16.08 -16.49
CA VAL A 74 72.22 -17.27 -16.58
C VAL A 74 71.79 -17.43 -18.03
N GLN A 75 71.94 -18.64 -18.56
CA GLN A 75 71.82 -18.82 -20.00
C GLN A 75 70.69 -19.74 -20.42
N VAL A 76 70.61 -20.95 -19.88
CA VAL A 76 69.59 -21.90 -20.32
C VAL A 76 68.73 -22.35 -19.15
N VAL A 77 67.46 -22.57 -19.41
CA VAL A 77 66.51 -22.94 -18.37
C VAL A 77 65.49 -23.89 -18.96
N THR A 78 65.29 -25.04 -18.34
CA THR A 78 64.27 -25.98 -18.82
C THR A 78 63.46 -26.52 -17.66
N TRP A 79 62.15 -26.37 -17.73
CA TRP A 79 61.29 -27.07 -16.81
C TRP A 79 61.33 -28.56 -17.09
N ASN A 80 61.06 -29.33 -16.06
CA ASN A 80 60.80 -30.75 -16.20
C ASN A 80 59.31 -30.91 -15.99
N GLU A 81 58.57 -31.14 -17.07
CA GLU A 81 57.11 -31.05 -16.96
C GLU A 81 56.59 -32.07 -15.97
N GLN A 82 56.92 -33.33 -16.18
CA GLN A 82 56.85 -34.29 -15.11
C GLN A 82 57.93 -33.97 -14.10
N TYR A 83 57.65 -34.24 -12.84
CA TYR A 83 58.52 -34.09 -11.68
C TYR A 83 58.65 -32.63 -11.25
N GLN A 84 58.12 -31.68 -12.02
CA GLN A 84 58.21 -30.24 -11.73
C GLN A 84 59.54 -29.81 -11.14
N LYS A 85 60.63 -30.26 -11.71
CA LYS A 85 61.96 -29.90 -11.27
C LYS A 85 62.52 -28.90 -12.26
N LEU A 86 62.76 -27.68 -11.79
CA LEU A 86 63.34 -26.68 -12.66
C LEU A 86 64.83 -26.97 -12.79
N THR A 87 65.46 -26.39 -13.80
CA THR A 87 66.90 -26.54 -13.99
C THR A 87 67.45 -25.23 -14.51
N THR A 88 68.71 -24.92 -14.21
CA THR A 88 69.29 -23.68 -14.70
C THR A 88 70.80 -23.80 -14.85
N SER A 89 71.38 -22.96 -15.68
CA SER A 89 72.80 -22.99 -15.95
C SER A 89 73.36 -21.59 -15.95
N ASP A 90 74.60 -21.46 -15.53
CA ASP A 90 75.27 -20.18 -15.49
C ASP A 90 76.23 -20.13 -16.66
N GLU A 91 77.01 -19.07 -16.76
CA GLU A 91 78.14 -19.15 -17.67
C GLU A 91 79.35 -19.73 -16.97
N ASN A 92 79.21 -20.05 -15.69
CA ASN A 92 80.31 -20.64 -14.94
C ASN A 92 80.22 -22.15 -14.89
N GLY A 93 79.37 -22.74 -15.73
CA GLY A 93 79.23 -24.17 -15.76
C GLY A 93 78.46 -24.72 -14.61
N LEU A 94 77.78 -23.87 -13.84
CA LEU A 94 77.12 -24.28 -12.61
C LEU A 94 75.69 -24.68 -12.87
N ILE A 95 75.45 -25.96 -13.06
CA ILE A 95 74.09 -26.48 -13.19
C ILE A 95 73.44 -26.47 -11.82
N ILE A 96 72.15 -26.20 -11.77
CA ILE A 96 71.38 -26.32 -10.53
C ILE A 96 70.05 -26.96 -10.87
N VAL A 97 69.49 -27.67 -9.89
CA VAL A 97 68.12 -28.18 -9.97
C VAL A 97 67.33 -27.56 -8.83
N TRP A 98 66.08 -27.21 -9.08
CA TRP A 98 65.21 -26.60 -8.09
C TRP A 98 63.94 -27.42 -7.91
N MET A 99 63.56 -27.65 -6.66
CA MET A 99 62.35 -28.37 -6.36
C MET A 99 61.48 -27.53 -5.43
N LEU A 100 60.17 -27.66 -5.60
CA LEU A 100 59.23 -26.78 -4.90
C LEU A 100 58.92 -27.36 -3.53
N TYR A 101 59.48 -26.76 -2.48
CA TYR A 101 59.27 -27.23 -1.12
C TYR A 101 58.59 -26.13 -0.32
N LYS A 102 57.38 -26.40 0.14
CA LYS A 102 56.60 -25.45 0.94
C LYS A 102 56.43 -24.12 0.21
N GLY A 103 56.03 -24.17 -1.05
CA GLY A 103 55.70 -22.95 -1.75
C GLY A 103 56.88 -22.10 -2.15
N SER A 104 58.09 -22.62 -2.10
CA SER A 104 59.24 -21.87 -2.56
C SER A 104 60.21 -22.81 -3.27
N TRP A 105 61.12 -22.22 -4.02
CA TRP A 105 62.10 -22.96 -4.79
C TRP A 105 63.43 -22.96 -4.07
N ILE A 106 64.04 -24.13 -3.94
CA ILE A 106 65.30 -24.30 -3.26
C ILE A 106 66.29 -24.95 -4.21
N GLU A 107 67.53 -25.03 -3.76
CA GLU A 107 68.69 -25.27 -4.60
C GLU A 107 69.38 -26.56 -4.19
N GLU A 108 69.34 -27.56 -5.06
CA GLU A 108 69.80 -28.91 -4.74
C GLU A 108 70.48 -29.50 -5.98
N MET A 109 70.83 -30.78 -5.90
CA MET A 109 71.58 -31.50 -6.93
C MET A 109 72.61 -30.60 -7.61
N ILE A 110 73.30 -29.79 -6.83
CA ILE A 110 74.26 -28.88 -7.40
C ILE A 110 75.36 -29.69 -8.05
N ASN A 111 75.67 -29.36 -9.28
CA ASN A 111 76.75 -30.03 -9.98
C ASN A 111 77.58 -28.99 -10.71
N ASN A 112 78.84 -29.31 -10.90
CA ASN A 112 79.74 -28.38 -11.54
C ASN A 112 80.85 -29.14 -12.23
N ARG A 113 80.95 -28.99 -13.53
CA ARG A 113 82.12 -29.44 -14.26
C ARG A 113 82.87 -28.21 -14.73
N ASN A 114 84.16 -28.17 -14.43
CA ASN A 114 84.92 -26.93 -14.45
C ASN A 114 85.72 -26.74 -15.73
N LYS A 115 85.19 -27.17 -16.86
CA LYS A 115 85.89 -26.98 -18.13
C LYS A 115 85.25 -25.91 -19.01
N SER A 116 83.96 -26.00 -19.30
CA SER A 116 83.38 -25.10 -20.28
C SER A 116 81.95 -24.79 -19.86
N VAL A 117 81.17 -24.22 -20.77
CA VAL A 117 79.88 -23.64 -20.46
C VAL A 117 78.75 -24.49 -21.04
N VAL A 118 77.72 -24.70 -20.25
CA VAL A 118 76.57 -25.51 -20.65
C VAL A 118 75.84 -24.78 -21.78
N ARG A 119 75.96 -25.31 -23.00
CA ARG A 119 75.30 -24.68 -24.14
C ARG A 119 73.81 -24.97 -24.14
N SER A 120 73.42 -26.22 -23.88
CA SER A 120 72.00 -26.54 -23.89
C SER A 120 71.71 -27.76 -23.04
N MET A 121 70.45 -27.95 -22.71
CA MET A 121 70.00 -29.05 -21.87
C MET A 121 68.64 -29.51 -22.37
N SER A 122 68.27 -30.73 -22.05
CA SER A 122 66.94 -31.17 -22.41
C SER A 122 66.51 -32.34 -21.58
N TRP A 123 65.27 -32.31 -21.10
CA TRP A 123 64.75 -33.48 -20.42
C TRP A 123 64.16 -34.43 -21.44
N ASN A 124 64.05 -35.69 -21.04
CA ASN A 124 63.48 -36.70 -21.89
C ASN A 124 62.01 -36.41 -22.13
N ALA A 125 61.41 -37.14 -23.07
CA ALA A 125 59.98 -37.03 -23.27
C ALA A 125 59.21 -37.40 -22.02
N ASP A 126 59.79 -38.24 -21.16
CA ASP A 126 59.13 -38.68 -19.94
C ASP A 126 59.83 -38.18 -18.69
N GLY A 127 60.76 -37.24 -18.81
CA GLY A 127 61.33 -36.60 -17.66
C GLY A 127 62.40 -37.40 -16.95
N GLN A 128 62.73 -38.58 -17.44
CA GLN A 128 63.65 -39.43 -16.71
C GLN A 128 65.11 -39.18 -17.03
N LYS A 129 65.41 -38.57 -18.15
CA LYS A 129 66.80 -38.39 -18.52
C LYS A 129 67.00 -36.98 -19.03
N ILE A 130 68.18 -36.45 -18.77
CA ILE A 130 68.54 -35.08 -19.11
C ILE A 130 69.83 -35.13 -19.88
N CYS A 131 69.89 -34.44 -21.01
CA CYS A 131 71.08 -34.41 -21.84
C CYS A 131 71.64 -33.01 -21.81
N ILE A 132 72.92 -32.88 -21.45
CA ILE A 132 73.59 -31.59 -21.38
C ILE A 132 74.78 -31.63 -22.33
N VAL A 133 74.95 -30.58 -23.11
CA VAL A 133 76.00 -30.49 -24.11
C VAL A 133 76.90 -29.33 -23.74
N TYR A 134 78.19 -29.54 -23.78
CA TYR A 134 79.11 -28.49 -23.40
C TYR A 134 79.72 -27.89 -24.65
N GLU A 135 80.20 -26.66 -24.53
CA GLU A 135 80.76 -26.02 -25.70
C GLU A 135 81.98 -26.75 -26.19
N ASP A 136 82.81 -27.24 -25.28
CA ASP A 136 83.99 -27.95 -25.76
C ASP A 136 83.66 -29.31 -26.36
N GLY A 137 82.39 -29.70 -26.38
CA GLY A 137 81.94 -30.90 -27.05
C GLY A 137 81.51 -32.01 -26.13
N ALA A 138 81.98 -32.01 -24.88
CA ALA A 138 81.65 -33.08 -23.96
C ALA A 138 80.16 -33.13 -23.69
N VAL A 139 79.61 -34.34 -23.64
CA VAL A 139 78.19 -34.55 -23.43
C VAL A 139 78.00 -35.44 -22.22
N ILE A 140 77.14 -35.02 -21.30
CA ILE A 140 76.81 -35.80 -20.12
C ILE A 140 75.31 -36.00 -20.09
N VAL A 141 74.88 -37.23 -19.93
CA VAL A 141 73.47 -37.55 -19.84
C VAL A 141 73.23 -38.20 -18.50
N GLY A 142 72.31 -37.63 -17.72
CA GLY A 142 72.03 -38.14 -16.41
C GLY A 142 70.58 -38.47 -16.21
N SER A 143 70.30 -39.28 -15.21
CA SER A 143 68.94 -39.56 -14.83
C SER A 143 68.45 -38.41 -13.97
N VAL A 144 67.29 -38.56 -13.36
CA VAL A 144 66.82 -37.56 -12.44
C VAL A 144 67.75 -37.43 -11.24
N ASP A 145 68.51 -38.48 -10.92
CA ASP A 145 69.26 -38.54 -9.67
C ASP A 145 70.76 -38.54 -9.89
N GLY A 146 71.29 -39.48 -10.67
CA GLY A 146 72.73 -39.62 -10.84
C GLY A 146 73.14 -39.13 -12.22
N ASN A 147 73.91 -38.04 -12.20
CA ASN A 147 74.21 -37.29 -13.42
C ASN A 147 74.89 -38.12 -14.50
N ARG A 148 75.58 -39.19 -14.12
CA ARG A 148 76.54 -39.75 -15.06
C ARG A 148 76.02 -41.12 -15.48
N ILE A 149 75.10 -41.13 -16.44
CA ILE A 149 74.75 -42.38 -17.11
C ILE A 149 75.72 -42.69 -18.22
N TRP A 150 75.96 -41.72 -19.08
CA TRP A 150 76.76 -41.95 -20.27
C TRP A 150 77.40 -40.62 -20.63
N GLY A 151 78.68 -40.49 -20.32
CA GLY A 151 79.37 -39.25 -20.60
C GLY A 151 80.35 -39.40 -21.73
N LYS A 152 80.11 -38.68 -22.80
CA LYS A 152 80.92 -38.82 -24.00
C LYS A 152 81.59 -37.49 -24.30
N ASP A 153 82.78 -37.54 -24.87
CA ASP A 153 83.47 -36.29 -25.13
C ASP A 153 83.51 -35.90 -26.60
N LEU A 154 82.97 -36.72 -27.49
CA LEU A 154 82.79 -36.39 -28.91
C LEU A 154 84.12 -35.94 -29.50
N LYS A 155 84.16 -34.88 -30.29
CA LYS A 155 85.30 -34.62 -31.17
C LYS A 155 85.62 -33.13 -31.14
N GLY A 156 86.47 -32.69 -32.07
CA GLY A 156 86.80 -31.29 -32.19
C GLY A 156 85.65 -30.49 -32.77
N ILE A 157 84.57 -30.43 -32.00
CA ILE A 157 83.30 -29.87 -32.42
C ILE A 157 82.80 -28.96 -31.31
N GLN A 158 81.87 -28.10 -31.65
CA GLN A 158 81.23 -27.24 -30.67
C GLN A 158 79.73 -27.39 -30.76
N LEU A 159 79.13 -27.97 -29.74
CA LEU A 159 77.71 -28.24 -29.76
C LEU A 159 76.95 -26.96 -29.44
N SER A 160 75.68 -26.94 -29.80
CA SER A 160 74.83 -25.85 -29.39
C SER A 160 73.43 -26.27 -29.01
N HIS A 161 73.02 -27.49 -29.26
CA HIS A 161 71.64 -27.86 -28.99
C HIS A 161 71.58 -29.35 -28.72
N VAL A 162 70.42 -29.82 -28.26
CA VAL A 162 70.22 -31.24 -28.10
C VAL A 162 68.75 -31.50 -27.92
N THR A 163 68.27 -32.60 -28.48
CA THR A 163 66.84 -32.86 -28.52
C THR A 163 66.60 -34.34 -28.61
N TRP A 164 65.62 -34.82 -27.86
CA TRP A 164 65.22 -36.20 -27.92
C TRP A 164 64.07 -36.37 -28.87
N SER A 165 63.88 -37.60 -29.32
CA SER A 165 62.78 -37.93 -30.19
C SER A 165 61.58 -38.24 -29.33
N ALA A 166 60.52 -38.69 -29.99
CA ALA A 166 59.32 -39.05 -29.27
C ALA A 166 59.60 -40.19 -28.30
N ASP A 167 60.33 -41.19 -28.74
CA ASP A 167 60.56 -42.38 -27.94
C ASP A 167 61.86 -42.31 -27.14
N SER A 168 62.50 -41.13 -27.09
CA SER A 168 63.74 -40.97 -26.34
C SER A 168 64.84 -41.84 -26.92
N LYS A 169 64.74 -42.17 -28.19
CA LYS A 169 65.70 -43.03 -28.85
C LYS A 169 66.81 -42.25 -29.54
N VAL A 170 66.45 -41.39 -30.48
CA VAL A 170 67.48 -40.60 -31.11
C VAL A 170 67.65 -39.29 -30.35
N LEU A 171 68.77 -38.65 -30.56
CA LEU A 171 69.26 -37.64 -29.65
C LEU A 171 70.09 -36.70 -30.52
N LEU A 172 69.41 -35.82 -31.24
CA LEU A 172 70.05 -35.16 -32.35
C LEU A 172 70.76 -33.90 -31.91
N PHE A 173 72.08 -33.93 -31.96
CA PHE A 173 72.81 -32.77 -31.49
C PHE A 173 72.69 -31.66 -32.50
N GLY A 174 73.26 -30.51 -32.17
CA GLY A 174 73.25 -29.40 -33.10
C GLY A 174 74.57 -28.69 -32.98
N MET A 175 75.33 -28.64 -34.06
CA MET A 175 76.70 -28.18 -34.01
C MET A 175 76.79 -26.67 -34.14
N ALA A 176 77.96 -26.12 -33.82
CA ALA A 176 78.11 -24.68 -33.95
C ALA A 176 78.12 -24.27 -35.41
N ASN A 177 78.70 -25.08 -36.27
CA ASN A 177 78.84 -24.69 -37.66
C ASN A 177 77.56 -24.89 -38.46
N GLY A 178 76.52 -25.47 -37.87
CA GLY A 178 75.28 -25.64 -38.56
C GLY A 178 75.06 -27.02 -39.13
N GLU A 179 75.55 -28.05 -38.47
CA GLU A 179 75.30 -29.42 -38.88
C GLU A 179 74.63 -30.16 -37.75
N ILE A 180 73.52 -30.79 -38.02
CA ILE A 180 72.84 -31.59 -37.03
C ILE A 180 73.28 -33.03 -37.16
N HIS A 181 73.60 -33.66 -36.05
CA HIS A 181 74.10 -35.01 -36.02
C HIS A 181 73.11 -35.87 -35.26
N ILE A 182 72.70 -36.97 -35.85
CA ILE A 182 71.69 -37.80 -35.23
C ILE A 182 72.38 -38.85 -34.38
N TYR A 183 71.98 -38.97 -33.13
CA TYR A 183 72.68 -39.93 -32.29
C TYR A 183 71.71 -41.01 -31.83
N ASP A 184 72.15 -41.83 -30.88
CA ASP A 184 71.59 -43.15 -30.76
C ASP A 184 70.84 -43.42 -29.47
N ASN A 185 70.90 -42.51 -28.49
CA ASN A 185 70.57 -42.72 -27.08
C ASN A 185 71.85 -43.23 -26.43
N GLN A 186 72.93 -43.26 -27.19
CA GLN A 186 74.28 -43.31 -26.67
C GLN A 186 75.12 -42.40 -27.56
N GLY A 187 76.36 -42.76 -27.77
CA GLY A 187 77.21 -41.91 -28.60
C GLY A 187 77.50 -42.51 -29.95
N ASN A 188 76.52 -43.18 -30.52
CA ASN A 188 76.71 -43.83 -31.81
C ASN A 188 76.32 -42.85 -32.90
N PHE A 189 77.31 -42.13 -33.43
CA PHE A 189 77.04 -41.17 -34.49
C PHE A 189 76.40 -41.87 -35.67
N MET A 190 75.16 -41.53 -35.95
CA MET A 190 74.49 -42.00 -37.15
C MET A 190 74.65 -40.96 -38.24
N ILE A 191 73.80 -41.00 -39.26
CA ILE A 191 73.99 -40.10 -40.38
C ILE A 191 73.67 -38.68 -39.97
N LYS A 192 74.44 -37.74 -40.50
CA LYS A 192 74.11 -36.34 -40.38
C LYS A 192 72.80 -36.06 -41.08
N MET A 193 72.03 -35.14 -40.54
CA MET A 193 70.78 -34.78 -41.18
C MET A 193 71.04 -34.09 -42.51
N LYS A 194 70.16 -34.34 -43.48
CA LYS A 194 70.27 -33.72 -44.79
C LYS A 194 69.48 -32.41 -44.74
N LEU A 195 70.19 -31.28 -44.75
CA LEU A 195 69.57 -29.97 -44.59
C LEU A 195 69.02 -29.50 -45.94
N SER A 196 67.72 -29.34 -46.02
CA SER A 196 67.11 -28.92 -47.27
C SER A 196 66.69 -27.46 -47.27
N CYS A 197 66.49 -26.86 -46.09
CA CYS A 197 65.93 -25.51 -46.05
C CYS A 197 66.89 -24.52 -46.69
N LEU A 198 68.18 -24.74 -46.54
CA LEU A 198 69.19 -23.86 -47.11
C LEU A 198 69.72 -24.49 -48.39
N VAL A 199 69.59 -23.76 -49.49
CA VAL A 199 70.10 -24.24 -50.77
C VAL A 199 71.02 -23.20 -51.38
N ASN A 200 70.59 -21.94 -51.36
CA ASN A 200 71.34 -20.86 -51.98
C ASN A 200 72.18 -20.07 -50.99
N VAL A 201 72.21 -20.47 -49.73
CA VAL A 201 72.92 -19.68 -48.73
C VAL A 201 74.42 -19.86 -48.92
N THR A 202 75.17 -18.88 -48.47
CA THR A 202 76.61 -18.90 -48.66
C THR A 202 77.38 -18.63 -47.38
N GLY A 203 76.87 -17.76 -46.51
CA GLY A 203 77.58 -17.38 -45.30
C GLY A 203 77.41 -18.40 -44.18
N ALA A 204 78.03 -18.07 -43.05
CA ALA A 204 78.02 -18.98 -41.91
C ALA A 204 76.62 -19.14 -41.36
N ILE A 205 76.32 -20.33 -40.89
CA ILE A 205 74.98 -20.69 -40.44
C ILE A 205 75.09 -21.33 -39.07
N SER A 206 74.28 -20.84 -38.14
CA SER A 206 74.10 -21.46 -36.85
C SER A 206 72.63 -21.83 -36.72
N ILE A 207 72.32 -22.77 -35.84
CA ILE A 207 70.94 -23.23 -35.78
C ILE A 207 70.05 -22.14 -35.20
N ALA A 208 70.26 -21.79 -33.95
CA ALA A 208 69.40 -20.84 -33.27
C ALA A 208 67.94 -21.29 -33.36
N GLY A 209 67.69 -22.44 -32.78
CA GLY A 209 66.34 -22.95 -32.63
C GLY A 209 66.11 -24.31 -33.24
N ILE A 210 65.76 -25.26 -32.38
CA ILE A 210 65.28 -26.58 -32.78
C ILE A 210 64.17 -26.92 -31.81
N HIS A 211 63.08 -27.48 -32.29
CA HIS A 211 62.07 -27.93 -31.35
C HIS A 211 61.30 -29.10 -31.92
N TRP A 212 61.55 -30.28 -31.40
CA TRP A 212 60.84 -31.49 -31.76
C TRP A 212 59.57 -31.56 -30.96
N TYR A 213 58.44 -31.59 -31.65
CA TYR A 213 57.17 -31.71 -30.96
C TYR A 213 56.84 -33.17 -30.74
N HIS A 214 57.05 -33.64 -29.52
CA HIS A 214 56.60 -34.98 -29.17
C HIS A 214 55.08 -35.00 -29.15
N GLY A 215 54.51 -36.09 -29.64
CA GLY A 215 53.07 -36.07 -29.74
C GLY A 215 52.44 -36.21 -28.38
N THR A 216 52.07 -35.09 -27.77
CA THR A 216 51.59 -35.11 -26.41
C THR A 216 50.18 -34.60 -26.26
N GLU A 217 49.63 -33.91 -27.27
CA GLU A 217 48.19 -33.72 -27.37
C GLU A 217 47.68 -34.27 -28.68
N GLY A 218 48.43 -35.17 -29.30
CA GLY A 218 48.07 -35.68 -30.60
C GLY A 218 48.51 -34.74 -31.69
N TYR A 219 48.38 -35.22 -32.91
CA TYR A 219 48.91 -34.53 -34.06
C TYR A 219 47.78 -33.88 -34.84
N VAL A 220 48.06 -32.70 -35.41
CA VAL A 220 47.03 -32.03 -36.18
C VAL A 220 46.62 -32.88 -37.37
N GLU A 221 47.55 -33.64 -37.92
CA GLU A 221 47.32 -34.51 -39.05
C GLU A 221 48.05 -35.82 -38.80
N PRO A 222 47.49 -36.96 -39.23
CA PRO A 222 47.98 -38.25 -38.72
C PRO A 222 49.46 -38.47 -38.87
N ASP A 223 50.11 -37.82 -39.82
CA ASP A 223 51.56 -37.95 -39.97
C ASP A 223 52.18 -36.59 -40.21
N CYS A 224 51.73 -35.59 -39.47
CA CYS A 224 52.12 -34.22 -39.70
C CYS A 224 53.58 -34.01 -39.32
N PRO A 225 54.20 -32.95 -39.83
CA PRO A 225 55.54 -32.60 -39.39
C PRO A 225 55.59 -32.30 -37.90
N CYS A 226 56.66 -32.75 -37.27
CA CYS A 226 56.92 -32.49 -35.87
C CYS A 226 58.18 -31.69 -35.68
N LEU A 227 59.31 -32.18 -36.19
CA LEU A 227 60.58 -31.53 -35.92
C LEU A 227 60.62 -30.16 -36.59
N ALA A 228 61.42 -29.26 -36.03
CA ALA A 228 61.50 -27.93 -36.59
C ALA A 228 62.92 -27.42 -36.45
N VAL A 229 63.58 -27.22 -37.57
CA VAL A 229 64.93 -26.68 -37.56
C VAL A 229 64.88 -25.38 -38.31
N CYS A 230 65.33 -24.31 -37.68
CA CYS A 230 65.52 -23.04 -38.35
C CYS A 230 66.97 -22.66 -38.22
N PHE A 231 67.46 -21.86 -39.16
CA PHE A 231 68.78 -21.27 -39.04
C PHE A 231 68.66 -19.77 -38.89
N ASP A 232 69.70 -19.19 -38.30
CA ASP A 232 69.65 -17.78 -37.95
C ASP A 232 69.66 -16.85 -39.16
N ASN A 233 69.94 -17.37 -40.34
CA ASN A 233 69.79 -16.51 -41.52
C ASN A 233 68.32 -16.27 -41.85
N GLY A 234 67.44 -17.19 -41.48
CA GLY A 234 66.03 -16.93 -41.60
C GLY A 234 65.23 -18.01 -42.27
N ARG A 235 65.84 -19.13 -42.63
CA ARG A 235 65.13 -20.19 -43.31
C ARG A 235 64.99 -21.40 -42.40
N CYS A 236 63.82 -22.01 -42.45
CA CYS A 236 63.38 -23.03 -41.51
C CYS A 236 62.86 -24.24 -42.29
N GLN A 237 62.83 -25.39 -41.64
CA GLN A 237 62.28 -26.57 -42.29
C GLN A 237 61.61 -27.44 -41.25
N ILE A 238 60.35 -27.76 -41.49
CA ILE A 238 59.55 -28.47 -40.51
C ILE A 238 59.40 -29.89 -41.02
N MET A 239 60.26 -30.78 -40.56
CA MET A 239 60.32 -32.12 -41.08
C MET A 239 59.72 -33.09 -40.09
N ARG A 240 59.33 -34.25 -40.58
CA ARG A 240 58.96 -35.36 -39.73
C ARG A 240 60.14 -36.32 -39.66
N HIS A 241 60.49 -36.74 -38.45
CA HIS A 241 61.73 -37.47 -38.17
C HIS A 241 62.94 -36.94 -38.94
N GLU A 242 63.55 -37.76 -39.78
CA GLU A 242 64.57 -37.36 -40.74
C GLU A 242 63.98 -37.48 -42.14
N ASN A 243 63.45 -36.38 -42.66
CA ASN A 243 62.89 -36.34 -43.99
C ASN A 243 63.98 -36.12 -45.02
N ASP A 244 63.59 -36.13 -46.27
CA ASP A 244 64.38 -35.56 -47.33
C ASP A 244 63.64 -34.50 -48.13
N GLN A 245 62.31 -34.53 -48.14
CA GLN A 245 61.53 -33.37 -48.52
C GLN A 245 60.67 -33.00 -47.32
N ASN A 246 60.44 -31.72 -47.14
CA ASN A 246 59.83 -31.26 -45.91
C ASN A 246 59.46 -29.80 -46.04
N PRO A 247 58.39 -29.33 -45.41
CA PRO A 247 57.96 -27.95 -45.63
C PRO A 247 59.07 -26.96 -45.38
N VAL A 248 59.59 -26.43 -46.46
CA VAL A 248 60.67 -25.46 -46.39
C VAL A 248 60.02 -24.10 -46.24
N LEU A 249 60.59 -23.29 -45.37
CA LEU A 249 60.07 -21.96 -45.09
C LEU A 249 61.20 -20.97 -45.29
N ILE A 250 60.86 -19.82 -45.82
CA ILE A 250 61.73 -18.68 -45.73
C ILE A 250 61.06 -17.65 -44.84
N ASP A 251 61.86 -17.02 -44.02
CA ASP A 251 61.43 -15.98 -43.11
C ASP A 251 62.47 -14.91 -43.22
N THR A 252 62.08 -13.67 -43.09
CA THR A 252 63.06 -12.63 -42.87
C THR A 252 63.09 -12.40 -41.37
N GLY A 253 64.08 -12.97 -40.70
CA GLY A 253 64.37 -12.52 -39.37
C GLY A 253 65.86 -12.50 -39.21
N MET A 254 66.44 -11.32 -39.04
CA MET A 254 67.90 -11.25 -38.93
C MET A 254 68.26 -11.83 -37.59
N TYR A 255 68.98 -12.94 -37.61
CA TYR A 255 69.18 -13.74 -36.42
C TYR A 255 67.82 -14.12 -35.82
N VAL A 256 67.09 -14.95 -36.55
CA VAL A 256 65.97 -15.67 -35.96
C VAL A 256 66.49 -16.32 -34.69
N VAL A 257 65.94 -15.93 -33.55
CA VAL A 257 66.53 -16.30 -32.27
C VAL A 257 65.71 -17.33 -31.50
N GLY A 258 64.56 -17.73 -32.01
CA GLY A 258 63.81 -18.66 -31.20
C GLY A 258 62.90 -19.46 -32.09
N ILE A 259 62.38 -20.54 -31.51
CA ILE A 259 61.40 -21.39 -32.16
C ILE A 259 60.61 -22.03 -31.04
N GLN A 260 59.32 -22.19 -31.23
CA GLN A 260 58.50 -22.76 -30.18
C GLN A 260 57.25 -23.36 -30.76
N TRP A 261 57.10 -24.66 -30.66
CA TRP A 261 55.87 -25.26 -31.08
C TRP A 261 54.75 -24.88 -30.14
N ASN A 262 53.53 -25.07 -30.61
CA ASN A 262 52.38 -24.99 -29.74
C ASN A 262 52.32 -26.22 -28.86
N HIS A 263 51.51 -26.12 -27.81
CA HIS A 263 51.31 -27.29 -26.95
C HIS A 263 50.60 -28.41 -27.70
N MET A 264 49.77 -28.06 -28.67
CA MET A 264 49.17 -29.03 -29.58
C MET A 264 50.00 -29.25 -30.82
N GLY A 265 51.19 -28.65 -30.88
CA GLY A 265 52.02 -28.82 -32.05
C GLY A 265 51.36 -28.29 -33.29
N SER A 266 50.59 -27.23 -33.17
CA SER A 266 49.75 -26.77 -34.25
C SER A 266 50.10 -25.39 -34.77
N VAL A 267 50.84 -24.58 -34.03
CA VAL A 267 51.29 -23.29 -34.52
C VAL A 267 52.71 -23.07 -34.08
N LEU A 268 53.58 -22.75 -35.04
CA LEU A 268 55.00 -22.60 -34.80
C LEU A 268 55.36 -21.14 -34.69
N ALA A 269 55.82 -20.72 -33.53
CA ALA A 269 56.08 -19.31 -33.27
C ALA A 269 57.54 -19.04 -33.47
N VAL A 270 57.86 -18.16 -34.41
CA VAL A 270 59.24 -17.93 -34.80
C VAL A 270 59.59 -16.50 -34.46
N ALA A 271 60.55 -16.32 -33.55
CA ALA A 271 60.88 -15.01 -33.03
C ALA A 271 62.22 -14.53 -33.59
N GLY A 272 62.21 -13.37 -34.20
CA GLY A 272 63.42 -12.75 -34.70
C GLY A 272 63.22 -11.27 -34.84
N PHE A 273 63.95 -10.64 -35.76
CA PHE A 273 63.66 -9.24 -36.07
C PHE A 273 64.19 -8.88 -37.44
N GLN A 274 63.37 -8.20 -38.24
CA GLN A 274 63.82 -7.83 -39.57
C GLN A 274 64.74 -6.63 -39.51
N LYS A 275 65.42 -6.37 -40.63
CA LYS A 275 66.27 -5.18 -40.72
C LYS A 275 65.43 -3.91 -40.67
N ALA A 276 64.33 -3.88 -41.41
CA ALA A 276 63.43 -2.72 -41.49
C ALA A 276 64.19 -1.43 -41.77
N VAL A 283 60.87 -3.29 -34.50
CA VAL A 283 61.58 -4.06 -35.51
C VAL A 283 61.52 -5.52 -35.12
N ASN A 284 61.07 -5.78 -33.90
CA ASN A 284 60.97 -7.13 -33.41
C ASN A 284 59.76 -7.80 -34.01
N ILE A 285 59.87 -9.09 -34.31
CA ILE A 285 58.78 -9.82 -34.94
C ILE A 285 58.65 -11.18 -34.29
N VAL A 286 57.43 -11.68 -34.24
CA VAL A 286 57.17 -13.07 -33.90
C VAL A 286 56.22 -13.59 -35.00
N GLN A 287 56.78 -14.20 -36.03
CA GLN A 287 55.94 -14.79 -37.05
C GLN A 287 55.45 -16.16 -36.62
N PHE A 288 54.39 -16.60 -37.25
CA PHE A 288 53.75 -17.86 -36.95
C PHE A 288 53.68 -18.69 -38.21
N TYR A 289 53.68 -20.00 -38.06
CA TYR A 289 53.41 -20.86 -39.19
C TYR A 289 52.61 -22.06 -38.71
N THR A 290 51.79 -22.57 -39.55
CA THR A 290 51.19 -23.86 -39.24
C THR A 290 52.19 -24.96 -39.52
N PRO A 291 51.94 -26.18 -39.07
CA PRO A 291 52.95 -27.22 -39.26
C PRO A 291 53.27 -27.51 -40.69
N PHE A 292 52.38 -27.19 -41.64
CA PHE A 292 52.65 -27.42 -43.05
C PHE A 292 53.22 -26.22 -43.77
N GLY A 293 53.56 -25.16 -43.07
CA GLY A 293 54.20 -24.04 -43.72
C GLY A 293 53.30 -22.92 -44.13
N GLU A 294 52.06 -22.89 -43.67
CA GLU A 294 51.17 -21.78 -43.99
C GLU A 294 51.37 -20.65 -42.98
N HIS A 295 51.68 -19.46 -43.48
CA HIS A 295 51.81 -18.30 -42.63
C HIS A 295 50.50 -17.94 -41.96
N LEU A 296 50.59 -17.32 -40.80
CA LEU A 296 49.40 -16.91 -40.06
C LEU A 296 49.43 -15.48 -39.54
N GLY A 297 50.57 -14.81 -39.48
CA GLY A 297 50.55 -13.44 -39.01
C GLY A 297 51.93 -12.92 -38.67
N THR A 298 51.93 -11.90 -37.82
CA THR A 298 53.12 -11.18 -37.41
C THR A 298 52.73 -10.30 -36.22
N LEU A 299 53.55 -10.31 -35.17
CA LEU A 299 53.17 -9.70 -33.90
C LEU A 299 53.67 -8.28 -33.68
N LYS A 300 54.85 -7.92 -34.20
CA LYS A 300 55.43 -6.59 -33.99
C LYS A 300 55.62 -6.30 -32.50
N VAL A 301 56.46 -7.10 -31.87
CA VAL A 301 56.72 -6.81 -30.46
C VAL A 301 57.56 -5.55 -30.34
N PRO A 302 57.29 -4.67 -29.39
CA PRO A 302 58.14 -3.49 -29.22
C PRO A 302 59.48 -3.84 -28.60
N GLY A 303 60.30 -2.84 -28.32
CA GLY A 303 61.53 -3.06 -27.61
C GLY A 303 62.73 -3.21 -28.54
N LYS A 304 63.85 -3.58 -27.93
CA LYS A 304 65.10 -3.66 -28.65
C LYS A 304 65.21 -4.97 -29.42
N GLU A 305 65.13 -6.09 -28.70
CA GLU A 305 65.49 -7.40 -29.22
C GLU A 305 64.79 -8.49 -28.45
N ILE A 306 64.09 -9.37 -29.15
CA ILE A 306 63.53 -10.53 -28.46
C ILE A 306 64.67 -11.48 -28.16
N SER A 307 64.47 -12.35 -27.18
CA SER A 307 65.45 -13.36 -26.86
C SER A 307 64.88 -14.75 -26.72
N ALA A 308 63.61 -14.91 -26.38
CA ALA A 308 63.05 -16.25 -26.33
C ALA A 308 61.54 -16.21 -26.25
N LEU A 309 60.94 -17.36 -26.49
CA LEU A 309 59.50 -17.56 -26.49
C LEU A 309 59.12 -18.51 -25.36
N SER A 310 57.83 -18.63 -25.12
CA SER A 310 57.31 -19.74 -24.33
C SER A 310 55.81 -19.67 -24.38
N TRP A 311 55.18 -20.74 -24.86
CA TRP A 311 53.73 -20.78 -24.85
C TRP A 311 53.22 -21.18 -23.49
N GLU A 312 51.98 -20.82 -23.20
CA GLU A 312 51.36 -21.32 -22.00
C GLU A 312 51.08 -22.82 -22.13
N GLY A 313 50.61 -23.43 -21.05
CA GLY A 313 50.17 -24.79 -21.15
C GLY A 313 48.91 -24.92 -21.98
N GLY A 314 48.03 -23.94 -21.88
CA GLY A 314 46.80 -23.94 -22.62
C GLY A 314 46.87 -23.31 -23.99
N GLY A 315 48.05 -22.91 -24.43
CA GLY A 315 48.19 -22.39 -25.78
C GLY A 315 47.56 -21.05 -26.02
N LEU A 316 47.09 -20.37 -24.97
CA LEU A 316 46.41 -19.10 -25.15
C LEU A 316 47.32 -17.90 -25.06
N LYS A 317 48.44 -18.00 -24.35
CA LYS A 317 49.31 -16.86 -24.12
C LYS A 317 50.73 -17.24 -24.50
N ILE A 318 51.42 -16.35 -25.18
CA ILE A 318 52.83 -16.53 -25.50
C ILE A 318 53.62 -15.44 -24.82
N ALA A 319 54.58 -15.84 -23.99
CA ALA A 319 55.37 -14.91 -23.20
C ALA A 319 56.76 -14.85 -23.77
N LEU A 320 57.21 -13.65 -24.06
CA LEU A 320 58.43 -13.48 -24.80
C LEU A 320 59.27 -12.38 -24.18
N ALA A 321 60.57 -12.58 -24.20
CA ALA A 321 61.51 -11.69 -23.52
C ALA A 321 61.89 -10.55 -24.43
N VAL A 322 61.86 -9.34 -23.92
CA VAL A 322 62.44 -8.20 -24.61
C VAL A 322 63.23 -7.41 -23.60
N ASP A 323 64.55 -7.36 -23.78
CA ASP A 323 65.38 -6.54 -22.92
C ASP A 323 65.15 -6.88 -21.46
N SER A 324 64.73 -5.90 -20.69
CA SER A 324 64.44 -6.08 -19.28
C SER A 324 62.95 -6.30 -19.01
N PHE A 325 62.23 -6.92 -19.93
CA PHE A 325 60.80 -7.08 -19.75
C PHE A 325 60.35 -8.47 -20.17
N ILE A 326 59.15 -8.82 -19.73
CA ILE A 326 58.42 -9.96 -20.28
C ILE A 326 57.12 -9.48 -20.91
N TYR A 327 57.10 -9.34 -22.22
CA TYR A 327 55.88 -8.94 -22.90
C TYR A 327 55.02 -10.17 -23.11
N PHE A 328 53.76 -10.09 -22.72
CA PHE A 328 52.82 -11.19 -22.86
C PHE A 328 51.87 -10.91 -24.02
N ALA A 329 51.64 -11.91 -24.85
CA ALA A 329 50.80 -11.75 -26.01
C ALA A 329 49.69 -12.78 -25.99
N ASN A 330 48.46 -12.34 -26.13
CA ASN A 330 47.34 -13.26 -26.17
C ASN A 330 47.19 -13.86 -27.55
N ILE A 331 46.66 -15.07 -27.61
CA ILE A 331 46.41 -15.75 -28.87
C ILE A 331 45.00 -16.30 -28.86
N ARG A 332 44.27 -16.07 -29.93
CA ARG A 332 43.00 -16.75 -30.17
C ARG A 332 43.22 -17.80 -31.23
N PRO A 333 43.26 -19.07 -30.89
CA PRO A 333 43.52 -20.10 -31.89
C PRO A 333 42.29 -20.30 -32.75
N ASN A 334 42.43 -21.12 -33.78
CA ASN A 334 41.32 -21.49 -34.64
C ASN A 334 40.72 -22.77 -34.08
N TYR A 335 39.84 -22.61 -33.11
CA TYR A 335 39.08 -23.75 -32.64
C TYR A 335 38.16 -24.20 -33.75
N LYS A 336 37.86 -25.48 -33.78
CA LYS A 336 36.89 -26.04 -34.71
C LYS A 336 35.61 -26.30 -33.94
N TRP A 337 34.76 -25.29 -33.86
CA TRP A 337 33.57 -25.37 -33.04
C TRP A 337 32.37 -24.97 -33.86
N GLY A 338 31.20 -25.12 -33.27
CA GLY A 338 29.97 -24.83 -33.98
C GLY A 338 28.86 -24.74 -32.98
N TYR A 339 27.69 -24.34 -33.46
CA TYR A 339 26.49 -24.31 -32.65
C TYR A 339 25.31 -24.67 -33.54
N CYS A 340 24.81 -25.89 -33.40
CA CYS A 340 23.66 -26.34 -34.14
C CYS A 340 22.59 -26.77 -33.17
N SER A 341 21.39 -26.23 -33.32
CA SER A 341 20.27 -26.50 -32.41
C SER A 341 20.71 -26.12 -31.00
N ASN A 342 20.53 -26.97 -30.00
CA ASN A 342 20.94 -26.68 -28.64
C ASN A 342 22.29 -27.30 -28.31
N THR A 343 23.13 -27.49 -29.30
CA THR A 343 24.33 -28.30 -29.17
C THR A 343 25.56 -27.47 -29.43
N VAL A 344 26.50 -27.51 -28.51
CA VAL A 344 27.84 -27.00 -28.78
C VAL A 344 28.65 -28.15 -29.33
N VAL A 345 29.13 -28.02 -30.56
CA VAL A 345 30.06 -28.97 -31.15
C VAL A 345 31.45 -28.39 -31.00
N TYR A 346 32.41 -29.22 -30.64
CA TYR A 346 33.77 -28.76 -30.51
C TYR A 346 34.71 -29.95 -30.63
N ALA A 347 35.73 -29.80 -31.46
CA ALA A 347 36.59 -30.91 -31.79
C ALA A 347 38.01 -30.68 -31.29
N TYR A 348 38.64 -31.76 -30.85
CA TYR A 348 39.97 -31.71 -30.26
C TYR A 348 40.64 -33.04 -30.51
N THR A 349 41.95 -33.05 -30.42
CA THR A 349 42.74 -34.23 -30.65
C THR A 349 43.28 -34.79 -29.34
N ARG A 350 43.48 -36.09 -29.30
CA ARG A 350 43.91 -36.74 -28.07
C ARG A 350 45.01 -37.74 -28.39
N PRO A 351 46.00 -37.88 -27.51
CA PRO A 351 47.19 -38.66 -27.85
C PRO A 351 46.90 -40.11 -28.19
N ASP A 352 45.96 -40.74 -27.51
CA ASP A 352 45.78 -42.18 -27.70
C ASP A 352 45.16 -42.49 -29.06
N ARG A 353 44.24 -41.68 -29.53
CA ARG A 353 43.74 -42.10 -30.83
C ARG A 353 44.25 -41.19 -31.93
N PRO A 354 44.39 -41.72 -33.15
CA PRO A 354 44.91 -40.90 -34.26
C PRO A 354 43.88 -40.06 -34.99
N GLU A 355 42.62 -40.07 -34.60
CA GLU A 355 41.61 -39.27 -35.29
C GLU A 355 41.02 -38.21 -34.38
N TYR A 356 40.58 -37.12 -34.98
CA TYR A 356 39.93 -36.05 -34.23
C TYR A 356 38.72 -36.58 -33.49
N CYS A 357 38.58 -36.16 -32.24
CA CYS A 357 37.43 -36.48 -31.43
C CYS A 357 36.49 -35.28 -31.41
N VAL A 358 35.25 -35.48 -31.83
CA VAL A 358 34.26 -34.40 -31.96
C VAL A 358 33.11 -34.67 -31.01
N VAL A 359 32.76 -33.69 -30.19
CA VAL A 359 31.81 -33.89 -29.09
C VAL A 359 30.56 -33.05 -29.33
N PHE A 360 29.43 -33.72 -29.55
CA PHE A 360 28.15 -33.06 -29.74
C PHE A 360 27.45 -32.87 -28.39
N TRP A 361 27.94 -31.92 -27.61
CA TRP A 361 27.49 -31.75 -26.24
C TRP A 361 26.10 -31.14 -26.22
N ASP A 362 25.08 -31.97 -26.09
CA ASP A 362 23.70 -31.50 -26.08
C ASP A 362 23.44 -30.78 -24.77
N THR A 363 23.38 -29.45 -24.82
CA THR A 363 23.33 -28.68 -23.59
C THR A 363 22.01 -28.86 -22.85
N LYS A 364 20.92 -29.00 -23.58
CA LYS A 364 19.60 -29.00 -22.96
C LYS A 364 19.43 -30.19 -22.02
N ASN A 365 19.85 -31.38 -22.45
CA ASN A 365 19.80 -32.57 -21.61
C ASN A 365 21.16 -32.89 -21.01
N ASN A 366 22.14 -32.02 -21.21
CA ASN A 366 23.50 -32.25 -20.71
C ASN A 366 24.00 -33.63 -21.12
N GLU A 367 23.84 -33.96 -22.38
CA GLU A 367 24.27 -35.24 -22.90
C GLU A 367 25.42 -35.04 -23.88
N LYS A 368 26.34 -35.99 -23.88
CA LYS A 368 27.47 -35.96 -24.77
C LYS A 368 27.30 -37.06 -25.81
N TYR A 369 27.84 -36.81 -27.00
CA TYR A 369 27.75 -37.77 -28.09
C TYR A 369 29.07 -37.69 -28.85
N VAL A 370 30.05 -38.45 -28.41
CA VAL A 370 31.39 -38.36 -28.96
C VAL A 370 31.46 -39.13 -30.26
N LYS A 371 31.91 -38.47 -31.32
CA LYS A 371 32.24 -39.14 -32.56
C LYS A 371 33.74 -39.06 -32.81
N TYR A 372 34.19 -39.80 -33.80
CA TYR A 372 35.57 -39.76 -34.22
C TYR A 372 35.62 -39.59 -35.73
N VAL A 373 36.39 -38.62 -36.18
CA VAL A 373 36.42 -38.23 -37.58
C VAL A 373 37.88 -38.18 -38.02
N LYS A 374 38.13 -38.59 -39.26
CA LYS A 374 39.52 -38.69 -39.72
C LYS A 374 40.09 -37.33 -40.14
N GLY A 375 39.54 -36.73 -41.17
CA GLY A 375 40.17 -35.55 -41.72
C GLY A 375 39.88 -34.28 -40.93
N LEU A 376 38.63 -33.87 -40.92
CA LEU A 376 38.16 -32.72 -40.16
C LEU A 376 38.94 -31.46 -40.55
N ILE A 377 38.71 -31.02 -41.77
CA ILE A 377 39.16 -29.69 -42.14
C ILE A 377 38.44 -28.63 -41.32
N SER A 378 37.11 -28.68 -41.26
CA SER A 378 36.36 -27.63 -40.60
C SER A 378 35.00 -28.13 -40.17
N ILE A 379 34.38 -27.38 -39.27
CA ILE A 379 33.02 -27.62 -38.81
C ILE A 379 32.19 -26.39 -39.10
N THR A 380 31.02 -26.58 -39.69
CA THR A 380 30.10 -25.47 -39.90
C THR A 380 28.72 -25.90 -39.48
N THR A 381 27.98 -24.97 -38.88
CA THR A 381 26.64 -25.25 -38.41
C THR A 381 25.72 -24.13 -38.86
N CYS A 382 24.47 -24.47 -39.14
CA CYS A 382 23.44 -23.47 -39.40
C CYS A 382 22.10 -24.14 -39.22
N GLY A 383 21.33 -23.68 -38.25
CA GLY A 383 20.11 -24.39 -37.96
C GLY A 383 20.41 -25.71 -37.27
N ASP A 384 19.64 -26.73 -37.63
CA ASP A 384 19.80 -28.03 -36.98
C ASP A 384 20.68 -28.96 -37.78
N PHE A 385 21.83 -28.50 -38.25
CA PHE A 385 22.65 -29.30 -39.13
C PHE A 385 24.10 -28.87 -39.01
N CYS A 386 25.02 -29.72 -39.46
CA CYS A 386 26.42 -29.50 -39.19
C CYS A 386 27.23 -30.25 -40.22
N ILE A 387 28.02 -29.52 -41.02
CA ILE A 387 28.89 -30.12 -42.02
C ILE A 387 30.27 -30.26 -41.44
N LEU A 388 30.69 -31.49 -41.20
CA LEU A 388 32.05 -31.78 -40.81
C LEU A 388 32.80 -32.15 -42.07
N ALA A 389 33.37 -31.17 -42.74
CA ALA A 389 34.04 -31.42 -44.00
C ALA A 389 35.39 -32.04 -43.68
N THR A 390 35.70 -33.15 -44.34
CA THR A 390 36.85 -33.95 -44.02
C THR A 390 37.66 -34.25 -45.27
N LYS A 391 38.72 -35.02 -45.06
CA LYS A 391 39.50 -35.64 -46.12
C LYS A 391 39.33 -37.15 -46.03
N ALA A 392 38.97 -37.78 -47.15
CA ALA A 392 38.73 -39.22 -47.14
C ALA A 392 40.07 -39.96 -47.13
N ASP A 393 40.04 -41.25 -47.46
CA ASP A 393 41.25 -42.06 -47.52
C ASP A 393 42.30 -41.44 -48.44
N ALA A 408 35.98 -38.69 -56.06
CA ALA A 408 35.46 -38.71 -54.71
C ALA A 408 36.58 -38.76 -53.70
N THR A 409 37.17 -37.61 -53.39
CA THR A 409 38.29 -37.58 -52.45
C THR A 409 37.97 -36.90 -51.14
N PHE A 410 37.09 -35.91 -51.12
CA PHE A 410 36.73 -35.22 -49.89
C PHE A 410 35.24 -35.38 -49.60
N VAL A 411 34.90 -35.28 -48.32
CA VAL A 411 33.57 -35.60 -47.83
C VAL A 411 33.00 -34.39 -47.09
N LEU A 412 31.69 -34.24 -47.13
CA LEU A 412 30.99 -33.24 -46.33
C LEU A 412 29.95 -33.97 -45.50
N VAL A 413 30.26 -34.25 -44.25
CA VAL A 413 29.38 -35.08 -43.43
C VAL A 413 28.30 -34.19 -42.86
N LEU A 414 27.10 -34.31 -43.38
CA LEU A 414 25.99 -33.48 -42.90
C LEU A 414 25.36 -34.19 -41.72
N CYS A 415 25.28 -33.52 -40.59
CA CYS A 415 25.07 -34.20 -39.34
C CYS A 415 23.81 -33.69 -38.64
N ASN A 416 23.33 -34.48 -37.69
CA ASN A 416 22.26 -34.05 -36.82
C ASN A 416 22.82 -33.12 -35.77
N SER A 417 21.96 -32.73 -34.85
CA SER A 417 22.42 -32.08 -33.64
C SER A 417 22.81 -33.08 -32.58
N ILE A 418 22.69 -34.38 -32.86
CA ILE A 418 23.12 -35.42 -31.94
C ILE A 418 24.28 -36.23 -32.50
N GLY A 419 24.75 -35.88 -33.70
CA GLY A 419 25.95 -36.45 -34.25
C GLY A 419 25.77 -37.51 -35.33
N THR A 420 24.57 -38.02 -35.54
CA THR A 420 24.42 -39.09 -36.51
C THR A 420 24.52 -38.56 -37.93
N PRO A 421 25.45 -39.04 -38.72
CA PRO A 421 25.64 -38.50 -40.07
C PRO A 421 24.48 -38.80 -40.99
N LEU A 422 23.75 -37.77 -41.42
CA LEU A 422 22.61 -37.99 -42.31
C LEU A 422 23.04 -38.31 -43.73
N ASP A 423 24.06 -37.64 -44.25
CA ASP A 423 24.36 -37.83 -45.66
C ASP A 423 25.78 -37.45 -46.03
N PRO A 424 26.68 -38.41 -46.19
CA PRO A 424 28.04 -38.07 -46.61
C PRO A 424 28.06 -37.87 -48.12
N LYS A 425 28.39 -36.66 -48.54
CA LYS A 425 28.47 -36.33 -49.95
C LYS A 425 29.92 -36.20 -50.33
N TYR A 426 30.37 -37.03 -51.27
CA TYR A 426 31.74 -36.99 -51.73
C TYR A 426 31.89 -35.96 -52.84
N ILE A 427 32.78 -34.99 -52.63
CA ILE A 427 33.06 -33.96 -53.61
C ILE A 427 34.54 -33.97 -53.90
N ASP A 428 34.93 -33.35 -55.01
CA ASP A 428 36.30 -33.43 -55.48
C ASP A 428 37.16 -32.26 -55.03
N ILE A 429 36.64 -31.04 -55.08
CA ILE A 429 37.44 -29.89 -54.70
C ILE A 429 37.76 -29.93 -53.21
N VAL A 430 38.89 -29.35 -52.84
CA VAL A 430 39.35 -29.37 -51.45
C VAL A 430 38.48 -28.43 -50.66
N PRO A 431 37.74 -28.90 -49.70
CA PRO A 431 36.71 -28.08 -49.05
C PRO A 431 37.27 -27.14 -48.00
N LEU A 432 38.05 -26.17 -48.46
CA LEU A 432 38.72 -25.26 -47.54
C LEU A 432 37.74 -24.38 -46.79
N PHE A 433 36.82 -23.75 -47.50
CA PHE A 433 35.91 -22.77 -46.92
C PHE A 433 34.49 -23.27 -47.12
N VAL A 434 33.75 -23.45 -46.02
CA VAL A 434 32.38 -23.92 -46.07
C VAL A 434 31.48 -22.82 -45.53
N ALA A 435 30.45 -22.48 -46.27
CA ALA A 435 29.42 -21.56 -45.80
C ALA A 435 28.08 -22.25 -45.92
N MET A 436 27.35 -22.32 -44.83
CA MET A 436 26.09 -23.03 -44.80
C MET A 436 24.93 -22.05 -44.69
N THR A 437 24.01 -22.13 -45.62
CA THR A 437 22.68 -21.58 -45.50
C THR A 437 21.75 -22.72 -45.15
N LYS A 438 20.54 -22.39 -44.69
CA LYS A 438 19.53 -23.41 -44.49
C LYS A 438 19.35 -24.28 -45.73
N THR A 439 19.18 -23.66 -46.90
CA THR A 439 18.87 -24.45 -48.07
C THR A 439 20.11 -25.04 -48.73
N HIS A 440 21.23 -24.32 -48.73
CA HIS A 440 22.41 -24.74 -49.48
C HIS A 440 23.65 -24.81 -48.60
N VAL A 441 24.58 -25.66 -48.98
CA VAL A 441 25.94 -25.62 -48.49
C VAL A 441 26.81 -25.13 -49.63
N ILE A 442 27.96 -24.56 -49.28
CA ILE A 442 28.96 -24.20 -50.27
C ILE A 442 30.33 -24.45 -49.68
N ALA A 443 31.08 -25.39 -50.24
CA ALA A 443 32.45 -25.65 -49.83
C ALA A 443 33.37 -25.30 -50.97
N ALA A 444 34.26 -24.34 -50.76
CA ALA A 444 35.02 -23.72 -51.85
C ALA A 444 36.51 -23.85 -51.62
N SER A 445 37.23 -24.26 -52.64
CA SER A 445 38.67 -24.28 -52.60
C SER A 445 39.19 -22.91 -53.01
N LYS A 446 40.49 -22.82 -53.32
CA LYS A 446 41.08 -21.53 -53.63
C LYS A 446 40.69 -21.01 -54.99
N GLU A 447 40.02 -21.78 -55.81
CA GLU A 447 39.74 -21.35 -57.16
C GLU A 447 38.37 -21.76 -57.66
N ALA A 448 37.58 -22.46 -56.87
CA ALA A 448 36.26 -22.89 -57.31
C ALA A 448 35.40 -23.06 -56.08
N PHE A 449 34.10 -23.08 -56.28
CA PHE A 449 33.19 -23.33 -55.18
C PHE A 449 32.09 -24.25 -55.68
N TYR A 450 31.55 -25.03 -54.76
CA TYR A 450 30.68 -26.14 -55.12
C TYR A 450 29.39 -25.98 -54.33
N THR A 451 28.26 -26.00 -55.03
CA THR A 451 26.97 -25.70 -54.42
C THR A 451 26.12 -26.96 -54.36
N TRP A 452 25.62 -27.29 -53.18
CA TRP A 452 24.80 -28.49 -53.03
C TRP A 452 23.62 -28.13 -52.15
N GLN A 453 22.41 -28.43 -52.61
CA GLN A 453 21.21 -28.07 -51.87
C GLN A 453 20.80 -29.25 -51.00
N TYR A 454 20.85 -29.09 -49.68
CA TYR A 454 20.65 -30.20 -48.78
C TYR A 454 19.30 -30.24 -48.12
N ARG A 455 18.36 -29.40 -48.54
CA ARG A 455 17.09 -29.31 -47.84
C ARG A 455 16.16 -28.46 -48.68
N VAL A 456 14.88 -28.48 -48.31
CA VAL A 456 13.89 -27.58 -48.90
C VAL A 456 13.10 -26.97 -47.76
N ALA A 457 12.94 -25.65 -47.79
CA ALA A 457 12.28 -24.94 -46.69
C ALA A 457 10.86 -25.44 -46.45
N SER A 471 10.77 -31.44 -47.06
CA SER A 471 11.93 -30.77 -46.47
C SER A 471 13.06 -31.75 -46.19
N ARG A 472 13.64 -32.28 -47.25
CA ARG A 472 14.75 -33.22 -47.16
C ARG A 472 15.61 -33.06 -48.40
N LYS A 473 16.48 -34.02 -48.67
CA LYS A 473 17.49 -33.88 -49.72
C LYS A 473 16.83 -33.71 -51.09
N GLU A 474 17.19 -32.63 -51.77
CA GLU A 474 16.78 -32.36 -53.15
C GLU A 474 17.99 -31.91 -53.96
N GLY A 475 19.08 -32.64 -53.83
CA GLY A 475 20.39 -32.20 -54.29
C GLY A 475 20.53 -31.79 -55.73
N ARG A 476 21.08 -30.60 -55.95
CA ARG A 476 21.43 -30.12 -57.28
C ARG A 476 22.84 -29.56 -57.19
N GLU A 477 23.83 -30.42 -57.37
CA GLU A 477 25.23 -30.03 -57.18
C GLU A 477 25.73 -29.30 -58.41
N ARG A 478 26.61 -28.34 -58.20
CA ARG A 478 27.24 -27.61 -59.29
C ARG A 478 28.64 -27.21 -58.88
N ILE A 479 29.47 -26.91 -59.87
CA ILE A 479 30.81 -26.40 -59.63
C ILE A 479 31.04 -25.20 -60.52
N TYR A 480 31.61 -24.14 -59.98
CA TYR A 480 31.97 -22.98 -60.77
C TYR A 480 33.40 -22.61 -60.50
N HIS A 481 34.10 -22.15 -61.53
CA HIS A 481 35.33 -21.41 -61.30
C HIS A 481 34.99 -20.02 -60.79
N VAL A 482 36.00 -19.34 -60.25
CA VAL A 482 35.73 -17.98 -59.79
C VAL A 482 35.51 -17.04 -60.96
N ASP A 483 36.28 -17.18 -62.05
CA ASP A 483 36.17 -16.28 -63.18
C ASP A 483 35.26 -16.84 -64.27
N ASP A 484 34.34 -17.71 -63.92
CA ASP A 484 33.45 -18.29 -64.92
C ASP A 484 32.36 -17.34 -65.34
N THR A 485 31.95 -16.45 -64.46
CA THR A 485 30.83 -15.56 -64.69
C THR A 485 29.62 -16.34 -65.19
N PRO A 486 29.09 -17.29 -64.42
CA PRO A 486 27.88 -17.98 -64.84
C PRO A 486 26.71 -17.03 -64.93
N SER A 487 25.82 -17.31 -65.88
CA SER A 487 24.58 -16.54 -66.00
C SER A 487 23.61 -17.02 -64.93
N GLY A 488 22.34 -16.68 -65.08
CA GLY A 488 21.39 -16.94 -64.02
C GLY A 488 21.29 -18.41 -63.64
N SER A 489 21.21 -19.28 -64.64
CA SER A 489 21.02 -20.71 -64.38
C SER A 489 21.45 -21.51 -65.60
N MET A 490 21.52 -22.83 -65.41
CA MET A 490 21.91 -23.75 -66.46
C MET A 490 21.46 -25.17 -66.16
N GLY A 492 25.07 -26.71 -67.05
CA GLY A 492 25.74 -27.98 -66.81
C GLY A 492 25.61 -28.45 -65.38
N VAL A 493 25.85 -29.74 -65.16
CA VAL A 493 25.74 -30.35 -63.84
C VAL A 493 27.03 -31.08 -63.53
N LEU A 494 27.64 -30.74 -62.39
CA LEU A 494 28.75 -31.47 -61.79
C LEU A 494 30.03 -31.40 -62.61
N ASP A 495 30.16 -30.46 -63.53
CA ASP A 495 31.35 -30.39 -64.36
C ASP A 495 32.57 -30.05 -63.50
N TYR A 496 33.52 -30.98 -63.41
CA TYR A 496 34.72 -30.81 -62.60
C TYR A 496 35.92 -30.45 -63.46
N SER A 497 35.67 -29.83 -64.62
CA SER A 497 36.71 -29.32 -65.48
C SER A 497 36.97 -27.84 -65.23
N LYS A 498 36.35 -27.27 -64.21
CA LYS A 498 36.54 -25.87 -63.86
C LYS A 498 37.42 -25.66 -62.63
N THR A 499 37.69 -26.72 -61.87
CA THR A 499 38.46 -26.62 -60.64
C THR A 499 39.95 -26.71 -60.89
N ILE A 500 40.37 -26.72 -62.15
CA ILE A 500 41.75 -27.00 -62.50
C ILE A 500 42.37 -25.92 -63.37
N GLN A 501 41.68 -24.80 -63.59
CA GLN A 501 42.25 -23.74 -64.42
C GLN A 501 43.34 -22.98 -63.68
N GLY A 502 43.16 -22.72 -62.40
CA GLY A 502 44.15 -21.99 -61.63
C GLY A 502 44.07 -20.50 -61.89
N THR A 503 44.25 -19.69 -60.84
CA THR A 503 44.08 -18.24 -60.96
C THR A 503 45.22 -17.52 -60.24
N ARG A 504 45.26 -16.22 -60.44
CA ARG A 504 46.18 -15.34 -59.73
C ARG A 504 45.57 -14.70 -58.50
N ASP A 505 44.27 -14.86 -58.27
CA ASP A 505 43.55 -14.14 -57.21
C ASP A 505 42.72 -15.13 -56.40
N PRO A 506 43.34 -15.80 -55.45
CA PRO A 506 42.68 -16.92 -54.77
C PRO A 506 41.49 -16.46 -53.95
N ILE A 507 40.68 -17.43 -53.55
CA ILE A 507 39.57 -17.18 -52.65
C ILE A 507 40.11 -17.11 -51.23
N CYS A 508 39.78 -16.05 -50.50
CA CYS A 508 40.23 -15.95 -49.12
C CYS A 508 39.13 -16.24 -48.12
N ALA A 509 37.88 -15.93 -48.43
CA ALA A 509 36.77 -16.35 -47.60
C ALA A 509 35.52 -16.32 -48.44
N ILE A 510 34.52 -17.08 -48.02
CA ILE A 510 33.21 -17.02 -48.65
C ILE A 510 32.16 -17.02 -47.56
N THR A 511 30.99 -16.49 -47.90
CA THR A 511 29.79 -16.62 -47.09
C THR A 511 28.59 -16.69 -48.00
N ALA A 512 27.47 -17.08 -47.42
CA ALA A 512 26.22 -17.07 -48.15
C ALA A 512 25.07 -16.93 -47.17
N SER A 513 24.18 -15.99 -47.46
CA SER A 513 22.91 -15.89 -46.79
C SER A 513 21.85 -16.55 -47.64
N ASP A 514 20.60 -16.40 -47.25
CA ASP A 514 19.53 -17.12 -47.94
C ASP A 514 19.29 -16.62 -49.36
N LYS A 515 19.82 -15.46 -49.73
CA LYS A 515 19.56 -14.93 -51.06
C LYS A 515 20.79 -14.76 -51.91
N ILE A 516 21.92 -14.36 -51.34
CA ILE A 516 23.08 -13.99 -52.13
C ILE A 516 24.31 -14.70 -51.61
N LEU A 517 25.35 -14.74 -52.45
CA LEU A 517 26.59 -15.42 -52.14
C LEU A 517 27.72 -14.44 -52.38
N ILE A 518 28.62 -14.33 -51.42
CA ILE A 518 29.72 -13.38 -51.50
C ILE A 518 31.00 -14.16 -51.38
N VAL A 519 31.81 -14.13 -52.43
CA VAL A 519 33.12 -14.77 -52.43
C VAL A 519 34.18 -13.71 -52.31
N GLY A 520 35.01 -13.80 -51.28
CA GLY A 520 36.08 -12.85 -51.11
C GLY A 520 37.33 -13.40 -51.74
N ARG A 521 38.04 -12.55 -52.45
CA ARG A 521 39.31 -12.94 -53.04
C ARG A 521 40.43 -12.18 -52.35
N GLU A 522 41.65 -12.72 -52.42
CA GLU A 522 42.74 -12.11 -51.67
C GLU A 522 43.09 -10.72 -52.16
N SER A 523 42.48 -10.24 -53.24
CA SER A 523 42.60 -8.86 -53.64
C SER A 523 41.34 -8.08 -53.30
N GLY A 524 40.55 -8.60 -52.37
CA GLY A 524 39.43 -7.89 -51.84
C GLY A 524 38.25 -7.74 -52.76
N THR A 525 38.33 -8.27 -53.97
CA THR A 525 37.26 -8.08 -54.94
C THR A 525 36.18 -9.12 -54.65
N ILE A 526 35.35 -8.82 -53.65
CA ILE A 526 34.26 -9.74 -53.34
C ILE A 526 33.36 -9.85 -54.57
N GLN A 527 32.83 -11.04 -54.81
CA GLN A 527 31.98 -11.30 -55.95
C GLN A 527 30.64 -11.79 -55.46
N ARG A 528 29.56 -11.23 -55.97
CA ARG A 528 28.24 -11.46 -55.41
C ARG A 528 27.35 -12.15 -56.42
N TYR A 529 26.81 -13.31 -56.05
CA TYR A 529 25.95 -14.13 -56.88
C TYR A 529 24.57 -14.32 -56.26
N SER A 530 23.62 -14.74 -57.09
CA SER A 530 22.27 -15.00 -56.65
C SER A 530 22.15 -16.46 -56.24
N LEU A 531 21.93 -16.72 -54.94
CA LEU A 531 22.26 -18.04 -54.43
C LEU A 531 21.44 -19.18 -55.02
N PRO A 532 20.10 -19.15 -55.03
CA PRO A 532 19.38 -20.37 -55.42
C PRO A 532 19.77 -20.87 -56.79
N ASN A 533 20.01 -19.96 -57.71
CA ASN A 533 20.52 -20.28 -59.04
C ASN A 533 21.72 -19.37 -59.28
N VAL A 534 22.92 -19.92 -59.09
CA VAL A 534 24.14 -19.15 -59.09
C VAL A 534 24.25 -18.34 -60.37
N GLY A 535 24.48 -17.04 -60.23
CA GLY A 535 24.75 -16.16 -61.34
C GLY A 535 25.48 -14.93 -60.86
N LEU A 536 26.49 -14.49 -61.60
CA LEU A 536 27.26 -13.35 -61.13
C LEU A 536 26.46 -12.07 -61.26
N ILE A 537 26.17 -11.43 -60.14
CA ILE A 537 25.40 -10.18 -60.15
C ILE A 537 26.30 -8.96 -60.15
N GLN A 538 27.24 -8.88 -59.22
CA GLN A 538 27.99 -7.64 -59.05
C GLN A 538 29.33 -7.93 -58.42
N LYS A 539 30.27 -7.02 -58.62
CA LYS A 539 31.59 -7.07 -57.99
C LYS A 539 31.81 -5.76 -57.26
N TYR A 540 32.63 -5.77 -56.21
CA TYR A 540 32.72 -4.60 -55.35
C TYR A 540 34.11 -4.04 -55.14
N SER A 541 35.15 -4.86 -55.12
CA SER A 541 36.54 -4.38 -55.04
C SER A 541 36.76 -3.56 -53.77
N LEU A 542 36.65 -4.26 -52.65
CA LEU A 542 36.93 -3.64 -51.36
C LEU A 542 38.40 -3.31 -51.25
N ASN A 543 38.81 -2.87 -50.06
CA ASN A 543 40.21 -2.54 -49.85
C ASN A 543 41.05 -3.76 -49.53
N CYS A 544 40.78 -4.41 -48.39
CA CYS A 544 41.71 -5.35 -47.80
C CYS A 544 41.22 -6.78 -47.92
N ARG A 545 42.16 -7.70 -47.75
CA ARG A 545 41.87 -9.12 -47.78
C ARG A 545 40.90 -9.50 -46.67
N ALA A 546 39.92 -10.32 -47.01
CA ALA A 546 38.85 -10.69 -46.10
C ALA A 546 39.18 -11.98 -45.38
N TYR A 547 38.92 -12.03 -44.09
CA TYR A 547 39.12 -13.27 -43.34
C TYR A 547 37.81 -13.92 -42.93
N GLN A 548 36.81 -13.13 -42.60
CA GLN A 548 35.51 -13.65 -42.25
C GLN A 548 34.45 -12.70 -42.76
N LEU A 549 33.43 -13.23 -43.42
CA LEU A 549 32.36 -12.40 -43.96
C LEU A 549 31.02 -12.91 -43.47
N SER A 550 30.14 -11.97 -43.10
CA SER A 550 28.82 -12.32 -42.62
C SER A 550 27.80 -11.33 -43.15
N LEU A 551 26.55 -11.76 -43.23
CA LEU A 551 25.48 -10.96 -43.76
C LEU A 551 24.37 -10.87 -42.74
N ASN A 552 23.70 -9.72 -42.67
CA ASN A 552 22.55 -9.60 -41.79
C ASN A 552 21.37 -10.32 -42.40
N CYS A 553 20.26 -10.35 -41.66
CA CYS A 553 19.10 -11.12 -42.09
C CYS A 553 18.58 -10.63 -43.42
N ASN A 554 18.50 -9.31 -43.61
CA ASN A 554 18.06 -8.76 -44.89
C ASN A 554 19.09 -8.93 -45.99
N SER A 555 20.31 -9.31 -45.65
CA SER A 555 21.35 -9.53 -46.64
C SER A 555 21.69 -8.27 -47.41
N SER A 556 21.60 -7.12 -46.76
CA SER A 556 22.07 -5.87 -47.35
C SER A 556 23.41 -5.43 -46.82
N ARG A 557 23.79 -5.83 -45.60
CA ARG A 557 25.04 -5.36 -45.03
C ARG A 557 25.94 -6.52 -44.68
N LEU A 558 27.22 -6.25 -44.82
CA LEU A 558 28.26 -7.25 -44.89
C LEU A 558 29.37 -6.80 -43.98
N ALA A 559 29.84 -7.68 -43.13
CA ALA A 559 30.94 -7.36 -42.26
C ALA A 559 32.18 -8.09 -42.70
N ILE A 560 33.30 -7.39 -42.74
CA ILE A 560 34.58 -7.98 -43.11
C ILE A 560 35.49 -7.87 -41.90
N ILE A 561 36.05 -8.99 -41.48
CA ILE A 561 37.14 -9.00 -40.53
C ILE A 561 38.36 -9.44 -41.30
N ASP A 562 39.34 -8.56 -41.46
CA ASP A 562 40.41 -8.93 -42.36
C ASP A 562 41.39 -9.87 -41.67
N ILE A 563 42.50 -10.15 -42.34
CA ILE A 563 43.49 -11.05 -41.75
C ILE A 563 44.05 -10.47 -40.47
N SER A 564 44.26 -9.15 -40.44
CA SER A 564 44.50 -8.48 -39.18
C SER A 564 43.21 -8.43 -38.37
N GLY A 565 43.16 -7.58 -37.37
CA GLY A 565 41.96 -7.55 -36.57
C GLY A 565 40.87 -6.61 -37.04
N VAL A 566 41.04 -5.98 -38.19
CA VAL A 566 40.21 -4.83 -38.53
C VAL A 566 38.82 -5.30 -38.93
N LEU A 567 37.79 -4.62 -38.43
CA LEU A 567 36.41 -4.89 -38.83
C LEU A 567 35.77 -3.67 -39.45
N THR A 568 35.12 -3.85 -40.59
CA THR A 568 34.33 -2.80 -41.20
C THR A 568 32.95 -3.33 -41.56
N PHE A 569 32.06 -2.42 -41.90
CA PHE A 569 30.75 -2.76 -42.40
C PHE A 569 30.67 -2.28 -43.83
N PHE A 570 30.17 -3.12 -44.70
CA PHE A 570 29.99 -2.75 -46.09
C PHE A 570 28.53 -2.85 -46.47
N ASP A 571 28.10 -1.97 -47.35
CA ASP A 571 26.70 -1.89 -47.77
C ASP A 571 26.60 -2.31 -49.22
N LEU A 572 25.91 -3.41 -49.47
CA LEU A 572 25.85 -3.96 -50.82
C LEU A 572 24.86 -3.23 -51.70
N ASP A 573 23.68 -2.91 -51.19
CA ASP A 573 22.63 -2.36 -52.04
C ASP A 573 22.33 -0.90 -51.71
N ALA A 574 23.24 -0.03 -52.10
CA ALA A 574 23.04 1.41 -51.95
C ALA A 574 23.83 2.13 -53.01
N ARG A 575 23.15 2.83 -53.89
CA ARG A 575 23.75 3.32 -55.13
C ARG A 575 24.35 4.69 -54.84
N VAL A 576 25.67 4.80 -54.98
CA VAL A 576 26.38 6.06 -54.86
C VAL A 576 26.57 6.62 -56.27
N THR A 577 25.75 7.60 -56.64
CA THR A 577 25.69 8.13 -58.01
C THR A 577 25.40 7.00 -59.00
N VAL A 584 29.00 4.56 -58.10
CA VAL A 584 29.39 3.19 -57.77
C VAL A 584 28.18 2.46 -57.20
N VAL A 585 28.40 1.26 -56.66
CA VAL A 585 27.31 0.41 -56.22
C VAL A 585 27.35 0.16 -54.72
N GLY A 586 28.54 -0.05 -54.16
CA GLY A 586 28.66 -0.30 -52.75
C GLY A 586 29.68 0.63 -52.12
N GLU A 587 29.63 0.73 -50.79
CA GLU A 587 30.49 1.64 -50.06
C GLU A 587 30.84 1.05 -48.70
N LEU A 588 31.98 1.47 -48.16
CA LEU A 588 32.23 1.26 -46.75
C LEU A 588 31.26 2.10 -45.94
N LEU A 589 31.18 1.82 -44.64
CA LEU A 589 30.19 2.49 -43.81
C LEU A 589 30.80 3.13 -42.56
N LYS A 590 31.99 3.72 -42.71
CA LYS A 590 32.49 4.72 -41.78
C LYS A 590 32.56 4.21 -40.34
N LEU A 591 32.82 2.92 -40.18
CA LEU A 591 33.05 2.37 -38.86
C LEU A 591 34.24 1.42 -38.94
N GLU A 592 34.96 1.29 -37.83
CA GLU A 592 36.11 0.40 -37.82
C GLU A 592 36.59 0.13 -36.40
N ARG A 593 36.71 -1.12 -36.03
CA ARG A 593 37.25 -1.47 -34.73
C ARG A 593 38.62 -2.05 -34.94
N ARG A 594 39.24 -2.54 -33.87
CA ARG A 594 40.66 -2.84 -33.88
C ARG A 594 41.00 -4.31 -33.75
N ASP A 595 40.47 -5.02 -32.78
CA ASP A 595 41.01 -6.34 -32.50
C ASP A 595 39.93 -7.40 -32.51
N VAL A 596 39.05 -7.35 -33.49
CA VAL A 596 37.88 -8.20 -33.51
C VAL A 596 38.30 -9.64 -33.78
N TRP A 597 37.65 -10.58 -33.12
CA TRP A 597 37.93 -11.99 -33.39
C TRP A 597 36.68 -12.84 -33.40
N ASP A 598 35.49 -12.26 -33.47
CA ASP A 598 34.28 -13.02 -33.70
C ASP A 598 33.14 -12.05 -33.91
N MET A 599 32.14 -12.47 -34.67
CA MET A 599 30.97 -11.63 -34.85
C MET A 599 29.79 -12.50 -35.19
N LYS A 600 28.60 -11.96 -34.92
CA LYS A 600 27.35 -12.67 -35.13
C LYS A 600 26.21 -11.67 -35.23
N TRP A 601 25.59 -11.59 -36.40
CA TRP A 601 24.39 -10.79 -36.57
C TRP A 601 23.20 -11.43 -35.88
N ALA A 602 22.17 -10.63 -35.67
CA ALA A 602 20.93 -11.16 -35.15
C ALA A 602 20.18 -11.90 -36.24
N LYS A 603 19.49 -12.95 -35.86
CA LYS A 603 18.67 -13.68 -36.81
C LYS A 603 17.34 -13.02 -37.08
N ASP A 604 16.95 -12.04 -36.26
CA ASP A 604 15.64 -11.42 -36.36
C ASP A 604 15.75 -9.97 -36.81
N ASN A 605 16.62 -9.20 -36.17
CA ASN A 605 16.72 -7.78 -36.41
C ASN A 605 17.89 -7.50 -37.34
N PRO A 606 17.68 -6.78 -38.44
CA PRO A 606 18.81 -6.44 -39.30
C PRO A 606 19.87 -5.57 -38.65
N ASP A 607 19.48 -4.67 -37.76
CA ASP A 607 20.44 -3.70 -37.24
C ASP A 607 21.34 -4.29 -36.17
N LEU A 608 20.84 -5.19 -35.34
CA LEU A 608 21.61 -5.69 -34.21
C LEU A 608 22.81 -6.48 -34.69
N PHE A 609 23.94 -6.33 -33.99
CA PHE A 609 25.22 -6.91 -34.37
C PHE A 609 26.04 -7.15 -33.11
N ALA A 610 26.86 -8.19 -33.13
CA ALA A 610 27.65 -8.48 -31.95
C ALA A 610 29.06 -8.86 -32.38
N MET A 611 30.03 -8.50 -31.55
CA MET A 611 31.43 -8.74 -31.85
C MET A 611 32.18 -8.92 -30.56
N MET A 612 33.24 -9.71 -30.59
CA MET A 612 34.12 -9.86 -29.44
C MET A 612 35.42 -9.14 -29.75
N GLU A 613 35.62 -7.99 -29.14
CA GLU A 613 36.83 -7.22 -29.28
C GLU A 613 37.68 -7.44 -28.05
N LYS A 614 38.93 -7.82 -28.25
CA LYS A 614 39.81 -8.11 -27.13
C LYS A 614 39.11 -9.05 -26.17
N THR A 615 38.89 -8.58 -24.94
CA THR A 615 38.23 -9.38 -23.92
C THR A 615 36.85 -8.80 -23.59
N ARG A 616 36.17 -8.24 -24.58
CA ARG A 616 34.89 -7.57 -24.35
C ARG A 616 33.99 -7.73 -25.56
N MET A 617 32.70 -7.62 -25.32
CA MET A 617 31.66 -7.77 -26.32
C MET A 617 30.90 -6.46 -26.47
N TYR A 618 30.76 -5.99 -27.69
CA TYR A 618 29.94 -4.83 -27.98
C TYR A 618 28.72 -5.28 -28.75
N VAL A 619 27.59 -4.66 -28.46
CA VAL A 619 26.35 -4.90 -29.21
C VAL A 619 26.00 -3.61 -29.93
N PHE A 620 25.85 -3.69 -31.25
CA PHE A 620 25.58 -2.52 -32.06
C PHE A 620 24.15 -2.55 -32.53
N ARG A 621 23.45 -1.45 -32.39
CA ARG A 621 22.12 -1.26 -32.97
C ARG A 621 22.25 -0.18 -34.02
N ASN A 622 22.54 -0.59 -35.25
CA ASN A 622 22.76 0.37 -36.33
C ASN A 622 23.84 1.37 -35.95
N LEU A 623 25.01 0.80 -35.64
CA LEU A 623 26.28 1.51 -35.50
C LEU A 623 26.38 2.36 -34.24
N ASP A 624 25.52 2.16 -33.25
CA ASP A 624 25.65 2.88 -31.99
C ASP A 624 25.99 1.91 -30.88
N PRO A 625 27.26 1.76 -30.50
CA PRO A 625 27.64 0.74 -29.55
C PRO A 625 27.00 0.96 -28.19
N GLU A 626 27.15 -0.05 -27.34
CA GLU A 626 26.60 0.00 -26.00
C GLU A 626 27.71 -0.41 -25.04
N GLU A 627 27.51 -0.10 -23.77
CA GLU A 627 28.55 -0.37 -22.78
C GLU A 627 29.07 -1.79 -22.94
N PRO A 628 30.35 -1.99 -23.04
CA PRO A 628 30.89 -3.32 -23.34
C PRO A 628 30.76 -4.29 -22.19
N ILE A 629 30.04 -5.38 -22.44
CA ILE A 629 30.04 -6.49 -21.50
C ILE A 629 31.44 -7.08 -21.45
N GLN A 630 31.86 -7.51 -20.26
CA GLN A 630 33.17 -8.13 -20.09
C GLN A 630 33.00 -9.63 -20.11
N THR A 631 33.72 -10.30 -21.01
CA THR A 631 33.58 -11.73 -21.17
C THR A 631 34.63 -12.20 -22.14
N SER A 632 34.92 -13.50 -22.11
CA SER A 632 35.82 -14.13 -23.07
C SER A 632 35.15 -15.41 -23.55
N GLY A 633 34.18 -15.27 -24.46
CA GLY A 633 33.47 -16.42 -24.97
C GLY A 633 33.05 -16.18 -26.39
N TYR A 634 32.58 -17.23 -27.05
CA TYR A 634 32.26 -17.19 -28.46
C TYR A 634 30.76 -17.13 -28.63
N ILE A 635 30.27 -16.16 -29.40
CA ILE A 635 28.82 -15.99 -29.54
C ILE A 635 28.24 -17.22 -30.23
N CYS A 636 27.45 -18.00 -29.51
CA CYS A 636 26.77 -19.12 -30.15
C CYS A 636 25.52 -18.67 -30.88
N ASN A 637 24.71 -17.82 -30.25
CA ASN A 637 23.41 -17.46 -30.79
C ASN A 637 23.10 -16.01 -30.48
N PHE A 638 22.36 -15.37 -31.38
CA PHE A 638 21.89 -14.01 -31.20
C PHE A 638 20.46 -13.94 -31.68
N GLU A 639 19.52 -13.82 -30.76
CA GLU A 639 18.12 -14.00 -31.11
C GLU A 639 17.25 -13.53 -29.96
N ASP A 640 16.15 -12.85 -30.29
CA ASP A 640 15.22 -12.37 -29.29
C ASP A 640 15.93 -11.53 -28.23
N LEU A 641 16.73 -10.58 -28.71
CA LEU A 641 17.42 -9.63 -27.84
C LEU A 641 18.31 -10.31 -26.81
N GLU A 642 18.71 -11.56 -27.06
CA GLU A 642 19.50 -12.34 -26.13
C GLU A 642 20.67 -13.00 -26.84
N ILE A 643 21.83 -13.04 -26.18
CA ILE A 643 23.05 -13.57 -26.78
C ILE A 643 23.53 -14.74 -25.95
N LYS A 644 23.61 -15.91 -26.57
CA LYS A 644 24.12 -17.10 -25.90
C LYS A 644 25.54 -17.32 -26.36
N SER A 645 26.46 -17.39 -25.41
CA SER A 645 27.86 -17.57 -25.73
C SER A 645 28.46 -18.60 -24.80
N VAL A 646 29.58 -19.16 -25.23
CA VAL A 646 30.22 -20.28 -24.56
C VAL A 646 31.69 -19.97 -24.32
N LEU A 647 32.21 -20.47 -23.21
CA LEU A 647 33.64 -20.31 -22.90
C LEU A 647 34.38 -21.53 -23.42
N LEU A 648 34.86 -21.44 -24.65
CA LEU A 648 35.59 -22.57 -25.22
C LEU A 648 36.89 -22.83 -24.50
N ASP A 649 37.55 -21.80 -24.00
CA ASP A 649 38.87 -21.99 -23.42
C ASP A 649 38.81 -22.89 -22.20
N GLU A 650 37.80 -22.69 -21.35
CA GLU A 650 37.67 -23.53 -20.16
C GLU A 650 37.20 -24.92 -20.54
N ILE A 651 36.32 -25.03 -21.51
CA ILE A 651 35.82 -26.34 -21.93
C ILE A 651 36.96 -27.19 -22.45
N LEU A 652 37.79 -26.62 -23.32
CA LEU A 652 38.83 -27.40 -23.96
C LEU A 652 40.02 -27.69 -23.08
N LYS A 653 40.09 -27.12 -21.87
CA LYS A 653 41.06 -27.62 -20.92
C LYS A 653 40.59 -28.90 -20.26
N ASP A 654 39.28 -29.15 -20.26
CA ASP A 654 38.70 -30.40 -19.75
C ASP A 654 37.69 -30.95 -20.75
N PRO A 655 38.14 -31.42 -21.91
CA PRO A 655 37.19 -31.77 -22.96
C PRO A 655 36.27 -32.90 -22.60
N GLU A 656 36.64 -33.74 -21.63
CA GLU A 656 35.80 -34.88 -21.31
C GLU A 656 34.54 -34.47 -20.58
N HIS A 657 34.64 -33.45 -19.71
CA HIS A 657 33.54 -33.08 -18.83
C HIS A 657 33.26 -31.59 -18.98
N PRO A 658 32.45 -31.21 -19.97
CA PRO A 658 32.06 -29.82 -20.12
C PRO A 658 31.00 -29.47 -19.09
N ASN A 659 31.25 -28.45 -18.29
CA ASN A 659 30.27 -28.01 -17.31
C ASN A 659 29.22 -27.12 -17.95
N LYS A 660 28.01 -27.18 -17.42
CA LYS A 660 26.99 -26.23 -17.87
C LYS A 660 27.29 -24.82 -17.41
N ASP A 661 28.27 -24.67 -16.51
CA ASP A 661 28.70 -23.35 -16.08
C ASP A 661 29.38 -22.57 -17.19
N TYR A 662 29.75 -23.23 -18.27
CA TYR A 662 30.47 -22.62 -19.38
C TYR A 662 29.54 -22.06 -20.44
N LEU A 663 28.24 -22.22 -20.29
CA LEU A 663 27.27 -21.60 -21.17
C LEU A 663 26.77 -20.32 -20.53
N ILE A 664 26.90 -19.20 -21.23
CA ILE A 664 26.57 -17.90 -20.68
C ILE A 664 25.53 -17.26 -21.57
N ASN A 665 24.49 -16.70 -20.95
CA ASN A 665 23.46 -15.94 -21.64
C ASN A 665 23.54 -14.49 -21.20
N PHE A 666 23.65 -13.57 -22.16
CA PHE A 666 23.58 -12.16 -21.88
C PHE A 666 22.33 -11.58 -22.50
N GLU A 667 21.95 -10.40 -22.03
CA GLU A 667 20.79 -9.70 -22.56
C GLU A 667 21.20 -8.32 -23.01
N ILE A 668 20.78 -7.94 -24.21
CA ILE A 668 21.12 -6.63 -24.73
C ILE A 668 20.34 -5.60 -23.94
N ARG A 669 20.66 -4.31 -24.13
CA ARG A 669 20.13 -3.29 -23.25
C ARG A 669 18.62 -3.38 -23.10
N SER A 670 17.90 -3.43 -24.21
CA SER A 670 16.46 -3.23 -24.17
C SER A 670 15.78 -4.24 -23.24
N LEU A 671 16.16 -5.50 -23.35
CA LEU A 671 15.58 -6.49 -22.45
C LEU A 671 16.02 -6.25 -21.01
N ARG A 672 17.25 -5.77 -20.81
CA ARG A 672 17.68 -5.46 -19.46
C ARG A 672 16.87 -4.33 -18.85
N ASP A 673 16.59 -3.29 -19.63
CA ASP A 673 15.75 -2.21 -19.14
C ASP A 673 14.35 -2.71 -18.82
N SER A 674 13.77 -3.52 -19.71
CA SER A 674 12.43 -4.02 -19.41
C SER A 674 12.42 -4.83 -18.14
N ARG A 675 13.40 -5.74 -17.99
CA ARG A 675 13.40 -6.58 -16.80
C ARG A 675 13.64 -5.76 -15.55
N ALA A 676 14.60 -4.84 -15.60
CA ALA A 676 14.93 -4.06 -14.42
C ALA A 676 13.78 -3.14 -14.03
N LEU A 677 13.08 -2.60 -15.02
CA LEU A 677 11.98 -1.72 -14.72
C LEU A 677 10.79 -2.48 -14.16
N ILE A 678 10.52 -3.67 -14.70
CA ILE A 678 9.50 -4.53 -14.09
C ILE A 678 9.87 -4.84 -12.66
N GLU A 679 11.16 -5.04 -12.40
CA GLU A 679 11.59 -5.25 -11.02
C GLU A 679 11.29 -4.02 -10.17
N LYS A 680 11.68 -2.84 -10.64
CA LYS A 680 11.67 -1.66 -9.79
C LYS A 680 10.26 -1.14 -9.59
N VAL A 681 9.60 -0.78 -10.68
CA VAL A 681 8.24 -0.31 -10.62
C VAL A 681 7.34 -1.52 -10.85
N GLY A 682 6.05 -1.35 -10.61
CA GLY A 682 5.11 -2.44 -10.74
C GLY A 682 4.67 -2.65 -12.18
N ILE A 683 4.11 -3.83 -12.40
CA ILE A 683 3.67 -4.29 -13.71
C ILE A 683 2.80 -3.24 -14.38
N LYS A 684 2.05 -2.49 -13.57
CA LYS A 684 1.12 -1.50 -14.12
C LYS A 684 1.85 -0.42 -14.91
N ASP A 685 2.98 0.06 -14.40
CA ASP A 685 3.74 1.09 -15.11
C ASP A 685 4.61 0.48 -16.19
N ALA A 686 5.36 -0.57 -15.84
CA ALA A 686 6.22 -1.20 -16.82
C ALA A 686 5.44 -1.63 -18.05
N SER A 687 4.15 -1.94 -17.90
CA SER A 687 3.35 -2.27 -19.07
C SER A 687 3.28 -1.09 -20.02
N GLN A 688 3.07 0.11 -19.50
CA GLN A 688 3.07 1.29 -20.34
C GLN A 688 4.44 1.49 -20.97
N PHE A 689 5.49 1.26 -20.20
CA PHE A 689 6.83 1.47 -20.74
C PHE A 689 7.11 0.53 -21.90
N ILE A 690 6.87 -0.77 -21.71
CA ILE A 690 7.01 -1.75 -22.78
C ILE A 690 6.07 -1.41 -23.93
N GLU A 691 4.95 -0.78 -23.63
CA GLU A 691 4.05 -0.35 -24.69
C GLU A 691 4.73 0.69 -25.55
N ASP A 692 5.52 1.57 -24.94
CA ASP A 692 6.23 2.59 -25.71
C ASP A 692 7.00 1.97 -26.88
N ASN A 693 7.66 0.84 -26.65
CA ASN A 693 8.54 0.25 -27.64
C ASN A 693 8.26 -1.24 -27.81
N PRO A 694 7.44 -1.62 -28.78
CA PRO A 694 6.98 -3.01 -28.83
C PRO A 694 8.02 -3.97 -29.39
N HIS A 695 8.03 -5.16 -28.82
CA HIS A 695 8.70 -6.33 -29.38
C HIS A 695 8.25 -7.58 -28.65
N PRO A 696 7.93 -8.65 -29.36
CA PRO A 696 7.33 -9.80 -28.69
C PRO A 696 8.15 -10.35 -27.54
N ARG A 697 9.47 -10.29 -27.60
CA ARG A 697 10.23 -10.76 -26.43
C ARG A 697 9.87 -9.95 -25.20
N LEU A 698 9.81 -8.62 -25.35
CA LEU A 698 9.47 -7.78 -24.21
C LEU A 698 8.09 -8.09 -23.68
N TRP A 699 7.13 -8.22 -24.60
CA TRP A 699 5.77 -8.50 -24.18
C TRP A 699 5.67 -9.81 -23.44
N ARG A 700 6.34 -10.83 -23.93
CA ARG A 700 6.31 -12.10 -23.22
C ARG A 700 6.95 -11.97 -21.86
N LEU A 701 7.98 -11.15 -21.76
CA LEU A 701 8.57 -10.88 -20.45
C LEU A 701 7.56 -10.24 -19.52
N LEU A 702 6.80 -9.27 -20.02
CA LEU A 702 5.76 -8.63 -19.23
C LEU A 702 4.72 -9.62 -18.78
N ALA A 703 4.26 -10.47 -19.69
CA ALA A 703 3.25 -11.47 -19.36
C ALA A 703 3.76 -12.42 -18.30
N GLU A 704 5.00 -12.89 -18.43
CA GLU A 704 5.50 -13.84 -17.45
C GLU A 704 5.70 -13.17 -16.11
N ALA A 705 6.11 -11.90 -16.10
CA ALA A 705 6.17 -11.17 -14.83
C ALA A 705 4.80 -11.09 -14.18
N ALA A 706 3.78 -10.76 -14.97
CA ALA A 706 2.44 -10.66 -14.40
C ALA A 706 1.96 -11.99 -13.86
N LEU A 707 2.05 -13.04 -14.69
CA LEU A 707 1.62 -14.36 -14.25
C LEU A 707 2.34 -14.78 -12.98
N GLN A 708 3.62 -14.41 -12.86
CA GLN A 708 4.30 -14.63 -11.59
C GLN A 708 3.60 -13.90 -10.46
N LYS A 709 3.20 -12.65 -10.71
CA LYS A 709 2.44 -11.91 -9.71
C LYS A 709 0.97 -12.28 -9.65
N LEU A 710 0.48 -13.11 -10.59
CA LEU A 710 -0.92 -13.53 -10.63
C LEU A 710 -1.87 -12.34 -10.81
N ASP A 711 -1.50 -11.41 -11.69
CA ASP A 711 -2.46 -10.39 -12.08
C ASP A 711 -3.59 -10.98 -12.90
N LEU A 712 -3.25 -11.80 -13.89
CA LEU A 712 -4.20 -12.43 -14.80
C LEU A 712 -5.01 -11.41 -15.58
N TYR A 713 -4.73 -10.13 -15.43
CA TYR A 713 -5.35 -9.15 -16.30
C TYR A 713 -4.35 -8.45 -17.18
N THR A 714 -3.21 -8.05 -16.64
CA THR A 714 -2.13 -7.56 -17.48
C THR A 714 -1.64 -8.68 -18.38
N ALA A 715 -1.50 -9.87 -17.80
CA ALA A 715 -0.87 -10.99 -18.49
C ALA A 715 -1.64 -11.38 -19.74
N GLU A 716 -2.95 -11.38 -19.66
CA GLU A 716 -3.75 -11.72 -20.84
C GLU A 716 -3.56 -10.67 -21.94
N GLN A 717 -3.49 -9.40 -21.58
CA GLN A 717 -3.23 -8.37 -22.58
C GLN A 717 -1.88 -8.60 -23.24
N ALA A 718 -0.85 -8.90 -22.45
CA ALA A 718 0.42 -9.22 -23.07
C ALA A 718 0.27 -10.40 -24.02
N PHE A 719 -0.32 -11.49 -23.54
CA PHE A 719 -0.45 -12.68 -24.37
C PHE A 719 -1.22 -12.43 -25.64
N VAL A 720 -2.05 -11.40 -25.70
CA VAL A 720 -2.60 -11.07 -27.01
C VAL A 720 -1.61 -10.22 -27.81
N ARG A 721 -0.87 -9.34 -27.14
CA ARG A 721 0.12 -8.54 -27.87
C ARG A 721 1.19 -9.38 -28.56
N CYS A 722 1.45 -10.60 -28.08
CA CYS A 722 2.20 -11.62 -28.83
C CYS A 722 1.16 -12.63 -29.28
N LYS A 723 1.00 -12.78 -30.59
CA LYS A 723 -0.15 -13.56 -31.01
C LYS A 723 0.36 -14.77 -30.25
N ASP A 724 -0.43 -15.22 -29.28
CA ASP A 724 -0.12 -16.42 -28.51
C ASP A 724 -1.43 -16.95 -27.97
N TYR A 725 -2.03 -17.89 -28.69
CA TYR A 725 -3.33 -18.36 -28.24
C TYR A 725 -3.16 -19.33 -27.08
N GLN A 726 -2.01 -20.00 -27.02
CA GLN A 726 -1.72 -20.87 -25.89
C GLN A 726 -1.73 -20.09 -24.59
N GLY A 727 -1.09 -18.92 -24.58
CA GLY A 727 -1.04 -18.13 -23.37
C GLY A 727 -2.40 -17.68 -22.93
N ILE A 728 -3.24 -17.25 -23.87
CA ILE A 728 -4.59 -16.84 -23.53
C ILE A 728 -5.37 -17.99 -22.94
N LYS A 729 -5.27 -19.17 -23.57
CA LYS A 729 -6.04 -20.30 -23.07
C LYS A 729 -5.58 -20.73 -21.69
N PHE A 730 -4.27 -20.69 -21.44
CA PHE A 730 -3.79 -21.00 -20.10
C PHE A 730 -4.28 -19.96 -19.10
N VAL A 731 -4.32 -18.70 -19.49
CA VAL A 731 -4.81 -17.69 -18.57
C VAL A 731 -6.27 -17.93 -18.23
N LYS A 732 -7.08 -18.26 -19.23
CA LYS A 732 -8.48 -18.57 -18.94
C LYS A 732 -8.59 -19.74 -17.98
N ARG A 733 -7.85 -20.82 -18.25
CA ARG A 733 -7.93 -21.98 -17.38
C ARG A 733 -7.54 -21.59 -15.97
N LEU A 734 -6.48 -20.79 -15.84
CA LEU A 734 -6.10 -20.28 -14.53
C LEU A 734 -7.23 -19.50 -13.89
N GLY A 735 -8.03 -18.82 -14.72
CA GLY A 735 -9.15 -18.09 -14.19
C GLY A 735 -10.22 -18.99 -13.62
N LYS A 736 -10.39 -20.19 -14.19
CA LYS A 736 -11.36 -21.11 -13.63
C LYS A 736 -11.02 -21.49 -12.19
N LEU A 737 -9.75 -21.77 -11.91
CA LEU A 737 -9.36 -22.10 -10.55
C LEU A 737 -9.80 -21.01 -9.61
N LEU A 738 -10.41 -21.40 -8.50
CA LEU A 738 -10.92 -20.45 -7.52
C LEU A 738 -10.12 -20.49 -6.23
N SER A 739 -8.87 -20.93 -6.29
CA SER A 739 -8.07 -21.12 -5.10
C SER A 739 -6.67 -20.61 -5.33
N GLU A 740 -6.16 -19.83 -4.39
CA GLU A 740 -4.73 -19.56 -4.37
C GLU A 740 -3.98 -20.77 -3.83
N SER A 741 -2.70 -20.81 -4.13
CA SER A 741 -1.82 -21.94 -3.83
C SER A 741 -2.19 -23.11 -4.73
N MET A 742 -3.29 -22.95 -5.47
CA MET A 742 -3.56 -23.82 -6.61
C MET A 742 -3.12 -23.16 -7.89
N LYS A 743 -3.49 -21.88 -8.08
CA LYS A 743 -2.96 -21.13 -9.20
C LYS A 743 -1.45 -21.03 -9.12
N GLN A 744 -0.91 -20.93 -7.90
CA GLN A 744 0.53 -20.88 -7.74
C GLN A 744 1.17 -22.17 -8.25
N ALA A 745 0.56 -23.31 -7.93
CA ALA A 745 1.06 -24.57 -8.45
C ALA A 745 0.98 -24.61 -9.96
N GLU A 746 -0.13 -24.14 -10.52
CA GLU A 746 -0.25 -24.15 -11.97
C GLU A 746 0.84 -23.31 -12.62
N VAL A 747 1.16 -22.16 -12.05
CA VAL A 747 2.13 -21.32 -12.72
C VAL A 747 3.55 -21.83 -12.50
N VAL A 748 3.86 -22.42 -11.35
CA VAL A 748 5.18 -23.01 -11.21
C VAL A 748 5.28 -24.26 -12.07
N GLY A 749 4.15 -24.79 -12.53
CA GLY A 749 4.19 -25.77 -13.60
C GLY A 749 4.33 -25.14 -14.96
N TYR A 750 3.90 -23.89 -15.11
CA TYR A 750 3.94 -23.24 -16.41
C TYR A 750 5.36 -23.05 -16.88
N PHE A 751 6.26 -22.70 -15.98
CA PHE A 751 7.64 -22.45 -16.36
C PHE A 751 8.47 -23.71 -16.37
N GLY A 752 7.87 -24.87 -16.10
CA GLY A 752 8.60 -26.10 -16.20
C GLY A 752 9.29 -26.55 -14.93
N ARG A 753 9.05 -25.88 -13.81
CA ARG A 753 9.62 -26.34 -12.54
C ARG A 753 8.73 -27.44 -11.98
N PHE A 754 8.79 -28.59 -12.64
CA PHE A 754 7.89 -29.68 -12.25
C PHE A 754 8.16 -30.16 -10.85
N GLU A 755 9.42 -30.26 -10.44
CA GLU A 755 9.70 -30.71 -9.09
C GLU A 755 9.12 -29.75 -8.07
N GLU A 756 9.27 -28.45 -8.31
CA GLU A 756 8.69 -27.47 -7.40
C GLU A 756 7.17 -27.60 -7.36
N ALA A 757 6.54 -27.80 -8.52
CA ALA A 757 5.09 -27.95 -8.55
C ALA A 757 4.67 -29.18 -7.76
N GLU A 758 5.38 -30.29 -7.92
CA GLU A 758 5.04 -31.51 -7.21
C GLU A 758 5.18 -31.32 -5.70
N ARG A 759 6.28 -30.71 -5.27
CA ARG A 759 6.43 -30.49 -3.83
C ARG A 759 5.32 -29.60 -3.31
N THR A 760 4.97 -28.56 -4.06
CA THR A 760 3.87 -27.71 -3.63
C THR A 760 2.59 -28.51 -3.51
N TYR A 761 2.31 -29.37 -4.50
CA TYR A 761 1.10 -30.16 -4.45
C TYR A 761 1.07 -31.07 -3.23
N LEU A 762 2.21 -31.66 -2.90
CA LEU A 762 2.23 -32.52 -1.71
C LEU A 762 2.07 -31.70 -0.44
N GLU A 763 2.65 -30.50 -0.38
CA GLU A 763 2.59 -29.73 0.86
C GLU A 763 1.17 -29.35 1.19
N MET A 764 0.37 -28.99 0.20
CA MET A 764 -1.01 -28.66 0.47
C MET A 764 -1.89 -29.90 0.59
N ASP A 765 -1.28 -31.06 0.79
CA ASP A 765 -2.00 -32.32 1.02
C ASP A 765 -2.90 -32.69 -0.14
N ARG A 766 -2.34 -32.66 -1.34
CA ARG A 766 -3.01 -33.16 -2.53
C ARG A 766 -2.08 -34.15 -3.19
N ARG A 767 -2.09 -35.39 -2.70
CA ARG A 767 -1.38 -36.44 -3.41
C ARG A 767 -2.01 -36.69 -4.76
N ASP A 768 -3.31 -36.47 -4.87
CA ASP A 768 -4.02 -36.78 -6.10
C ASP A 768 -3.45 -36.00 -7.26
N LEU A 769 -3.24 -34.71 -7.08
CA LEU A 769 -2.72 -33.91 -8.18
C LEU A 769 -1.26 -34.18 -8.44
N ALA A 770 -0.47 -34.55 -7.44
CA ALA A 770 0.92 -34.88 -7.72
C ALA A 770 1.01 -36.15 -8.56
N ILE A 771 0.23 -37.17 -8.20
CA ILE A 771 0.15 -38.37 -9.01
C ILE A 771 -0.29 -38.03 -10.42
N GLY A 772 -1.30 -37.18 -10.53
CA GLY A 772 -1.79 -36.80 -11.84
C GLY A 772 -0.75 -36.07 -12.67
N LEU A 773 -0.03 -35.14 -12.06
CA LEU A 773 0.98 -34.41 -12.81
C LEU A 773 2.08 -35.32 -13.28
N ARG A 774 2.57 -36.20 -12.41
CA ARG A 774 3.62 -37.10 -12.84
C ARG A 774 3.11 -38.09 -13.87
N LEU A 775 1.80 -38.33 -13.88
CA LEU A 775 1.20 -39.14 -14.91
C LEU A 775 1.09 -38.43 -16.25
N LYS A 776 0.80 -37.12 -16.25
CA LYS A 776 0.74 -36.42 -17.53
C LYS A 776 2.08 -36.47 -18.22
N LEU A 777 3.14 -36.13 -17.50
CA LEU A 777 4.46 -36.39 -18.02
C LEU A 777 4.73 -37.89 -17.91
N GLY A 778 5.96 -38.29 -18.18
CA GLY A 778 6.26 -39.70 -18.18
C GLY A 778 6.92 -40.24 -16.94
N ASP A 779 6.99 -39.48 -15.85
CA ASP A 779 7.74 -39.90 -14.68
C ASP A 779 6.98 -41.01 -13.97
N TRP A 780 6.91 -42.16 -14.63
CA TRP A 780 6.24 -43.31 -14.04
C TRP A 780 6.97 -43.83 -12.83
N PHE A 781 8.30 -43.72 -12.79
CA PHE A 781 8.99 -44.07 -11.55
C PHE A 781 8.56 -43.19 -10.41
N ARG A 782 8.38 -41.90 -10.68
CA ARG A 782 7.85 -41.01 -9.64
C ARG A 782 6.46 -41.42 -9.24
N VAL A 783 5.63 -41.84 -10.20
CA VAL A 783 4.28 -42.27 -9.87
C VAL A 783 4.32 -43.49 -8.96
N LEU A 784 5.22 -44.43 -9.24
CA LEU A 784 5.34 -45.59 -8.37
C LEU A 784 5.77 -45.18 -6.97
N GLN A 785 6.77 -44.30 -6.88
CA GLN A 785 7.21 -43.88 -5.55
C GLN A 785 6.09 -43.20 -4.79
N LEU A 786 5.31 -42.36 -5.46
CA LEU A 786 4.23 -41.66 -4.77
C LEU A 786 3.11 -42.62 -4.39
N LEU A 787 2.86 -43.63 -5.22
CA LEU A 787 1.88 -44.64 -4.86
C LEU A 787 2.39 -45.53 -3.75
N LYS A 788 3.68 -45.53 -3.48
CA LYS A 788 4.20 -46.34 -2.38
C LYS A 788 3.60 -45.90 -1.04
N THR A 789 3.34 -44.62 -0.87
CA THR A 789 2.83 -44.09 0.39
C THR A 789 1.48 -43.41 0.18
N GLY A 790 0.81 -43.10 1.29
CA GLY A 790 -0.50 -42.51 1.18
C GLY A 790 -1.48 -43.50 0.58
N SER A 791 -2.69 -43.00 0.34
CA SER A 791 -3.71 -43.83 -0.29
C SER A 791 -4.66 -42.93 -1.06
N GLY A 792 -5.17 -43.45 -2.19
CA GLY A 792 -5.98 -42.65 -3.07
C GLY A 792 -7.29 -43.30 -3.46
N ASP A 793 -8.00 -42.70 -4.41
CA ASP A 793 -9.34 -43.16 -4.74
C ASP A 793 -9.32 -44.46 -5.54
N ALA A 794 -8.38 -44.60 -6.46
CA ALA A 794 -8.22 -45.83 -7.23
C ALA A 794 -6.72 -46.09 -7.31
N ASP A 795 -6.21 -46.87 -6.36
CA ASP A 795 -4.77 -46.98 -6.23
C ASP A 795 -4.22 -48.17 -6.99
N ASP A 796 -4.93 -49.30 -6.98
CA ASP A 796 -4.54 -50.41 -7.84
C ASP A 796 -4.59 -50.03 -9.30
N SER A 797 -5.60 -49.25 -9.71
CA SER A 797 -5.70 -48.89 -11.10
C SER A 797 -4.46 -48.15 -11.57
N LEU A 798 -4.07 -47.12 -10.82
CA LEU A 798 -2.85 -46.41 -11.16
C LEU A 798 -1.64 -47.30 -11.07
N LEU A 799 -1.57 -48.14 -10.05
CA LEU A 799 -0.42 -49.01 -9.87
C LEU A 799 -0.21 -49.91 -11.09
N GLU A 800 -1.25 -50.64 -11.47
CA GLU A 800 -1.20 -51.50 -12.63
C GLU A 800 -0.89 -50.73 -13.89
N GLN A 801 -1.55 -49.59 -14.09
CA GLN A 801 -1.28 -48.78 -15.26
C GLN A 801 0.16 -48.34 -15.31
N ALA A 802 0.72 -47.96 -14.17
CA ALA A 802 2.11 -47.50 -14.12
C ALA A 802 3.07 -48.64 -14.44
N ASN A 803 2.81 -49.82 -13.88
CA ASN A 803 3.68 -50.94 -14.24
C ASN A 803 3.65 -51.22 -15.73
N ASN A 804 2.47 -51.25 -16.32
CA ASN A 804 2.40 -51.55 -17.73
C ASN A 804 3.10 -50.46 -18.53
N ALA A 805 2.96 -49.21 -18.09
CA ALA A 805 3.58 -48.12 -18.81
C ALA A 805 5.10 -48.20 -18.71
N ILE A 806 5.64 -48.61 -17.57
CA ILE A 806 7.09 -48.75 -17.49
C ILE A 806 7.55 -49.91 -18.35
N GLY A 807 6.75 -50.97 -18.41
CA GLY A 807 7.06 -52.04 -19.33
C GLY A 807 7.15 -51.56 -20.76
N ASP A 808 6.20 -50.72 -21.17
CA ASP A 808 6.26 -50.14 -22.50
C ASP A 808 7.46 -49.20 -22.65
N TYR A 809 7.78 -48.48 -21.59
CA TYR A 809 8.94 -47.59 -21.63
C TYR A 809 10.20 -48.36 -21.95
N PHE A 810 10.39 -49.50 -21.31
CA PHE A 810 11.59 -50.27 -21.59
C PHE A 810 11.48 -51.02 -22.90
N ALA A 811 10.30 -51.53 -23.23
CA ALA A 811 10.18 -52.41 -24.38
C ALA A 811 10.50 -51.67 -25.66
N ASP A 812 10.14 -50.40 -25.76
CA ASP A 812 10.48 -49.66 -26.96
C ASP A 812 11.98 -49.47 -27.12
N ARG A 813 12.74 -49.52 -26.04
CA ARG A 813 14.18 -49.32 -26.13
C ARG A 813 14.91 -50.64 -26.27
N GLN A 814 14.18 -51.74 -26.47
CA GLN A 814 14.75 -53.06 -26.60
C GLN A 814 15.59 -53.41 -25.37
N LYS A 815 14.94 -53.31 -24.21
CA LYS A 815 15.57 -53.59 -22.93
C LYS A 815 14.82 -54.69 -22.21
N TRP A 816 14.46 -55.75 -22.91
CA TRP A 816 13.77 -56.83 -22.22
C TRP A 816 14.63 -57.34 -21.07
N LEU A 817 14.00 -58.15 -20.22
CA LEU A 817 14.54 -58.55 -18.92
C LEU A 817 14.44 -57.37 -17.96
N ASN A 818 14.10 -56.20 -18.47
CA ASN A 818 13.66 -55.10 -17.64
C ASN A 818 12.18 -54.82 -17.86
N ALA A 819 11.72 -54.82 -19.10
CA ALA A 819 10.28 -54.78 -19.31
C ALA A 819 9.61 -56.01 -18.71
N VAL A 820 10.32 -57.13 -18.63
CA VAL A 820 9.69 -58.34 -18.13
C VAL A 820 9.54 -58.31 -16.63
N GLN A 821 10.38 -57.56 -15.92
CA GLN A 821 10.14 -57.39 -14.50
C GLN A 821 8.78 -56.75 -14.26
N TYR A 822 8.46 -55.73 -15.05
CA TYR A 822 7.12 -55.20 -15.10
C TYR A 822 6.34 -56.10 -16.04
N TYR A 823 5.16 -55.69 -16.49
CA TYR A 823 4.32 -56.53 -17.32
C TYR A 823 3.89 -57.76 -16.53
N VAL A 824 4.45 -57.93 -15.34
CA VAL A 824 4.16 -59.08 -14.49
C VAL A 824 3.61 -58.63 -13.14
N GLN A 825 4.25 -57.65 -12.52
CA GLN A 825 3.56 -56.93 -11.45
C GLN A 825 2.32 -56.26 -11.99
N GLY A 826 2.43 -55.64 -13.14
CA GLY A 826 1.25 -55.35 -13.92
C GLY A 826 0.78 -56.58 -14.64
N ARG A 827 -0.47 -56.58 -15.05
CA ARG A 827 -1.02 -57.73 -15.74
C ARG A 827 -1.12 -57.39 -17.22
N ASN A 828 -0.07 -57.74 -17.95
CA ASN A 828 -0.03 -57.59 -19.40
C ASN A 828 0.21 -58.95 -20.00
N GLN A 829 -0.48 -59.24 -21.10
CA GLN A 829 -0.27 -60.49 -21.80
C GLN A 829 0.24 -60.28 -23.21
N GLU A 830 -0.28 -59.30 -23.93
CA GLU A 830 0.09 -59.13 -25.33
C GLU A 830 1.56 -58.82 -25.48
N ARG A 831 2.08 -57.86 -24.72
CA ARG A 831 3.49 -57.53 -24.85
C ARG A 831 4.37 -58.56 -24.17
N LEU A 832 3.84 -59.25 -23.16
CA LEU A 832 4.67 -60.12 -22.36
C LEU A 832 5.21 -61.28 -23.17
N ALA A 833 4.36 -61.88 -24.01
CA ALA A 833 4.80 -63.00 -24.82
C ALA A 833 5.89 -62.57 -25.79
N GLU A 834 5.73 -61.39 -26.38
CA GLU A 834 6.76 -60.88 -27.26
C GLU A 834 8.07 -60.67 -26.51
N CYS A 835 8.00 -60.13 -25.30
CA CYS A 835 9.22 -59.91 -24.53
C CYS A 835 9.91 -61.23 -24.21
N TYR A 836 9.12 -62.25 -23.87
CA TYR A 836 9.70 -63.57 -23.66
C TYR A 836 10.38 -64.07 -24.93
N TYR A 837 9.67 -63.99 -26.06
CA TYR A 837 10.19 -64.50 -27.32
C TYR A 837 11.51 -63.84 -27.69
N MET A 838 11.56 -62.51 -27.69
CA MET A 838 12.79 -61.86 -28.08
C MET A 838 13.92 -62.19 -27.14
N LEU A 839 13.60 -62.63 -25.91
CA LEU A 839 14.62 -63.04 -24.97
C LEU A 839 15.02 -64.50 -25.10
N GLU A 840 14.31 -65.31 -25.89
CA GLU A 840 14.57 -66.73 -26.00
C GLU A 840 14.42 -67.43 -24.64
N ASP A 841 13.39 -67.07 -23.90
CA ASP A 841 13.09 -67.72 -22.62
C ASP A 841 11.87 -68.63 -22.78
N TYR A 842 12.06 -69.69 -23.57
CA TYR A 842 10.94 -70.49 -24.01
C TYR A 842 10.24 -71.20 -22.86
N GLU A 843 10.94 -71.51 -21.77
CA GLU A 843 10.23 -72.01 -20.60
C GLU A 843 9.26 -70.97 -20.07
N GLY A 844 9.56 -69.71 -20.27
CA GLY A 844 8.66 -68.67 -19.81
C GLY A 844 7.44 -68.60 -20.68
N LEU A 845 7.63 -68.63 -22.00
CA LEU A 845 6.47 -68.72 -22.88
C LEU A 845 5.63 -69.91 -22.50
N GLU A 846 6.26 -71.02 -22.17
CA GLU A 846 5.48 -72.21 -21.86
C GLU A 846 4.65 -72.00 -20.60
N ASN A 847 5.24 -71.39 -19.58
CA ASN A 847 4.45 -71.08 -18.39
C ASN A 847 3.30 -70.15 -18.72
N LEU A 848 3.57 -69.11 -19.50
CA LEU A 848 2.51 -68.15 -19.79
C LEU A 848 1.39 -68.82 -20.56
N ALA A 849 1.74 -69.69 -21.50
CA ALA A 849 0.74 -70.38 -22.29
C ALA A 849 -0.05 -71.37 -21.43
N ILE A 850 0.58 -71.92 -20.39
CA ILE A 850 -0.18 -72.77 -19.48
C ILE A 850 -0.86 -71.98 -18.38
N SER A 851 -0.71 -70.65 -18.38
CA SER A 851 -1.36 -69.81 -17.37
C SER A 851 -2.59 -69.08 -17.90
N LEU A 852 -2.60 -68.72 -19.18
CA LEU A 852 -3.73 -68.02 -19.73
C LEU A 852 -5.00 -68.88 -19.62
N PRO A 853 -6.16 -68.26 -19.68
CA PRO A 853 -7.41 -69.03 -19.54
C PRO A 853 -7.59 -70.01 -20.68
N GLU A 854 -8.65 -70.82 -20.61
CA GLU A 854 -8.83 -71.90 -21.58
C GLU A 854 -8.78 -71.37 -23.01
N ASN A 855 -9.51 -70.32 -23.31
CA ASN A 855 -9.40 -69.64 -24.57
C ASN A 855 -8.71 -68.32 -24.33
N HIS A 856 -8.25 -67.70 -25.42
CA HIS A 856 -7.68 -66.37 -25.33
C HIS A 856 -7.35 -65.92 -26.73
N LYS A 857 -7.10 -64.63 -26.88
CA LYS A 857 -6.61 -64.13 -28.15
C LYS A 857 -5.13 -64.43 -28.36
N LEU A 858 -4.41 -64.80 -27.31
CA LEU A 858 -2.97 -64.90 -27.38
C LEU A 858 -2.46 -66.32 -27.57
N LEU A 859 -3.29 -67.31 -27.31
CA LEU A 859 -2.83 -68.69 -27.45
C LEU A 859 -2.42 -69.04 -28.86
N PRO A 860 -3.17 -68.69 -29.91
CA PRO A 860 -2.66 -68.95 -31.26
C PRO A 860 -1.34 -68.27 -31.53
N GLU A 861 -1.13 -67.07 -31.02
CA GLU A 861 0.14 -66.40 -31.24
C GLU A 861 1.29 -67.14 -30.57
N ILE A 862 1.10 -67.57 -29.33
CA ILE A 862 2.16 -68.32 -28.65
C ILE A 862 2.42 -69.62 -29.39
N ALA A 863 1.37 -70.27 -29.89
CA ALA A 863 1.56 -71.50 -30.63
C ALA A 863 2.35 -71.25 -31.91
N GLN A 864 2.07 -70.14 -32.60
CA GLN A 864 2.87 -69.79 -33.77
C GLN A 864 4.33 -69.63 -33.38
N MET A 865 4.60 -68.96 -32.27
CA MET A 865 5.97 -68.80 -31.84
C MET A 865 6.63 -70.15 -31.63
N PHE A 866 5.94 -71.07 -30.96
CA PHE A 866 6.55 -72.36 -30.70
C PHE A 866 6.81 -73.11 -31.99
N VAL A 867 5.91 -72.98 -32.97
CA VAL A 867 6.15 -73.66 -34.22
C VAL A 867 7.40 -73.11 -34.90
N ARG A 868 7.54 -71.78 -34.96
CA ARG A 868 8.73 -71.25 -35.61
C ARG A 868 10.00 -71.65 -34.87
N VAL A 869 9.99 -71.59 -33.55
CA VAL A 869 11.21 -71.97 -32.84
C VAL A 869 11.43 -73.46 -32.94
N GLY A 870 10.37 -74.24 -33.18
CA GLY A 870 10.51 -75.63 -33.54
C GLY A 870 10.01 -76.62 -32.52
N MET A 871 9.52 -76.19 -31.37
CA MET A 871 9.04 -77.13 -30.38
C MET A 871 7.65 -77.59 -30.78
N CYS A 872 7.45 -78.90 -30.87
CA CYS A 872 6.20 -79.44 -31.39
C CYS A 872 5.22 -79.82 -30.30
N GLU A 873 5.68 -80.55 -29.30
CA GLU A 873 4.86 -80.88 -28.15
C GLU A 873 4.14 -79.65 -27.61
N GLN A 874 4.91 -78.62 -27.24
CA GLN A 874 4.33 -77.41 -26.67
C GLN A 874 3.40 -76.71 -27.64
N ALA A 875 3.72 -76.73 -28.92
CA ALA A 875 2.84 -76.10 -29.89
C ALA A 875 1.51 -76.81 -29.96
N VAL A 876 1.53 -78.14 -29.95
CA VAL A 876 0.29 -78.90 -29.99
C VAL A 876 -0.54 -78.61 -28.76
N THR A 877 0.09 -78.62 -27.59
CA THR A 877 -0.69 -78.37 -26.38
C THR A 877 -1.25 -76.96 -26.37
N ALA A 878 -0.51 -75.99 -26.90
CA ALA A 878 -1.07 -74.65 -27.03
C ALA A 878 -2.31 -74.66 -27.92
N PHE A 879 -2.18 -75.18 -29.14
CA PHE A 879 -3.34 -75.20 -30.03
C PHE A 879 -4.51 -75.93 -29.41
N LEU A 880 -4.25 -77.06 -28.76
CA LEU A 880 -5.31 -77.79 -28.08
C LEU A 880 -5.97 -76.92 -27.03
N LYS A 881 -5.18 -76.13 -26.30
CA LYS A 881 -5.76 -75.22 -25.32
C LYS A 881 -6.66 -74.21 -25.97
N CYS A 882 -6.27 -73.64 -27.10
CA CYS A 882 -7.16 -72.83 -27.89
C CYS A 882 -8.05 -73.76 -28.73
N SER A 883 -8.74 -73.18 -29.72
CA SER A 883 -9.76 -73.92 -30.43
C SER A 883 -9.18 -75.00 -31.34
N GLN A 884 -8.42 -74.58 -32.34
CA GLN A 884 -8.15 -75.40 -33.53
C GLN A 884 -7.32 -76.64 -33.27
N PRO A 885 -7.83 -77.84 -33.55
CA PRO A 885 -6.97 -79.04 -33.58
C PRO A 885 -6.36 -79.29 -34.95
N LYS A 886 -7.02 -78.79 -36.00
CA LYS A 886 -6.47 -78.97 -37.33
C LYS A 886 -5.15 -78.26 -37.50
N ALA A 887 -4.96 -77.12 -36.82
CA ALA A 887 -3.68 -76.44 -36.79
C ALA A 887 -2.78 -77.01 -35.71
N ALA A 888 -3.24 -78.01 -34.97
CA ALA A 888 -2.37 -78.79 -34.11
C ALA A 888 -1.85 -80.02 -34.81
N VAL A 889 -2.52 -80.47 -35.87
CA VAL A 889 -2.00 -81.58 -36.64
C VAL A 889 -1.21 -81.11 -37.86
N ASP A 890 -1.60 -79.98 -38.46
CA ASP A 890 -0.83 -79.46 -39.58
C ASP A 890 0.60 -79.18 -39.17
N THR A 891 0.82 -78.78 -37.92
CA THR A 891 2.18 -78.57 -37.48
C THR A 891 2.91 -79.90 -37.30
N CYS A 892 2.28 -80.88 -36.67
CA CYS A 892 2.98 -82.15 -36.46
C CYS A 892 3.42 -82.75 -37.77
N VAL A 893 2.57 -82.69 -38.79
CA VAL A 893 3.03 -83.07 -40.12
C VAL A 893 4.12 -82.12 -40.60
N HIS A 894 3.93 -80.83 -40.37
CA HIS A 894 4.94 -79.87 -40.79
C HIS A 894 6.23 -80.07 -40.03
N LEU A 895 6.15 -80.49 -38.78
CA LEU A 895 7.34 -80.71 -37.97
C LEU A 895 7.76 -82.18 -37.89
N ASN A 896 7.12 -83.05 -38.66
CA ASN A 896 7.58 -84.40 -38.98
C ASN A 896 7.48 -85.41 -37.86
N GLN A 897 6.88 -85.07 -36.71
CA GLN A 897 6.57 -86.10 -35.71
C GLN A 897 5.26 -86.78 -36.10
N TRP A 898 5.36 -87.65 -37.11
CA TRP A 898 4.15 -88.07 -37.80
C TRP A 898 3.25 -88.90 -36.90
N ASN A 899 3.85 -89.76 -36.07
CA ASN A 899 3.09 -90.64 -35.19
C ASN A 899 2.13 -89.85 -34.31
N LYS A 900 2.62 -88.80 -33.67
CA LYS A 900 1.76 -87.98 -32.83
C LYS A 900 0.66 -87.31 -33.63
N ALA A 901 0.96 -86.92 -34.87
CA ALA A 901 -0.07 -86.39 -35.75
C ALA A 901 -1.19 -87.42 -35.95
N VAL A 902 -0.81 -88.67 -36.18
CA VAL A 902 -1.81 -89.72 -36.34
C VAL A 902 -2.64 -89.85 -35.07
N GLU A 903 -1.97 -89.80 -33.92
CA GLU A 903 -2.69 -89.91 -32.66
C GLU A 903 -3.74 -88.81 -32.53
N LEU A 904 -3.34 -87.57 -32.82
CA LEU A 904 -4.30 -86.46 -32.74
C LEU A 904 -5.46 -86.67 -33.70
N ALA A 905 -5.15 -86.98 -34.95
CA ALA A 905 -6.18 -87.16 -35.96
C ALA A 905 -7.19 -88.20 -35.52
N LYS A 906 -6.70 -89.30 -34.93
CA LYS A 906 -7.61 -90.31 -34.41
C LYS A 906 -8.42 -89.77 -33.23
N ASN A 907 -7.78 -88.96 -32.39
CA ASN A 907 -8.50 -88.38 -31.25
C ASN A 907 -9.71 -87.57 -31.70
N HIS A 908 -9.51 -86.69 -32.67
CA HIS A 908 -10.57 -85.80 -33.11
C HIS A 908 -11.28 -86.27 -34.37
N SER A 909 -10.97 -87.47 -34.86
CA SER A 909 -11.71 -88.27 -35.84
C SER A 909 -11.54 -87.78 -37.28
N MET A 910 -10.83 -86.69 -37.53
CA MET A 910 -10.63 -86.21 -38.90
C MET A 910 -9.33 -86.75 -39.46
N LYS A 911 -9.21 -88.07 -39.50
CA LYS A 911 -8.03 -88.71 -40.10
C LYS A 911 -8.25 -88.82 -41.61
N GLU A 912 -8.19 -87.67 -42.28
CA GLU A 912 -8.10 -87.66 -43.72
C GLU A 912 -6.66 -87.77 -44.18
N ILE A 913 -5.72 -87.76 -43.22
CA ILE A 913 -4.29 -87.94 -43.50
C ILE A 913 -4.03 -89.43 -43.48
N GLY A 914 -4.37 -90.10 -44.56
CA GLY A 914 -3.97 -91.46 -44.75
C GLY A 914 -2.67 -91.49 -45.53
N SER A 915 -2.75 -90.89 -46.72
CA SER A 915 -1.64 -90.92 -47.67
C SER A 915 -0.40 -90.30 -47.06
N LEU A 916 -0.56 -89.16 -46.40
CA LEU A 916 0.56 -88.32 -46.04
C LEU A 916 1.64 -89.14 -45.35
N LEU A 917 1.26 -89.96 -44.37
CA LEU A 917 2.27 -90.81 -43.72
C LEU A 917 2.92 -91.72 -44.75
N ALA A 918 2.11 -92.41 -45.55
CA ALA A 918 2.66 -93.18 -46.64
C ALA A 918 3.34 -92.28 -47.68
N ARG A 919 2.84 -91.06 -47.87
CA ARG A 919 3.55 -90.09 -48.69
C ARG A 919 4.93 -89.83 -48.10
N TYR A 920 5.01 -89.72 -46.77
CA TYR A 920 6.30 -89.55 -46.12
C TYR A 920 7.01 -90.87 -45.89
N ALA A 921 6.26 -91.98 -45.87
CA ALA A 921 6.91 -93.28 -45.90
C ALA A 921 7.84 -93.37 -47.10
N SER A 922 7.44 -92.78 -48.22
CA SER A 922 8.32 -92.54 -49.36
C SER A 922 9.03 -93.80 -49.84
N MET B 1 45.54 -68.83 -45.82
CA MET B 1 46.63 -68.33 -46.65
C MET B 1 46.51 -68.92 -48.05
N ARG B 2 46.67 -68.08 -49.08
CA ARG B 2 46.59 -68.53 -50.45
C ARG B 2 47.52 -67.69 -51.32
N ALA B 3 48.15 -68.33 -52.31
CA ALA B 3 49.16 -67.67 -53.11
C ALA B 3 48.87 -67.80 -54.59
N VAL B 4 48.78 -66.67 -55.27
CA VAL B 4 48.52 -66.64 -56.70
C VAL B 4 49.81 -66.27 -57.42
N LEU B 5 49.97 -66.82 -58.62
CA LEU B 5 51.26 -66.79 -59.32
C LEU B 5 51.18 -65.74 -60.43
N THR B 6 51.81 -64.58 -60.21
CA THR B 6 51.65 -63.49 -61.16
C THR B 6 52.40 -63.74 -62.46
N TRP B 7 53.69 -64.04 -62.36
CA TRP B 7 54.43 -64.49 -63.54
C TRP B 7 55.51 -65.48 -63.12
N ARG B 8 56.04 -66.17 -64.12
CA ARG B 8 56.97 -67.26 -63.85
C ARG B 8 58.13 -67.27 -64.85
N ASP B 9 58.55 -66.09 -65.31
CA ASP B 9 59.68 -66.01 -66.24
C ASP B 9 60.85 -66.81 -65.71
N LYS B 10 61.55 -67.50 -66.61
CA LYS B 10 62.67 -68.34 -66.23
C LYS B 10 63.91 -67.93 -67.01
N ALA B 11 65.05 -67.86 -66.30
CA ALA B 11 66.34 -67.54 -66.90
C ALA B 11 67.16 -68.80 -67.14
N GLU B 12 68.29 -68.63 -67.83
CA GLU B 12 69.08 -69.75 -68.32
C GLU B 12 69.96 -70.38 -67.24
N HIS B 13 70.11 -69.74 -66.09
CA HIS B 13 71.12 -70.21 -65.15
C HIS B 13 70.52 -70.21 -63.75
N CYS B 14 71.30 -70.67 -62.77
CA CYS B 14 70.77 -70.90 -61.44
C CYS B 14 70.83 -69.63 -60.61
N ILE B 15 69.74 -69.37 -59.87
CA ILE B 15 69.56 -68.11 -59.18
C ILE B 15 70.35 -68.12 -57.88
N ASN B 16 70.92 -66.97 -57.53
CA ASN B 16 71.87 -66.92 -56.43
C ASN B 16 71.44 -65.99 -55.31
N ASP B 17 71.00 -64.79 -55.65
CA ASP B 17 70.55 -63.84 -54.65
C ASP B 17 69.72 -62.77 -55.33
N ILE B 18 68.59 -62.46 -54.75
CA ILE B 18 67.64 -61.54 -55.36
C ILE B 18 67.53 -60.29 -54.51
N ALA B 19 67.24 -59.18 -55.18
CA ALA B 19 67.28 -57.90 -54.50
C ALA B 19 66.24 -56.99 -55.12
N PHE B 20 65.54 -56.26 -54.27
CA PHE B 20 64.46 -55.40 -54.68
C PHE B 20 64.91 -53.96 -54.63
N LYS B 21 64.48 -53.17 -55.57
CA LYS B 21 64.57 -51.74 -55.39
C LYS B 21 63.66 -51.36 -54.23
N PRO B 22 64.12 -50.48 -53.32
CA PRO B 22 63.28 -50.16 -52.17
C PRO B 22 61.99 -49.48 -52.54
N ASP B 23 61.93 -48.87 -53.72
CA ASP B 23 60.64 -48.42 -54.24
C ASP B 23 59.72 -49.61 -54.45
N GLY B 24 60.28 -50.73 -54.89
CA GLY B 24 59.48 -51.91 -55.15
C GLY B 24 59.07 -51.99 -56.59
N THR B 25 59.98 -51.67 -57.50
CA THR B 25 59.66 -51.59 -58.92
C THR B 25 60.54 -52.45 -59.81
N GLN B 26 61.81 -52.65 -59.47
CA GLN B 26 62.70 -53.50 -60.23
C GLN B 26 63.43 -54.41 -59.27
N LEU B 27 63.62 -55.66 -59.68
CA LEU B 27 64.30 -56.65 -58.86
C LEU B 27 65.49 -57.19 -59.63
N ILE B 28 66.67 -56.88 -59.15
CA ILE B 28 67.91 -57.22 -59.85
C ILE B 28 68.42 -58.57 -59.39
N LEU B 29 68.19 -59.59 -60.21
CA LEU B 29 68.42 -60.97 -59.83
C LEU B 29 69.90 -61.28 -59.87
N ALA B 30 70.23 -62.55 -59.75
CA ALA B 30 71.57 -63.05 -60.04
C ALA B 30 71.42 -64.23 -60.98
N ALA B 31 72.13 -64.22 -62.10
CA ALA B 31 72.01 -65.28 -63.08
C ALA B 31 73.29 -65.33 -63.91
N GLY B 32 74.10 -66.35 -63.69
CA GLY B 32 75.37 -66.47 -64.38
C GLY B 32 76.21 -65.24 -64.18
N SER B 33 77.04 -64.93 -65.17
CA SER B 33 77.82 -63.70 -65.12
C SER B 33 77.06 -62.50 -65.64
N ARG B 34 75.86 -62.26 -65.09
CA ARG B 34 75.07 -61.11 -65.52
C ARG B 34 73.96 -60.90 -64.50
N LEU B 35 73.46 -59.68 -64.45
CA LEU B 35 72.39 -59.29 -63.53
C LEU B 35 71.19 -58.82 -64.32
N LEU B 36 70.01 -59.30 -63.94
CA LEU B 36 68.81 -59.08 -64.72
C LEU B 36 67.92 -58.08 -64.01
N VAL B 37 67.58 -57.01 -64.69
CA VAL B 37 66.80 -55.93 -64.10
C VAL B 37 65.36 -56.08 -64.58
N TYR B 38 64.58 -56.79 -63.81
CA TYR B 38 63.22 -57.07 -64.21
C TYR B 38 62.30 -55.93 -63.84
N ASP B 39 61.02 -56.12 -64.09
CA ASP B 39 59.98 -55.19 -63.68
C ASP B 39 58.94 -56.00 -62.94
N THR B 40 58.78 -55.73 -61.65
CA THR B 40 57.82 -56.46 -60.84
C THR B 40 56.41 -56.34 -61.41
N SER B 41 56.11 -55.23 -62.07
CA SER B 41 54.74 -54.97 -62.53
C SER B 41 54.23 -56.09 -63.42
N ASP B 42 54.98 -56.44 -64.45
CA ASP B 42 54.52 -57.39 -65.46
C ASP B 42 55.33 -58.66 -65.48
N GLY B 43 56.65 -58.56 -65.40
CA GLY B 43 57.50 -59.72 -65.53
C GLY B 43 58.56 -59.46 -66.58
N THR B 44 58.46 -58.29 -67.19
CA THR B 44 59.34 -57.91 -68.28
C THR B 44 60.77 -57.73 -67.77
N LEU B 45 61.69 -57.50 -68.69
CA LEU B 45 63.10 -57.41 -68.39
C LEU B 45 63.66 -56.15 -69.03
N LEU B 46 64.83 -55.72 -68.58
CA LEU B 46 65.52 -54.59 -69.19
C LEU B 46 66.82 -55.01 -69.86
N GLN B 47 67.76 -55.61 -69.13
CA GLN B 47 68.98 -56.11 -69.73
C GLN B 47 69.74 -56.91 -68.68
N PRO B 48 70.54 -57.87 -69.10
CA PRO B 48 71.52 -58.48 -68.20
C PRO B 48 72.73 -57.57 -68.05
N LEU B 49 72.89 -56.98 -66.87
CA LEU B 49 74.05 -56.13 -66.62
C LEU B 49 75.33 -56.90 -66.88
N LYS B 50 76.31 -56.24 -67.49
CA LYS B 50 77.43 -56.93 -68.10
C LYS B 50 78.77 -56.73 -67.42
N GLY B 51 78.88 -55.76 -66.50
CA GLY B 51 80.18 -55.40 -65.96
C GLY B 51 80.98 -56.55 -65.38
N HIS B 52 80.31 -57.56 -64.84
CA HIS B 52 80.99 -58.67 -64.22
C HIS B 52 81.54 -59.66 -65.24
N LYS B 53 82.70 -60.24 -64.91
CA LYS B 53 83.29 -61.29 -65.71
C LYS B 53 82.70 -62.65 -65.37
N ASP B 54 82.50 -62.93 -64.09
CA ASP B 54 82.22 -64.27 -63.60
C ASP B 54 80.83 -64.35 -62.95
N THR B 55 80.53 -65.54 -62.41
CA THR B 55 79.25 -65.80 -61.77
C THR B 55 79.05 -64.94 -60.53
N VAL B 56 77.85 -64.39 -60.41
CA VAL B 56 77.46 -63.55 -59.28
C VAL B 56 76.91 -64.42 -58.16
N TYR B 57 77.34 -64.16 -56.92
CA TYR B 57 76.85 -64.88 -55.75
C TYR B 57 76.01 -64.02 -54.80
N CYS B 58 75.74 -62.77 -55.14
CA CYS B 58 74.98 -61.92 -54.23
C CYS B 58 74.74 -60.54 -54.83
N VAL B 59 73.79 -59.84 -54.26
CA VAL B 59 73.43 -58.49 -54.66
C VAL B 59 72.75 -57.81 -53.47
N ALA B 60 72.64 -56.49 -53.52
CA ALA B 60 72.03 -55.72 -52.44
C ALA B 60 71.57 -54.39 -52.98
N TYR B 61 70.73 -53.73 -52.20
CA TYR B 61 70.41 -52.32 -52.40
C TYR B 61 70.70 -51.50 -51.16
N ALA B 62 70.50 -50.20 -51.27
CA ALA B 62 71.08 -49.27 -50.32
C ALA B 62 70.12 -48.74 -49.30
N LYS B 63 68.89 -49.24 -49.27
CA LYS B 63 67.85 -48.65 -48.43
C LYS B 63 67.72 -47.17 -48.70
N ASP B 64 68.30 -46.69 -49.80
CA ASP B 64 68.19 -45.29 -50.17
C ASP B 64 67.53 -45.22 -51.54
N GLY B 65 68.04 -46.01 -52.47
CA GLY B 65 67.49 -46.09 -53.79
C GLY B 65 68.50 -45.91 -54.89
N LYS B 66 69.77 -45.69 -54.56
CA LYS B 66 70.70 -45.42 -55.64
C LYS B 66 71.79 -46.46 -55.79
N ARG B 67 72.67 -46.57 -54.81
CA ARG B 67 73.76 -47.52 -54.93
C ARG B 67 73.24 -48.93 -54.72
N PHE B 68 73.79 -49.88 -55.45
CA PHE B 68 73.45 -51.28 -55.24
C PHE B 68 74.60 -52.13 -55.72
N ALA B 69 75.08 -53.00 -54.84
CA ALA B 69 76.31 -53.74 -55.09
C ALA B 69 75.97 -55.06 -55.73
N SER B 70 77.01 -55.74 -56.20
CA SER B 70 76.83 -57.07 -56.75
C SER B 70 78.15 -57.83 -56.60
N GLY B 71 78.26 -58.61 -55.53
CA GLY B 71 79.42 -59.45 -55.38
C GLY B 71 79.46 -60.48 -56.49
N SER B 72 80.61 -61.09 -56.69
CA SER B 72 80.73 -62.04 -57.78
C SER B 72 81.87 -63.01 -57.50
N ALA B 73 82.04 -63.96 -58.42
CA ALA B 73 83.13 -64.92 -58.32
C ALA B 73 84.41 -64.42 -58.96
N ASP B 74 84.35 -63.38 -59.79
CA ASP B 74 85.57 -62.77 -60.29
C ASP B 74 86.26 -61.94 -59.24
N LYS B 75 85.88 -62.14 -57.98
CA LYS B 75 86.60 -61.64 -56.82
C LYS B 75 86.60 -60.11 -56.80
N SER B 76 85.42 -59.54 -57.02
CA SER B 76 85.27 -58.11 -57.13
C SER B 76 83.84 -57.75 -56.79
N VAL B 77 83.66 -56.57 -56.20
CA VAL B 77 82.33 -56.14 -55.77
C VAL B 77 81.99 -54.84 -56.46
N ILE B 78 81.30 -54.91 -57.60
CA ILE B 78 80.98 -53.69 -58.32
C ILE B 78 79.79 -53.02 -57.68
N ILE B 79 79.95 -51.73 -57.33
CA ILE B 79 78.87 -50.98 -56.70
C ILE B 79 78.05 -50.26 -57.75
N TRP B 80 77.10 -50.96 -58.35
CA TRP B 80 76.26 -50.37 -59.37
C TRP B 80 75.36 -49.31 -58.76
N THR B 81 74.95 -48.34 -59.57
CA THR B 81 74.02 -47.32 -59.14
C THR B 81 72.71 -47.45 -59.89
N SER B 82 71.76 -46.59 -59.54
CA SER B 82 70.54 -46.47 -60.34
C SER B 82 70.93 -45.97 -61.71
N LYS B 83 69.98 -45.92 -62.63
CA LYS B 83 70.22 -45.68 -64.04
C LYS B 83 71.19 -46.70 -64.64
N LEU B 84 71.47 -47.77 -63.91
CA LEU B 84 72.08 -48.97 -64.47
C LEU B 84 73.50 -48.72 -64.98
N GLU B 85 74.35 -48.22 -64.11
CA GLU B 85 75.78 -48.09 -64.38
C GLU B 85 76.56 -48.61 -63.17
N GLY B 86 77.88 -48.73 -63.32
CA GLY B 86 78.73 -49.27 -62.27
C GLY B 86 79.91 -48.39 -61.94
N ILE B 87 80.22 -48.20 -60.66
CA ILE B 87 81.04 -47.07 -60.26
C ILE B 87 82.34 -47.45 -59.53
N LEU B 88 82.43 -48.58 -58.83
CA LEU B 88 83.72 -48.75 -58.15
C LEU B 88 84.53 -50.03 -58.28
N LYS B 89 83.92 -51.21 -58.30
CA LYS B 89 84.69 -52.43 -58.54
C LYS B 89 85.90 -52.59 -57.61
N TYR B 90 85.71 -52.44 -56.29
CA TYR B 90 86.82 -52.84 -55.44
C TYR B 90 86.88 -54.36 -55.37
N THR B 91 88.07 -54.91 -55.19
CA THR B 91 88.24 -56.34 -55.28
C THR B 91 88.76 -56.94 -53.98
N HIS B 92 88.78 -58.26 -53.95
CA HIS B 92 89.18 -59.07 -52.80
C HIS B 92 90.26 -60.05 -53.24
N ASN B 93 90.47 -61.08 -52.41
CA ASN B 93 91.29 -62.21 -52.81
C ASN B 93 90.48 -63.43 -53.22
N ASP B 94 89.16 -63.39 -53.15
CA ASP B 94 88.37 -64.59 -53.26
C ASP B 94 86.99 -64.26 -53.80
N ALA B 95 86.17 -65.30 -53.98
CA ALA B 95 84.80 -65.08 -54.38
C ALA B 95 84.02 -64.43 -53.25
N ILE B 96 83.32 -63.35 -53.57
CA ILE B 96 82.47 -62.68 -52.61
C ILE B 96 81.14 -63.42 -52.55
N GLN B 97 80.80 -63.93 -51.38
CA GLN B 97 79.58 -64.73 -51.25
C GLN B 97 78.34 -63.86 -51.07
N CYS B 98 78.30 -63.06 -50.01
CA CYS B 98 77.13 -62.23 -49.78
C CYS B 98 77.59 -60.82 -49.48
N VAL B 99 76.89 -59.84 -50.06
CA VAL B 99 77.23 -58.44 -49.88
C VAL B 99 75.93 -57.71 -49.55
N SER B 100 75.84 -57.21 -48.33
CA SER B 100 74.67 -56.44 -47.90
C SER B 100 75.09 -55.11 -47.31
N TYR B 101 74.35 -54.07 -47.64
CA TYR B 101 74.58 -52.75 -47.06
C TYR B 101 74.09 -52.69 -45.64
N ASN B 102 74.44 -51.61 -44.99
CA ASN B 102 74.02 -51.12 -43.71
C ASN B 102 72.70 -50.39 -43.88
N PRO B 103 71.73 -50.61 -43.00
CA PRO B 103 70.43 -49.98 -43.18
C PRO B 103 70.39 -48.54 -42.71
N ILE B 104 71.45 -48.04 -42.10
CA ILE B 104 71.46 -46.66 -41.66
C ILE B 104 72.57 -45.89 -42.36
N THR B 105 73.78 -46.40 -42.31
CA THR B 105 74.94 -45.65 -42.77
C THR B 105 75.35 -45.97 -44.20
N HIS B 106 74.71 -46.94 -44.85
CA HIS B 106 75.08 -47.40 -46.19
C HIS B 106 76.50 -47.93 -46.25
N GLN B 107 77.03 -48.39 -45.14
CA GLN B 107 78.37 -48.95 -45.14
C GLN B 107 78.33 -50.36 -45.68
N LEU B 108 78.71 -50.53 -46.94
CA LEU B 108 78.68 -51.84 -47.56
C LEU B 108 79.64 -52.79 -46.85
N ALA B 109 79.21 -54.03 -46.69
CA ALA B 109 80.03 -55.05 -46.06
C ALA B 109 79.97 -56.27 -46.95
N SER B 110 81.11 -56.64 -47.52
CA SER B 110 81.15 -57.69 -48.52
C SER B 110 82.09 -58.77 -48.04
N CYS B 111 81.54 -59.93 -47.71
CA CYS B 111 82.36 -60.99 -47.18
C CYS B 111 82.76 -61.95 -48.28
N SER B 112 83.70 -62.81 -47.96
CA SER B 112 84.18 -63.84 -48.87
C SER B 112 84.63 -65.02 -48.03
N SER B 113 85.48 -65.86 -48.60
CA SER B 113 85.89 -67.08 -47.91
C SER B 113 86.88 -66.83 -46.78
N SER B 114 87.65 -65.74 -46.85
CA SER B 114 88.72 -65.52 -45.89
C SER B 114 88.59 -64.23 -45.09
N ASP B 115 87.89 -63.23 -45.60
CA ASP B 115 87.90 -61.91 -45.00
C ASP B 115 86.75 -61.07 -45.54
N PHE B 116 86.19 -60.24 -44.67
CA PHE B 116 85.08 -59.38 -45.05
C PHE B 116 85.55 -57.94 -45.03
N GLY B 117 85.18 -57.18 -46.04
CA GLY B 117 85.56 -55.79 -46.15
C GLY B 117 84.39 -54.90 -45.77
N LEU B 118 84.71 -53.70 -45.35
CA LEU B 118 83.73 -52.63 -45.17
C LEU B 118 84.13 -51.46 -46.05
N TRP B 119 83.14 -50.71 -46.53
CA TRP B 119 83.40 -49.53 -47.35
C TRP B 119 82.32 -48.50 -47.09
N SER B 120 82.60 -47.53 -46.25
CA SER B 120 81.61 -46.48 -46.13
C SER B 120 81.67 -45.60 -47.36
N PRO B 121 80.55 -44.99 -47.77
CA PRO B 121 80.55 -44.27 -49.06
C PRO B 121 81.56 -43.14 -49.11
N GLU B 122 81.84 -42.51 -47.98
CA GLU B 122 82.85 -41.46 -47.94
C GLU B 122 84.26 -42.01 -47.86
N GLN B 123 84.41 -43.27 -47.47
CA GLN B 123 85.73 -43.87 -47.25
C GLN B 123 86.48 -44.03 -48.57
N LYS B 124 87.77 -43.75 -48.53
CA LYS B 124 88.61 -43.80 -49.71
C LYS B 124 89.31 -45.13 -49.89
N SER B 125 89.05 -46.09 -49.02
CA SER B 125 89.66 -47.41 -49.11
C SER B 125 88.75 -48.41 -48.44
N VAL B 126 89.03 -49.69 -48.66
CA VAL B 126 88.23 -50.77 -48.11
C VAL B 126 89.01 -51.43 -46.98
N SER B 127 88.42 -51.47 -45.80
CA SER B 127 89.06 -52.03 -44.63
C SER B 127 88.81 -53.53 -44.61
N LYS B 128 89.86 -54.32 -44.70
CA LYS B 128 89.73 -55.77 -44.70
C LYS B 128 90.04 -56.31 -43.33
N HIS B 129 89.22 -57.25 -42.86
CA HIS B 129 89.45 -57.90 -41.58
C HIS B 129 89.36 -59.41 -41.76
N LYS B 130 90.32 -60.13 -41.19
CA LYS B 130 90.40 -61.56 -41.41
C LYS B 130 89.26 -62.28 -40.71
N SER B 131 88.92 -63.47 -41.22
CA SER B 131 87.83 -64.28 -40.69
C SER B 131 88.27 -65.73 -40.56
N SER B 132 87.56 -66.47 -39.70
CA SER B 132 87.93 -67.85 -39.41
C SER B 132 87.62 -68.79 -40.56
N SER B 133 86.39 -68.80 -41.04
CA SER B 133 85.97 -69.78 -42.05
C SER B 133 85.18 -69.07 -43.14
N LYS B 134 84.63 -69.84 -44.07
CA LYS B 134 83.90 -69.25 -45.16
C LYS B 134 82.65 -68.57 -44.63
N ILE B 135 82.52 -67.30 -44.91
CA ILE B 135 81.36 -66.53 -44.47
C ILE B 135 80.26 -66.70 -45.50
N ILE B 136 79.06 -67.02 -45.01
CA ILE B 136 77.97 -67.36 -45.90
C ILE B 136 76.76 -66.45 -45.75
N CYS B 137 76.55 -65.82 -44.61
CA CYS B 137 75.44 -64.89 -44.51
C CYS B 137 75.83 -63.67 -43.72
N CYS B 138 75.40 -62.51 -44.21
CA CYS B 138 75.57 -61.26 -43.51
C CYS B 138 74.19 -60.70 -43.26
N SER B 139 74.00 -60.08 -42.11
CA SER B 139 72.73 -59.41 -41.84
C SER B 139 73.02 -58.30 -40.83
N TRP B 140 72.95 -57.07 -41.29
CA TRP B 140 73.14 -55.94 -40.40
C TRP B 140 71.96 -55.80 -39.44
N THR B 141 72.23 -55.30 -38.25
CA THR B 141 71.12 -55.06 -37.35
C THR B 141 70.31 -53.89 -37.86
N ASN B 142 69.06 -53.79 -37.42
CA ASN B 142 68.19 -52.73 -37.90
C ASN B 142 68.77 -51.36 -37.63
N ASP B 143 69.47 -51.20 -36.52
CA ASP B 143 70.11 -49.92 -36.27
C ASP B 143 71.52 -49.84 -36.83
N GLY B 144 71.93 -50.81 -37.64
CA GLY B 144 73.16 -50.61 -38.36
C GLY B 144 74.41 -50.65 -37.53
N GLN B 145 74.32 -51.14 -36.31
CA GLN B 145 75.48 -51.16 -35.43
C GLN B 145 76.20 -52.49 -35.38
N TYR B 146 75.58 -53.59 -35.78
CA TYR B 146 76.27 -54.86 -35.69
C TYR B 146 76.06 -55.64 -36.97
N LEU B 147 77.08 -56.36 -37.38
CA LEU B 147 77.05 -57.16 -38.59
C LEU B 147 77.48 -58.56 -38.23
N ALA B 148 76.56 -59.50 -38.32
CA ALA B 148 76.75 -60.84 -37.82
C ALA B 148 77.04 -61.76 -38.99
N LEU B 149 78.04 -62.61 -38.85
CA LEU B 149 78.55 -63.44 -39.93
C LEU B 149 78.35 -64.90 -39.59
N GLY B 150 77.35 -65.53 -40.19
CA GLY B 150 77.30 -66.98 -40.17
C GLY B 150 78.37 -67.52 -41.08
N MET B 151 78.70 -68.79 -40.89
CA MET B 151 79.83 -69.36 -41.61
C MET B 151 79.68 -70.86 -41.74
N PHE B 152 80.37 -71.41 -42.74
CA PHE B 152 80.46 -72.85 -42.91
C PHE B 152 80.99 -73.54 -41.67
N ASN B 153 81.83 -72.85 -40.91
CA ASN B 153 82.29 -73.40 -39.64
C ASN B 153 81.12 -73.87 -38.80
N GLY B 154 80.04 -73.12 -38.81
CA GLY B 154 78.96 -73.34 -37.89
C GLY B 154 79.01 -72.45 -36.68
N ILE B 155 79.63 -71.28 -36.79
CA ILE B 155 79.76 -70.35 -35.68
C ILE B 155 79.41 -68.97 -36.18
N ILE B 156 78.60 -68.26 -35.43
CA ILE B 156 78.03 -66.99 -35.84
C ILE B 156 78.89 -65.90 -35.22
N SER B 157 79.74 -65.28 -36.01
CA SER B 157 80.44 -64.11 -35.53
C SER B 157 79.48 -62.93 -35.48
N ILE B 158 79.62 -62.12 -34.46
CA ILE B 158 78.94 -60.84 -34.39
C ILE B 158 80.00 -59.77 -34.17
N ARG B 159 80.03 -58.79 -35.05
CA ARG B 159 81.08 -57.78 -35.00
C ARG B 159 80.48 -56.41 -35.20
N ASN B 160 81.23 -55.42 -34.74
CA ASN B 160 80.81 -54.03 -34.80
C ASN B 160 81.40 -53.36 -36.04
N LYS B 161 81.01 -52.10 -36.24
CA LYS B 161 81.36 -51.37 -37.43
C LYS B 161 82.86 -51.31 -37.65
N ASN B 162 83.66 -51.42 -36.59
CA ASN B 162 85.09 -51.51 -36.81
C ASN B 162 85.52 -52.91 -37.23
N GLY B 163 84.86 -53.93 -36.71
CA GLY B 163 85.20 -55.30 -37.03
C GLY B 163 85.61 -56.14 -35.84
N GLU B 164 85.67 -55.57 -34.64
CA GLU B 164 86.01 -56.36 -33.47
C GLU B 164 84.91 -57.36 -33.18
N GLU B 165 85.31 -58.57 -32.82
CA GLU B 165 84.38 -59.67 -32.55
C GLU B 165 83.79 -59.49 -31.16
N LYS B 166 82.57 -58.96 -31.08
CA LYS B 166 81.97 -58.75 -29.77
C LYS B 166 81.56 -60.07 -29.13
N VAL B 167 80.82 -60.90 -29.86
CA VAL B 167 80.30 -62.14 -29.32
C VAL B 167 80.14 -63.11 -30.47
N LYS B 168 80.17 -64.39 -30.14
CA LYS B 168 80.20 -65.47 -31.12
C LYS B 168 79.22 -66.55 -30.69
N ILE B 169 78.38 -66.99 -31.61
CA ILE B 169 77.26 -67.88 -31.30
C ILE B 169 77.59 -69.28 -31.78
N GLU B 170 77.32 -70.27 -30.94
CA GLU B 170 77.67 -71.66 -31.20
C GLU B 170 76.45 -72.48 -31.54
N ARG B 171 76.46 -73.09 -32.73
CA ARG B 171 75.37 -73.95 -33.15
C ARG B 171 75.77 -75.39 -32.92
N PRO B 172 75.16 -76.10 -31.97
CA PRO B 172 75.51 -77.51 -31.76
C PRO B 172 75.43 -78.30 -33.04
N GLY B 173 76.29 -79.31 -33.13
CA GLY B 173 76.51 -80.05 -34.35
C GLY B 173 77.77 -79.66 -35.08
N GLY B 174 78.33 -78.50 -34.77
CA GLY B 174 79.58 -78.09 -35.33
C GLY B 174 79.54 -78.03 -36.85
N SER B 175 80.73 -78.20 -37.43
CA SER B 175 80.90 -78.07 -38.88
C SER B 175 79.91 -78.91 -39.66
N LEU B 176 79.34 -79.94 -39.04
CA LEU B 176 78.29 -80.71 -39.70
C LEU B 176 77.04 -79.89 -39.96
N SER B 177 76.91 -78.73 -39.34
CA SER B 177 75.72 -77.88 -39.47
C SER B 177 76.17 -76.47 -39.80
N PRO B 178 76.49 -76.21 -41.06
CA PRO B 178 76.90 -74.87 -41.46
C PRO B 178 75.70 -73.95 -41.57
N ILE B 179 75.68 -72.90 -40.75
CA ILE B 179 74.68 -71.86 -40.93
C ILE B 179 74.66 -71.42 -42.36
N TRP B 180 73.51 -71.51 -43.00
CA TRP B 180 73.42 -71.18 -44.39
C TRP B 180 72.50 -70.01 -44.65
N SER B 181 71.78 -69.53 -43.64
CA SER B 181 71.04 -68.30 -43.83
C SER B 181 70.61 -67.76 -42.48
N ILE B 182 70.71 -66.45 -42.32
CA ILE B 182 70.37 -65.77 -41.08
C ILE B 182 69.59 -64.52 -41.45
N CYS B 183 68.82 -64.00 -40.50
CA CYS B 183 68.20 -62.71 -40.75
C CYS B 183 67.80 -62.08 -39.43
N TRP B 184 68.04 -60.78 -39.32
CA TRP B 184 67.70 -60.00 -38.13
C TRP B 184 66.26 -59.49 -38.26
N ASN B 185 65.51 -59.56 -37.17
CA ASN B 185 64.09 -59.23 -37.24
C ASN B 185 63.92 -57.75 -37.54
N PRO B 186 63.26 -57.38 -38.63
CA PRO B 186 63.31 -55.98 -39.07
C PRO B 186 62.26 -55.08 -38.48
N SER B 187 61.57 -55.51 -37.45
CA SER B 187 60.57 -54.67 -36.81
C SER B 187 61.26 -53.86 -35.72
N SER B 188 61.36 -52.56 -35.93
CA SER B 188 62.03 -51.68 -34.99
C SER B 188 61.50 -50.27 -35.22
N ARG B 189 62.04 -49.32 -34.47
CA ARG B 189 61.71 -47.94 -34.74
C ARG B 189 62.43 -47.39 -35.96
N TRP B 190 63.56 -48.00 -36.35
CA TRP B 190 64.30 -47.47 -37.48
C TRP B 190 63.71 -47.87 -38.81
N GLU B 191 62.73 -48.77 -38.78
CA GLU B 191 62.22 -49.36 -40.01
C GLU B 191 61.76 -48.31 -41.00
N SER B 192 61.31 -47.16 -40.51
CA SER B 192 60.87 -46.08 -41.40
C SER B 192 61.93 -45.02 -41.60
N PHE B 193 63.18 -45.28 -41.23
CA PHE B 193 64.23 -44.28 -41.43
C PHE B 193 64.26 -43.78 -42.86
N TRP B 194 64.00 -44.65 -43.81
CA TRP B 194 64.16 -44.32 -45.21
C TRP B 194 62.84 -44.39 -45.96
N MET B 195 61.75 -44.08 -45.27
CA MET B 195 60.44 -44.00 -45.90
C MET B 195 60.13 -42.63 -46.46
N ASN B 196 61.02 -41.67 -46.27
CA ASN B 196 60.83 -40.31 -46.76
C ASN B 196 61.99 -39.88 -47.64
N ARG B 197 62.35 -40.73 -48.59
CA ARG B 197 63.45 -40.43 -49.49
C ARG B 197 63.04 -39.42 -50.54
N GLU B 198 64.04 -38.83 -51.18
CA GLU B 198 63.86 -38.11 -52.44
C GLU B 198 65.19 -37.99 -53.18
N ILE B 211 83.44 -44.36 -65.98
CA ILE B 211 84.76 -44.86 -65.60
C ILE B 211 84.71 -45.61 -64.28
N GLN B 212 84.47 -46.91 -64.31
CA GLN B 212 84.46 -47.71 -63.10
C GLN B 212 85.84 -47.66 -62.46
N GLU B 213 86.00 -46.76 -61.49
CA GLU B 213 87.29 -46.53 -60.87
C GLU B 213 87.42 -47.36 -59.61
N ILE B 214 88.57 -48.01 -59.46
CA ILE B 214 88.73 -48.97 -58.39
C ILE B 214 88.74 -48.26 -57.05
N PRO B 215 88.83 -49.06 -55.99
CA PRO B 215 89.05 -48.56 -54.64
C PRO B 215 90.23 -49.30 -54.05
N SER B 216 91.07 -48.57 -53.33
CA SER B 216 92.23 -49.19 -52.70
C SER B 216 91.78 -50.04 -51.52
N THR B 217 92.46 -51.17 -51.34
CA THR B 217 92.21 -52.03 -50.19
C THR B 217 93.13 -51.65 -49.05
N LEU B 218 92.84 -52.19 -47.88
CA LEU B 218 93.61 -51.87 -46.70
C LEU B 218 93.44 -52.99 -45.68
N LYS B 219 94.56 -53.40 -45.08
CA LYS B 219 94.55 -54.46 -44.09
C LYS B 219 95.29 -54.04 -42.83
N ASN B 246 76.64 -52.17 -23.43
CA ASN B 246 75.67 -53.03 -22.78
C ASN B 246 75.43 -54.30 -23.58
N LEU B 247 74.76 -54.14 -24.71
CA LEU B 247 74.45 -55.24 -25.62
C LEU B 247 73.75 -56.37 -24.86
N GLU B 248 72.96 -55.99 -23.87
CA GLU B 248 72.13 -56.96 -23.17
C GLU B 248 70.70 -56.47 -23.11
N GLU B 249 70.50 -55.16 -23.05
CA GLU B 249 69.16 -54.61 -23.08
C GLU B 249 68.58 -54.64 -24.49
N ARG B 250 69.44 -54.72 -25.50
CA ARG B 250 69.01 -54.63 -26.88
C ARG B 250 68.03 -55.76 -27.20
N ASN B 251 66.89 -55.40 -27.75
CA ASN B 251 65.90 -56.38 -28.17
C ASN B 251 66.01 -56.58 -29.68
N ASP B 252 66.76 -57.60 -30.08
CA ASP B 252 66.75 -58.05 -31.46
C ASP B 252 66.79 -59.57 -31.44
N ILE B 253 66.42 -60.16 -32.56
CA ILE B 253 66.43 -61.61 -32.69
C ILE B 253 67.06 -61.96 -34.01
N LEU B 254 68.11 -62.76 -33.96
CA LEU B 254 68.80 -63.25 -35.14
C LEU B 254 68.28 -64.64 -35.44
N ALA B 255 67.52 -64.78 -36.53
CA ALA B 255 66.93 -66.06 -36.88
C ALA B 255 67.87 -66.82 -37.80
N VAL B 256 68.26 -68.01 -37.39
CA VAL B 256 69.37 -68.73 -37.99
C VAL B 256 68.88 -70.06 -38.51
N ALA B 257 69.10 -70.31 -39.79
CA ALA B 257 68.65 -71.52 -40.44
C ALA B 257 69.90 -72.32 -40.82
N ASP B 258 70.13 -73.41 -40.11
CA ASP B 258 71.36 -74.16 -40.25
C ASP B 258 71.32 -74.97 -41.53
N TRP B 259 72.36 -75.77 -41.74
CA TRP B 259 72.22 -76.94 -42.60
C TRP B 259 72.30 -78.21 -41.78
N GLY B 260 71.82 -78.16 -40.54
CA GLY B 260 71.59 -79.34 -39.75
C GLY B 260 70.10 -79.50 -39.54
N GLN B 261 69.34 -78.98 -40.49
CA GLN B 261 67.90 -79.15 -40.56
C GLN B 261 67.15 -78.39 -39.46
N LYS B 262 67.65 -77.24 -39.01
CA LYS B 262 66.99 -76.52 -37.94
C LYS B 262 66.89 -75.03 -38.24
N VAL B 263 65.99 -74.37 -37.52
CA VAL B 263 65.96 -72.91 -37.41
C VAL B 263 65.77 -72.57 -35.94
N SER B 264 66.53 -71.59 -35.46
CA SER B 264 66.45 -71.13 -34.09
C SER B 264 66.18 -69.64 -34.08
N PHE B 265 66.17 -69.04 -32.90
CA PHE B 265 66.06 -67.59 -32.78
C PHE B 265 66.94 -67.12 -31.64
N TYR B 266 67.97 -66.36 -31.98
CA TYR B 266 69.01 -65.99 -31.03
C TYR B 266 68.91 -64.50 -30.75
N GLN B 267 69.03 -64.11 -29.49
CA GLN B 267 69.09 -62.68 -29.23
C GLN B 267 70.47 -62.15 -29.55
N LEU B 268 70.64 -60.85 -29.38
CA LEU B 268 71.93 -60.26 -29.65
C LEU B 268 73.00 -60.69 -28.67
N SER B 269 72.66 -61.03 -27.44
CA SER B 269 73.68 -61.36 -26.46
C SER B 269 74.11 -62.81 -26.52
N GLY B 270 73.62 -63.57 -27.49
CA GLY B 270 73.95 -64.98 -27.62
C GLY B 270 73.00 -65.93 -26.94
N LYS B 271 72.07 -65.43 -26.14
CA LYS B 271 71.12 -66.29 -25.49
C LYS B 271 70.06 -66.76 -26.46
N GLN B 272 69.77 -68.06 -26.45
CA GLN B 272 68.73 -68.60 -27.30
C GLN B 272 67.36 -68.30 -26.75
N ILE B 273 66.38 -68.20 -27.66
CA ILE B 273 64.98 -68.03 -27.30
C ILE B 273 64.24 -69.30 -27.68
N GLY B 274 63.56 -69.89 -26.72
CA GLY B 274 62.67 -71.01 -27.02
C GLY B 274 63.45 -72.32 -27.12
N LYS B 275 63.39 -72.94 -28.30
CA LYS B 275 64.14 -74.16 -28.55
C LYS B 275 64.22 -74.34 -30.05
N ASP B 276 65.35 -74.89 -30.52
CA ASP B 276 65.56 -75.19 -31.93
C ASP B 276 64.31 -75.78 -32.55
N ARG B 277 63.97 -75.32 -33.75
CA ARG B 277 62.82 -75.87 -34.46
C ARG B 277 63.32 -76.89 -35.47
N ALA B 278 62.99 -78.15 -35.24
CA ALA B 278 63.41 -79.22 -36.15
C ALA B 278 62.79 -79.02 -37.52
N LEU B 279 63.44 -79.56 -38.54
CA LEU B 279 62.95 -79.42 -39.90
C LEU B 279 63.34 -80.66 -40.71
N ASN B 280 62.53 -80.96 -41.72
CA ASN B 280 62.84 -82.04 -42.63
C ASN B 280 63.64 -81.61 -43.84
N PHE B 281 63.47 -80.37 -44.31
CA PHE B 281 64.23 -79.88 -45.44
C PHE B 281 65.45 -79.12 -44.96
N ASP B 282 66.47 -79.09 -45.78
CA ASP B 282 67.70 -78.45 -45.36
C ASP B 282 67.59 -76.97 -45.70
N PRO B 283 67.67 -76.06 -44.73
CA PRO B 283 67.34 -74.66 -44.99
C PRO B 283 68.24 -74.03 -46.04
N CYS B 284 67.67 -73.13 -46.82
CA CYS B 284 68.50 -72.42 -47.79
C CYS B 284 68.08 -70.96 -47.94
N CYS B 285 67.09 -70.47 -47.20
CA CYS B 285 66.63 -69.10 -47.30
C CYS B 285 65.82 -68.79 -46.07
N ILE B 286 66.08 -67.65 -45.44
CA ILE B 286 65.27 -67.19 -44.32
C ILE B 286 65.20 -65.67 -44.32
N SER B 287 63.98 -65.16 -44.29
CA SER B 287 63.73 -63.75 -44.56
C SER B 287 62.60 -63.28 -43.66
N TYR B 288 62.02 -62.15 -44.01
CA TYR B 288 60.93 -61.57 -43.25
C TYR B 288 60.07 -60.76 -44.20
N PHE B 289 58.83 -60.53 -43.83
CA PHE B 289 57.99 -59.61 -44.57
C PHE B 289 58.33 -58.16 -44.21
N THR B 290 57.53 -57.24 -44.74
CA THR B 290 57.85 -55.81 -44.63
C THR B 290 57.98 -55.37 -43.18
N LYS B 291 57.04 -55.75 -42.32
CA LYS B 291 57.08 -55.37 -40.92
C LYS B 291 57.55 -56.51 -40.02
N GLY B 292 58.17 -57.52 -40.61
CA GLY B 292 58.75 -58.59 -39.83
C GLY B 292 57.74 -59.40 -39.04
N GLU B 293 56.57 -59.63 -39.60
CA GLU B 293 55.57 -60.41 -38.92
C GLU B 293 55.45 -61.84 -39.45
N TYR B 294 56.35 -62.27 -40.33
CA TYR B 294 56.35 -63.65 -40.80
C TYR B 294 57.78 -64.05 -41.12
N ILE B 295 57.94 -65.26 -41.65
CA ILE B 295 59.23 -65.81 -42.06
C ILE B 295 58.96 -66.68 -43.27
N LEU B 296 59.90 -66.74 -44.18
CA LEU B 296 59.66 -67.48 -45.40
C LEU B 296 60.27 -68.88 -45.41
N LEU B 297 61.52 -69.00 -44.99
CA LEU B 297 62.22 -70.30 -44.93
C LEU B 297 62.23 -70.91 -46.32
N GLY B 298 61.76 -72.13 -46.51
CA GLY B 298 62.00 -72.86 -47.74
C GLY B 298 63.27 -73.68 -47.63
N GLY B 299 63.85 -73.96 -48.79
CA GLY B 299 65.17 -74.56 -48.76
C GLY B 299 65.39 -75.75 -49.65
N SER B 300 65.89 -76.84 -49.05
CA SER B 300 66.27 -78.01 -49.83
C SER B 300 65.07 -78.61 -50.56
N ASP B 301 63.99 -78.91 -49.84
CA ASP B 301 62.80 -79.35 -50.54
C ASP B 301 62.26 -78.22 -51.40
N LYS B 302 61.49 -78.58 -52.42
CA LYS B 302 61.18 -77.64 -53.49
C LYS B 302 59.87 -76.94 -53.15
N GLN B 303 59.94 -76.06 -52.15
CA GLN B 303 58.76 -75.40 -51.63
C GLN B 303 59.19 -74.33 -50.65
N VAL B 304 58.42 -73.25 -50.59
CA VAL B 304 58.67 -72.14 -49.68
C VAL B 304 57.50 -72.05 -48.72
N SER B 305 57.79 -72.13 -47.43
CA SER B 305 56.76 -72.13 -46.41
C SER B 305 56.43 -70.70 -46.04
N LEU B 306 55.75 -70.55 -44.90
CA LEU B 306 55.55 -69.23 -44.31
C LEU B 306 55.35 -69.46 -42.82
N PHE B 307 56.39 -69.28 -42.04
CA PHE B 307 56.29 -69.48 -40.60
C PHE B 307 55.92 -68.15 -39.96
N THR B 308 55.41 -68.24 -38.73
CA THR B 308 55.28 -67.02 -37.96
C THR B 308 56.65 -66.59 -37.45
N LYS B 309 56.67 -65.44 -36.79
CA LYS B 309 57.87 -64.98 -36.11
C LYS B 309 58.36 -66.02 -35.11
N ASP B 310 57.46 -66.81 -34.54
CA ASP B 310 57.86 -67.82 -33.57
C ASP B 310 58.30 -69.12 -34.21
N GLY B 311 58.07 -69.31 -35.49
CA GLY B 311 58.55 -70.49 -36.18
C GLY B 311 57.53 -71.56 -36.43
N VAL B 312 56.26 -71.34 -36.10
CA VAL B 312 55.24 -72.34 -36.38
C VAL B 312 54.87 -72.30 -37.85
N ARG B 313 54.67 -73.47 -38.44
CA ARG B 313 54.30 -73.50 -39.84
C ARG B 313 52.91 -72.93 -40.04
N LEU B 314 52.71 -72.29 -41.20
CA LEU B 314 51.42 -71.70 -41.50
C LEU B 314 50.99 -71.93 -42.94
N GLY B 315 51.50 -72.94 -43.59
CA GLY B 315 51.00 -73.21 -44.91
C GLY B 315 52.14 -73.33 -45.89
N THR B 316 51.85 -72.98 -47.14
CA THR B 316 52.84 -73.06 -48.21
C THR B 316 52.55 -71.97 -49.23
N VAL B 317 53.56 -71.19 -49.57
CA VAL B 317 53.42 -70.30 -50.73
C VAL B 317 53.26 -71.13 -51.98
N GLY B 318 54.14 -72.11 -52.18
CA GLY B 318 53.99 -72.98 -53.33
C GLY B 318 55.06 -74.05 -53.34
N GLU B 319 54.84 -75.05 -54.18
CA GLU B 319 55.77 -76.13 -54.43
C GLU B 319 56.49 -75.83 -55.75
N GLN B 320 57.82 -75.71 -55.68
CA GLN B 320 58.60 -75.31 -56.83
C GLN B 320 59.05 -76.52 -57.65
N ASN B 321 59.83 -76.23 -58.69
CA ASN B 321 60.32 -77.27 -59.57
C ASN B 321 61.72 -77.74 -59.19
N SER B 322 62.56 -76.84 -58.68
CA SER B 322 63.90 -77.15 -58.21
C SER B 322 64.11 -76.47 -56.86
N TRP B 323 65.30 -76.62 -56.29
CA TRP B 323 65.57 -76.02 -54.98
C TRP B 323 65.37 -74.53 -55.01
N VAL B 324 65.00 -73.98 -53.86
CA VAL B 324 64.88 -72.53 -53.68
C VAL B 324 66.14 -72.04 -53.00
N TRP B 325 66.86 -71.15 -53.66
CA TRP B 325 68.03 -70.52 -53.07
C TRP B 325 67.73 -69.16 -52.47
N THR B 326 66.74 -68.44 -52.98
CA THR B 326 66.41 -67.15 -52.43
C THR B 326 64.90 -66.99 -52.34
N CYS B 327 64.50 -66.19 -51.36
CA CYS B 327 63.10 -65.90 -51.11
C CYS B 327 63.06 -64.56 -50.38
N GLN B 328 62.49 -63.55 -51.01
CA GLN B 328 62.44 -62.24 -50.41
C GLN B 328 61.07 -61.65 -50.63
N ALA B 329 60.43 -61.20 -49.56
CA ALA B 329 59.17 -60.53 -49.80
C ALA B 329 59.43 -59.15 -50.38
N LYS B 330 58.48 -58.68 -51.17
CA LYS B 330 58.59 -57.34 -51.69
C LYS B 330 58.40 -56.37 -50.55
N PRO B 331 59.05 -55.22 -50.60
CA PRO B 331 58.86 -54.24 -49.53
C PRO B 331 57.47 -53.65 -49.56
N ASP B 332 56.90 -53.49 -48.37
CA ASP B 332 55.58 -52.89 -48.19
C ASP B 332 54.55 -53.54 -49.09
N SER B 333 54.53 -54.87 -49.10
CA SER B 333 53.59 -55.55 -49.97
C SER B 333 53.35 -56.96 -49.46
N ASN B 334 52.36 -57.61 -50.04
CA ASN B 334 52.11 -59.02 -49.85
C ASN B 334 52.83 -59.87 -50.87
N TYR B 335 53.57 -59.27 -51.79
CA TYR B 335 54.17 -60.01 -52.88
C TYR B 335 55.48 -60.62 -52.44
N VAL B 336 55.64 -61.92 -52.68
CA VAL B 336 56.91 -62.60 -52.48
C VAL B 336 57.36 -63.11 -53.82
N VAL B 337 58.63 -63.45 -53.89
CA VAL B 337 59.27 -63.87 -55.12
C VAL B 337 60.22 -64.99 -54.82
N VAL B 338 60.20 -66.01 -55.66
CA VAL B 338 60.98 -67.20 -55.42
C VAL B 338 61.90 -67.43 -56.61
N GLY B 339 63.18 -67.65 -56.30
CA GLY B 339 64.15 -68.03 -57.31
C GLY B 339 64.66 -69.42 -56.99
N CYS B 340 65.02 -70.16 -58.03
CA CYS B 340 65.28 -71.57 -57.86
C CYS B 340 66.51 -71.97 -58.68
N GLN B 341 66.80 -73.26 -58.68
CA GLN B 341 67.92 -73.81 -59.44
C GLN B 341 67.49 -74.25 -60.82
N ASP B 342 66.51 -73.56 -61.36
CA ASP B 342 66.07 -73.76 -62.73
C ASP B 342 66.24 -72.52 -63.57
N GLY B 343 66.53 -71.38 -62.97
CA GLY B 343 66.36 -70.11 -63.63
C GLY B 343 64.96 -69.57 -63.55
N THR B 344 64.04 -70.33 -62.99
CA THR B 344 62.66 -69.88 -62.91
C THR B 344 62.49 -68.85 -61.80
N ILE B 345 61.90 -67.72 -62.16
CA ILE B 345 61.55 -66.69 -61.21
C ILE B 345 60.03 -66.57 -61.19
N SER B 346 59.44 -66.80 -60.04
CA SER B 346 58.01 -66.68 -59.87
C SER B 346 57.78 -65.45 -59.01
N PHE B 347 56.72 -64.71 -59.29
CA PHE B 347 56.43 -63.54 -58.48
C PHE B 347 55.02 -63.73 -57.95
N TYR B 348 54.91 -64.23 -56.72
CA TYR B 348 53.64 -64.59 -56.13
C TYR B 348 52.96 -63.41 -55.48
N GLN B 349 51.66 -63.56 -55.24
CA GLN B 349 50.93 -62.69 -54.34
C GLN B 349 50.25 -63.57 -53.30
N LEU B 350 50.58 -63.35 -52.04
CA LEU B 350 49.85 -63.99 -50.97
C LEU B 350 48.56 -63.24 -50.70
N ILE B 351 47.45 -63.97 -50.59
CA ILE B 351 46.18 -63.42 -50.14
C ILE B 351 45.80 -64.12 -48.86
N PHE B 352 45.47 -63.35 -47.84
CA PHE B 352 45.12 -63.91 -46.54
C PHE B 352 43.62 -63.81 -46.36
N SER B 353 42.97 -64.96 -46.33
CA SER B 353 41.53 -65.02 -46.31
C SER B 353 41.02 -64.59 -44.95
N THR B 354 39.97 -63.77 -44.96
CA THR B 354 39.41 -63.27 -43.71
C THR B 354 38.66 -64.40 -43.03
N VAL B 355 38.91 -64.59 -41.75
CA VAL B 355 38.23 -65.59 -40.95
C VAL B 355 37.57 -64.88 -39.80
N HIS B 356 36.25 -65.00 -39.70
CA HIS B 356 35.54 -64.29 -38.66
C HIS B 356 34.21 -64.98 -38.39
N GLY B 357 33.61 -64.63 -37.27
CA GLY B 357 32.26 -65.03 -36.98
C GLY B 357 31.62 -63.96 -36.15
N LEU B 358 30.29 -63.95 -36.12
CA LEU B 358 29.60 -62.95 -35.34
C LEU B 358 28.31 -63.53 -34.80
N TYR B 359 27.93 -63.19 -33.56
CA TYR B 359 26.63 -63.60 -33.10
C TYR B 359 25.67 -62.42 -32.96
N LYS B 360 25.83 -61.58 -31.95
CA LYS B 360 24.98 -60.40 -31.91
C LYS B 360 25.82 -59.15 -31.79
N ASP B 361 26.57 -59.08 -30.72
CA ASP B 361 27.50 -58.00 -30.45
C ASP B 361 28.92 -58.47 -30.26
N ARG B 362 29.20 -59.73 -30.57
CA ARG B 362 30.50 -60.32 -30.33
C ARG B 362 31.08 -60.76 -31.66
N TYR B 363 32.29 -60.30 -31.94
CA TYR B 363 32.90 -60.49 -33.24
C TYR B 363 34.29 -61.04 -33.05
N ALA B 364 34.43 -62.35 -33.21
CA ALA B 364 35.69 -63.01 -33.04
C ALA B 364 36.33 -63.17 -34.40
N TYR B 365 37.59 -62.74 -34.51
CA TYR B 365 38.27 -62.83 -35.79
C TYR B 365 39.70 -63.26 -35.54
N ARG B 366 40.36 -63.66 -36.62
CA ARG B 366 41.70 -64.22 -36.54
C ARG B 366 42.72 -63.12 -36.76
N ASP B 367 43.73 -63.08 -35.89
CA ASP B 367 44.76 -62.06 -35.92
C ASP B 367 46.13 -62.71 -35.88
N SER B 368 46.99 -62.33 -36.82
CA SER B 368 48.36 -62.81 -36.97
C SER B 368 48.38 -64.24 -37.47
N MET B 369 47.24 -64.82 -37.79
CA MET B 369 47.05 -66.16 -38.31
C MET B 369 47.21 -67.22 -37.24
N THR B 370 47.48 -66.85 -35.99
CA THR B 370 47.45 -67.83 -34.92
C THR B 370 46.66 -67.37 -33.71
N ASP B 371 46.15 -66.15 -33.69
CA ASP B 371 45.41 -65.62 -32.57
C ASP B 371 43.96 -65.37 -32.96
N VAL B 372 43.08 -65.39 -31.98
CA VAL B 372 41.66 -65.14 -32.19
C VAL B 372 41.25 -64.00 -31.25
N ILE B 373 40.76 -62.91 -31.82
CA ILE B 373 40.36 -61.74 -31.06
C ILE B 373 38.84 -61.73 -30.98
N VAL B 374 38.30 -61.85 -29.78
CA VAL B 374 36.87 -61.75 -29.57
C VAL B 374 36.58 -60.33 -29.12
N GLN B 375 35.75 -59.63 -29.87
CA GLN B 375 35.52 -58.23 -29.61
C GLN B 375 34.07 -57.98 -29.28
N HIS B 376 33.83 -57.33 -28.14
CA HIS B 376 32.51 -56.82 -27.84
C HIS B 376 32.25 -55.62 -28.73
N LEU B 377 31.08 -55.59 -29.35
CA LEU B 377 30.78 -54.45 -30.20
C LEU B 377 30.14 -53.29 -29.45
N ILE B 378 29.92 -53.42 -28.15
CA ILE B 378 29.33 -52.36 -27.34
C ILE B 378 30.33 -51.78 -26.35
N THR B 379 30.82 -52.60 -25.43
CA THR B 379 31.86 -52.12 -24.53
C THR B 379 33.21 -52.05 -25.20
N GLU B 380 33.37 -52.71 -26.34
CA GLU B 380 34.62 -52.70 -27.11
C GLU B 380 35.79 -53.22 -26.29
N GLN B 381 35.54 -54.22 -25.46
CA GLN B 381 36.57 -54.79 -24.59
C GLN B 381 37.12 -56.03 -25.29
N LYS B 382 38.20 -55.86 -26.03
CA LYS B 382 38.80 -56.96 -26.75
C LYS B 382 39.44 -57.97 -25.81
N VAL B 383 39.49 -59.21 -26.25
CA VAL B 383 40.21 -60.27 -25.56
C VAL B 383 40.90 -61.12 -26.60
N ARG B 384 42.17 -61.46 -26.35
CA ARG B 384 42.93 -62.32 -27.23
C ARG B 384 42.97 -63.74 -26.67
N ILE B 385 42.88 -64.72 -27.56
CA ILE B 385 43.09 -66.12 -27.22
C ILE B 385 44.18 -66.67 -28.10
N LYS B 386 45.23 -67.21 -27.48
CA LYS B 386 46.35 -67.78 -28.22
C LYS B 386 46.08 -69.23 -28.54
N CYS B 387 46.35 -69.63 -29.79
CA CYS B 387 46.13 -70.99 -30.24
C CYS B 387 47.38 -71.70 -30.70
N LYS B 388 48.41 -70.97 -31.11
CA LYS B 388 49.73 -71.46 -31.49
C LYS B 388 49.79 -72.21 -32.81
N GLU B 389 48.67 -72.59 -33.40
CA GLU B 389 48.74 -73.11 -34.76
C GLU B 389 47.89 -72.26 -35.68
N LEU B 390 47.91 -72.59 -36.96
CA LEU B 390 47.10 -71.85 -37.91
C LEU B 390 45.65 -71.93 -37.49
N VAL B 391 44.96 -70.81 -37.52
CA VAL B 391 43.55 -70.80 -37.18
C VAL B 391 42.74 -70.78 -38.47
N LYS B 392 42.04 -71.87 -38.75
CA LYS B 392 41.38 -71.93 -40.04
C LYS B 392 40.01 -71.29 -40.02
N LYS B 393 39.17 -71.64 -39.05
CA LYS B 393 37.78 -71.21 -39.03
C LYS B 393 37.38 -70.82 -37.63
N ILE B 394 36.62 -69.74 -37.53
CA ILE B 394 36.19 -69.21 -36.25
C ILE B 394 34.68 -69.14 -36.26
N ALA B 395 34.06 -69.84 -35.34
CA ALA B 395 32.61 -69.93 -35.30
C ALA B 395 32.19 -69.59 -33.90
N ILE B 396 31.20 -68.73 -33.78
CA ILE B 396 30.81 -68.21 -32.47
C ILE B 396 29.32 -68.41 -32.27
N TYR B 397 28.93 -68.43 -31.00
CA TYR B 397 27.53 -68.52 -30.61
C TYR B 397 27.47 -68.08 -29.15
N ARG B 398 26.25 -67.84 -28.68
CA ARG B 398 26.09 -67.32 -27.33
C ARG B 398 26.73 -68.26 -26.33
N ASN B 399 27.78 -67.80 -25.66
CA ASN B 399 28.51 -68.61 -24.70
C ASN B 399 29.15 -69.82 -25.35
N ARG B 400 29.64 -69.66 -26.58
CA ARG B 400 30.47 -70.66 -27.22
C ARG B 400 31.44 -69.95 -28.16
N LEU B 401 32.63 -70.51 -28.32
CA LEU B 401 33.57 -70.00 -29.32
C LEU B 401 34.40 -71.17 -29.84
N ALA B 402 34.17 -71.56 -31.08
CA ALA B 402 34.88 -72.68 -31.69
C ALA B 402 35.96 -72.16 -32.64
N ILE B 403 37.16 -72.71 -32.53
CA ILE B 403 38.28 -72.34 -33.39
C ILE B 403 38.85 -73.60 -34.00
N GLN B 404 38.76 -73.74 -35.31
CA GLN B 404 39.31 -74.92 -35.96
C GLN B 404 40.79 -74.72 -36.22
N LEU B 405 41.61 -75.38 -35.43
CA LEU B 405 43.03 -75.50 -35.71
C LEU B 405 43.25 -76.60 -36.75
N PRO B 406 44.44 -76.68 -37.35
CA PRO B 406 44.65 -77.68 -38.40
C PRO B 406 44.44 -79.09 -37.92
N GLU B 407 44.77 -79.39 -36.67
CA GLU B 407 44.73 -80.75 -36.18
C GLU B 407 43.62 -81.01 -35.17
N LYS B 408 42.99 -79.98 -34.63
CA LYS B 408 42.03 -80.17 -33.57
C LYS B 408 41.03 -79.02 -33.61
N ILE B 409 39.94 -79.19 -32.87
CA ILE B 409 38.93 -78.15 -32.74
C ILE B 409 38.79 -77.80 -31.27
N LEU B 410 38.99 -76.53 -30.96
CA LEU B 410 38.86 -76.03 -29.62
C LEU B 410 37.47 -75.45 -29.46
N ILE B 411 36.80 -75.79 -28.37
CA ILE B 411 35.47 -75.30 -28.09
C ILE B 411 35.53 -74.52 -26.80
N TYR B 412 35.31 -73.21 -26.88
CA TYR B 412 35.46 -72.34 -25.72
C TYR B 412 34.10 -71.93 -25.21
N GLU B 413 34.03 -71.67 -23.91
CA GLU B 413 32.77 -71.31 -23.29
C GLU B 413 32.95 -70.05 -22.48
N LEU B 414 31.98 -69.15 -22.58
CA LEU B 414 31.79 -68.10 -21.61
C LEU B 414 31.08 -68.71 -20.42
N TYR B 415 31.63 -68.51 -19.23
CA TYR B 415 31.08 -69.14 -18.05
C TYR B 415 30.26 -68.22 -17.15
N SER B 416 30.72 -67.02 -16.85
CA SER B 416 29.93 -66.15 -16.00
C SER B 416 28.65 -65.71 -16.69
N GLU B 417 27.65 -65.37 -15.89
CA GLU B 417 26.35 -64.89 -16.39
C GLU B 417 26.29 -63.36 -16.38
N ASP B 418 27.25 -62.73 -17.04
CA ASP B 418 27.29 -61.29 -17.21
C ASP B 418 27.21 -60.96 -18.69
N LEU B 419 26.43 -59.94 -19.02
CA LEU B 419 26.23 -59.60 -20.42
C LEU B 419 27.52 -59.18 -21.10
N SER B 420 28.46 -58.61 -20.34
CA SER B 420 29.72 -58.12 -20.88
C SER B 420 30.88 -59.06 -20.57
N ASP B 421 30.60 -60.28 -20.13
CA ASP B 421 31.66 -61.16 -19.68
C ASP B 421 32.54 -61.59 -20.85
N MET B 422 33.85 -61.51 -20.66
CA MET B 422 34.80 -61.82 -21.71
C MET B 422 35.91 -62.70 -21.16
N HIS B 423 35.56 -63.73 -20.42
CA HIS B 423 36.53 -64.67 -19.89
C HIS B 423 36.23 -65.99 -20.57
N TYR B 424 36.89 -66.25 -21.68
CA TYR B 424 36.67 -67.50 -22.38
C TYR B 424 37.57 -68.57 -21.77
N ARG B 425 36.97 -69.66 -21.32
CA ARG B 425 37.71 -70.76 -20.74
C ARG B 425 37.54 -71.99 -21.61
N VAL B 426 38.57 -72.83 -21.66
CA VAL B 426 38.60 -73.95 -22.58
C VAL B 426 37.65 -75.03 -22.10
N LYS B 427 36.84 -75.55 -23.00
CA LYS B 427 35.83 -76.51 -22.59
C LYS B 427 36.15 -77.92 -23.06
N GLU B 428 36.54 -78.06 -24.33
CA GLU B 428 36.77 -79.37 -24.90
C GLU B 428 37.80 -79.23 -26.01
N LYS B 429 38.37 -80.35 -26.43
CA LYS B 429 39.33 -80.36 -27.53
C LYS B 429 39.09 -81.59 -28.39
N ILE B 430 38.18 -81.50 -29.35
CA ILE B 430 37.89 -82.63 -30.22
C ILE B 430 39.08 -82.78 -31.15
N ILE B 431 39.91 -83.78 -30.91
CA ILE B 431 41.19 -83.91 -31.60
C ILE B 431 41.02 -84.87 -32.78
N LYS B 432 41.10 -84.33 -33.99
CA LYS B 432 41.05 -85.10 -35.21
C LYS B 432 41.30 -84.17 -36.39
N LYS B 433 41.93 -84.70 -37.42
CA LYS B 433 42.12 -83.97 -38.67
C LYS B 433 40.76 -83.81 -39.31
N PHE B 434 40.21 -82.60 -39.30
CA PHE B 434 38.89 -82.37 -39.87
C PHE B 434 38.98 -81.75 -41.24
N GLU B 435 38.10 -82.15 -42.14
CA GLU B 435 37.97 -81.52 -43.44
C GLU B 435 36.54 -81.00 -43.54
N CYS B 436 36.38 -79.68 -43.55
CA CYS B 436 35.05 -79.11 -43.48
C CYS B 436 35.02 -77.75 -44.12
N ASN B 437 33.96 -77.49 -44.90
CA ASN B 437 33.83 -76.21 -45.57
C ASN B 437 33.44 -75.11 -44.60
N LEU B 438 32.51 -75.40 -43.70
CA LEU B 438 31.89 -74.38 -42.87
C LEU B 438 31.76 -74.92 -41.46
N LEU B 439 32.00 -74.05 -40.49
CA LEU B 439 31.94 -74.45 -39.10
C LEU B 439 30.89 -73.61 -38.41
N VAL B 440 29.94 -74.26 -37.76
CA VAL B 440 28.92 -73.57 -36.99
C VAL B 440 28.81 -74.28 -35.65
N VAL B 441 28.73 -73.50 -34.59
CA VAL B 441 28.71 -74.05 -33.25
C VAL B 441 27.40 -73.67 -32.59
N CYS B 442 26.79 -74.64 -31.93
CA CYS B 442 25.55 -74.45 -31.21
C CYS B 442 25.80 -74.83 -29.78
N ALA B 443 24.98 -74.31 -28.88
CA ALA B 443 25.10 -74.75 -27.50
C ALA B 443 24.92 -76.26 -27.46
N ASN B 444 25.97 -76.98 -27.08
CA ASN B 444 25.98 -78.43 -26.91
C ASN B 444 26.02 -79.20 -28.22
N HIS B 445 26.54 -78.62 -29.31
CA HIS B 445 26.77 -79.35 -30.54
C HIS B 445 27.77 -78.60 -31.38
N ILE B 446 28.23 -79.25 -32.45
CA ILE B 446 29.05 -78.62 -33.47
C ILE B 446 28.60 -79.16 -34.81
N ILE B 447 28.61 -78.31 -35.84
CA ILE B 447 28.04 -78.67 -37.14
C ILE B 447 29.10 -78.45 -38.21
N LEU B 448 29.43 -79.50 -38.94
CA LEU B 448 30.44 -79.42 -39.99
C LEU B 448 29.79 -79.62 -41.34
N CYS B 449 29.92 -78.63 -42.21
CA CYS B 449 29.44 -78.74 -43.56
C CYS B 449 30.59 -79.20 -44.44
N GLN B 450 30.41 -80.33 -45.11
CA GLN B 450 31.47 -80.90 -45.92
C GLN B 450 30.82 -81.44 -47.19
N GLU B 451 30.94 -80.68 -48.27
CA GLU B 451 30.24 -81.01 -49.52
C GLU B 451 28.76 -81.08 -49.17
N LYS B 452 28.04 -82.10 -49.62
CA LYS B 452 26.62 -82.16 -49.34
C LYS B 452 26.27 -82.72 -47.96
N ARG B 453 27.22 -83.17 -47.18
CA ARG B 453 26.89 -83.82 -45.91
C ARG B 453 26.92 -82.79 -44.80
N LEU B 454 25.83 -82.70 -44.05
CA LEU B 454 25.76 -81.86 -42.86
C LEU B 454 25.87 -82.77 -41.66
N GLN B 455 26.96 -82.67 -40.94
CA GLN B 455 27.28 -83.56 -39.86
C GLN B 455 27.16 -82.82 -38.53
N CYS B 456 26.52 -83.46 -37.56
CA CYS B 456 26.34 -82.86 -36.25
C CYS B 456 27.12 -83.67 -35.23
N LEU B 457 28.16 -83.08 -34.68
CA LEU B 457 29.04 -83.73 -33.71
C LEU B 457 28.82 -83.11 -32.34
N SER B 458 28.90 -83.94 -31.31
CA SER B 458 28.85 -83.40 -29.97
C SER B 458 30.21 -82.93 -29.53
N PHE B 459 30.23 -82.16 -28.44
CA PHE B 459 31.49 -81.66 -27.90
C PHE B 459 32.41 -82.80 -27.53
N SER B 460 31.85 -83.90 -27.03
CA SER B 460 32.66 -85.08 -26.75
C SER B 460 33.31 -85.60 -28.02
N GLY B 461 32.56 -85.62 -29.12
CA GLY B 461 33.10 -86.04 -30.40
C GLY B 461 32.17 -86.89 -31.22
N VAL B 462 31.29 -87.65 -30.56
CA VAL B 462 30.48 -88.64 -31.27
C VAL B 462 29.71 -87.98 -32.39
N LYS B 463 29.58 -88.68 -33.52
CA LYS B 463 28.77 -88.20 -34.64
C LYS B 463 27.29 -88.47 -34.39
N GLU B 464 26.64 -87.53 -33.72
CA GLU B 464 25.25 -87.74 -33.36
C GLU B 464 24.38 -87.95 -34.60
N ARG B 465 24.42 -87.00 -35.53
CA ARG B 465 23.52 -87.05 -36.67
C ARG B 465 24.24 -86.63 -37.94
N GLU B 466 23.66 -87.00 -39.06
CA GLU B 466 24.16 -86.53 -40.35
C GLU B 466 22.97 -86.39 -41.28
N TRP B 467 22.91 -85.27 -41.99
CA TRP B 467 21.88 -85.02 -42.99
C TRP B 467 22.54 -85.03 -44.35
N GLN B 468 21.98 -85.77 -45.29
CA GLN B 468 22.55 -85.86 -46.62
C GLN B 468 21.81 -84.92 -47.56
N MET B 469 22.04 -83.63 -47.35
CA MET B 469 21.50 -82.59 -48.20
C MET B 469 21.73 -82.92 -49.67
N GLU B 470 20.78 -82.57 -50.52
CA GLU B 470 20.78 -83.08 -51.89
C GLU B 470 21.70 -82.32 -52.84
N SER B 471 22.28 -81.20 -52.43
CA SER B 471 23.19 -80.46 -53.31
C SER B 471 24.20 -79.69 -52.48
N LEU B 472 25.06 -78.95 -53.17
CA LEU B 472 26.14 -78.23 -52.52
C LEU B 472 25.62 -77.25 -51.50
N ILE B 473 26.15 -77.32 -50.28
CA ILE B 473 25.77 -76.38 -49.24
C ILE B 473 26.63 -75.13 -49.37
N ARG B 474 25.99 -74.00 -49.59
CA ARG B 474 26.71 -72.75 -49.81
C ARG B 474 26.76 -71.87 -48.59
N TYR B 475 25.77 -71.97 -47.72
CA TYR B 475 25.67 -71.10 -46.57
C TYR B 475 24.97 -71.87 -45.46
N ILE B 476 25.29 -71.51 -44.22
CA ILE B 476 24.70 -72.19 -43.09
C ILE B 476 24.78 -71.26 -41.89
N LYS B 477 23.71 -71.22 -41.10
CA LYS B 477 23.58 -70.15 -40.15
C LYS B 477 22.63 -70.57 -39.03
N VAL B 478 23.06 -70.38 -37.78
CA VAL B 478 22.21 -70.76 -36.65
C VAL B 478 21.23 -69.64 -36.35
N ILE B 479 19.98 -70.01 -36.10
CA ILE B 479 18.91 -69.04 -35.93
C ILE B 479 18.27 -69.16 -34.55
N GLY B 480 19.05 -69.55 -33.55
CA GLY B 480 18.55 -69.56 -32.19
C GLY B 480 17.62 -70.72 -31.92
N GLY B 481 17.10 -70.73 -30.70
CA GLY B 481 16.12 -71.71 -30.29
C GLY B 481 16.40 -72.20 -28.88
N PRO B 482 15.86 -73.36 -28.55
CA PRO B 482 16.13 -73.97 -27.25
C PRO B 482 17.62 -74.20 -27.09
N PRO B 483 18.09 -74.54 -25.89
CA PRO B 483 19.55 -74.62 -25.70
C PRO B 483 20.18 -75.75 -26.48
N GLY B 484 19.60 -76.94 -26.44
CA GLY B 484 20.19 -78.08 -27.13
C GLY B 484 19.65 -78.29 -28.52
N ARG B 485 18.33 -78.35 -28.64
CA ARG B 485 17.60 -78.49 -29.90
C ARG B 485 17.46 -77.13 -30.56
N GLU B 486 18.34 -76.81 -31.51
CA GLU B 486 18.38 -75.49 -32.11
C GLU B 486 18.10 -75.54 -33.60
N GLY B 487 18.06 -74.36 -34.22
CA GLY B 487 17.83 -74.25 -35.64
C GLY B 487 19.10 -74.04 -36.46
N LEU B 488 19.05 -74.47 -37.71
CA LEU B 488 20.09 -74.20 -38.68
C LEU B 488 19.43 -73.83 -39.98
N LEU B 489 19.93 -72.80 -40.62
CA LEU B 489 19.33 -72.31 -41.85
C LEU B 489 20.33 -72.57 -42.96
N VAL B 490 20.06 -73.58 -43.77
CA VAL B 490 21.02 -74.13 -44.72
C VAL B 490 20.55 -73.77 -46.11
N GLY B 491 21.43 -73.17 -46.90
CA GLY B 491 21.10 -72.74 -48.25
C GLY B 491 21.93 -73.49 -49.26
N LEU B 492 21.29 -73.98 -50.30
CA LEU B 492 21.96 -74.89 -51.20
C LEU B 492 22.21 -74.20 -52.53
N LYS B 493 23.11 -74.77 -53.33
CA LYS B 493 23.29 -74.25 -54.68
C LYS B 493 22.12 -74.62 -55.57
N ASN B 494 21.53 -75.78 -55.32
CA ASN B 494 20.30 -76.19 -55.99
C ASN B 494 19.33 -75.03 -56.06
N GLY B 495 19.30 -74.19 -55.04
CA GLY B 495 18.37 -73.09 -54.99
C GLY B 495 17.48 -73.28 -53.79
N GLN B 496 17.38 -74.52 -53.31
CA GLN B 496 16.59 -74.79 -52.15
C GLN B 496 17.07 -73.95 -50.98
N ILE B 497 16.19 -73.79 -49.99
CA ILE B 497 16.56 -73.21 -48.70
C ILE B 497 15.94 -74.07 -47.63
N LEU B 498 16.75 -74.53 -46.69
CA LEU B 498 16.27 -75.48 -45.73
C LEU B 498 16.51 -74.98 -44.34
N LYS B 499 15.55 -75.20 -43.46
CA LYS B 499 15.75 -75.03 -42.04
C LYS B 499 15.88 -76.44 -41.47
N ILE B 500 16.95 -76.68 -40.75
CA ILE B 500 17.22 -77.97 -40.16
C ILE B 500 17.27 -77.80 -38.66
N PHE B 501 16.50 -78.60 -37.95
CA PHE B 501 16.59 -78.58 -36.51
C PHE B 501 17.61 -79.62 -36.10
N VAL B 502 18.45 -79.27 -35.14
CA VAL B 502 19.50 -80.20 -34.72
C VAL B 502 18.90 -81.48 -34.19
N ASP B 503 17.68 -81.41 -33.67
CA ASP B 503 17.11 -82.59 -33.04
C ASP B 503 16.56 -83.60 -34.05
N ASN B 504 15.71 -83.16 -34.98
CA ASN B 504 15.03 -84.11 -35.85
C ASN B 504 15.72 -84.20 -37.20
N LEU B 505 15.94 -85.43 -37.65
CA LEU B 505 16.65 -85.68 -38.89
C LEU B 505 15.75 -85.53 -40.11
N PHE B 506 15.15 -84.35 -40.26
CA PHE B 506 14.36 -84.08 -41.45
C PHE B 506 14.46 -82.62 -41.82
N ALA B 507 15.04 -82.34 -42.97
CA ALA B 507 15.10 -80.97 -43.46
C ALA B 507 13.70 -80.40 -43.62
N ILE B 508 13.54 -79.14 -43.23
CA ILE B 508 12.28 -78.41 -43.39
C ILE B 508 12.48 -77.36 -44.46
N VAL B 509 11.87 -77.55 -45.63
CA VAL B 509 12.12 -76.64 -46.73
C VAL B 509 11.48 -75.29 -46.45
N LEU B 510 12.06 -74.24 -47.02
CA LEU B 510 11.46 -72.91 -46.95
C LEU B 510 11.09 -72.36 -48.32
N LEU B 511 12.03 -72.31 -49.27
CA LEU B 511 11.72 -71.81 -50.59
C LEU B 511 12.46 -72.63 -51.63
N LYS B 512 12.17 -72.33 -52.88
CA LYS B 512 12.83 -72.95 -54.01
C LYS B 512 13.13 -71.86 -55.03
N GLN B 513 13.73 -70.77 -54.59
CA GLN B 513 14.10 -69.77 -55.58
C GLN B 513 15.24 -70.32 -56.43
N ALA B 514 15.51 -69.67 -57.55
CA ALA B 514 16.28 -70.33 -58.61
C ALA B 514 17.75 -70.46 -58.26
N THR B 515 18.51 -69.36 -58.39
CA THR B 515 19.96 -69.46 -58.40
C THR B 515 20.54 -69.63 -57.00
N ALA B 516 21.81 -70.04 -56.96
CA ALA B 516 22.46 -70.42 -55.71
C ALA B 516 22.40 -69.28 -54.69
N VAL B 517 22.38 -69.65 -53.42
CA VAL B 517 22.12 -68.72 -52.32
C VAL B 517 23.44 -68.36 -51.69
N ARG B 518 24.06 -67.27 -52.15
CA ARG B 518 25.37 -66.95 -51.62
C ARG B 518 25.29 -66.40 -50.21
N CYS B 519 24.29 -65.59 -49.91
CA CYS B 519 24.08 -65.14 -48.54
C CYS B 519 22.61 -65.18 -48.16
N LEU B 520 22.34 -65.60 -46.92
CA LEU B 520 21.01 -65.67 -46.33
C LEU B 520 20.93 -64.77 -45.12
N ASP B 521 19.70 -64.51 -44.66
CA ASP B 521 19.49 -63.96 -43.33
C ASP B 521 18.01 -64.03 -43.03
N MET B 522 17.66 -64.00 -41.75
CA MET B 522 16.29 -64.14 -41.32
C MET B 522 15.88 -62.97 -40.45
N SER B 523 14.63 -62.56 -40.56
CA SER B 523 14.18 -61.36 -39.88
C SER B 523 14.31 -61.50 -38.37
N ALA B 524 14.17 -60.38 -37.67
CA ALA B 524 14.30 -60.41 -36.22
C ALA B 524 13.28 -61.34 -35.58
N SER B 525 12.13 -61.51 -36.20
CA SER B 525 11.07 -62.33 -35.65
C SER B 525 11.01 -63.70 -36.26
N ARG B 526 11.97 -64.07 -37.10
CA ARG B 526 11.95 -65.34 -37.80
C ARG B 526 10.72 -65.49 -38.67
N LYS B 527 10.26 -64.39 -39.27
CA LYS B 527 9.14 -64.44 -40.19
C LYS B 527 9.51 -64.06 -41.62
N LYS B 528 10.54 -63.27 -41.82
CA LYS B 528 10.89 -62.82 -43.15
C LYS B 528 12.31 -63.25 -43.46
N LEU B 529 12.51 -63.73 -44.66
CA LEU B 529 13.80 -64.25 -45.05
C LEU B 529 14.39 -63.34 -46.10
N ALA B 530 15.71 -63.25 -46.13
CA ALA B 530 16.41 -62.41 -47.09
C ALA B 530 17.46 -63.24 -47.78
N VAL B 531 17.44 -63.26 -49.11
CA VAL B 531 18.21 -64.20 -49.88
C VAL B 531 18.97 -63.45 -50.95
N VAL B 532 20.26 -63.76 -51.09
CA VAL B 532 21.12 -63.12 -52.08
C VAL B 532 21.67 -64.19 -52.98
N ASP B 533 21.33 -64.12 -54.27
CA ASP B 533 21.53 -65.27 -55.17
C ASP B 533 22.32 -65.11 -56.47
N GLU B 534 23.64 -64.91 -56.35
CA GLU B 534 24.65 -65.07 -57.39
C GLU B 534 24.15 -64.31 -58.61
N ASN B 535 23.47 -63.21 -58.36
CA ASN B 535 23.13 -62.10 -59.22
C ASN B 535 22.85 -61.10 -58.14
N ASP B 536 23.62 -60.03 -58.07
CA ASP B 536 23.65 -59.30 -56.81
C ASP B 536 22.27 -58.74 -56.63
N THR B 537 21.37 -59.54 -56.06
CA THR B 537 19.94 -59.20 -56.07
C THR B 537 19.33 -59.68 -54.77
N CYS B 538 19.27 -58.78 -53.78
CA CYS B 538 18.65 -59.11 -52.51
C CYS B 538 17.18 -59.40 -52.72
N LEU B 539 16.77 -60.63 -52.49
CA LEU B 539 15.37 -61.00 -52.51
C LEU B 539 14.91 -61.18 -51.07
N VAL B 540 13.73 -60.68 -50.75
CA VAL B 540 13.16 -60.82 -49.41
C VAL B 540 11.87 -61.61 -49.54
N TYR B 541 11.75 -62.66 -48.73
CA TYR B 541 10.58 -63.52 -48.82
C TYR B 541 9.80 -63.50 -47.52
N ASP B 542 8.49 -63.68 -47.63
CA ASP B 542 7.66 -63.97 -46.47
C ASP B 542 7.74 -65.46 -46.23
N ILE B 543 8.33 -65.88 -45.10
CA ILE B 543 8.69 -67.28 -44.97
C ILE B 543 7.50 -68.19 -44.78
N ASP B 544 6.36 -67.67 -44.35
CA ASP B 544 5.22 -68.54 -44.08
C ASP B 544 4.24 -68.61 -45.22
N THR B 545 4.33 -67.70 -46.18
CA THR B 545 3.52 -67.76 -47.39
C THR B 545 4.34 -67.98 -48.64
N LYS B 546 5.62 -68.30 -48.51
CA LYS B 546 6.48 -68.60 -49.66
C LYS B 546 6.39 -67.53 -50.74
N GLU B 547 6.23 -66.28 -50.33
CA GLU B 547 5.87 -65.22 -51.25
C GLU B 547 6.90 -64.10 -51.23
N LEU B 548 7.20 -63.58 -52.42
CA LEU B 548 8.12 -62.46 -52.55
C LEU B 548 7.47 -61.19 -52.01
N LEU B 549 8.31 -60.26 -51.61
CA LEU B 549 7.86 -58.94 -51.20
C LEU B 549 8.48 -57.83 -52.02
N PHE B 550 9.75 -57.93 -52.36
CA PHE B 550 10.43 -56.90 -53.14
C PHE B 550 11.82 -57.41 -53.49
N GLN B 551 12.47 -56.70 -54.39
CA GLN B 551 13.80 -57.05 -54.83
C GLN B 551 14.68 -55.81 -54.77
N GLU B 552 15.97 -56.03 -54.63
CA GLU B 552 16.92 -54.94 -54.79
C GLU B 552 18.06 -55.40 -55.67
N PRO B 553 18.62 -54.50 -56.49
CA PRO B 553 19.52 -54.93 -57.56
C PRO B 553 20.99 -54.92 -57.25
N ASN B 554 21.42 -54.59 -56.03
CA ASN B 554 22.83 -54.73 -55.66
C ASN B 554 22.91 -55.26 -54.24
N ALA B 555 23.53 -56.42 -54.07
CA ALA B 555 23.70 -56.97 -52.73
C ALA B 555 24.83 -57.98 -52.76
N ASN B 556 25.76 -57.85 -51.82
CA ASN B 556 26.64 -58.94 -51.48
C ASN B 556 26.35 -59.50 -50.11
N SER B 557 25.76 -58.72 -49.23
CA SER B 557 25.58 -59.15 -47.86
C SER B 557 24.34 -58.50 -47.32
N VAL B 558 23.51 -59.29 -46.67
CA VAL B 558 22.25 -58.80 -46.14
C VAL B 558 22.21 -59.11 -44.67
N ALA B 559 21.81 -58.14 -43.86
CA ALA B 559 21.64 -58.36 -42.43
C ALA B 559 20.40 -57.64 -41.97
N TRP B 560 19.40 -58.37 -41.53
CA TRP B 560 18.20 -57.75 -41.02
C TRP B 560 18.50 -57.21 -39.65
N ASN B 561 17.74 -56.22 -39.24
CA ASN B 561 17.91 -55.68 -37.90
C ASN B 561 17.66 -56.75 -36.86
N THR B 562 18.52 -56.78 -35.85
CA THR B 562 18.26 -57.69 -34.75
C THR B 562 17.15 -57.16 -33.87
N GLN B 563 16.97 -55.84 -33.82
CA GLN B 563 16.05 -55.27 -32.85
C GLN B 563 14.72 -54.83 -33.42
N CYS B 564 14.68 -54.15 -34.55
CA CYS B 564 13.42 -53.81 -35.19
C CYS B 564 13.20 -54.69 -36.40
N GLU B 565 12.03 -55.30 -36.49
CA GLU B 565 11.80 -56.26 -37.55
C GLU B 565 12.00 -55.64 -38.93
N ASP B 566 11.41 -54.48 -39.16
CA ASP B 566 11.36 -53.90 -40.50
C ASP B 566 12.54 -52.98 -40.67
N MET B 567 13.71 -53.56 -40.89
CA MET B 567 14.90 -52.80 -41.22
C MET B 567 15.91 -53.72 -41.87
N LEU B 568 16.13 -53.51 -43.15
CA LEU B 568 17.08 -54.34 -43.87
C LEU B 568 18.32 -53.51 -44.16
N CYS B 569 19.41 -54.19 -44.47
CA CYS B 569 20.65 -53.49 -44.77
C CYS B 569 21.54 -54.35 -45.65
N PHE B 570 21.58 -54.09 -46.95
CA PHE B 570 22.55 -54.80 -47.78
C PHE B 570 23.73 -53.88 -48.06
N SER B 571 24.72 -54.42 -48.75
CA SER B 571 25.90 -53.63 -49.10
C SER B 571 26.43 -54.15 -50.44
N GLY B 572 26.08 -53.46 -51.50
CA GLY B 572 26.48 -53.97 -52.80
C GLY B 572 27.29 -53.02 -53.63
N GLY B 573 28.47 -53.48 -54.07
CA GLY B 573 29.24 -52.70 -55.01
C GLY B 573 29.86 -51.45 -54.45
N GLY B 574 30.08 -51.38 -53.15
CA GLY B 574 30.66 -50.20 -52.56
C GLY B 574 29.66 -49.21 -52.01
N TYR B 575 28.39 -49.58 -51.93
CA TYR B 575 27.35 -48.71 -51.41
C TYR B 575 26.57 -49.44 -50.35
N LEU B 576 26.48 -48.85 -49.17
CA LEU B 576 25.53 -49.31 -48.18
C LEU B 576 24.12 -48.95 -48.63
N ASN B 577 23.13 -49.69 -48.17
CA ASN B 577 21.74 -49.40 -48.53
C ASN B 577 20.85 -49.87 -47.39
N ILE B 578 20.00 -48.99 -46.86
CA ILE B 578 19.16 -49.37 -45.73
C ILE B 578 17.67 -49.20 -46.01
N LYS B 579 16.97 -50.25 -46.41
CA LYS B 579 15.54 -50.07 -46.64
C LYS B 579 14.79 -50.06 -45.30
N ALA B 580 13.52 -49.70 -45.38
CA ALA B 580 12.59 -49.93 -44.28
C ALA B 580 11.26 -50.35 -44.89
N SER B 581 10.84 -51.57 -44.59
CA SER B 581 9.73 -52.17 -45.31
C SER B 581 9.85 -51.93 -46.81
N THR B 582 8.76 -51.56 -47.46
CA THR B 582 8.76 -51.40 -48.91
C THR B 582 8.89 -49.93 -49.31
N PHE B 583 9.95 -49.29 -48.87
CA PHE B 583 10.22 -47.90 -49.18
C PHE B 583 11.46 -47.80 -50.03
N PRO B 584 11.75 -46.64 -50.59
CA PRO B 584 13.05 -46.45 -51.23
C PRO B 584 14.17 -46.61 -50.22
N VAL B 585 15.36 -46.78 -50.74
CA VAL B 585 16.54 -47.03 -49.93
C VAL B 585 17.18 -45.70 -49.58
N HIS B 586 18.11 -45.73 -48.63
CA HIS B 586 18.96 -44.58 -48.30
C HIS B 586 20.41 -45.03 -48.47
N ARG B 587 20.98 -44.80 -49.64
CA ARG B 587 22.30 -45.31 -49.90
C ARG B 587 23.37 -44.27 -49.61
N GLN B 588 24.41 -44.69 -48.90
CA GLN B 588 25.62 -43.93 -48.68
C GLN B 588 26.72 -44.53 -49.54
N LYS B 589 27.96 -44.14 -49.28
CA LYS B 589 29.10 -44.83 -49.83
C LYS B 589 29.85 -45.55 -48.71
N LEU B 590 30.55 -46.60 -49.08
CA LEU B 590 31.10 -47.51 -48.09
C LEU B 590 32.09 -48.45 -48.76
N GLN B 591 33.17 -48.75 -48.05
CA GLN B 591 34.12 -49.76 -48.48
C GLN B 591 34.01 -50.95 -47.55
N GLY B 592 33.65 -52.10 -48.08
CA GLY B 592 33.51 -53.28 -47.27
C GLY B 592 32.20 -53.96 -47.57
N PHE B 593 31.68 -54.66 -46.57
CA PHE B 593 30.42 -55.35 -46.71
C PHE B 593 29.83 -55.54 -45.32
N VAL B 594 28.53 -55.72 -45.26
CA VAL B 594 27.84 -55.76 -43.98
C VAL B 594 28.06 -57.10 -43.30
N VAL B 595 28.29 -57.03 -41.99
CA VAL B 595 28.43 -58.22 -41.18
C VAL B 595 27.31 -58.37 -40.16
N GLY B 596 26.75 -57.28 -39.66
CA GLY B 596 25.67 -57.34 -38.69
C GLY B 596 24.90 -56.05 -38.71
N TYR B 597 23.84 -55.97 -37.91
CA TYR B 597 23.06 -54.74 -37.84
C TYR B 597 22.32 -54.74 -36.50
N ASN B 598 22.87 -54.08 -35.50
CA ASN B 598 22.27 -54.04 -34.18
C ASN B 598 21.81 -52.64 -33.87
N GLY B 599 20.56 -52.49 -33.52
CA GLY B 599 20.07 -51.19 -33.11
C GLY B 599 20.25 -50.21 -34.23
N SER B 600 21.16 -49.26 -34.04
CA SER B 600 21.41 -48.21 -35.01
C SER B 600 22.78 -48.33 -35.67
N LYS B 601 23.38 -49.51 -35.69
CA LYS B 601 24.79 -49.63 -36.09
C LYS B 601 25.02 -50.67 -37.18
N ILE B 602 25.37 -50.20 -38.37
CA ILE B 602 25.76 -51.04 -39.48
C ILE B 602 27.18 -51.52 -39.17
N PHE B 603 27.39 -52.80 -38.92
CA PHE B 603 28.75 -53.26 -38.72
C PHE B 603 29.36 -53.65 -40.06
N CYS B 604 30.26 -52.83 -40.57
CA CYS B 604 30.91 -53.10 -41.85
C CYS B 604 32.34 -53.53 -41.61
N LEU B 605 32.81 -54.45 -42.44
CA LEU B 605 34.13 -55.03 -42.34
C LEU B 605 34.95 -54.60 -43.55
N HIS B 606 36.17 -54.15 -43.32
CA HIS B 606 37.03 -53.73 -44.41
C HIS B 606 38.48 -53.99 -44.03
N VAL B 607 39.06 -55.06 -44.57
CA VAL B 607 40.46 -55.38 -44.38
C VAL B 607 40.74 -55.57 -42.89
N PHE B 608 39.98 -56.45 -42.25
CA PHE B 608 40.14 -56.86 -40.86
C PHE B 608 39.72 -55.77 -39.89
N SER B 609 39.17 -54.67 -40.36
CA SER B 609 38.82 -53.55 -39.49
C SER B 609 37.31 -53.49 -39.39
N ILE B 610 36.77 -53.88 -38.24
CA ILE B 610 35.36 -53.65 -38.02
C ILE B 610 35.11 -52.16 -37.93
N SER B 611 33.92 -51.74 -38.32
CA SER B 611 33.55 -50.34 -38.25
C SER B 611 32.05 -50.25 -38.09
N ALA B 612 31.61 -49.29 -37.29
CA ALA B 612 30.20 -49.13 -37.02
C ALA B 612 29.71 -47.88 -37.71
N VAL B 613 28.80 -48.05 -38.65
CA VAL B 613 28.17 -46.94 -39.34
C VAL B 613 26.86 -46.67 -38.63
N GLU B 614 26.65 -45.43 -38.22
CA GLU B 614 25.45 -45.09 -37.46
C GLU B 614 24.33 -44.83 -38.46
N VAL B 615 23.30 -45.63 -38.38
CA VAL B 615 22.14 -45.48 -39.27
C VAL B 615 21.45 -44.16 -38.97
N PRO B 616 21.04 -43.41 -39.97
CA PRO B 616 20.15 -42.27 -39.74
C PRO B 616 18.72 -42.76 -39.57
N GLN B 617 18.23 -42.76 -38.34
CA GLN B 617 16.84 -43.16 -38.12
C GLN B 617 15.85 -42.08 -38.52
N SER B 618 16.28 -40.84 -38.61
CA SER B 618 15.34 -39.77 -38.91
C SER B 618 14.78 -39.91 -40.32
N ALA B 619 15.60 -40.34 -41.26
CA ALA B 619 15.09 -40.48 -42.62
C ALA B 619 14.00 -41.52 -42.73
N PRO B 620 14.14 -42.75 -42.22
CA PRO B 620 12.99 -43.64 -42.21
C PRO B 620 11.85 -43.13 -41.38
N MET B 621 12.11 -42.37 -40.31
CA MET B 621 10.99 -41.80 -39.57
C MET B 621 10.16 -40.90 -40.47
N TYR B 622 10.81 -40.04 -41.24
CA TYR B 622 10.05 -39.14 -42.11
C TYR B 622 9.37 -39.92 -43.22
N GLN B 623 10.02 -40.98 -43.68
CA GLN B 623 9.38 -41.83 -44.67
C GLN B 623 8.08 -42.39 -44.12
N TYR B 624 8.08 -42.79 -42.85
CA TYR B 624 6.88 -43.33 -42.24
C TYR B 624 5.84 -42.25 -42.01
N LEU B 625 6.28 -41.04 -41.69
CA LEU B 625 5.32 -39.98 -41.42
C LEU B 625 4.57 -39.57 -42.67
N ASP B 626 5.25 -39.52 -43.81
CA ASP B 626 4.57 -39.09 -45.02
C ASP B 626 3.46 -40.05 -45.42
N ARG B 627 3.61 -41.33 -45.12
CA ARG B 627 2.55 -42.29 -45.42
C ARG B 627 1.51 -42.36 -44.33
N LYS B 628 1.58 -41.53 -43.30
CA LYS B 628 0.63 -41.60 -42.20
C LYS B 628 0.64 -42.95 -41.52
N LEU B 629 1.83 -43.47 -41.30
CA LEU B 629 2.04 -44.59 -40.40
C LEU B 629 2.71 -44.01 -39.17
N PHE B 630 1.91 -43.78 -38.13
CA PHE B 630 2.44 -43.15 -36.93
C PHE B 630 3.02 -44.14 -35.94
N LYS B 631 2.37 -45.29 -35.74
CA LYS B 631 2.91 -46.26 -34.79
C LYS B 631 4.28 -46.76 -35.25
N GLU B 632 4.42 -47.08 -36.53
CA GLU B 632 5.74 -47.46 -37.00
C GLU B 632 6.73 -46.32 -36.91
N ALA B 633 6.28 -45.10 -37.20
CA ALA B 633 7.19 -43.98 -37.12
C ALA B 633 7.75 -43.86 -35.73
N TYR B 634 6.91 -44.05 -34.72
CA TYR B 634 7.42 -44.03 -33.35
C TYR B 634 8.33 -45.21 -33.08
N GLN B 635 8.00 -46.39 -33.60
CA GLN B 635 8.84 -47.55 -33.34
C GLN B 635 10.25 -47.29 -33.85
N ILE B 636 10.37 -46.62 -34.99
CA ILE B 636 11.69 -46.31 -35.54
C ILE B 636 12.33 -45.16 -34.77
N ALA B 637 11.52 -44.18 -34.39
CA ALA B 637 12.08 -43.03 -33.68
C ALA B 637 12.71 -43.45 -32.37
N CYS B 638 12.18 -44.48 -31.72
CA CYS B 638 12.73 -44.90 -30.44
C CYS B 638 14.19 -45.30 -30.55
N LEU B 639 14.66 -45.63 -31.74
CA LEU B 639 16.05 -46.07 -31.84
C LEU B 639 17.02 -44.93 -31.60
N GLY B 640 16.53 -43.69 -31.53
CA GLY B 640 17.35 -42.55 -31.19
C GLY B 640 17.39 -41.49 -32.27
N VAL B 641 16.68 -40.40 -32.04
CA VAL B 641 16.58 -39.30 -32.98
C VAL B 641 16.68 -37.99 -32.19
N THR B 642 16.77 -36.88 -32.91
CA THR B 642 16.99 -35.62 -32.24
C THR B 642 15.71 -35.18 -31.55
N ASP B 643 15.75 -34.01 -30.91
CA ASP B 643 14.53 -33.53 -30.28
C ASP B 643 13.62 -32.82 -31.27
N THR B 644 14.19 -32.18 -32.29
CA THR B 644 13.33 -31.57 -33.29
C THR B 644 12.53 -32.62 -34.05
N ASP B 645 13.15 -33.75 -34.37
CA ASP B 645 12.40 -34.82 -35.02
C ASP B 645 11.32 -35.36 -34.10
N TRP B 646 11.62 -35.49 -32.81
CA TRP B 646 10.60 -35.93 -31.88
C TRP B 646 9.42 -34.99 -31.89
N ARG B 647 9.70 -33.68 -31.88
CA ARG B 647 8.63 -32.70 -31.87
C ARG B 647 7.84 -32.73 -33.16
N GLU B 648 8.52 -32.91 -34.29
CA GLU B 648 7.83 -33.00 -35.56
C GLU B 648 6.90 -34.20 -35.59
N LEU B 649 7.37 -35.34 -35.10
CA LEU B 649 6.53 -36.52 -35.04
C LEU B 649 5.35 -36.27 -34.12
N ALA B 650 5.56 -35.55 -33.03
CA ALA B 650 4.47 -35.28 -32.11
C ALA B 650 3.40 -34.42 -32.77
N MET B 651 3.81 -33.35 -33.44
CA MET B 651 2.83 -32.52 -34.14
C MET B 651 2.06 -33.34 -35.16
N GLU B 652 2.78 -34.14 -35.95
CA GLU B 652 2.11 -34.85 -37.02
C GLU B 652 1.25 -35.98 -36.48
N ALA B 653 1.54 -36.46 -35.29
CA ALA B 653 0.61 -37.37 -34.66
C ALA B 653 -0.66 -36.64 -34.29
N LEU B 654 -0.53 -35.46 -33.68
CA LEU B 654 -1.74 -34.73 -33.32
C LEU B 654 -2.62 -34.48 -34.54
N GLU B 655 -2.05 -33.89 -35.59
CA GLU B 655 -2.92 -33.55 -36.70
C GLU B 655 -3.51 -34.80 -37.33
N GLY B 656 -2.81 -35.90 -37.26
CA GLY B 656 -3.36 -37.13 -37.78
C GLY B 656 -4.27 -37.85 -36.85
N LEU B 657 -4.47 -37.33 -35.64
CA LEU B 657 -5.36 -37.95 -34.67
C LEU B 657 -4.93 -39.37 -34.33
N ASP B 658 -3.67 -39.51 -33.93
CA ASP B 658 -3.22 -40.71 -33.26
C ASP B 658 -2.70 -40.23 -31.93
N PHE B 659 -3.59 -40.07 -30.96
CA PHE B 659 -3.19 -39.41 -29.73
C PHE B 659 -2.29 -40.24 -28.85
N GLU B 660 -2.28 -41.56 -28.98
CA GLU B 660 -1.37 -42.35 -28.18
C GLU B 660 0.08 -42.12 -28.60
N THR B 661 0.34 -42.15 -29.91
CA THR B 661 1.66 -41.81 -30.39
C THR B 661 2.03 -40.38 -30.02
N ALA B 662 1.06 -39.47 -30.09
CA ALA B 662 1.34 -38.10 -29.69
C ALA B 662 1.71 -38.03 -28.22
N LYS B 663 1.02 -38.79 -27.37
CA LYS B 663 1.36 -38.78 -25.96
C LYS B 663 2.78 -39.27 -25.74
N LYS B 664 3.14 -40.39 -26.37
CA LYS B 664 4.49 -40.90 -26.14
C LYS B 664 5.55 -39.96 -26.71
N ALA B 665 5.29 -39.38 -27.87
CA ALA B 665 6.24 -38.44 -28.43
C ALA B 665 6.44 -37.23 -27.51
N PHE B 666 5.34 -36.61 -27.09
CA PHE B 666 5.46 -35.41 -26.28
C PHE B 666 6.03 -35.72 -24.91
N ILE B 667 5.71 -36.89 -24.37
CA ILE B 667 6.39 -37.31 -23.16
C ILE B 667 7.88 -37.28 -23.38
N ARG B 668 8.33 -37.80 -24.53
CA ARG B 668 9.77 -37.80 -24.78
C ARG B 668 10.34 -36.44 -25.14
N VAL B 669 9.52 -35.44 -25.41
CA VAL B 669 10.02 -34.08 -25.47
C VAL B 669 9.70 -33.31 -24.18
N GLN B 670 8.69 -33.73 -23.43
CA GLN B 670 8.27 -33.12 -22.17
C GLN B 670 7.79 -31.68 -22.35
N ASP B 671 6.66 -31.56 -23.05
CA ASP B 671 5.88 -30.32 -23.18
C ASP B 671 4.62 -30.48 -22.36
N LEU B 672 4.53 -29.76 -21.25
CA LEU B 672 3.31 -29.88 -20.44
C LEU B 672 2.12 -29.24 -21.12
N ARG B 673 2.34 -28.21 -21.95
CA ARG B 673 1.23 -27.57 -22.62
C ARG B 673 0.54 -28.52 -23.58
N TYR B 674 1.29 -29.14 -24.49
CA TYR B 674 0.66 -30.03 -25.44
C TYR B 674 0.12 -31.29 -24.78
N LEU B 675 0.81 -31.80 -23.76
CA LEU B 675 0.30 -32.97 -23.06
C LEU B 675 -1.01 -32.65 -22.37
N GLU B 676 -1.12 -31.48 -21.75
CA GLU B 676 -2.38 -31.17 -21.11
C GLU B 676 -3.48 -30.94 -22.13
N LEU B 677 -3.14 -30.40 -23.30
CA LEU B 677 -4.13 -30.36 -24.38
C LEU B 677 -4.63 -31.74 -24.75
N ILE B 678 -3.70 -32.67 -24.96
CA ILE B 678 -4.10 -34.01 -25.39
C ILE B 678 -4.90 -34.71 -24.31
N SER B 679 -4.53 -34.53 -23.05
CA SER B 679 -5.31 -35.10 -21.97
C SER B 679 -6.70 -34.47 -21.92
N SER B 680 -6.80 -33.17 -22.20
CA SER B 680 -8.11 -32.54 -22.23
C SER B 680 -8.97 -33.14 -23.33
N ILE B 681 -8.38 -33.35 -24.51
CA ILE B 681 -9.14 -33.94 -25.61
C ILE B 681 -9.57 -35.35 -25.27
N GLU B 682 -8.68 -36.12 -24.64
CA GLU B 682 -9.02 -37.48 -24.28
C GLU B 682 -10.12 -37.52 -23.23
N GLU B 683 -10.08 -36.60 -22.26
CA GLU B 683 -11.13 -36.60 -21.24
C GLU B 683 -12.44 -36.12 -21.83
N ARG B 684 -12.39 -35.31 -22.89
CA ARG B 684 -13.62 -35.00 -23.61
C ARG B 684 -14.16 -36.23 -24.30
N LYS B 685 -13.31 -36.95 -25.03
CA LYS B 685 -13.76 -38.11 -25.77
C LYS B 685 -14.21 -39.23 -24.86
N LYS B 686 -13.69 -39.28 -23.63
CA LYS B 686 -14.20 -40.23 -22.65
C LYS B 686 -15.68 -40.00 -22.39
N ARG B 687 -16.08 -38.74 -22.27
CA ARG B 687 -17.48 -38.38 -22.29
C ARG B 687 -17.95 -38.26 -23.74
N GLY B 688 -19.23 -37.97 -23.92
CA GLY B 688 -19.79 -37.88 -25.25
C GLY B 688 -19.10 -36.79 -26.05
N GLU B 689 -18.13 -37.17 -26.88
CA GLU B 689 -17.47 -36.26 -27.80
C GLU B 689 -16.87 -37.08 -28.93
N THR B 690 -17.49 -37.06 -30.10
CA THR B 690 -17.04 -37.88 -31.21
C THR B 690 -16.53 -37.10 -32.41
N ASN B 691 -17.00 -35.87 -32.61
CA ASN B 691 -16.67 -35.13 -33.82
C ASN B 691 -15.17 -34.98 -34.00
N ASN B 692 -14.71 -35.27 -35.20
CA ASN B 692 -13.29 -35.18 -35.48
C ASN B 692 -12.85 -33.83 -36.02
N ASP B 693 -13.77 -32.97 -36.42
CA ASP B 693 -13.34 -31.66 -36.88
C ASP B 693 -13.22 -30.66 -35.74
N LEU B 694 -13.96 -30.84 -34.65
CA LEU B 694 -13.71 -30.01 -33.48
C LEU B 694 -12.32 -30.27 -32.93
N PHE B 695 -11.92 -31.53 -32.82
CA PHE B 695 -10.61 -31.82 -32.25
C PHE B 695 -9.49 -31.30 -33.14
N LEU B 696 -9.60 -31.52 -34.45
CA LEU B 696 -8.58 -30.99 -35.34
C LEU B 696 -8.58 -29.47 -35.34
N ALA B 697 -9.75 -28.86 -35.22
CA ALA B 697 -9.79 -27.42 -35.12
C ALA B 697 -9.09 -26.95 -33.87
N ASP B 698 -9.29 -27.65 -32.75
CA ASP B 698 -8.61 -27.28 -31.53
C ASP B 698 -7.11 -27.38 -31.71
N VAL B 699 -6.65 -28.43 -32.38
CA VAL B 699 -5.23 -28.63 -32.55
C VAL B 699 -4.63 -27.54 -33.42
N PHE B 700 -5.26 -27.24 -34.55
CA PHE B 700 -4.78 -26.15 -35.38
C PHE B 700 -4.80 -24.84 -34.63
N SER B 701 -5.88 -24.56 -33.90
CA SER B 701 -5.94 -23.34 -33.13
C SER B 701 -4.81 -23.27 -32.13
N TYR B 702 -4.44 -24.42 -31.57
CA TYR B 702 -3.60 -24.40 -30.40
C TYR B 702 -2.14 -24.37 -30.82
N GLN B 703 -1.87 -24.74 -32.07
CA GLN B 703 -0.55 -24.47 -32.63
C GLN B 703 -0.42 -23.01 -33.06
N GLY B 704 -1.43 -22.46 -33.70
CA GLY B 704 -1.32 -21.08 -34.11
C GLY B 704 -1.60 -20.80 -35.57
N LYS B 705 -2.32 -21.69 -36.24
CA LYS B 705 -2.78 -21.39 -37.59
C LYS B 705 -3.75 -20.22 -37.59
N PHE B 706 -4.80 -20.29 -36.77
CA PHE B 706 -5.78 -19.22 -36.61
C PHE B 706 -6.65 -19.01 -37.84
N HIS B 707 -6.39 -19.72 -38.92
CA HIS B 707 -7.27 -19.57 -40.07
C HIS B 707 -7.76 -20.89 -40.61
N GLU B 708 -6.89 -21.89 -40.73
CA GLU B 708 -7.38 -23.22 -41.04
C GLU B 708 -8.20 -23.76 -39.89
N ALA B 709 -7.79 -23.46 -38.67
CA ALA B 709 -8.61 -23.80 -37.52
C ALA B 709 -9.97 -23.15 -37.62
N ALA B 710 -10.02 -21.91 -38.11
CA ALA B 710 -11.30 -21.23 -38.26
C ALA B 710 -12.25 -22.01 -39.16
N LYS B 711 -11.79 -22.39 -40.36
CA LYS B 711 -12.66 -23.11 -41.27
C LYS B 711 -13.04 -24.47 -40.71
N LEU B 712 -12.10 -25.15 -40.04
CA LEU B 712 -12.47 -26.42 -39.44
C LEU B 712 -13.55 -26.24 -38.39
N TYR B 713 -13.47 -25.19 -37.58
CA TYR B 713 -14.54 -24.94 -36.64
C TYR B 713 -15.85 -24.68 -37.36
N LYS B 714 -15.80 -23.87 -38.42
CA LYS B 714 -16.99 -23.56 -39.21
C LYS B 714 -17.67 -24.80 -39.73
N ARG B 715 -16.88 -25.71 -40.30
CA ARG B 715 -17.44 -26.89 -40.95
C ARG B 715 -18.21 -27.75 -39.96
N SER B 716 -17.63 -28.00 -38.79
CA SER B 716 -18.41 -28.58 -37.71
C SER B 716 -19.47 -27.58 -37.27
N GLY B 717 -20.44 -28.05 -36.49
CA GLY B 717 -21.53 -27.16 -36.16
C GLY B 717 -21.17 -26.30 -34.96
N HIS B 718 -20.01 -25.65 -35.04
CA HIS B 718 -19.57 -24.70 -34.04
C HIS B 718 -18.83 -23.54 -34.72
N GLU B 719 -19.55 -22.48 -35.09
CA GLU B 719 -18.87 -21.23 -35.35
C GLU B 719 -18.68 -20.43 -34.09
N ASN B 720 -19.52 -20.67 -33.08
CA ASN B 720 -19.36 -19.98 -31.82
C ASN B 720 -17.95 -20.15 -31.27
N LEU B 721 -17.37 -21.33 -31.47
CA LEU B 721 -15.99 -21.54 -31.07
C LEU B 721 -15.04 -20.65 -31.87
N ALA B 722 -15.30 -20.48 -33.16
CA ALA B 722 -14.45 -19.60 -33.95
C ALA B 722 -14.57 -18.17 -33.45
N LEU B 723 -15.78 -17.76 -33.10
CA LEU B 723 -15.99 -16.42 -32.58
C LEU B 723 -15.21 -16.21 -31.30
N GLU B 724 -15.26 -17.20 -30.41
CA GLU B 724 -14.49 -17.08 -29.18
C GLU B 724 -13.00 -17.00 -29.48
N MET B 725 -12.52 -17.79 -30.44
CA MET B 725 -11.10 -17.73 -30.80
C MET B 725 -10.71 -16.33 -31.26
N TYR B 726 -11.44 -15.79 -32.22
CA TYR B 726 -11.05 -14.49 -32.73
C TYR B 726 -11.25 -13.37 -31.74
N THR B 727 -12.22 -13.50 -30.83
CA THR B 727 -12.35 -12.44 -29.84
C THR B 727 -11.22 -12.52 -28.82
N ASP B 728 -10.77 -13.73 -28.51
CA ASP B 728 -9.64 -13.87 -27.59
C ASP B 728 -8.38 -13.29 -28.18
N LEU B 729 -8.16 -13.48 -29.48
CA LEU B 729 -7.03 -12.83 -30.11
C LEU B 729 -7.32 -11.38 -30.42
N CYS B 730 -8.53 -10.91 -30.13
CA CYS B 730 -8.93 -9.53 -30.38
C CYS B 730 -8.69 -9.14 -31.84
N MET B 731 -8.84 -10.10 -32.72
CA MET B 731 -8.67 -9.88 -34.15
C MET B 731 -10.02 -9.55 -34.78
N PHE B 732 -10.67 -8.53 -34.21
CA PHE B 732 -12.09 -8.32 -34.43
C PHE B 732 -12.45 -8.11 -35.89
N GLU B 733 -11.52 -7.63 -36.70
CA GLU B 733 -11.83 -7.52 -38.12
C GLU B 733 -12.30 -8.86 -38.65
N TYR B 734 -11.68 -9.96 -38.20
CA TYR B 734 -12.08 -11.28 -38.68
C TYR B 734 -13.37 -11.76 -38.02
N ALA B 735 -13.55 -11.49 -36.73
CA ALA B 735 -14.75 -12.02 -36.08
C ALA B 735 -16.02 -11.35 -36.57
N LYS B 736 -15.90 -10.35 -37.45
CA LYS B 736 -17.09 -9.75 -38.03
C LYS B 736 -17.88 -10.77 -38.83
N ASP B 737 -17.18 -11.62 -39.60
CA ASP B 737 -17.83 -12.62 -40.46
C ASP B 737 -17.70 -14.02 -39.88
N PHE B 738 -17.86 -14.13 -38.56
CA PHE B 738 -18.18 -15.39 -37.92
C PHE B 738 -19.30 -15.20 -36.92
N LEU B 739 -20.17 -14.24 -37.18
CA LEU B 739 -21.38 -14.07 -36.39
C LEU B 739 -22.55 -14.80 -37.04
N GLY B 740 -22.35 -16.10 -37.28
CA GLY B 740 -23.34 -16.88 -38.00
C GLY B 740 -24.69 -16.96 -37.31
N SER B 741 -24.70 -16.96 -35.97
CA SER B 741 -25.96 -17.08 -35.25
C SER B 741 -26.88 -15.89 -35.51
N GLY B 742 -26.33 -14.68 -35.55
CA GLY B 742 -27.13 -13.49 -35.73
C GLY B 742 -26.90 -12.47 -34.63
N ASP B 743 -27.97 -11.88 -34.11
CA ASP B 743 -27.87 -10.93 -33.00
C ASP B 743 -28.83 -11.31 -31.87
N PRO B 744 -28.66 -12.51 -31.28
CA PRO B 744 -29.41 -12.85 -30.07
C PRO B 744 -28.64 -12.47 -28.81
N LYS B 745 -28.39 -11.17 -28.65
CA LYS B 745 -27.46 -10.64 -27.66
C LYS B 745 -26.05 -11.20 -27.86
N GLU B 746 -25.69 -11.48 -29.10
CA GLU B 746 -24.31 -11.81 -29.46
C GLU B 746 -23.55 -10.62 -30.00
N THR B 747 -24.16 -9.86 -30.91
CA THR B 747 -23.47 -8.74 -31.52
C THR B 747 -23.02 -7.74 -30.47
N LYS B 748 -23.85 -7.56 -29.44
CA LYS B 748 -23.44 -6.75 -28.31
C LYS B 748 -22.17 -7.29 -27.69
N MET B 749 -22.08 -8.62 -27.52
CA MET B 749 -20.89 -9.19 -26.89
C MET B 749 -19.65 -8.92 -27.71
N LEU B 750 -19.75 -9.13 -29.03
CA LEU B 750 -18.59 -8.88 -29.88
C LEU B 750 -18.16 -7.42 -29.83
N ILE B 751 -19.10 -6.50 -30.00
CA ILE B 751 -18.69 -5.09 -30.07
C ILE B 751 -18.17 -4.63 -28.73
N THR B 752 -18.76 -5.11 -27.63
CA THR B 752 -18.25 -4.75 -26.31
C THR B 752 -16.85 -5.28 -26.10
N LYS B 753 -16.56 -6.50 -26.55
CA LYS B 753 -15.20 -7.01 -26.45
C LYS B 753 -14.24 -6.16 -27.27
N GLN B 754 -14.65 -5.76 -28.48
CA GLN B 754 -13.80 -4.88 -29.27
C GLN B 754 -13.53 -3.57 -28.54
N ALA B 755 -14.57 -2.95 -28.02
CA ALA B 755 -14.42 -1.63 -27.41
C ALA B 755 -13.59 -1.72 -26.13
N ASP B 756 -13.75 -2.80 -25.39
CA ASP B 756 -12.89 -3.01 -24.23
C ASP B 756 -11.44 -3.09 -24.65
N TRP B 757 -11.16 -3.80 -25.75
CA TRP B 757 -9.80 -3.83 -26.25
C TRP B 757 -9.34 -2.43 -26.59
N ALA B 758 -10.18 -1.67 -27.28
CA ALA B 758 -9.78 -0.34 -27.74
C ALA B 758 -9.43 0.57 -26.57
N ARG B 759 -10.22 0.51 -25.51
CA ARG B 759 -9.86 1.27 -24.32
C ARG B 759 -8.57 0.75 -23.71
N ASN B 760 -8.39 -0.57 -23.69
CA ASN B 760 -7.24 -1.15 -22.99
C ASN B 760 -5.93 -0.78 -23.66
N ILE B 761 -5.92 -0.45 -24.93
CA ILE B 761 -4.68 -0.12 -25.61
C ILE B 761 -4.46 1.37 -25.61
N LYS B 762 -5.28 2.10 -24.86
CA LYS B 762 -5.21 3.55 -24.75
C LYS B 762 -5.44 4.21 -26.11
N GLU B 763 -6.60 3.91 -26.69
CA GLU B 763 -7.15 4.64 -27.83
C GLU B 763 -8.56 5.10 -27.49
N PRO B 764 -8.72 5.82 -26.38
CA PRO B 764 -10.08 6.03 -25.83
C PRO B 764 -11.04 6.70 -26.79
N LYS B 765 -10.57 7.59 -27.65
CA LYS B 765 -11.45 8.31 -28.56
C LYS B 765 -12.32 7.34 -29.36
N ALA B 766 -11.68 6.38 -30.02
CA ALA B 766 -12.44 5.39 -30.79
C ALA B 766 -13.30 4.53 -29.87
N ALA B 767 -12.76 4.16 -28.72
CA ALA B 767 -13.50 3.35 -27.76
C ALA B 767 -14.81 4.03 -27.37
N VAL B 768 -14.83 5.36 -27.40
CA VAL B 768 -16.04 6.09 -27.05
C VAL B 768 -17.20 5.60 -27.90
N GLU B 769 -17.09 5.80 -29.22
CA GLU B 769 -18.16 5.38 -30.10
C GLU B 769 -18.31 3.87 -30.11
N MET B 770 -17.20 3.15 -29.90
CA MET B 770 -17.28 1.70 -29.92
C MET B 770 -18.28 1.19 -28.88
N TYR B 771 -18.18 1.69 -27.64
CA TYR B 771 -19.29 1.53 -26.72
C TYR B 771 -20.61 2.05 -27.25
N ILE B 772 -20.61 3.20 -27.92
CA ILE B 772 -21.88 3.85 -28.28
C ILE B 772 -22.72 2.94 -29.16
N SER B 773 -22.07 2.15 -30.02
CA SER B 773 -22.84 1.28 -30.90
C SER B 773 -23.71 0.32 -30.11
N ALA B 774 -23.13 -0.32 -29.10
CA ALA B 774 -23.89 -1.24 -28.26
C ALA B 774 -24.48 -0.50 -27.07
N GLY B 775 -25.29 -1.22 -26.29
CA GLY B 775 -25.88 -0.62 -25.11
C GLY B 775 -24.88 -0.47 -24.00
N GLU B 776 -23.89 0.41 -24.18
CA GLU B 776 -22.81 0.59 -23.22
C GLU B 776 -22.80 1.98 -22.60
N HIS B 777 -23.95 2.64 -22.56
CA HIS B 777 -24.03 4.01 -22.06
C HIS B 777 -23.39 4.15 -20.69
N VAL B 778 -23.51 3.12 -19.86
CA VAL B 778 -22.77 3.12 -18.60
C VAL B 778 -21.28 3.23 -18.88
N LYS B 779 -20.75 2.30 -19.68
CA LYS B 779 -19.33 2.30 -19.99
C LYS B 779 -18.92 3.56 -20.75
N ALA B 780 -19.74 3.97 -21.71
CA ALA B 780 -19.44 5.15 -22.50
C ALA B 780 -19.34 6.38 -21.62
N ILE B 781 -20.36 6.62 -20.80
CA ILE B 781 -20.33 7.75 -19.87
C ILE B 781 -19.11 7.65 -18.97
N GLU B 782 -18.87 6.45 -18.43
CA GLU B 782 -17.75 6.25 -17.53
C GLU B 782 -16.46 6.78 -18.14
N ILE B 783 -16.07 6.24 -19.30
CA ILE B 783 -14.81 6.66 -19.92
C ILE B 783 -14.85 8.14 -20.31
N CYS B 784 -15.95 8.57 -20.92
CA CYS B 784 -16.07 9.96 -21.33
C CYS B 784 -15.77 10.89 -20.18
N GLY B 785 -16.35 10.63 -19.02
CA GLY B 785 -16.04 11.42 -17.84
C GLY B 785 -14.62 11.19 -17.35
N ASP B 786 -14.13 9.96 -17.46
CA ASP B 786 -12.79 9.63 -17.00
C ASP B 786 -11.77 10.56 -17.64
N HIS B 787 -11.97 10.91 -18.90
CA HIS B 787 -11.23 12.02 -19.48
C HIS B 787 -12.05 13.29 -19.63
N GLY B 788 -13.36 13.24 -19.45
CA GLY B 788 -14.14 14.45 -19.44
C GLY B 788 -14.29 15.10 -20.80
N TRP B 789 -14.95 14.39 -21.72
CA TRP B 789 -15.32 14.96 -23.02
C TRP B 789 -16.57 15.84 -22.86
N VAL B 790 -16.42 16.90 -22.08
CA VAL B 790 -17.50 17.86 -21.91
C VAL B 790 -17.92 18.46 -23.25
N ASP B 791 -17.08 18.34 -24.26
CA ASP B 791 -17.47 18.61 -25.63
C ASP B 791 -18.33 17.51 -26.22
N MET B 792 -18.35 16.32 -25.62
CA MET B 792 -19.09 15.20 -26.19
C MET B 792 -20.22 14.69 -25.29
N LEU B 793 -19.98 14.56 -23.98
CA LEU B 793 -21.03 14.06 -23.09
C LEU B 793 -22.34 14.78 -23.31
N ILE B 794 -22.26 16.08 -23.61
CA ILE B 794 -23.48 16.83 -23.92
C ILE B 794 -24.20 16.17 -25.09
N ASP B 795 -23.48 15.94 -26.19
CA ASP B 795 -24.13 15.38 -27.37
C ASP B 795 -24.71 14.01 -27.09
N ILE B 796 -23.93 13.14 -26.43
CA ILE B 796 -24.43 11.78 -26.17
C ILE B 796 -25.64 11.81 -25.25
N ALA B 797 -25.54 12.50 -24.11
CA ALA B 797 -26.65 12.50 -23.16
C ALA B 797 -27.88 13.16 -23.76
N ARG B 798 -27.69 14.22 -24.55
CA ARG B 798 -28.80 14.80 -25.29
C ARG B 798 -29.41 13.76 -26.21
N LYS B 799 -28.57 13.01 -26.93
CA LYS B 799 -29.05 11.89 -27.71
C LYS B 799 -29.60 10.79 -26.82
N LEU B 800 -29.03 10.62 -25.63
CA LEU B 800 -29.62 9.68 -24.67
C LEU B 800 -31.00 10.16 -24.28
N ASP B 801 -31.94 9.22 -24.19
CA ASP B 801 -33.33 9.55 -23.90
C ASP B 801 -33.88 8.55 -22.90
N LYS B 802 -35.19 8.63 -22.66
CA LYS B 802 -35.93 7.69 -21.82
C LYS B 802 -35.48 7.74 -20.36
N ALA B 803 -34.85 8.83 -19.97
CA ALA B 803 -34.54 9.16 -18.58
C ALA B 803 -34.04 7.96 -17.79
N GLU B 804 -32.95 7.37 -18.27
CA GLU B 804 -32.36 6.22 -17.62
C GLU B 804 -31.75 6.62 -16.27
N ARG B 805 -31.94 5.75 -15.27
CA ARG B 805 -31.61 6.08 -13.88
C ARG B 805 -30.20 6.64 -13.71
N GLU B 806 -29.21 5.81 -13.96
CA GLU B 806 -27.80 6.23 -13.91
C GLU B 806 -27.08 5.99 -15.25
N PRO B 807 -27.74 6.26 -16.38
CA PRO B 807 -27.00 6.61 -17.60
C PRO B 807 -27.33 8.01 -18.10
N LEU B 808 -28.61 8.27 -18.39
CA LEU B 808 -28.98 9.62 -18.81
C LEU B 808 -28.74 10.61 -17.68
N LEU B 809 -28.83 10.18 -16.43
CA LEU B 809 -28.47 11.02 -15.31
C LEU B 809 -27.02 10.85 -14.88
N LEU B 810 -26.28 9.90 -15.47
CA LEU B 810 -24.89 9.70 -15.10
C LEU B 810 -23.98 10.77 -15.67
N CYS B 811 -24.17 11.10 -16.95
CA CYS B 811 -23.46 12.25 -17.49
C CYS B 811 -23.79 13.50 -16.70
N ALA B 812 -25.03 13.64 -16.24
CA ALA B 812 -25.38 14.74 -15.36
C ALA B 812 -24.54 14.70 -14.10
N THR B 813 -24.48 13.54 -13.46
CA THR B 813 -23.67 13.36 -12.25
C THR B 813 -22.24 13.82 -12.49
N TYR B 814 -21.71 13.55 -13.68
CA TYR B 814 -20.34 13.92 -13.97
C TYR B 814 -20.16 15.36 -14.45
N LEU B 815 -21.24 16.02 -14.89
CA LEU B 815 -21.08 17.38 -15.41
C LEU B 815 -20.73 18.37 -14.31
N LYS B 816 -21.25 18.16 -13.09
CA LYS B 816 -20.87 18.98 -11.95
C LYS B 816 -19.54 18.53 -11.32
N LYS B 817 -18.94 17.45 -11.81
CA LYS B 817 -17.56 17.10 -11.52
C LYS B 817 -16.62 17.73 -12.55
N LEU B 818 -16.97 17.61 -13.82
CA LEU B 818 -16.28 18.36 -14.85
C LEU B 818 -16.59 19.83 -14.68
N ASP B 819 -15.74 20.69 -15.26
CA ASP B 819 -16.03 22.11 -15.27
C ASP B 819 -17.21 22.29 -16.24
N SER B 820 -18.38 21.87 -15.77
CA SER B 820 -19.58 21.81 -16.61
C SER B 820 -20.84 21.97 -15.76
N PRO B 821 -21.04 23.11 -15.12
CA PRO B 821 -22.40 23.45 -14.71
C PRO B 821 -23.13 24.04 -15.90
N GLY B 822 -22.38 24.34 -16.95
CA GLY B 822 -22.98 24.80 -18.18
C GLY B 822 -24.00 23.83 -18.71
N TYR B 823 -23.88 22.55 -18.31
CA TYR B 823 -24.81 21.52 -18.74
C TYR B 823 -25.38 20.68 -17.60
N ALA B 824 -24.88 20.87 -16.37
CA ALA B 824 -25.26 19.99 -15.26
C ALA B 824 -26.76 20.03 -15.01
N ALA B 825 -27.31 21.22 -14.83
CA ALA B 825 -28.76 21.32 -14.69
C ALA B 825 -29.45 20.97 -16.00
N GLU B 826 -28.81 21.30 -17.14
CA GLU B 826 -29.41 21.05 -18.45
C GLU B 826 -29.79 19.57 -18.62
N THR B 827 -28.88 18.67 -18.26
CA THR B 827 -29.11 17.25 -18.52
C THR B 827 -30.27 16.69 -17.71
N TYR B 828 -30.28 16.94 -16.40
CA TYR B 828 -31.40 16.47 -15.61
C TYR B 828 -32.69 17.18 -15.98
N LEU B 829 -32.59 18.42 -16.47
CA LEU B 829 -33.76 19.08 -17.06
C LEU B 829 -34.25 18.34 -18.28
N LYS B 830 -33.32 17.70 -19.00
CA LYS B 830 -33.64 16.77 -20.07
C LYS B 830 -33.79 15.35 -19.54
N MET B 831 -33.90 15.20 -18.23
CA MET B 831 -34.36 13.98 -17.59
C MET B 831 -35.62 14.20 -16.78
N GLY B 832 -35.74 15.34 -16.09
CA GLY B 832 -36.99 15.71 -15.49
C GLY B 832 -36.95 16.23 -14.07
N ASP B 833 -35.97 15.80 -13.27
CA ASP B 833 -35.96 16.09 -11.83
C ASP B 833 -35.55 17.54 -11.57
N LEU B 834 -36.39 18.46 -12.01
CA LEU B 834 -36.09 19.88 -11.86
C LEU B 834 -36.55 20.45 -10.53
N LYS B 835 -36.21 19.80 -9.41
CA LYS B 835 -36.31 20.45 -8.11
C LYS B 835 -34.92 20.51 -7.51
N SER B 836 -34.24 19.39 -7.30
CA SER B 836 -32.84 19.44 -6.93
C SER B 836 -32.02 20.07 -8.04
N LEU B 837 -32.45 19.89 -9.29
CA LEU B 837 -31.80 20.57 -10.40
C LEU B 837 -31.91 22.09 -10.25
N VAL B 838 -33.09 22.59 -9.87
CA VAL B 838 -33.21 24.02 -9.60
C VAL B 838 -32.26 24.43 -8.50
N GLN B 839 -32.22 23.64 -7.42
CA GLN B 839 -31.28 23.98 -6.35
C GLN B 839 -29.84 24.00 -6.87
N LEU B 840 -29.50 23.04 -7.73
CA LEU B 840 -28.19 23.02 -8.35
C LEU B 840 -27.94 24.26 -9.19
N HIS B 841 -28.99 24.92 -9.66
CA HIS B 841 -28.79 26.18 -10.39
C HIS B 841 -28.04 27.18 -9.53
N VAL B 842 -28.44 27.31 -8.26
CA VAL B 842 -27.66 28.11 -7.32
C VAL B 842 -26.41 27.37 -6.89
N GLU B 843 -26.38 26.03 -7.05
CA GLU B 843 -25.08 25.37 -6.98
C GLU B 843 -24.20 25.74 -8.16
N THR B 844 -24.74 26.48 -9.13
CA THR B 844 -23.95 27.18 -10.12
C THR B 844 -23.83 28.67 -9.81
N GLN B 845 -24.12 29.02 -8.56
CA GLN B 845 -24.11 30.40 -8.07
C GLN B 845 -24.90 31.32 -9.01
N ARG B 846 -26.14 30.91 -9.27
CA ARG B 846 -27.07 31.67 -10.09
C ARG B 846 -28.37 31.79 -9.29
N TRP B 847 -28.44 32.80 -8.42
CA TRP B 847 -29.63 33.02 -7.62
C TRP B 847 -30.81 33.41 -8.50
N ASP B 848 -30.57 34.29 -9.48
CA ASP B 848 -31.66 34.70 -10.37
C ASP B 848 -32.18 33.51 -11.16
N GLU B 849 -31.29 32.67 -11.68
CA GLU B 849 -31.72 31.46 -12.36
C GLU B 849 -32.36 30.50 -11.37
N ALA B 850 -31.90 30.50 -10.12
CA ALA B 850 -32.52 29.65 -9.11
C ALA B 850 -33.99 30.00 -8.94
N PHE B 851 -34.29 31.29 -8.74
CA PHE B 851 -35.68 31.71 -8.60
C PHE B 851 -36.44 31.50 -9.91
N ALA B 852 -35.78 31.73 -11.04
CA ALA B 852 -36.43 31.55 -12.34
C ALA B 852 -36.91 30.12 -12.52
N LEU B 853 -36.04 29.15 -12.23
CA LEU B 853 -36.42 27.75 -12.34
C LEU B 853 -37.33 27.31 -11.20
N GLY B 854 -37.19 27.93 -10.02
CA GLY B 854 -38.12 27.68 -8.94
C GLY B 854 -39.52 28.09 -9.28
N GLU B 855 -39.66 29.07 -10.16
CA GLU B 855 -40.98 29.38 -10.70
C GLU B 855 -41.63 28.14 -11.31
N LYS B 856 -40.84 27.33 -12.02
CA LYS B 856 -41.36 26.09 -12.58
C LYS B 856 -41.76 25.10 -11.50
N HIS B 857 -40.95 24.99 -10.45
CA HIS B 857 -41.20 24.09 -9.33
C HIS B 857 -41.31 24.95 -8.07
N PRO B 858 -42.49 25.54 -7.82
CA PRO B 858 -42.61 26.47 -6.69
C PRO B 858 -42.25 25.84 -5.36
N GLU B 859 -42.60 24.56 -5.17
CA GLU B 859 -42.19 23.85 -3.97
C GLU B 859 -40.68 23.82 -3.85
N PHE B 860 -39.99 23.55 -4.97
CA PHE B 860 -38.53 23.60 -4.97
C PHE B 860 -38.03 25.00 -4.64
N LYS B 861 -38.73 26.02 -5.12
CA LYS B 861 -38.38 27.40 -4.77
C LYS B 861 -38.40 27.58 -3.26
N ASP B 862 -39.49 27.16 -2.62
CA ASP B 862 -39.57 27.26 -1.17
C ASP B 862 -38.45 26.47 -0.51
N ASP B 863 -38.19 25.27 -1.01
CA ASP B 863 -37.19 24.41 -0.39
C ASP B 863 -35.80 25.00 -0.48
N ILE B 864 -35.46 25.66 -1.58
CA ILE B 864 -34.07 26.04 -1.83
C ILE B 864 -33.94 27.56 -1.95
N TYR B 865 -34.88 28.29 -1.36
CA TYR B 865 -34.70 29.72 -1.19
C TYR B 865 -34.23 30.08 0.20
N MET B 866 -34.47 29.23 1.19
CA MET B 866 -33.84 29.42 2.51
C MET B 866 -32.33 29.51 2.41
N PRO B 867 -31.63 28.61 1.72
CA PRO B 867 -30.18 28.79 1.57
C PRO B 867 -29.81 30.12 0.94
N TYR B 868 -30.60 30.60 -0.03
CA TYR B 868 -30.39 31.95 -0.53
C TYR B 868 -30.61 32.98 0.57
N ALA B 869 -31.52 32.69 1.50
CA ALA B 869 -31.76 33.62 2.60
C ALA B 869 -30.55 33.72 3.51
N GLN B 870 -29.98 32.58 3.93
CA GLN B 870 -28.75 32.67 4.71
C GLN B 870 -27.60 33.20 3.88
N TRP B 871 -27.62 32.99 2.56
CA TRP B 871 -26.58 33.55 1.71
C TRP B 871 -26.62 35.07 1.77
N LEU B 872 -27.82 35.65 1.69
CA LEU B 872 -27.95 37.09 1.87
C LEU B 872 -27.59 37.50 3.29
N ALA B 873 -27.92 36.66 4.27
CA ALA B 873 -27.62 36.99 5.66
C ALA B 873 -26.13 37.12 5.89
N GLU B 874 -25.36 36.10 5.50
CA GLU B 874 -23.91 36.21 5.61
C GLU B 874 -23.36 37.24 4.65
N ASN B 875 -24.12 37.61 3.63
CA ASN B 875 -23.77 38.73 2.77
C ASN B 875 -24.34 40.03 3.30
N ASP B 876 -24.91 39.99 4.51
CA ASP B 876 -25.38 41.15 5.24
C ASP B 876 -26.56 41.84 4.59
N ARG B 877 -27.17 41.24 3.57
CA ARG B 877 -28.35 41.82 2.93
C ARG B 877 -29.61 41.50 3.72
N PHE B 878 -29.63 41.96 4.97
CA PHE B 878 -30.61 41.46 5.93
C PHE B 878 -32.05 41.81 5.54
N GLU B 879 -32.28 42.97 4.95
CA GLU B 879 -33.65 43.29 4.53
C GLU B 879 -34.14 42.27 3.52
N GLU B 880 -33.36 42.04 2.48
CA GLU B 880 -33.71 41.02 1.50
C GLU B 880 -33.77 39.65 2.14
N ALA B 881 -32.92 39.39 3.14
CA ALA B 881 -32.91 38.09 3.78
C ALA B 881 -34.22 37.85 4.54
N GLN B 882 -34.70 38.87 5.26
CA GLN B 882 -35.97 38.76 5.93
C GLN B 882 -37.09 38.53 4.93
N LYS B 883 -37.06 39.30 3.83
CA LYS B 883 -38.02 39.07 2.76
C LYS B 883 -37.96 37.63 2.28
N ALA B 884 -36.76 37.07 2.18
CA ALA B 884 -36.60 35.71 1.67
C ALA B 884 -37.20 34.69 2.63
N PHE B 885 -36.80 34.73 3.90
CA PHE B 885 -37.36 33.79 4.86
C PHE B 885 -38.88 33.90 4.89
N HIS B 886 -39.40 35.14 4.90
CA HIS B 886 -40.84 35.35 4.85
C HIS B 886 -41.45 34.66 3.64
N LYS B 887 -40.84 34.85 2.46
CA LYS B 887 -41.32 34.16 1.27
C LYS B 887 -41.01 32.68 1.29
N ALA B 888 -40.10 32.24 2.18
CA ALA B 888 -39.69 30.84 2.21
C ALA B 888 -40.44 30.03 3.27
N GLY B 889 -41.55 30.53 3.78
CA GLY B 889 -42.31 29.76 4.73
C GLY B 889 -41.66 29.74 6.10
N ARG B 890 -40.44 30.25 6.20
CA ARG B 890 -39.79 30.42 7.49
C ARG B 890 -40.66 31.29 8.40
N GLN B 891 -40.91 30.80 9.60
CA GLN B 891 -41.62 31.57 10.62
C GLN B 891 -40.85 31.60 11.93
N ARG B 892 -39.60 31.16 11.93
CA ARG B 892 -38.70 31.36 13.05
C ARG B 892 -37.55 32.27 12.67
N GLU B 893 -36.99 32.09 11.48
CA GLU B 893 -35.93 32.99 11.03
C GLU B 893 -36.48 34.34 10.63
N ALA B 894 -37.61 34.37 9.93
CA ALA B 894 -38.16 35.65 9.47
C ALA B 894 -38.47 36.56 10.64
N VAL B 895 -39.20 36.04 11.63
CA VAL B 895 -39.59 36.87 12.76
C VAL B 895 -38.37 37.31 13.57
N GLN B 896 -37.42 36.39 13.78
CA GLN B 896 -36.28 36.76 14.60
C GLN B 896 -35.42 37.81 13.93
N VAL B 897 -35.16 37.64 12.63
CA VAL B 897 -34.34 38.63 11.94
C VAL B 897 -35.08 39.95 11.84
N LEU B 898 -36.40 39.90 11.68
CA LEU B 898 -37.15 41.14 11.56
C LEU B 898 -37.18 41.90 12.88
N GLU B 899 -37.37 41.20 13.99
CA GLU B 899 -37.32 41.86 15.29
C GLU B 899 -35.94 42.44 15.54
N GLN B 900 -34.89 41.72 15.17
CA GLN B 900 -33.55 42.25 15.34
C GLN B 900 -33.35 43.51 14.50
N LEU B 901 -33.87 43.51 13.28
CA LEU B 901 -33.76 44.69 12.43
C LEU B 901 -34.51 45.86 13.03
N THR B 902 -35.72 45.63 13.56
CA THR B 902 -36.46 46.72 14.17
C THR B 902 -35.69 47.27 15.37
N ASN B 903 -35.11 46.40 16.16
CA ASN B 903 -34.37 46.88 17.32
C ASN B 903 -33.18 47.72 16.87
N ASN B 904 -32.53 47.34 15.79
CA ASN B 904 -31.47 48.18 15.25
C ASN B 904 -32.03 49.54 14.80
N ALA B 905 -33.16 49.53 14.12
CA ALA B 905 -33.70 50.80 13.61
C ALA B 905 -34.11 51.72 14.75
N VAL B 906 -34.76 51.17 15.76
CA VAL B 906 -35.18 51.96 16.91
C VAL B 906 -33.97 52.45 17.68
N ALA B 907 -32.90 51.65 17.72
CA ALA B 907 -31.69 52.09 18.40
C ALA B 907 -31.14 53.36 17.77
N GLU B 908 -31.11 53.42 16.45
CA GLU B 908 -30.71 54.62 15.76
C GLU B 908 -31.89 55.58 15.70
N SER B 909 -31.81 56.57 14.83
CA SER B 909 -32.88 57.54 14.74
C SER B 909 -33.85 57.22 13.61
N ARG B 910 -33.71 56.06 12.98
CA ARG B 910 -34.58 55.72 11.84
C ARG B 910 -35.90 55.20 12.38
N PHE B 911 -36.71 56.13 12.85
CA PHE B 911 -38.01 55.76 13.36
C PHE B 911 -38.99 55.45 12.25
N ASN B 912 -38.83 56.06 11.06
CA ASN B 912 -39.74 55.74 9.98
C ASN B 912 -39.54 54.30 9.50
N ASP B 913 -38.28 53.88 9.36
CA ASP B 913 -38.01 52.49 9.07
C ASP B 913 -38.48 51.59 10.19
N ALA B 914 -38.34 52.04 11.43
CA ALA B 914 -38.86 51.26 12.54
C ALA B 914 -40.34 51.03 12.36
N ALA B 915 -41.06 52.05 11.94
CA ALA B 915 -42.49 51.92 11.71
C ALA B 915 -42.78 50.96 10.57
N TYR B 916 -42.02 51.07 9.48
CA TYR B 916 -42.30 50.20 8.35
C TYR B 916 -42.02 48.75 8.68
N TYR B 917 -40.91 48.47 9.36
CA TYR B 917 -40.65 47.09 9.77
C TYR B 917 -41.71 46.59 10.73
N TYR B 918 -42.15 47.43 11.66
CA TYR B 918 -43.24 47.00 12.50
C TYR B 918 -44.48 46.74 11.69
N TRP B 919 -44.72 47.51 10.64
CA TRP B 919 -45.91 47.25 9.84
C TRP B 919 -45.78 45.91 9.16
N MET B 920 -44.60 45.60 8.62
CA MET B 920 -44.39 44.29 8.02
C MET B 920 -44.62 43.18 9.02
N LEU B 921 -44.11 43.36 10.23
CA LEU B 921 -44.39 42.38 11.27
C LEU B 921 -45.88 42.22 11.47
N SER B 922 -46.60 43.33 11.47
CA SER B 922 -48.03 43.24 11.74
C SER B 922 -48.75 42.39 10.70
N MET B 923 -48.54 42.70 9.42
CA MET B 923 -49.26 41.94 8.41
C MET B 923 -48.75 40.51 8.31
N GLN B 924 -47.45 40.30 8.46
CA GLN B 924 -46.95 38.93 8.43
C GLN B 924 -47.49 38.11 9.59
N CYS B 925 -47.54 38.69 10.79
CA CYS B 925 -48.05 37.95 11.92
C CYS B 925 -49.52 37.66 11.77
N LEU B 926 -50.27 38.58 11.15
CA LEU B 926 -51.66 38.26 10.87
C LEU B 926 -51.76 37.12 9.86
N ASP B 927 -50.85 37.11 8.88
CA ASP B 927 -50.81 35.99 7.95
C ASP B 927 -50.56 34.68 8.69
N ILE B 928 -49.63 34.70 9.63
CA ILE B 928 -49.36 33.51 10.44
C ILE B 928 -50.60 33.12 11.21
N ALA B 929 -51.30 34.11 11.75
CA ALA B 929 -52.56 33.85 12.43
C ALA B 929 -53.59 33.18 11.54
N GLN B 930 -53.30 32.99 10.25
CA GLN B 930 -54.18 32.16 9.43
C GLN B 930 -54.35 30.78 10.02
N ASP B 931 -53.43 30.37 10.90
CA ASP B 931 -53.52 29.07 11.52
C ASP B 931 -54.51 29.12 12.68
N PRO B 932 -55.57 28.30 12.65
CA PRO B 932 -56.57 28.38 13.71
C PRO B 932 -56.04 28.00 15.08
N ALA B 933 -54.88 27.38 15.16
CA ALA B 933 -54.33 27.00 16.46
C ALA B 933 -54.01 28.24 17.30
N GLN B 934 -53.38 29.25 16.70
CA GLN B 934 -52.90 30.39 17.45
C GLN B 934 -53.59 31.68 17.04
N LYS B 935 -54.86 31.59 16.65
CA LYS B 935 -55.57 32.79 16.24
C LYS B 935 -55.68 33.78 17.40
N ASP B 936 -56.03 33.29 18.59
CA ASP B 936 -56.23 34.18 19.71
C ASP B 936 -54.92 34.84 20.14
N THR B 937 -53.82 34.11 20.09
CA THR B 937 -52.55 34.65 20.56
C THR B 937 -51.78 35.40 19.49
N MET B 938 -52.35 35.58 18.30
CA MET B 938 -51.69 36.39 17.29
C MET B 938 -52.48 37.59 16.82
N LEU B 939 -53.80 37.61 16.97
CA LEU B 939 -54.51 38.86 16.74
C LEU B 939 -54.06 39.92 17.74
N GLY B 940 -53.75 39.51 18.97
CA GLY B 940 -53.21 40.47 19.92
C GLY B 940 -51.90 41.06 19.45
N LYS B 941 -51.00 40.21 18.95
CA LYS B 941 -49.74 40.72 18.42
C LYS B 941 -49.98 41.62 17.23
N PHE B 942 -50.93 41.26 16.36
CA PHE B 942 -51.21 42.10 15.20
C PHE B 942 -51.66 43.48 15.62
N TYR B 943 -52.62 43.55 16.55
CA TYR B 943 -53.12 44.85 16.98
C TYR B 943 -52.02 45.67 17.64
N HIS B 944 -51.22 45.02 18.49
CA HIS B 944 -50.14 45.73 19.16
C HIS B 944 -49.14 46.29 18.17
N PHE B 945 -48.74 45.49 17.18
CA PHE B 945 -47.76 46.00 16.24
C PHE B 945 -48.35 47.08 15.35
N GLN B 946 -49.64 47.00 15.01
CA GLN B 946 -50.22 48.08 14.23
C GLN B 946 -50.18 49.38 15.00
N ARG B 947 -50.52 49.34 16.29
CA ARG B 947 -50.50 50.57 17.06
C ARG B 947 -49.08 51.12 17.13
N LEU B 948 -48.10 50.24 17.33
CA LEU B 948 -46.71 50.70 17.35
C LEU B 948 -46.32 51.30 16.01
N ALA B 949 -46.81 50.74 14.91
CA ALA B 949 -46.46 51.28 13.61
C ALA B 949 -46.96 52.70 13.47
N GLU B 950 -48.22 52.93 13.83
CA GLU B 950 -48.76 54.27 13.74
C GLU B 950 -47.97 55.22 14.59
N LEU B 951 -47.67 54.81 15.83
CA LEU B 951 -46.95 55.70 16.74
C LEU B 951 -45.59 56.06 16.20
N TYR B 952 -44.85 55.11 15.67
CA TYR B 952 -43.50 55.45 15.26
C TYR B 952 -43.51 56.29 14.00
N HIS B 953 -44.39 55.97 13.05
CA HIS B 953 -44.41 56.81 11.86
C HIS B 953 -44.79 58.22 12.22
N GLY B 954 -45.66 58.38 13.21
CA GLY B 954 -45.94 59.71 13.70
C GLY B 954 -44.73 60.35 14.33
N TYR B 955 -43.99 59.59 15.12
CA TYR B 955 -42.93 60.19 15.92
C TYR B 955 -41.73 60.53 15.09
N HIS B 956 -41.62 59.98 13.89
CA HIS B 956 -40.47 60.30 13.07
C HIS B 956 -40.45 61.78 12.72
N ALA B 957 -41.63 62.35 12.41
CA ALA B 957 -41.68 63.76 12.05
C ALA B 957 -41.26 64.63 13.23
N ILE B 958 -41.70 64.29 14.44
CA ILE B 958 -41.29 65.07 15.59
C ILE B 958 -39.81 64.92 15.84
N HIS B 959 -39.26 63.74 15.63
CA HIS B 959 -37.83 63.58 15.82
C HIS B 959 -37.05 64.44 14.85
N ARG B 960 -37.43 64.43 13.58
CA ARG B 960 -36.77 65.31 12.63
C ARG B 960 -36.90 66.76 13.01
N HIS B 961 -38.09 67.18 13.43
CA HIS B 961 -38.32 68.60 13.63
C HIS B 961 -37.46 69.18 14.74
N THR B 962 -37.23 68.42 15.81
CA THR B 962 -36.47 68.95 16.94
C THR B 962 -34.98 68.74 16.80
N GLU B 963 -34.51 68.17 15.70
CA GLU B 963 -33.09 67.98 15.48
C GLU B 963 -32.51 68.85 14.38
N ASP B 964 -33.12 68.86 13.21
CA ASP B 964 -32.52 69.58 12.10
C ASP B 964 -32.60 71.09 12.35
N PRO B 965 -31.57 71.83 11.95
CA PRO B 965 -31.64 73.29 12.05
C PRO B 965 -32.77 73.89 11.25
N PHE B 966 -33.23 73.21 10.21
CA PHE B 966 -34.38 73.66 9.44
C PHE B 966 -35.63 72.87 9.83
N SER B 967 -36.72 73.23 9.19
CA SER B 967 -38.00 72.54 9.36
C SER B 967 -38.51 72.13 8.00
N VAL B 968 -39.08 70.93 7.92
CA VAL B 968 -39.61 70.42 6.66
C VAL B 968 -41.12 70.53 6.59
N HIS B 969 -41.81 70.22 7.68
CA HIS B 969 -43.25 70.08 7.66
C HIS B 969 -43.95 71.40 7.94
N ARG B 970 -45.19 71.49 7.48
CA ARG B 970 -46.01 72.64 7.82
C ARG B 970 -46.33 72.61 9.30
N PRO B 971 -46.54 73.77 9.91
CA PRO B 971 -46.85 73.78 11.34
C PRO B 971 -48.13 73.05 11.67
N GLU B 972 -49.13 73.08 10.79
CA GLU B 972 -50.38 72.39 11.08
C GLU B 972 -50.13 70.90 11.25
N THR B 973 -49.31 70.33 10.37
CA THR B 973 -49.09 68.89 10.40
C THR B 973 -48.36 68.47 11.67
N LEU B 974 -47.34 69.24 12.07
CA LEU B 974 -46.66 68.91 13.32
C LEU B 974 -47.60 69.04 14.51
N PHE B 975 -48.43 70.07 14.53
CA PHE B 975 -49.39 70.21 15.61
C PHE B 975 -50.29 68.99 15.69
N ASN B 976 -50.85 68.58 14.57
CA ASN B 976 -51.77 67.45 14.58
C ASN B 976 -51.06 66.16 14.97
N ILE B 977 -49.84 65.97 14.48
CA ILE B 977 -49.08 64.77 14.84
C ILE B 977 -48.80 64.76 16.34
N SER B 978 -48.38 65.88 16.88
CA SER B 978 -48.04 65.92 18.30
C SER B 978 -49.27 65.67 19.15
N ARG B 979 -50.40 66.27 18.78
CA ARG B 979 -51.61 66.03 19.56
C ARG B 979 -52.01 64.57 19.52
N PHE B 980 -52.00 63.96 18.33
CA PHE B 980 -52.35 62.55 18.24
C PHE B 980 -51.40 61.68 19.06
N LEU B 981 -50.12 61.96 19.00
CA LEU B 981 -49.18 61.17 19.80
C LEU B 981 -49.49 61.32 21.28
N LEU B 982 -49.69 62.56 21.74
CA LEU B 982 -49.88 62.78 23.17
C LEU B 982 -51.20 62.18 23.64
N HIS B 983 -52.17 62.08 22.75
CA HIS B 983 -53.44 61.43 23.08
C HIS B 983 -53.45 59.95 22.73
N SER B 984 -52.32 59.39 22.32
CA SER B 984 -52.22 57.96 22.14
C SER B 984 -51.09 57.34 22.92
N LEU B 985 -50.31 58.14 23.63
CA LEU B 985 -49.18 57.68 24.44
C LEU B 985 -49.31 58.25 25.83
N PRO B 986 -50.34 57.85 26.58
CA PRO B 986 -50.61 58.51 27.86
C PRO B 986 -49.57 58.22 28.94
N LYS B 987 -49.29 56.94 29.21
CA LYS B 987 -48.44 56.57 30.33
C LYS B 987 -47.36 55.56 30.00
N ASP B 988 -47.34 54.98 28.80
CA ASP B 988 -46.32 54.02 28.41
C ASP B 988 -45.63 54.54 27.15
N THR B 989 -44.29 54.54 27.17
CA THR B 989 -43.52 55.07 26.05
C THR B 989 -42.78 53.93 25.37
N PRO B 990 -43.21 53.50 24.19
CA PRO B 990 -42.38 52.62 23.37
C PRO B 990 -40.96 53.12 23.32
N SER B 991 -40.03 52.19 23.16
CA SER B 991 -38.62 52.55 23.28
C SER B 991 -38.26 53.65 22.30
N GLY B 992 -37.51 54.64 22.79
CA GLY B 992 -37.02 55.71 21.98
C GLY B 992 -37.92 56.92 21.91
N ILE B 993 -39.21 56.76 22.13
CA ILE B 993 -40.16 57.85 21.98
C ILE B 993 -40.12 58.67 23.27
N SER B 994 -39.42 59.80 23.23
CA SER B 994 -39.26 60.67 24.38
C SER B 994 -40.32 61.76 24.30
N LYS B 995 -41.26 61.76 25.24
CA LYS B 995 -42.41 62.64 25.08
C LYS B 995 -42.13 64.07 25.49
N VAL B 996 -40.94 64.36 26.03
CA VAL B 996 -40.55 65.74 26.19
C VAL B 996 -40.54 66.45 24.85
N LYS B 997 -40.04 65.77 23.81
CA LYS B 997 -40.04 66.38 22.49
C LYS B 997 -41.44 66.56 21.95
N ILE B 998 -42.33 65.60 22.19
CA ILE B 998 -43.70 65.76 21.72
C ILE B 998 -44.33 66.98 22.36
N LEU B 999 -44.21 67.11 23.69
CA LEU B 999 -44.82 68.26 24.34
C LEU B 999 -44.15 69.56 23.94
N PHE B 1000 -42.83 69.56 23.77
CA PHE B 1000 -42.16 70.76 23.30
C PHE B 1000 -42.67 71.20 21.93
N THR B 1001 -42.74 70.26 20.99
CA THR B 1001 -43.24 70.60 19.68
C THR B 1001 -44.67 71.08 19.76
N LEU B 1002 -45.47 70.42 20.60
CA LEU B 1002 -46.87 70.81 20.73
C LEU B 1002 -46.98 72.21 21.29
N ALA B 1003 -46.19 72.56 22.30
CA ALA B 1003 -46.28 73.88 22.88
C ALA B 1003 -45.90 74.94 21.86
N LYS B 1004 -44.76 74.76 21.18
CA LYS B 1004 -44.39 75.74 20.16
C LYS B 1004 -45.49 75.88 19.12
N GLN B 1005 -46.00 74.76 18.62
CA GLN B 1005 -46.94 74.85 17.51
C GLN B 1005 -48.28 75.39 17.95
N SER B 1006 -48.76 75.03 19.14
CA SER B 1006 -50.02 75.57 19.60
C SER B 1006 -49.90 77.07 19.82
N LYS B 1007 -48.77 77.52 20.36
CA LYS B 1007 -48.57 78.96 20.52
C LYS B 1007 -48.50 79.66 19.18
N ALA B 1008 -47.94 78.99 18.17
CA ALA B 1008 -47.87 79.61 16.84
C ALA B 1008 -49.24 79.67 16.19
N LEU B 1009 -49.98 78.56 16.19
CA LEU B 1009 -51.25 78.53 15.49
C LEU B 1009 -52.34 79.31 16.19
N GLY B 1010 -52.29 79.40 17.52
CA GLY B 1010 -53.29 80.13 18.24
C GLY B 1010 -54.21 79.33 19.12
N ALA B 1011 -53.84 78.11 19.51
CA ALA B 1011 -54.61 77.38 20.50
C ALA B 1011 -53.95 77.62 21.85
N TYR B 1012 -54.15 78.82 22.37
CA TYR B 1012 -53.42 79.26 23.54
C TYR B 1012 -53.84 78.60 24.84
N ARG B 1013 -54.86 77.75 24.82
CA ARG B 1013 -55.16 77.00 26.04
C ARG B 1013 -54.49 75.64 26.07
N LEU B 1014 -54.33 75.01 24.91
CA LEU B 1014 -53.59 73.75 24.86
C LEU B 1014 -52.13 73.94 25.20
N ALA B 1015 -51.54 75.05 24.78
CA ALA B 1015 -50.14 75.31 25.12
C ALA B 1015 -49.95 75.36 26.62
N ARG B 1016 -50.92 75.88 27.35
CA ARG B 1016 -50.82 75.90 28.80
C ARG B 1016 -50.75 74.49 29.35
N HIS B 1017 -51.56 73.59 28.83
CA HIS B 1017 -51.43 72.19 29.22
C HIS B 1017 -50.05 71.67 28.88
N ALA B 1018 -49.63 71.82 27.62
CA ALA B 1018 -48.34 71.30 27.21
C ALA B 1018 -47.24 71.70 28.17
N TYR B 1019 -47.25 72.97 28.59
CA TYR B 1019 -46.20 73.42 29.49
C TYR B 1019 -46.37 72.86 30.90
N ASP B 1020 -47.61 72.77 31.40
CA ASP B 1020 -47.82 72.21 32.72
C ASP B 1020 -47.36 70.76 32.77
N LYS B 1021 -47.72 69.99 31.75
CA LYS B 1021 -47.27 68.62 31.66
C LYS B 1021 -45.75 68.56 31.61
N LEU B 1022 -45.14 69.49 30.87
CA LEU B 1022 -43.68 69.55 30.80
C LEU B 1022 -43.06 69.79 32.16
N ARG B 1023 -43.73 70.56 33.01
CA ARG B 1023 -43.12 70.92 34.29
C ARG B 1023 -42.86 69.71 35.18
N GLY B 1024 -43.46 68.57 34.88
CA GLY B 1024 -43.21 67.37 35.67
C GLY B 1024 -42.23 66.38 35.10
N LEU B 1025 -41.58 66.69 33.99
CA LEU B 1025 -40.65 65.77 33.35
C LEU B 1025 -39.25 66.34 33.41
N TYR B 1026 -38.27 65.45 33.35
CA TYR B 1026 -36.89 65.92 33.34
C TYR B 1026 -36.52 66.37 31.94
N ILE B 1027 -36.16 67.63 31.81
CA ILE B 1027 -35.90 68.26 30.52
C ILE B 1027 -34.41 68.21 30.23
N PRO B 1028 -34.00 67.74 29.05
CA PRO B 1028 -32.58 67.81 28.69
C PRO B 1028 -32.13 69.26 28.63
N ALA B 1029 -30.84 69.46 28.91
CA ALA B 1029 -30.33 70.82 29.07
C ALA B 1029 -30.50 71.67 27.81
N ARG B 1030 -30.56 71.04 26.65
CA ARG B 1030 -30.64 71.80 25.41
C ARG B 1030 -32.04 72.30 25.11
N PHE B 1031 -33.02 71.93 25.93
CA PHE B 1031 -34.37 72.44 25.81
C PHE B 1031 -34.80 73.31 26.96
N GLN B 1032 -34.00 73.40 28.02
CA GLN B 1032 -34.48 74.01 29.25
C GLN B 1032 -34.78 75.49 29.07
N LYS B 1033 -33.91 76.21 28.39
CA LYS B 1033 -34.08 77.66 28.32
C LYS B 1033 -35.38 78.01 27.61
N SER B 1034 -35.60 77.41 26.45
CA SER B 1034 -36.80 77.71 25.68
C SER B 1034 -38.05 77.30 26.44
N ILE B 1035 -38.04 76.14 27.07
CA ILE B 1035 -39.26 75.67 27.73
C ILE B 1035 -39.55 76.51 28.96
N GLU B 1036 -38.54 76.79 29.77
CA GLU B 1036 -38.76 77.56 30.98
C GLU B 1036 -38.99 79.03 30.72
N LEU B 1037 -38.72 79.50 29.51
CA LEU B 1037 -39.17 80.85 29.16
C LEU B 1037 -40.54 80.83 28.53
N GLY B 1038 -40.88 79.79 27.79
CA GLY B 1038 -42.21 79.70 27.21
C GLY B 1038 -43.28 79.50 28.26
N THR B 1039 -42.98 78.73 29.30
CA THR B 1039 -43.95 78.57 30.37
C THR B 1039 -44.31 79.91 30.97
N LEU B 1040 -43.40 80.86 30.90
CA LEU B 1040 -43.66 82.17 31.47
C LEU B 1040 -44.33 83.10 30.48
N THR B 1041 -43.89 83.10 29.23
CA THR B 1041 -44.50 84.00 28.26
C THR B 1041 -45.81 83.48 27.71
N ILE B 1042 -46.24 82.28 28.05
CA ILE B 1042 -47.55 81.84 27.60
C ILE B 1042 -48.66 82.36 28.48
N ARG B 1043 -48.37 82.90 29.66
CA ARG B 1043 -49.47 83.45 30.45
C ARG B 1043 -49.93 84.79 29.91
N ALA B 1044 -49.26 85.32 28.90
CA ALA B 1044 -49.66 86.58 28.30
C ALA B 1044 -50.69 86.41 27.20
N LYS B 1045 -51.08 85.19 26.88
CA LYS B 1045 -51.93 84.98 25.73
C LYS B 1045 -53.41 84.92 26.14
N PRO B 1046 -54.31 85.25 25.22
CA PRO B 1046 -55.72 85.46 25.57
C PRO B 1046 -56.48 84.32 26.23
N PHE B 1047 -55.84 83.19 26.51
CA PHE B 1047 -56.50 82.07 27.20
C PHE B 1047 -57.73 81.60 26.41
N HIS B 1048 -57.49 81.21 25.16
CA HIS B 1048 -58.58 80.87 24.27
C HIS B 1048 -58.05 79.99 23.16
N ASP B 1049 -58.89 79.06 22.71
CA ASP B 1049 -58.53 78.09 21.69
C ASP B 1049 -59.23 78.46 20.39
N SER B 1050 -58.45 78.67 19.34
CA SER B 1050 -59.03 79.10 18.07
C SER B 1050 -59.98 78.04 17.56
N GLU B 1051 -61.15 78.47 17.08
CA GLU B 1051 -62.17 77.52 16.64
C GLU B 1051 -61.73 76.76 15.40
N GLU B 1052 -60.79 77.28 14.63
CA GLU B 1052 -60.38 76.60 13.41
C GLU B 1052 -59.66 75.30 13.70
N LEU B 1053 -59.25 75.07 14.94
CA LEU B 1053 -58.56 73.84 15.30
C LEU B 1053 -59.39 72.90 16.14
N VAL B 1054 -60.56 73.33 16.61
CA VAL B 1054 -61.33 72.50 17.54
C VAL B 1054 -61.79 71.24 16.82
N PRO B 1055 -61.52 70.06 17.36
CA PRO B 1055 -62.01 68.83 16.73
C PRO B 1055 -63.52 68.76 16.82
N LEU B 1056 -64.11 68.10 15.84
CA LEU B 1056 -65.56 67.95 15.76
C LEU B 1056 -65.85 66.48 15.56
N CYS B 1057 -66.75 65.93 16.38
CA CYS B 1057 -67.24 64.59 16.07
C CYS B 1057 -68.07 64.62 14.80
N TYR B 1058 -68.28 63.42 14.27
CA TYR B 1058 -69.08 63.26 13.08
C TYR B 1058 -70.22 62.29 13.30
N ARG B 1059 -70.34 61.73 14.49
CA ARG B 1059 -71.52 60.93 14.82
C ARG B 1059 -72.50 61.75 15.63
N CYS B 1060 -72.05 62.29 16.76
CA CYS B 1060 -72.82 63.26 17.53
C CYS B 1060 -72.22 64.64 17.31
N SER B 1061 -73.07 65.62 17.03
CA SER B 1061 -72.55 66.96 16.90
C SER B 1061 -72.10 67.44 18.27
N THR B 1062 -70.83 67.79 18.36
CA THR B 1062 -70.22 68.25 19.59
C THR B 1062 -68.79 68.67 19.28
N ASN B 1063 -68.16 69.43 20.14
CA ASN B 1063 -66.86 70.01 19.83
C ASN B 1063 -65.91 69.65 20.95
N ASN B 1064 -65.30 68.48 20.82
CA ASN B 1064 -64.44 67.92 21.84
C ASN B 1064 -63.31 68.88 22.18
N PRO B 1065 -62.95 69.00 23.45
CA PRO B 1065 -61.79 69.81 23.81
C PRO B 1065 -60.57 69.32 23.04
N LEU B 1066 -59.64 70.24 22.78
CA LEU B 1066 -58.38 69.82 22.17
C LEU B 1066 -57.73 68.73 23.00
N LEU B 1067 -57.59 68.96 24.31
CA LEU B 1067 -57.04 67.95 25.20
C LEU B 1067 -58.21 67.14 25.76
N ASN B 1068 -58.50 66.01 25.16
CA ASN B 1068 -59.54 65.14 25.67
C ASN B 1068 -58.88 64.08 26.52
N ASN B 1069 -59.26 64.03 27.80
CA ASN B 1069 -58.59 63.13 28.73
C ASN B 1069 -58.76 61.67 28.33
N LEU B 1070 -59.96 61.30 27.88
CA LEU B 1070 -60.25 59.90 27.58
C LEU B 1070 -59.41 59.36 26.43
N GLY B 1071 -58.65 60.21 25.74
CA GLY B 1071 -57.95 59.81 24.55
C GLY B 1071 -58.65 60.29 23.30
N ASN B 1072 -58.35 59.63 22.21
CA ASN B 1072 -58.95 59.99 20.93
C ASN B 1072 -60.36 59.42 20.87
N VAL B 1073 -61.30 60.13 21.48
CA VAL B 1073 -62.70 59.72 21.53
C VAL B 1073 -63.56 60.93 21.82
N CYS B 1074 -64.78 60.94 21.31
CA CYS B 1074 -65.71 61.99 21.69
C CYS B 1074 -66.05 61.92 23.17
N ILE B 1075 -66.87 62.88 23.60
CA ILE B 1075 -67.39 62.92 24.95
C ILE B 1075 -68.83 62.45 25.02
N ASN B 1076 -69.70 63.02 24.20
CA ASN B 1076 -71.11 62.60 24.23
C ASN B 1076 -71.23 61.17 23.76
N CYS B 1077 -70.84 60.90 22.53
CA CYS B 1077 -70.65 59.53 22.11
C CYS B 1077 -69.20 59.19 22.43
N ARG B 1078 -68.75 58.04 21.99
CA ARG B 1078 -67.32 57.78 22.15
C ARG B 1078 -66.72 57.22 20.87
N GLN B 1079 -67.25 57.62 19.72
CA GLN B 1079 -66.75 57.10 18.47
C GLN B 1079 -65.32 57.56 18.30
N PRO B 1080 -64.34 56.67 18.36
CA PRO B 1080 -62.96 57.11 18.24
C PRO B 1080 -62.76 57.81 16.92
N PHE B 1081 -61.97 58.86 16.94
CA PHE B 1081 -61.69 59.58 15.72
C PHE B 1081 -60.89 58.69 14.79
N ILE B 1082 -61.11 58.87 13.49
CA ILE B 1082 -60.39 58.15 12.47
C ILE B 1082 -59.38 59.13 11.91
N PHE B 1083 -58.10 58.90 12.17
CA PHE B 1083 -57.08 59.80 11.69
C PHE B 1083 -56.45 59.29 10.41
N SER B 1084 -56.10 60.24 9.54
CA SER B 1084 -55.45 59.92 8.29
C SER B 1084 -54.00 59.59 8.56
N ALA B 1085 -53.19 59.46 7.51
CA ALA B 1085 -51.83 59.00 7.68
C ALA B 1085 -50.81 59.94 7.07
N SER B 1086 -51.20 61.11 6.60
CA SER B 1086 -50.25 62.08 6.08
C SER B 1086 -50.01 63.20 7.09
N SER B 1087 -51.07 63.91 7.46
CA SER B 1087 -50.98 65.01 8.40
C SER B 1087 -51.59 64.65 9.73
N TYR B 1088 -51.81 63.35 9.96
CA TYR B 1088 -52.51 62.89 11.13
C TYR B 1088 -53.67 63.80 11.48
N ASP B 1089 -54.54 64.02 10.51
CA ASP B 1089 -55.67 64.92 10.62
C ASP B 1089 -56.91 64.16 11.08
N VAL B 1090 -57.95 64.92 11.43
CA VAL B 1090 -59.22 64.31 11.81
C VAL B 1090 -60.02 64.07 10.55
N LEU B 1091 -60.72 62.95 10.50
CA LEU B 1091 -61.43 62.57 9.29
C LEU B 1091 -62.92 62.46 9.54
N HIS B 1092 -63.66 62.66 8.46
CA HIS B 1092 -65.11 62.62 8.42
C HIS B 1092 -65.66 61.24 8.13
N LEU B 1093 -65.08 60.22 8.74
CA LEU B 1093 -65.53 58.86 8.60
C LEU B 1093 -65.99 58.33 9.95
N VAL B 1094 -67.15 57.70 9.95
CA VAL B 1094 -67.71 57.07 11.14
C VAL B 1094 -67.74 55.57 10.91
N GLU B 1095 -67.43 54.81 11.94
CA GLU B 1095 -67.23 53.38 11.81
C GLU B 1095 -68.50 52.66 12.22
N PHE B 1096 -69.33 52.33 11.26
CA PHE B 1096 -70.50 51.54 11.61
C PHE B 1096 -70.14 50.07 11.54
N TYR B 1097 -70.84 49.27 12.33
CA TYR B 1097 -70.58 47.85 12.41
C TYR B 1097 -71.76 47.11 11.80
N LEU B 1098 -71.53 45.89 11.38
CA LEU B 1098 -72.59 45.18 10.69
C LEU B 1098 -73.59 44.62 11.69
N GLU B 1099 -74.72 44.15 11.17
CA GLU B 1099 -75.70 43.50 12.02
C GLU B 1099 -75.19 42.13 12.47
N GLU B 1100 -76.07 41.34 13.07
CA GLU B 1100 -75.65 40.05 13.63
C GLU B 1100 -75.51 38.99 12.54
N GLY B 1101 -76.59 38.71 11.83
CA GLY B 1101 -76.56 37.69 10.78
C GLY B 1101 -76.27 38.23 9.39
N ILE B 1102 -75.15 38.94 9.24
CA ILE B 1102 -74.77 39.55 7.98
C ILE B 1102 -73.29 39.26 7.72
N THR B 1103 -72.95 39.01 6.47
CA THR B 1103 -71.58 38.74 6.06
C THR B 1103 -71.05 39.88 5.20
N ASP B 1104 -69.72 39.94 5.10
CA ASP B 1104 -69.09 40.99 4.30
C ASP B 1104 -69.56 40.96 2.86
N GLU B 1105 -69.55 39.78 2.23
CA GLU B 1105 -70.07 39.68 0.88
C GLU B 1105 -71.51 40.18 0.84
N GLU B 1106 -72.32 39.80 1.83
CA GLU B 1106 -73.71 40.26 1.89
C GLU B 1106 -73.78 41.78 1.98
N ALA B 1107 -72.97 42.36 2.86
CA ALA B 1107 -73.05 43.82 3.05
C ALA B 1107 -72.67 44.56 1.78
N ILE B 1108 -71.56 44.19 1.15
CA ILE B 1108 -71.16 44.86 -0.08
C ILE B 1108 -72.22 44.67 -1.16
N SER B 1109 -72.79 43.47 -1.24
CA SER B 1109 -73.87 43.23 -2.18
C SER B 1109 -74.97 44.27 -1.97
N LEU B 1110 -75.45 44.40 -0.74
CA LEU B 1110 -76.49 45.39 -0.48
C LEU B 1110 -76.05 46.80 -0.85
N ILE B 1111 -74.84 47.19 -0.48
CA ILE B 1111 -74.42 48.57 -0.75
C ILE B 1111 -74.51 48.87 -2.22
N ASP B 1112 -73.87 48.04 -3.04
CA ASP B 1112 -73.83 48.33 -4.48
C ASP B 1112 -75.22 48.34 -5.10
N LEU B 1113 -76.15 47.56 -4.56
CA LEU B 1113 -77.50 47.50 -5.12
C LEU B 1113 -78.20 48.83 -4.84
N GLU B 1114 -78.49 49.58 -5.90
CA GLU B 1114 -79.17 50.84 -5.72
C GLU B 1114 -79.60 51.45 -7.05
N SER B 1161 -70.12 57.69 28.73
CA SER B 1161 -71.20 56.74 28.95
C SER B 1161 -70.97 55.45 28.17
N GLU B 1162 -69.82 54.84 28.39
CA GLU B 1162 -69.43 53.58 27.72
C GLU B 1162 -69.50 53.84 26.21
N PHE B 1163 -69.91 52.85 25.41
CA PHE B 1163 -70.00 53.07 23.97
C PHE B 1163 -71.07 52.12 23.42
N VAL B 1164 -72.11 52.67 22.83
CA VAL B 1164 -73.09 51.89 22.09
C VAL B 1164 -72.73 51.98 20.62
N PRO B 1165 -72.01 51.02 20.07
CA PRO B 1165 -71.63 51.10 18.65
C PRO B 1165 -72.87 51.07 17.76
N VAL B 1166 -72.81 51.84 16.69
CA VAL B 1166 -73.89 51.83 15.73
C VAL B 1166 -73.89 50.51 15.00
N VAL B 1167 -75.08 50.01 14.69
CA VAL B 1167 -75.22 48.75 13.99
C VAL B 1167 -76.10 48.94 12.78
N VAL B 1168 -75.48 49.24 11.63
CA VAL B 1168 -76.25 49.39 10.41
C VAL B 1168 -76.86 48.05 10.06
N SER B 1169 -78.11 48.08 9.63
CA SER B 1169 -78.81 46.85 9.28
C SER B 1169 -79.20 46.89 7.81
N ARG B 1170 -79.70 45.75 7.33
CA ARG B 1170 -79.83 45.48 5.90
C ARG B 1170 -80.52 46.59 5.14
N LEU B 1171 -81.70 47.00 5.61
CA LEU B 1171 -82.42 48.01 4.87
C LEU B 1171 -81.64 49.31 4.83
N VAL B 1172 -80.78 49.55 5.82
CA VAL B 1172 -79.88 50.69 5.73
C VAL B 1172 -78.79 50.42 4.70
N LEU B 1173 -78.17 49.24 4.72
CA LEU B 1173 -77.14 48.97 3.73
C LEU B 1173 -77.66 49.06 2.32
N ARG B 1174 -78.97 48.88 2.12
CA ARG B 1174 -79.56 49.12 0.82
C ARG B 1174 -79.88 50.58 0.61
N SER B 1175 -79.40 51.44 1.50
CA SER B 1175 -79.61 52.88 1.40
C SER B 1175 -78.29 53.61 1.43
N MET B 1176 -77.28 53.04 0.78
CA MET B 1176 -75.98 53.69 0.64
C MET B 1176 -75.47 53.36 -0.74
N SER B 1177 -74.29 53.88 -1.06
CA SER B 1177 -73.66 53.59 -2.34
C SER B 1177 -72.16 53.65 -2.15
N ARG B 1178 -71.42 52.90 -2.97
CA ARG B 1178 -69.97 52.85 -2.83
C ARG B 1178 -69.33 54.23 -2.78
N ARG B 1179 -70.04 55.28 -3.19
CA ARG B 1179 -69.54 56.63 -3.03
C ARG B 1179 -69.31 57.02 -1.57
N ASP B 1180 -70.06 56.45 -0.63
CA ASP B 1180 -70.06 56.93 0.75
C ASP B 1180 -69.61 55.91 1.78
N VAL B 1181 -69.06 54.78 1.39
CA VAL B 1181 -68.55 53.80 2.33
C VAL B 1181 -67.15 53.40 1.90
N LEU B 1182 -66.25 53.19 2.86
CA LEU B 1182 -64.92 52.65 2.62
C LEU B 1182 -64.80 51.33 3.35
N ILE B 1183 -64.57 50.24 2.61
CA ILE B 1183 -64.81 48.91 3.16
C ILE B 1183 -63.63 48.34 3.94
N LYS B 1184 -62.40 48.72 3.63
CA LYS B 1184 -61.23 48.28 4.38
C LYS B 1184 -61.20 46.78 4.57
N ARG B 1185 -61.30 46.08 3.45
CA ARG B 1185 -61.31 44.61 3.42
C ARG B 1185 -60.08 44.02 4.05
N TRP B 1186 -60.21 43.49 5.25
CA TRP B 1186 -59.04 42.89 5.87
C TRP B 1186 -58.88 41.47 5.35
N PRO B 1187 -57.86 40.72 5.76
CA PRO B 1187 -57.75 39.33 5.35
C PRO B 1187 -58.87 38.49 5.93
N PRO B 1188 -58.96 37.22 5.53
CA PRO B 1188 -60.03 36.34 6.04
C PRO B 1188 -60.05 36.21 7.55
N PRO B 1189 -58.90 36.07 8.25
CA PRO B 1189 -58.99 35.86 9.69
C PRO B 1189 -59.78 36.92 10.42
N LEU B 1190 -59.67 38.18 10.00
CA LEU B 1190 -60.44 39.26 10.58
C LEU B 1190 -61.72 39.48 9.78
N ARG B 1191 -62.53 40.42 10.25
CA ARG B 1191 -63.78 40.78 9.58
C ARG B 1191 -63.63 42.17 8.99
N TRP B 1192 -64.22 42.40 7.83
CA TRP B 1192 -64.12 43.72 7.21
C TRP B 1192 -64.87 44.74 8.04
N GLN B 1193 -64.16 45.76 8.50
CA GLN B 1193 -64.79 46.90 9.14
C GLN B 1193 -65.08 48.00 8.13
N TYR B 1194 -66.14 48.75 8.37
CA TYR B 1194 -66.70 49.67 7.41
C TYR B 1194 -66.48 51.10 7.89
N PHE B 1195 -66.71 52.07 7.02
CA PHE B 1195 -66.61 53.46 7.43
C PHE B 1195 -67.56 54.28 6.57
N ARG B 1196 -68.70 54.67 7.14
CA ARG B 1196 -69.51 55.63 6.44
C ARG B 1196 -68.75 56.94 6.35
N SER B 1197 -69.11 57.76 5.37
CA SER B 1197 -68.58 59.11 5.32
C SER B 1197 -69.73 60.09 5.43
N LEU B 1198 -69.45 61.24 5.99
CA LEU B 1198 -70.47 62.24 6.26
C LEU B 1198 -70.38 63.43 5.33
N LEU B 1199 -69.29 63.55 4.58
CA LEU B 1199 -69.12 64.57 3.56
C LEU B 1199 -68.69 63.86 2.29
N PRO B 1200 -69.61 63.15 1.63
CA PRO B 1200 -69.23 62.45 0.39
C PRO B 1200 -68.66 63.36 -0.68
N ASP B 1201 -68.95 64.66 -0.63
CA ASP B 1201 -68.34 65.58 -1.59
C ASP B 1201 -66.82 65.58 -1.47
N ALA B 1202 -66.30 65.51 -0.25
CA ALA B 1202 -64.86 65.33 -0.06
C ALA B 1202 -64.47 63.91 -0.41
N SER B 1203 -63.17 63.67 -0.56
CA SER B 1203 -62.69 62.38 -1.03
C SER B 1203 -61.65 61.82 -0.07
N ILE B 1204 -61.57 60.49 -0.06
CA ILE B 1204 -60.56 59.76 0.70
C ILE B 1204 -60.11 58.58 -0.15
N THR B 1205 -58.81 58.35 -0.20
CA THR B 1205 -58.28 57.20 -0.89
C THR B 1205 -57.66 56.25 0.11
N MET B 1206 -57.90 54.97 -0.09
CA MET B 1206 -57.44 53.95 0.82
C MET B 1206 -56.34 53.15 0.14
N CYS B 1207 -55.13 53.22 0.68
CA CYS B 1207 -54.04 52.41 0.14
C CYS B 1207 -54.44 50.94 0.20
N PRO B 1208 -54.48 50.25 -0.94
CA PRO B 1208 -54.96 48.86 -0.94
C PRO B 1208 -54.02 47.90 -0.29
N SER B 1209 -52.86 48.33 0.16
CA SER B 1209 -51.98 47.44 0.90
C SER B 1209 -52.19 47.55 2.40
N CYS B 1210 -51.91 48.71 2.96
CA CYS B 1210 -51.96 48.91 4.41
C CYS B 1210 -53.26 49.49 4.89
N PHE B 1211 -54.20 49.76 3.99
CA PHE B 1211 -55.56 50.18 4.32
C PHE B 1211 -55.59 51.43 5.19
N GLN B 1212 -54.50 52.17 5.22
CA GLN B 1212 -54.53 53.53 5.75
C GLN B 1212 -55.35 54.42 4.84
N MET B 1213 -55.85 55.52 5.39
CA MET B 1213 -56.67 56.45 4.64
C MET B 1213 -56.02 57.83 4.55
N PHE B 1214 -56.09 58.44 3.38
CA PHE B 1214 -55.60 59.78 3.20
C PHE B 1214 -56.63 60.61 2.47
N HIS B 1215 -56.53 61.92 2.62
CA HIS B 1215 -57.22 62.81 1.70
C HIS B 1215 -56.70 62.56 0.30
N SER B 1216 -57.60 62.46 -0.66
CA SER B 1216 -57.22 62.10 -2.02
C SER B 1216 -56.12 62.99 -2.54
N GLU B 1217 -56.33 64.31 -2.47
CA GLU B 1217 -55.35 65.25 -2.98
C GLU B 1217 -53.99 65.02 -2.37
N ASP B 1218 -53.95 64.77 -1.06
CA ASP B 1218 -52.67 64.56 -0.40
C ASP B 1218 -51.99 63.30 -0.89
N TYR B 1219 -52.77 62.24 -1.05
CA TYR B 1219 -52.21 60.95 -1.45
C TYR B 1219 -51.53 61.00 -2.81
N GLU B 1220 -52.03 61.80 -3.74
CA GLU B 1220 -51.35 61.84 -5.02
C GLU B 1220 -50.01 62.56 -4.93
N LEU B 1221 -49.96 63.68 -4.23
CA LEU B 1221 -48.67 64.32 -4.06
C LEU B 1221 -47.72 63.39 -3.36
N LEU B 1222 -48.20 62.64 -2.38
CA LEU B 1222 -47.33 61.77 -1.61
C LEU B 1222 -46.81 60.62 -2.45
N VAL B 1223 -47.66 59.98 -3.23
CA VAL B 1223 -47.21 58.91 -4.09
C VAL B 1223 -46.20 59.46 -5.09
N LEU B 1224 -46.48 60.60 -5.69
CA LEU B 1224 -45.55 61.13 -6.68
C LEU B 1224 -44.20 61.44 -6.05
N GLN B 1225 -44.22 62.04 -4.86
CA GLN B 1225 -42.98 62.41 -4.19
C GLN B 1225 -42.17 61.17 -3.84
N HIS B 1226 -42.83 60.13 -3.34
CA HIS B 1226 -42.11 58.98 -2.82
C HIS B 1226 -42.02 57.84 -3.81
N GLY B 1227 -42.95 57.73 -4.75
CA GLY B 1227 -42.98 56.57 -5.62
C GLY B 1227 -43.56 55.35 -4.98
N CYS B 1228 -44.18 55.49 -3.81
CA CYS B 1228 -44.80 54.39 -3.07
C CYS B 1228 -45.78 55.01 -2.10
N CYS B 1229 -46.58 54.17 -1.45
CA CYS B 1229 -47.28 54.68 -0.30
C CYS B 1229 -46.22 55.08 0.72
N PRO B 1230 -46.50 56.05 1.54
CA PRO B 1230 -45.50 56.44 2.54
C PRO B 1230 -45.51 55.52 3.73
N TYR B 1231 -46.66 54.90 3.96
CA TYR B 1231 -46.82 54.05 5.13
C TYR B 1231 -46.30 52.64 4.93
N CYS B 1232 -46.37 52.12 3.72
CA CYS B 1232 -46.05 50.73 3.49
C CYS B 1232 -45.02 50.54 2.40
N ARG B 1233 -44.70 51.58 1.65
CA ARG B 1233 -43.75 51.50 0.55
C ARG B 1233 -44.13 50.42 -0.44
N ARG B 1234 -45.43 50.14 -0.57
CA ARG B 1234 -45.88 49.24 -1.61
C ARG B 1234 -45.62 49.85 -2.99
N CYS B 1235 -45.65 49.00 -4.01
CA CYS B 1235 -45.37 49.43 -5.37
C CYS B 1235 -46.35 50.51 -5.82
N LYS B 1236 -45.93 51.27 -6.83
CA LYS B 1236 -46.74 52.35 -7.38
C LYS B 1236 -47.03 52.13 -8.85
N LEU C 347 -5.85 110.99 41.11
CA LEU C 347 -6.95 111.93 41.06
C LEU C 347 -7.60 111.99 42.44
N THR C 348 -8.04 113.18 42.84
CA THR C 348 -8.48 113.43 44.21
C THR C 348 -9.58 112.47 44.64
N LYS C 349 -10.57 112.26 43.79
CA LYS C 349 -11.69 111.38 44.10
C LYS C 349 -12.44 111.05 42.82
N LEU C 350 -12.88 109.81 42.71
CA LEU C 350 -13.65 109.35 41.55
C LEU C 350 -14.74 108.40 42.01
N PRO C 351 -15.96 108.88 42.17
CA PRO C 351 -17.05 107.98 42.55
C PRO C 351 -17.20 106.84 41.55
N ILE C 352 -17.54 105.66 42.08
CA ILE C 352 -17.46 104.42 41.33
C ILE C 352 -18.84 104.13 40.76
N LEU C 353 -19.01 104.38 39.48
CA LEU C 353 -20.25 104.04 38.80
C LEU C 353 -19.95 103.16 37.61
N GLY C 354 -20.98 102.54 37.07
CA GLY C 354 -20.81 101.65 35.95
C GLY C 354 -21.89 100.59 35.94
N ASP C 355 -21.93 99.82 34.86
CA ASP C 355 -22.99 98.83 34.74
C ASP C 355 -22.55 97.73 33.79
N ALA C 356 -23.41 96.73 33.66
CA ALA C 356 -23.09 95.53 32.92
C ALA C 356 -24.30 95.09 32.13
N CYS C 357 -24.06 94.59 30.93
CA CYS C 357 -25.08 93.92 30.15
C CYS C 357 -24.40 92.84 29.34
N SER C 358 -24.88 91.60 29.48
CA SER C 358 -24.20 90.47 28.84
C SER C 358 -22.75 90.50 29.27
N THR C 359 -21.87 90.90 28.35
CA THR C 359 -20.44 91.00 28.61
C THR C 359 -19.88 92.36 28.24
N ARG C 360 -20.62 93.44 28.47
CA ARG C 360 -20.19 94.77 28.02
C ARG C 360 -20.06 95.76 29.18
N ILE C 361 -18.82 95.95 29.64
CA ILE C 361 -18.57 96.93 30.71
C ILE C 361 -18.77 98.34 30.17
N ALA C 362 -19.13 99.25 31.08
CA ALA C 362 -19.29 100.67 30.73
C ALA C 362 -18.78 101.58 31.83
N TYR C 363 -17.58 101.32 32.34
CA TYR C 363 -17.19 101.95 33.58
C TYR C 363 -16.93 103.44 33.40
N LEU C 364 -16.95 104.16 34.52
CA LEU C 364 -16.61 105.57 34.54
C LEU C 364 -15.11 105.76 34.41
N THR C 365 -14.70 106.73 33.62
CA THR C 365 -13.27 107.05 33.64
C THR C 365 -12.97 108.27 34.50
N SER C 366 -13.51 109.43 34.16
CA SER C 366 -13.21 110.65 34.88
C SER C 366 -14.41 111.56 34.90
N LEU C 367 -14.20 112.76 35.41
CA LEU C 367 -15.29 113.70 35.65
C LEU C 367 -16.16 113.89 34.40
N LEU C 368 -15.55 113.89 33.22
CA LEU C 368 -16.27 114.17 31.97
C LEU C 368 -16.21 113.01 30.99
N GLU C 369 -16.09 111.77 31.45
CA GLU C 369 -15.84 110.70 30.50
C GLU C 369 -16.51 109.41 30.95
N VAL C 370 -16.65 108.50 30.00
CA VAL C 370 -17.05 107.12 30.26
C VAL C 370 -16.28 106.28 29.25
N THR C 371 -16.12 105.01 29.54
CA THR C 371 -15.54 104.05 28.59
C THR C 371 -16.44 102.84 28.46
N VAL C 372 -16.64 102.39 27.23
CA VAL C 372 -17.47 101.25 26.89
C VAL C 372 -16.61 100.21 26.25
N ALA C 373 -16.69 98.97 26.71
CA ALA C 373 -15.90 97.93 26.08
C ALA C 373 -16.57 96.59 26.27
N ASN C 374 -16.28 95.68 25.35
CA ASN C 374 -16.71 94.30 25.42
C ASN C 374 -15.50 93.39 25.22
N PRO C 375 -14.57 93.38 26.16
CA PRO C 375 -13.36 92.57 25.98
C PRO C 375 -13.65 91.11 25.74
N VAL C 376 -14.68 90.58 26.39
CA VAL C 376 -15.02 89.17 26.28
C VAL C 376 -15.13 88.76 24.82
N GLU C 377 -15.75 89.60 24.00
CA GLU C 377 -15.85 89.37 22.57
C GLU C 377 -14.80 90.16 21.79
N GLY C 378 -13.73 90.58 22.44
CA GLY C 378 -12.60 91.17 21.76
C GLY C 378 -12.92 92.45 21.01
N GLU C 379 -13.19 93.51 21.74
CA GLU C 379 -13.46 94.80 21.12
C GLU C 379 -12.55 95.87 21.71
N LEU C 380 -12.80 97.13 21.40
CA LEU C 380 -11.90 98.14 21.93
C LEU C 380 -12.61 99.06 22.91
N PRO C 381 -11.88 99.82 23.72
CA PRO C 381 -12.51 100.84 24.55
C PRO C 381 -12.84 102.09 23.76
N ILE C 382 -14.03 102.64 24.03
CA ILE C 382 -14.53 103.85 23.38
C ILE C 382 -14.67 104.87 24.51
N THR C 383 -15.23 106.05 24.23
CA THR C 383 -15.58 107.03 25.25
C THR C 383 -16.83 107.78 24.80
N VAL C 384 -17.52 108.42 25.76
CA VAL C 384 -18.71 109.18 25.41
C VAL C 384 -18.71 110.55 26.06
N SER C 385 -17.65 110.88 26.80
CA SER C 385 -17.38 112.24 27.22
C SER C 385 -18.63 113.00 27.72
N VAL C 386 -19.42 112.37 28.58
CA VAL C 386 -20.75 112.84 28.99
C VAL C 386 -20.77 114.31 29.39
N ASP C 387 -21.83 115.01 28.98
CA ASP C 387 -21.88 116.46 29.06
C ASP C 387 -21.83 117.01 30.48
N VAL C 388 -22.12 116.22 31.50
CA VAL C 388 -22.17 116.71 32.86
C VAL C 388 -21.39 115.77 33.77
N GLU C 389 -21.52 115.99 35.07
CA GLU C 389 -21.11 115.02 36.06
C GLU C 389 -22.18 113.94 36.18
N PRO C 390 -21.95 112.76 35.65
CA PRO C 390 -23.00 111.74 35.63
C PRO C 390 -23.31 111.25 37.03
N ASN C 391 -24.52 110.71 37.21
CA ASN C 391 -24.83 110.02 38.45
C ASN C 391 -25.04 108.55 38.15
N PHE C 392 -25.99 108.19 37.30
CA PHE C 392 -26.17 106.80 36.99
C PHE C 392 -25.66 106.51 35.59
N VAL C 393 -25.05 105.34 35.42
CA VAL C 393 -24.60 104.93 34.10
C VAL C 393 -25.19 103.56 33.81
N ALA C 394 -26.34 103.52 33.18
CA ALA C 394 -26.83 102.26 32.66
C ALA C 394 -26.10 101.92 31.38
N VAL C 395 -26.14 100.66 31.01
CA VAL C 395 -25.58 100.21 29.73
C VAL C 395 -26.41 99.01 29.30
N GLY C 396 -26.29 98.67 28.03
CA GLY C 396 -27.14 97.65 27.47
C GLY C 396 -26.55 97.20 26.16
N LEU C 397 -27.32 96.39 25.45
CA LEU C 397 -26.86 95.93 24.15
C LEU C 397 -26.44 97.09 23.26
N TYR C 398 -27.28 98.12 23.19
CA TYR C 398 -27.15 99.08 22.09
C TYR C 398 -27.20 100.52 22.56
N HIS C 399 -27.07 100.76 23.87
CA HIS C 399 -27.17 102.14 24.35
C HIS C 399 -26.43 102.30 25.66
N LEU C 400 -26.08 103.54 25.95
CA LEU C 400 -25.60 103.98 27.23
C LEU C 400 -26.63 104.95 27.79
N ALA C 401 -26.44 105.36 29.03
CA ALA C 401 -27.37 106.33 29.60
C ALA C 401 -26.75 106.97 30.83
N VAL C 402 -26.82 108.29 30.92
CA VAL C 402 -26.30 109.02 32.06
C VAL C 402 -27.22 110.19 32.34
N GLY C 403 -27.58 110.39 33.58
CA GLY C 403 -28.41 111.50 33.97
C GLY C 403 -28.11 111.90 35.40
N MET C 404 -28.32 113.14 35.69
CA MET C 404 -27.79 113.42 37.00
C MET C 404 -28.85 113.84 37.99
N ASN C 405 -29.79 114.68 37.59
CA ASN C 405 -30.70 115.17 38.60
C ASN C 405 -32.12 114.75 38.26
N ASN C 406 -32.59 115.15 37.08
CA ASN C 406 -33.91 114.80 36.61
C ASN C 406 -33.87 114.39 35.15
N ARG C 407 -32.67 114.21 34.61
CA ARG C 407 -32.50 114.10 33.18
C ARG C 407 -31.79 112.79 32.87
N ALA C 408 -31.70 112.47 31.58
CA ALA C 408 -31.04 111.24 31.15
C ALA C 408 -30.61 111.47 29.70
N TRP C 409 -29.30 111.58 29.49
CA TRP C 409 -28.74 111.64 28.15
C TRP C 409 -28.52 110.22 27.65
N PHE C 410 -29.47 109.66 26.93
CA PHE C 410 -29.17 108.42 26.25
C PHE C 410 -28.12 108.66 25.17
N TYR C 411 -27.35 107.61 24.88
CA TYR C 411 -26.45 107.62 23.74
C TYR C 411 -26.58 106.29 23.04
N VAL C 412 -26.21 106.24 21.77
CA VAL C 412 -26.27 105.02 20.99
C VAL C 412 -24.90 104.40 20.94
N LEU C 413 -24.80 103.17 21.45
CA LEU C 413 -23.55 102.42 21.35
C LEU C 413 -23.55 101.73 20.00
N GLY C 414 -23.01 102.43 19.01
CA GLY C 414 -22.70 101.84 17.73
C GLY C 414 -21.35 101.14 17.78
N GLU C 415 -20.92 100.70 16.61
CA GLU C 415 -19.62 100.08 16.45
C GLU C 415 -18.54 101.09 16.12
N ASN C 416 -18.93 102.32 15.77
CA ASN C 416 -18.01 103.38 15.42
C ASN C 416 -18.04 104.53 16.42
N ALA C 417 -19.20 105.11 16.67
CA ALA C 417 -19.29 106.30 17.49
C ALA C 417 -20.66 106.35 18.16
N VAL C 418 -20.87 107.38 18.96
CA VAL C 418 -22.09 107.54 19.74
C VAL C 418 -22.79 108.81 19.31
N LYS C 419 -24.11 108.74 19.20
CA LYS C 419 -24.95 109.87 18.86
C LYS C 419 -25.84 110.21 20.04
N LYS C 420 -25.90 111.49 20.39
CA LYS C 420 -26.70 111.92 21.53
C LYS C 420 -28.16 111.72 21.16
N LEU C 421 -28.64 110.50 21.39
CA LEU C 421 -29.94 110.08 20.89
C LEU C 421 -31.03 111.08 21.26
N LYS C 422 -31.29 111.25 22.55
CA LYS C 422 -32.25 112.23 23.04
C LYS C 422 -31.75 112.80 24.34
N ASP C 423 -32.58 113.63 24.96
CA ASP C 423 -32.29 114.24 26.24
C ASP C 423 -33.51 114.13 27.14
N MET C 424 -34.12 112.94 27.15
CA MET C 424 -35.44 112.80 27.79
C MET C 424 -35.31 113.03 29.29
N GLU C 425 -36.41 113.47 29.89
CA GLU C 425 -36.42 113.90 31.28
C GLU C 425 -37.51 113.17 32.04
N TYR C 426 -37.47 113.29 33.36
CA TYR C 426 -38.40 112.58 34.22
C TYR C 426 -38.96 113.52 35.27
N LEU C 427 -40.01 113.04 35.95
CA LEU C 427 -40.80 113.83 36.88
C LEU C 427 -40.23 113.87 38.29
N GLY C 428 -39.15 113.16 38.56
CA GLY C 428 -38.54 113.22 39.87
C GLY C 428 -37.07 112.87 39.80
N THR C 429 -36.42 112.90 40.96
CA THR C 429 -35.06 112.44 41.08
C THR C 429 -34.91 111.07 40.46
N VAL C 430 -34.15 110.97 39.38
CA VAL C 430 -34.00 109.69 38.70
C VAL C 430 -33.02 108.83 39.47
N ALA C 431 -33.44 107.62 39.83
CA ALA C 431 -32.67 106.83 40.81
C ALA C 431 -31.66 105.91 40.12
N SER C 432 -32.14 104.96 39.32
CA SER C 432 -31.26 104.03 38.63
C SER C 432 -31.97 103.47 37.41
N ILE C 433 -31.71 104.02 36.25
CA ILE C 433 -32.35 103.51 35.05
C ILE C 433 -31.58 102.31 34.55
N CYS C 434 -32.26 101.45 33.82
CA CYS C 434 -31.68 100.18 33.39
C CYS C 434 -32.08 99.95 31.95
N LEU C 435 -31.10 99.96 31.06
CA LEU C 435 -31.29 99.84 29.63
C LEU C 435 -30.81 98.46 29.23
N HIS C 436 -31.73 97.55 28.98
CA HIS C 436 -31.38 96.36 28.24
C HIS C 436 -32.25 96.33 27.01
N SER C 437 -31.71 95.85 25.89
CA SER C 437 -32.47 95.77 24.64
C SER C 437 -32.98 97.17 24.24
N ASP C 438 -34.19 97.24 23.67
CA ASP C 438 -34.70 98.51 23.14
C ASP C 438 -35.34 99.38 24.21
N TYR C 439 -36.31 98.84 24.93
CA TYR C 439 -37.02 99.64 25.92
C TYR C 439 -36.11 100.01 27.06
N ALA C 440 -36.48 101.06 27.79
CA ALA C 440 -35.77 101.54 28.96
C ALA C 440 -36.77 101.69 30.09
N ALA C 441 -36.25 101.78 31.32
CA ALA C 441 -37.15 101.84 32.48
C ALA C 441 -36.51 102.70 33.56
N ALA C 442 -36.85 103.98 33.57
CA ALA C 442 -36.33 104.84 34.61
C ALA C 442 -37.02 104.54 35.93
N LEU C 443 -36.45 105.06 37.02
CA LEU C 443 -36.95 104.85 38.39
C LEU C 443 -36.84 106.17 39.14
N PHE C 444 -37.94 106.90 39.20
CA PHE C 444 -37.98 108.19 39.88
C PHE C 444 -39.08 108.18 40.93
N GLU C 445 -38.69 108.31 42.20
CA GLU C 445 -39.61 108.50 43.33
C GLU C 445 -40.63 107.36 43.44
N GLY C 446 -40.13 106.15 43.62
CA GLY C 446 -41.03 105.05 43.88
C GLY C 446 -41.96 104.72 42.76
N LYS C 447 -41.67 105.19 41.56
CA LYS C 447 -42.41 104.87 40.36
C LYS C 447 -41.43 104.26 39.37
N VAL C 448 -41.93 103.60 38.34
CA VAL C 448 -41.09 103.12 37.26
C VAL C 448 -41.84 103.34 35.96
N GLN C 449 -41.14 103.80 34.94
CA GLN C 449 -41.83 104.40 33.80
C GLN C 449 -41.23 103.84 32.52
N LEU C 450 -41.75 102.71 32.08
CA LEU C 450 -41.24 102.00 30.90
C LEU C 450 -41.50 102.84 29.65
N HIS C 451 -40.44 103.28 28.98
CA HIS C 451 -40.58 104.07 27.76
C HIS C 451 -39.63 103.56 26.69
N LEU C 452 -40.13 103.53 25.46
CA LEU C 452 -39.30 103.13 24.34
C LEU C 452 -38.30 104.25 24.03
N ILE C 453 -37.09 103.86 23.63
CA ILE C 453 -36.03 104.86 23.47
C ILE C 453 -36.04 105.49 22.09
N GLU C 454 -35.72 104.72 21.07
CA GLU C 454 -35.58 105.24 19.72
C GLU C 454 -36.97 105.26 19.11
N SER C 455 -37.73 106.32 19.40
CA SER C 455 -39.12 106.39 19.00
C SER C 455 -39.32 107.57 18.05
N GLU C 456 -39.86 107.26 16.89
CA GLU C 456 -40.46 108.23 16.00
C GLU C 456 -41.85 107.71 15.66
N ILE C 457 -42.83 108.61 15.62
CA ILE C 457 -44.23 108.21 15.62
C ILE C 457 -44.53 107.67 14.23
N LEU C 458 -44.15 106.41 14.01
CA LEU C 458 -44.38 105.71 12.75
C LEU C 458 -45.16 104.42 13.05
N ASP C 459 -46.49 104.52 13.08
CA ASP C 459 -47.37 103.37 13.27
C ASP C 459 -47.01 102.59 14.53
N ALA C 460 -46.53 103.30 15.55
CA ALA C 460 -46.21 102.71 16.84
C ALA C 460 -47.34 103.02 17.80
N GLN C 461 -47.98 101.98 18.31
CA GLN C 461 -49.16 102.17 19.15
C GLN C 461 -48.78 102.95 20.40
N GLU C 462 -49.53 104.01 20.69
CA GLU C 462 -49.26 104.80 21.88
C GLU C 462 -49.48 103.98 23.15
N GLU C 463 -50.15 102.84 23.05
CA GLU C 463 -50.15 101.89 24.15
C GLU C 463 -48.75 101.44 24.49
N ARG C 464 -47.84 101.43 23.52
CA ARG C 464 -46.50 100.91 23.76
C ARG C 464 -45.50 101.98 24.18
N GLU C 465 -45.76 103.24 23.88
CA GLU C 465 -44.74 104.28 24.06
C GLU C 465 -44.35 104.45 25.52
N THR C 466 -45.32 104.43 26.43
CA THR C 466 -45.06 104.84 27.80
C THR C 466 -46.04 104.18 28.74
N ARG C 467 -45.55 103.70 29.88
CA ARG C 467 -46.44 103.18 30.90
C ARG C 467 -45.76 103.40 32.24
N LEU C 468 -46.57 103.49 33.29
CA LEU C 468 -46.09 103.98 34.58
C LEU C 468 -46.44 103.01 35.70
N PHE C 469 -45.54 102.09 36.02
CA PHE C 469 -45.69 101.22 37.17
C PHE C 469 -45.21 101.91 38.43
N PRO C 470 -45.81 101.60 39.59
CA PRO C 470 -46.94 100.74 39.91
C PRO C 470 -48.18 101.23 39.20
N ALA C 471 -49.18 100.37 39.01
CA ALA C 471 -50.40 100.80 38.36
C ALA C 471 -50.95 102.05 39.02
N VAL C 472 -51.66 102.87 38.23
CA VAL C 472 -52.09 104.21 38.61
C VAL C 472 -52.76 104.23 39.99
N ASP C 473 -53.46 103.15 40.36
CA ASP C 473 -54.31 103.17 41.54
C ASP C 473 -53.68 102.54 42.78
N ASP C 474 -52.79 101.56 42.64
CA ASP C 474 -52.35 100.78 43.79
C ASP C 474 -51.48 101.62 44.72
N LYS C 475 -51.11 101.02 45.86
CA LYS C 475 -50.30 101.68 46.89
C LYS C 475 -49.01 100.90 47.07
N CYS C 476 -47.98 101.26 46.30
CA CYS C 476 -46.66 100.69 46.44
C CYS C 476 -45.64 101.77 46.15
N ARG C 477 -44.37 101.44 46.32
CA ARG C 477 -43.28 102.30 45.87
C ARG C 477 -42.20 101.39 45.34
N ILE C 478 -42.01 101.38 44.02
CA ILE C 478 -41.13 100.36 43.45
C ILE C 478 -39.71 100.66 43.90
N LEU C 479 -39.21 99.86 44.85
CA LEU C 479 -37.86 100.10 45.35
C LEU C 479 -36.82 99.74 44.30
N CYS C 480 -36.86 98.52 43.79
CA CYS C 480 -35.85 98.05 42.87
C CYS C 480 -36.52 97.41 41.67
N HIS C 481 -36.06 97.77 40.49
CA HIS C 481 -36.48 97.09 39.28
C HIS C 481 -35.22 96.60 38.59
N ALA C 482 -35.38 95.62 37.72
CA ALA C 482 -34.25 95.20 36.91
C ALA C 482 -34.82 94.63 35.63
N LEU C 483 -34.19 94.95 34.52
CA LEU C 483 -34.77 94.67 33.22
C LEU C 483 -34.00 93.51 32.59
N THR C 484 -34.68 92.74 31.77
CA THR C 484 -34.09 91.54 31.18
C THR C 484 -34.25 91.65 29.68
N SER C 485 -34.04 90.54 28.97
CA SER C 485 -34.30 90.55 27.54
C SER C 485 -35.70 91.03 27.23
N ASP C 486 -36.70 90.41 27.84
CA ASP C 486 -38.04 90.96 27.77
C ASP C 486 -38.77 90.70 29.09
N PHE C 487 -38.64 91.62 30.04
CA PHE C 487 -39.34 91.55 31.31
C PHE C 487 -39.06 92.83 32.08
N LEU C 488 -40.02 93.25 32.88
CA LEU C 488 -39.81 94.40 33.75
C LEU C 488 -39.91 93.97 35.21
N ILE C 489 -39.15 92.95 35.58
CA ILE C 489 -39.09 92.52 36.96
C ILE C 489 -38.87 93.74 37.84
N TYR C 490 -39.74 93.98 38.81
CA TYR C 490 -39.49 95.02 39.79
C TYR C 490 -39.80 94.50 41.17
N GLY C 491 -39.49 95.31 42.18
CA GLY C 491 -39.81 94.96 43.55
C GLY C 491 -40.83 95.94 44.08
N THR C 492 -41.20 95.86 45.35
CA THR C 492 -42.25 96.72 45.90
C THR C 492 -41.98 96.97 47.36
N ASP C 493 -43.01 97.42 48.07
CA ASP C 493 -43.00 97.53 49.52
C ASP C 493 -43.86 96.47 50.17
N THR C 494 -45.01 96.15 49.57
CA THR C 494 -45.79 95.00 49.96
C THR C 494 -45.29 93.71 49.32
N GLY C 495 -44.03 93.68 48.90
CA GLY C 495 -43.39 92.44 48.48
C GLY C 495 -43.90 91.83 47.20
N VAL C 496 -44.19 92.61 46.19
CA VAL C 496 -44.80 92.10 44.97
C VAL C 496 -43.76 92.10 43.87
N VAL C 497 -43.28 90.92 43.50
CA VAL C 497 -42.32 90.79 42.42
C VAL C 497 -43.02 90.50 41.11
N GLN C 498 -43.47 91.54 40.42
CA GLN C 498 -44.23 91.37 39.19
C GLN C 498 -43.31 91.35 37.99
N TYR C 499 -43.22 90.20 37.34
CA TYR C 499 -42.68 90.15 36.00
C TYR C 499 -43.68 90.84 35.07
N PHE C 500 -43.18 91.38 33.97
CA PHE C 500 -44.02 92.09 33.01
C PHE C 500 -43.50 91.84 31.59
N TYR C 501 -44.12 90.91 30.89
CA TYR C 501 -43.69 90.58 29.53
C TYR C 501 -43.91 91.77 28.61
N ILE C 502 -42.83 92.43 28.18
CA ILE C 502 -43.00 93.66 27.41
C ILE C 502 -43.60 93.37 26.04
N GLU C 503 -43.23 92.25 25.44
CA GLU C 503 -43.61 91.99 24.05
C GLU C 503 -45.12 91.91 23.86
N ASP C 504 -45.84 91.23 24.76
CA ASP C 504 -47.29 91.18 24.69
C ASP C 504 -47.92 91.97 25.82
N TRP C 505 -47.11 92.74 26.53
CA TRP C 505 -47.55 93.89 27.28
C TRP C 505 -48.58 93.47 28.33
N GLN C 506 -48.22 92.45 29.10
CA GLN C 506 -49.12 91.91 30.10
C GLN C 506 -48.31 91.34 31.25
N PHE C 507 -48.95 91.16 32.39
CA PHE C 507 -48.30 90.51 33.51
C PHE C 507 -48.27 89.00 33.30
N VAL C 508 -47.21 88.38 33.79
CA VAL C 508 -47.07 86.94 33.67
C VAL C 508 -46.86 86.30 35.04
N ASN C 509 -46.44 87.10 36.01
CA ASN C 509 -46.12 86.53 37.31
C ASN C 509 -46.48 87.50 38.41
N ASP C 510 -47.03 86.97 39.51
CA ASP C 510 -47.26 87.72 40.74
C ASP C 510 -46.83 86.86 41.92
N TYR C 511 -45.61 87.06 42.39
CA TYR C 511 -45.20 86.45 43.65
C TYR C 511 -45.62 87.39 44.78
N ARG C 512 -45.38 86.98 46.02
CA ARG C 512 -45.74 87.84 47.15
C ARG C 512 -44.80 87.52 48.31
N HIS C 513 -43.72 88.29 48.43
CA HIS C 513 -42.81 88.04 49.52
C HIS C 513 -43.38 88.57 50.84
N PRO C 514 -43.06 87.92 51.95
CA PRO C 514 -43.52 88.42 53.26
C PRO C 514 -43.13 89.84 53.55
N VAL C 515 -42.08 90.37 52.91
CA VAL C 515 -41.52 91.67 53.28
C VAL C 515 -41.10 92.36 51.97
N SER C 516 -40.76 93.64 52.05
CA SER C 516 -40.50 94.45 50.88
C SER C 516 -39.21 94.00 50.21
N VAL C 517 -39.35 93.31 49.07
CA VAL C 517 -38.20 93.01 48.24
C VAL C 517 -37.54 94.32 47.84
N LYS C 518 -36.27 94.49 48.21
CA LYS C 518 -35.65 95.78 48.06
C LYS C 518 -34.44 95.80 47.14
N LYS C 519 -33.97 94.66 46.65
CA LYS C 519 -32.96 94.62 45.61
C LYS C 519 -33.18 93.36 44.79
N ILE C 520 -33.05 93.45 43.47
CA ILE C 520 -33.25 92.31 42.59
C ILE C 520 -32.16 92.22 41.54
N PHE C 521 -31.77 91.00 41.20
CA PHE C 521 -30.72 90.76 40.20
C PHE C 521 -31.07 89.53 39.36
N PRO C 522 -31.66 89.68 38.19
CA PRO C 522 -32.00 88.52 37.37
C PRO C 522 -30.77 87.86 36.77
N ASP C 523 -30.93 86.58 36.43
CA ASP C 523 -29.88 85.83 35.76
C ASP C 523 -29.79 86.27 34.31
N PRO C 524 -28.69 86.00 33.63
CA PRO C 524 -28.58 86.43 32.23
C PRO C 524 -29.72 85.93 31.37
N ASN C 525 -30.14 84.67 31.57
CA ASN C 525 -31.23 84.13 30.77
C ASN C 525 -32.55 84.79 31.13
N GLY C 526 -32.68 85.31 32.35
CA GLY C 526 -33.85 86.11 32.68
C GLY C 526 -34.87 85.42 33.57
N THR C 527 -35.01 84.10 33.42
CA THR C 527 -36.07 83.41 34.13
C THR C 527 -35.90 83.50 35.64
N ARG C 528 -34.79 82.99 36.15
CA ARG C 528 -34.62 82.96 37.59
C ARG C 528 -34.20 84.33 38.10
N LEU C 529 -34.14 84.47 39.41
CA LEU C 529 -33.97 85.79 39.99
C LEU C 529 -33.27 85.63 41.33
N VAL C 530 -32.60 86.69 41.77
CA VAL C 530 -32.02 86.74 43.10
C VAL C 530 -32.44 88.05 43.72
N PHE C 531 -33.07 87.99 44.88
CA PHE C 531 -33.52 89.23 45.51
C PHE C 531 -33.20 89.21 46.99
N ILE C 532 -33.04 90.41 47.55
CA ILE C 532 -32.73 90.58 48.95
C ILE C 532 -33.89 91.33 49.60
N ASP C 533 -34.40 90.80 50.70
CA ASP C 533 -35.47 91.48 51.41
C ASP C 533 -34.87 92.40 52.47
N GLU C 534 -35.72 92.94 53.34
CA GLU C 534 -35.25 93.94 54.31
C GLU C 534 -34.23 93.34 55.25
N LYS C 535 -34.48 92.16 55.74
CA LYS C 535 -33.62 91.61 56.77
C LYS C 535 -32.32 91.10 56.25
N SER C 536 -31.99 91.39 54.99
CA SER C 536 -30.79 90.88 54.35
C SER C 536 -30.84 89.36 54.23
N ASP C 537 -31.96 88.85 53.73
CA ASP C 537 -32.19 87.42 53.58
C ASP C 537 -32.37 87.13 52.09
N GLY C 538 -31.31 86.76 51.42
CA GLY C 538 -31.38 86.49 50.01
C GLY C 538 -32.31 85.34 49.72
N PHE C 539 -32.59 85.15 48.44
CA PHE C 539 -33.50 84.11 47.99
C PHE C 539 -33.23 83.88 46.52
N VAL C 540 -33.76 82.77 46.00
CA VAL C 540 -33.69 82.56 44.57
C VAL C 540 -35.07 82.21 44.02
N TYR C 541 -35.83 83.21 43.65
CA TYR C 541 -37.14 82.98 43.06
C TYR C 541 -37.02 82.48 41.63
N CYS C 542 -37.68 81.36 41.34
CA CYS C 542 -37.65 80.75 40.01
C CYS C 542 -39.08 80.65 39.50
N PRO C 543 -39.60 81.69 38.86
CA PRO C 543 -41.04 81.79 38.62
C PRO C 543 -41.69 80.56 38.02
N VAL C 544 -40.91 79.77 37.28
CA VAL C 544 -41.46 78.58 36.62
C VAL C 544 -42.20 77.72 37.62
N ASN C 545 -41.47 77.17 38.58
CA ASN C 545 -42.07 76.58 39.76
C ASN C 545 -42.05 77.64 40.84
N ASP C 546 -43.23 78.08 41.24
CA ASP C 546 -43.35 79.35 41.95
C ASP C 546 -42.88 79.08 43.37
N ALA C 547 -41.58 79.25 43.61
CA ALA C 547 -41.03 78.87 44.90
C ALA C 547 -39.72 79.58 45.13
N THR C 548 -39.44 79.88 46.39
CA THR C 548 -38.22 80.57 46.80
C THR C 548 -37.36 79.63 47.62
N TYR C 549 -36.07 79.59 47.30
CA TYR C 549 -35.09 78.83 48.06
C TYR C 549 -34.16 79.78 48.78
N GLU C 550 -33.92 79.53 50.06
CA GLU C 550 -33.12 80.45 50.85
C GLU C 550 -31.64 80.19 50.64
N ILE C 551 -30.87 81.27 50.57
CA ILE C 551 -29.45 81.19 50.30
C ILE C 551 -28.72 81.03 51.63
N PRO C 552 -28.13 79.87 51.91
CA PRO C 552 -27.53 79.66 53.23
C PRO C 552 -26.31 80.52 53.45
N ASP C 553 -26.10 80.87 54.71
CA ASP C 553 -24.97 81.68 55.14
C ASP C 553 -24.83 82.93 54.29
N PHE C 554 -25.83 83.80 54.32
CA PHE C 554 -25.84 85.01 53.53
C PHE C 554 -25.28 86.15 54.38
N SER C 555 -24.26 86.81 53.87
CA SER C 555 -23.64 87.89 54.62
C SER C 555 -24.68 88.97 54.95
N PRO C 556 -24.61 89.56 56.14
CA PRO C 556 -25.64 90.53 56.52
C PRO C 556 -25.59 91.81 55.72
N THR C 557 -24.49 92.08 55.02
CA THR C 557 -24.33 93.35 54.31
C THR C 557 -24.04 93.14 52.83
N ILE C 558 -24.55 92.06 52.25
CA ILE C 558 -24.44 91.89 50.81
C ILE C 558 -24.94 93.12 50.10
N LYS C 559 -24.20 93.55 49.08
CA LYS C 559 -24.56 94.72 48.32
C LYS C 559 -24.96 94.43 46.89
N GLY C 560 -24.42 93.37 46.28
CA GLY C 560 -24.73 93.09 44.90
C GLY C 560 -24.53 91.62 44.60
N VAL C 561 -25.00 91.23 43.42
CA VAL C 561 -24.91 89.86 42.95
C VAL C 561 -24.70 89.89 41.45
N LEU C 562 -23.63 89.30 40.97
CA LEU C 562 -23.38 89.22 39.54
C LEU C 562 -23.45 87.76 39.13
N TRP C 563 -24.48 87.43 38.35
CA TRP C 563 -24.63 86.08 37.86
C TRP C 563 -23.47 85.69 36.97
N GLU C 564 -23.27 84.39 36.84
CA GLU C 564 -22.21 83.89 35.97
C GLU C 564 -22.64 84.06 34.52
N ASN C 565 -21.79 84.72 33.72
CA ASN C 565 -22.12 85.02 32.34
C ASN C 565 -21.70 83.93 31.36
N TRP C 566 -20.69 83.15 31.70
CA TRP C 566 -20.18 82.13 30.80
C TRP C 566 -21.28 81.15 30.40
N PRO C 567 -21.47 80.91 29.10
CA PRO C 567 -22.65 80.17 28.64
C PRO C 567 -22.84 78.80 29.26
N MET C 568 -21.77 78.05 29.44
CA MET C 568 -21.90 76.65 29.82
C MET C 568 -22.09 76.44 31.31
N ASP C 569 -22.01 77.49 32.11
CA ASP C 569 -22.09 77.38 33.55
C ASP C 569 -23.51 77.68 34.00
N LYS C 570 -24.13 76.73 34.70
CA LYS C 570 -25.54 76.81 35.05
C LYS C 570 -25.73 77.36 36.47
N GLY C 571 -26.12 78.62 36.56
CA GLY C 571 -26.69 79.16 37.78
C GLY C 571 -25.74 79.65 38.85
N VAL C 572 -24.46 79.75 38.60
CA VAL C 572 -23.55 80.24 39.62
C VAL C 572 -23.68 81.75 39.72
N PHE C 573 -23.60 82.29 40.93
CA PHE C 573 -23.74 83.74 41.06
C PHE C 573 -22.94 84.20 42.28
N ILE C 574 -21.79 84.82 42.03
CA ILE C 574 -21.09 85.38 43.17
C ILE C 574 -21.94 86.47 43.79
N ALA C 575 -22.25 86.33 45.06
CA ALA C 575 -22.59 87.51 45.84
C ALA C 575 -21.30 88.15 46.32
N TYR C 576 -21.39 89.39 46.78
CA TYR C 576 -20.20 90.10 47.18
C TYR C 576 -20.60 91.22 48.09
N ASP C 577 -19.82 91.47 49.14
CA ASP C 577 -20.19 92.67 49.87
C ASP C 577 -19.11 93.72 50.06
N ASP C 578 -18.11 93.46 50.90
CA ASP C 578 -17.15 94.49 51.22
C ASP C 578 -15.72 94.02 50.99
N ASP C 579 -15.37 92.92 51.64
CA ASP C 579 -14.06 92.32 51.56
C ASP C 579 -14.22 90.82 51.42
N LYS C 580 -15.13 90.42 50.55
CA LYS C 580 -15.43 89.01 50.38
C LYS C 580 -16.28 88.82 49.13
N VAL C 581 -16.05 87.73 48.41
CA VAL C 581 -16.90 87.34 47.31
C VAL C 581 -17.25 85.88 47.51
N TYR C 582 -18.52 85.60 47.76
CA TYR C 582 -18.97 84.24 47.94
C TYR C 582 -19.36 83.68 46.57
N THR C 583 -19.56 82.38 46.49
CA THR C 583 -19.66 81.76 45.17
C THR C 583 -20.83 80.80 45.14
N TYR C 584 -21.99 81.26 45.59
CA TYR C 584 -23.16 80.40 45.63
C TYR C 584 -23.44 79.75 44.29
N VAL C 585 -24.12 78.61 44.33
CA VAL C 585 -24.41 77.84 43.12
C VAL C 585 -25.80 77.26 43.24
N PHE C 586 -26.70 77.67 42.36
CA PHE C 586 -28.03 77.07 42.39
C PHE C 586 -27.94 75.58 42.08
N HIS C 587 -29.04 74.87 42.35
CA HIS C 587 -29.09 73.45 42.02
C HIS C 587 -30.54 73.11 41.70
N LYS C 588 -30.88 73.15 40.42
CA LYS C 588 -32.26 72.95 40.03
C LYS C 588 -32.67 71.49 40.13
N ASP C 589 -31.87 70.60 39.58
CA ASP C 589 -32.24 69.20 39.40
C ASP C 589 -31.33 68.33 40.26
N THR C 590 -31.82 67.89 41.41
CA THR C 590 -31.09 66.94 42.22
C THR C 590 -32.07 65.88 42.71
N ILE C 591 -31.52 64.77 43.18
CA ILE C 591 -32.36 63.72 43.71
C ILE C 591 -33.10 64.20 44.95
N GLN C 592 -32.43 65.00 45.79
CA GLN C 592 -32.99 65.42 47.06
C GLN C 592 -33.74 66.74 46.99
N GLY C 593 -34.24 67.10 45.81
CA GLY C 593 -34.90 68.38 45.64
C GLY C 593 -33.91 69.50 45.39
N ALA C 594 -34.45 70.62 44.96
CA ALA C 594 -33.60 71.76 44.62
C ALA C 594 -33.12 72.48 45.88
N LYS C 595 -31.94 73.08 45.79
CA LYS C 595 -31.36 73.79 46.92
C LYS C 595 -30.23 74.68 46.40
N VAL C 596 -29.80 75.60 47.25
CA VAL C 596 -28.73 76.53 46.94
C VAL C 596 -27.55 76.23 47.84
N ILE C 597 -26.36 76.12 47.26
CA ILE C 597 -25.20 75.61 47.98
C ILE C 597 -24.06 76.60 47.86
N LEU C 598 -23.49 76.99 48.99
CA LEU C 598 -22.29 77.81 48.98
C LEU C 598 -21.12 76.99 48.48
N ALA C 599 -20.32 77.56 47.60
CA ALA C 599 -19.17 76.86 47.04
C ALA C 599 -17.85 77.29 47.64
N GLY C 600 -17.74 78.52 48.12
CA GLY C 600 -16.48 78.98 48.66
C GLY C 600 -16.52 80.44 49.00
N SER C 601 -15.35 81.02 49.18
CA SER C 601 -15.20 82.44 49.43
C SER C 601 -14.02 82.95 48.65
N THR C 602 -13.71 84.24 48.81
CA THR C 602 -12.52 84.82 48.19
C THR C 602 -12.25 86.12 48.92
N LYS C 603 -11.27 86.90 48.47
CA LYS C 603 -11.00 88.21 49.04
C LYS C 603 -10.83 89.18 47.88
N VAL C 604 -11.21 90.43 48.11
CA VAL C 604 -11.15 91.48 47.11
C VAL C 604 -10.24 92.56 47.63
N PRO C 605 -9.30 93.06 46.83
CA PRO C 605 -8.47 94.18 47.27
C PRO C 605 -9.35 95.33 47.71
N PHE C 606 -8.95 96.00 48.77
CA PHE C 606 -9.72 97.12 49.29
C PHE C 606 -9.99 98.12 48.18
N ALA C 607 -11.17 98.77 48.26
CA ALA C 607 -11.60 99.75 47.27
C ALA C 607 -11.73 99.12 45.89
N HIS C 608 -12.60 98.13 45.79
CA HIS C 608 -12.93 97.51 44.52
C HIS C 608 -14.42 97.21 44.49
N LYS C 609 -14.97 97.11 43.28
CA LYS C 609 -16.38 96.85 43.10
C LYS C 609 -16.59 95.96 41.90
N PRO C 610 -17.10 94.75 42.09
CA PRO C 610 -17.26 93.81 40.98
C PRO C 610 -18.16 94.40 39.89
N LEU C 611 -17.86 94.05 38.65
CA LEU C 611 -18.76 94.41 37.56
C LEU C 611 -19.21 93.22 36.75
N LEU C 612 -18.32 92.29 36.41
CA LEU C 612 -18.71 91.13 35.63
C LEU C 612 -17.91 89.92 36.05
N LEU C 613 -18.56 88.78 35.97
CA LEU C 613 -17.94 87.50 36.24
C LEU C 613 -18.07 86.63 35.00
N TYR C 614 -16.99 85.95 34.64
CA TYR C 614 -16.96 85.18 33.40
C TYR C 614 -15.82 84.18 33.50
N ASN C 615 -16.16 82.89 33.60
CA ASN C 615 -15.18 81.83 33.83
C ASN C 615 -14.41 82.00 35.11
N GLY C 616 -14.72 83.02 35.91
CA GLY C 616 -14.02 83.18 37.14
C GLY C 616 -13.36 84.53 37.28
N GLU C 617 -13.17 85.24 36.18
CA GLU C 617 -12.51 86.53 36.21
C GLU C 617 -13.52 87.58 36.63
N LEU C 618 -13.33 88.15 37.81
CA LEU C 618 -14.24 89.15 38.35
C LEU C 618 -13.75 90.54 37.95
N THR C 619 -14.05 90.91 36.71
CA THR C 619 -13.76 92.26 36.24
C THR C 619 -14.34 93.28 37.20
N CYS C 620 -13.46 93.96 37.95
CA CYS C 620 -13.91 94.82 39.03
C CYS C 620 -13.26 96.18 38.94
N GLN C 621 -14.08 97.22 39.00
CA GLN C 621 -13.59 98.59 38.97
C GLN C 621 -12.95 98.97 40.29
N THR C 622 -11.93 99.82 40.21
CA THR C 622 -11.18 100.31 41.36
C THR C 622 -11.75 101.65 41.80
N GLN C 623 -11.04 102.33 42.71
CA GLN C 623 -11.43 103.66 43.16
C GLN C 623 -10.88 104.74 42.26
N SER C 624 -10.19 104.37 41.20
CA SER C 624 -9.88 105.24 40.08
C SER C 624 -10.28 104.52 38.81
N GLY C 625 -10.27 105.24 37.70
CA GLY C 625 -10.83 104.65 36.51
C GLY C 625 -9.91 103.64 35.86
N LYS C 626 -10.16 102.37 36.14
CA LYS C 626 -9.46 101.26 35.49
C LYS C 626 -10.07 99.96 35.98
N VAL C 627 -10.38 99.03 35.08
CA VAL C 627 -11.02 97.78 35.48
C VAL C 627 -9.93 96.72 35.62
N ASN C 628 -9.55 96.47 36.86
CA ASN C 628 -8.69 95.37 37.21
C ASN C 628 -9.47 94.06 37.21
N ASN C 629 -8.77 92.96 37.03
CA ASN C 629 -9.37 91.64 37.04
C ASN C 629 -8.90 90.86 38.25
N ILE C 630 -9.78 90.01 38.77
CA ILE C 630 -9.44 89.12 39.85
C ILE C 630 -9.71 87.70 39.36
N TYR C 631 -9.29 86.73 40.15
CA TYR C 631 -9.60 85.33 39.86
C TYR C 631 -10.29 84.74 41.07
N LEU C 632 -11.51 84.26 40.87
CA LEU C 632 -12.20 83.54 41.92
C LEU C 632 -11.35 82.40 42.44
N SER C 633 -11.27 82.28 43.76
CA SER C 633 -10.61 81.12 44.33
C SER C 633 -11.32 79.83 43.94
N THR C 634 -12.65 79.86 43.91
CA THR C 634 -13.43 78.67 43.64
C THR C 634 -13.18 78.13 42.24
N HIS C 635 -12.96 79.00 41.27
CA HIS C 635 -12.71 78.60 39.89
C HIS C 635 -11.22 78.77 39.64
N GLY C 636 -10.45 77.72 39.93
CA GLY C 636 -9.01 77.77 39.76
C GLY C 636 -8.50 76.71 38.80
N PHE C 637 -9.38 75.81 38.37
CA PHE C 637 -8.98 74.73 37.47
C PHE C 637 -8.69 75.22 36.06
N LEU C 638 -8.96 76.49 35.76
CA LEU C 638 -8.83 77.00 34.40
C LEU C 638 -7.45 76.75 33.81
N SER C 639 -6.41 76.86 34.62
CA SER C 639 -5.05 76.76 34.12
C SER C 639 -4.61 75.31 34.05
N ASN C 640 -3.34 75.09 33.71
CA ASN C 640 -2.81 73.73 33.62
C ASN C 640 -2.66 73.15 35.03
N LEU C 641 -2.48 71.84 35.07
CA LEU C 641 -2.40 71.13 36.34
C LEU C 641 -1.11 70.36 36.54
N LYS C 642 -0.19 70.39 35.55
CA LYS C 642 1.12 69.80 35.77
C LYS C 642 1.80 70.45 36.97
N ASP C 643 1.64 71.77 37.11
CA ASP C 643 2.11 72.44 38.32
C ASP C 643 1.36 71.93 39.55
N THR C 644 0.05 71.76 39.43
CA THR C 644 -0.74 71.29 40.56
C THR C 644 -0.38 69.85 40.91
N GLY C 645 -0.55 69.51 42.19
CA GLY C 645 -0.24 68.19 42.67
C GLY C 645 -1.48 67.43 43.09
N PRO C 646 -1.34 66.15 43.38
CA PRO C 646 -2.49 65.36 43.82
C PRO C 646 -3.17 65.95 45.06
N ASP C 647 -2.39 66.35 46.05
CA ASP C 647 -2.95 67.02 47.21
C ASP C 647 -3.54 68.37 46.83
N GLU C 648 -3.08 68.94 45.72
CA GLU C 648 -3.67 70.18 45.20
C GLU C 648 -4.82 69.91 44.24
N LEU C 649 -4.82 68.79 43.53
CA LEU C 649 -5.90 68.50 42.61
C LEU C 649 -7.16 68.05 43.34
N ARG C 650 -7.01 67.28 44.42
CA ARG C 650 -8.18 66.73 45.08
C ARG C 650 -9.18 67.80 45.53
N PRO C 651 -8.79 68.83 46.29
CA PRO C 651 -9.76 69.88 46.62
C PRO C 651 -10.26 70.60 45.39
N MET C 652 -9.40 70.77 44.39
CA MET C 652 -9.82 71.36 43.14
C MET C 652 -10.91 70.52 42.50
N LEU C 653 -10.77 69.20 42.58
CA LEU C 653 -11.83 68.33 42.07
C LEU C 653 -13.11 68.53 42.83
N ALA C 654 -13.03 68.65 44.16
CA ALA C 654 -14.25 68.86 44.92
C ALA C 654 -14.94 70.16 44.52
N GLN C 655 -14.15 71.23 44.38
CA GLN C 655 -14.73 72.51 43.98
C GLN C 655 -15.41 72.41 42.63
N ASN C 656 -14.72 71.83 41.65
CA ASN C 656 -15.31 71.70 40.33
C ASN C 656 -16.58 70.88 40.38
N LEU C 657 -16.60 69.85 41.23
CA LEU C 657 -17.81 69.05 41.37
C LEU C 657 -18.96 69.88 41.88
N MET C 658 -18.70 70.74 42.88
CA MET C 658 -19.79 71.55 43.41
C MET C 658 -20.35 72.49 42.36
N LEU C 659 -19.48 73.06 41.53
CA LEU C 659 -19.92 74.02 40.53
C LEU C 659 -20.66 73.37 39.36
N LYS C 660 -20.93 72.07 39.43
CA LYS C 660 -21.55 71.34 38.33
C LYS C 660 -20.72 71.38 37.05
N ARG C 661 -19.42 71.65 37.19
CA ARG C 661 -18.50 71.69 36.05
C ARG C 661 -17.95 70.29 35.83
N PHE C 662 -18.73 69.48 35.14
CA PHE C 662 -18.35 68.09 34.98
C PHE C 662 -17.24 67.89 33.96
N SER C 663 -17.13 68.75 32.96
CA SER C 663 -16.07 68.56 31.97
C SER C 663 -14.69 68.74 32.60
N ASP C 664 -14.51 69.81 33.36
CA ASP C 664 -13.24 70.00 34.04
C ASP C 664 -13.00 68.90 35.05
N ALA C 665 -14.05 68.43 35.71
CA ALA C 665 -13.89 67.32 36.64
C ALA C 665 -13.36 66.10 35.92
N TRP C 666 -13.91 65.82 34.73
CA TRP C 666 -13.42 64.68 33.97
C TRP C 666 -11.97 64.85 33.59
N GLU C 667 -11.60 66.04 33.14
CA GLU C 667 -10.20 66.25 32.75
C GLU C 667 -9.28 66.03 33.95
N MET C 668 -9.68 66.54 35.10
CA MET C 668 -8.80 66.46 36.26
C MET C 668 -8.76 65.06 36.84
N CYS C 669 -9.84 64.29 36.71
CA CYS C 669 -9.77 62.88 37.08
C CYS C 669 -8.87 62.12 36.13
N ARG C 670 -8.95 62.42 34.83
CA ARG C 670 -8.05 61.79 33.87
C ARG C 670 -6.60 62.09 34.21
N ILE C 671 -6.31 63.27 34.74
CA ILE C 671 -4.96 63.55 35.19
C ILE C 671 -4.65 62.77 36.46
N LEU C 672 -5.57 62.75 37.41
CA LEU C 672 -5.29 62.13 38.70
C LEU C 672 -5.12 60.62 38.57
N ASN C 673 -5.98 59.97 37.80
CA ASN C 673 -5.92 58.52 37.60
C ASN C 673 -6.12 57.77 38.92
N ASP C 674 -7.02 58.26 39.76
CA ASP C 674 -7.41 57.59 40.98
C ASP C 674 -8.78 56.95 40.85
N GLU C 675 -8.88 55.67 41.17
CA GLU C 675 -10.15 54.97 41.04
C GLU C 675 -11.21 55.57 41.95
N ALA C 676 -10.83 55.92 43.18
CA ALA C 676 -11.82 56.48 44.09
C ALA C 676 -12.23 57.88 43.69
N ALA C 677 -11.32 58.65 43.09
CA ALA C 677 -11.70 59.96 42.59
C ALA C 677 -12.72 59.84 41.46
N TRP C 678 -12.47 58.90 40.54
CA TRP C 678 -13.46 58.65 39.50
C TRP C 678 -14.77 58.18 40.10
N ASN C 679 -14.70 57.37 41.14
CA ASN C 679 -15.93 56.88 41.75
C ASN C 679 -16.71 58.02 42.37
N GLU C 680 -16.02 58.96 43.02
CA GLU C 680 -16.69 60.13 43.59
C GLU C 680 -17.34 60.96 42.49
N LEU C 681 -16.63 61.17 41.40
CA LEU C 681 -17.23 61.88 40.27
C LEU C 681 -18.49 61.16 39.80
N ALA C 682 -18.44 59.83 39.75
CA ALA C 682 -19.61 59.06 39.31
C ALA C 682 -20.78 59.25 40.25
N ARG C 683 -20.53 59.20 41.56
CA ARG C 683 -21.63 59.40 42.50
C ARG C 683 -22.23 60.78 42.36
N ALA C 684 -21.38 61.80 42.15
CA ALA C 684 -21.92 63.14 41.93
C ALA C 684 -22.76 63.18 40.66
N CYS C 685 -22.29 62.53 39.60
CA CYS C 685 -22.99 62.58 38.33
C CYS C 685 -24.33 61.85 38.40
N LEU C 686 -24.39 60.78 39.19
CA LEU C 686 -25.70 60.20 39.48
C LEU C 686 -26.56 61.16 40.27
N HIS C 687 -25.96 61.82 41.25
CA HIS C 687 -26.73 62.67 42.16
C HIS C 687 -27.46 63.76 41.40
N HIS C 688 -26.74 64.48 40.56
CA HIS C 688 -27.37 65.39 39.62
C HIS C 688 -27.82 64.59 38.42
N MET C 689 -29.06 64.76 37.99
CA MET C 689 -29.69 63.78 37.12
C MET C 689 -29.03 63.80 35.74
N GLU C 690 -27.75 63.46 35.73
CA GLU C 690 -26.91 63.49 34.54
C GLU C 690 -26.62 62.05 34.16
N VAL C 691 -27.61 61.38 33.57
CA VAL C 691 -27.49 59.95 33.33
C VAL C 691 -26.40 59.66 32.31
N GLU C 692 -26.37 60.42 31.22
CA GLU C 692 -25.45 60.11 30.13
C GLU C 692 -24.01 60.24 30.59
N PHE C 693 -23.70 61.34 31.26
CA PHE C 693 -22.32 61.56 31.63
C PHE C 693 -21.89 60.58 32.72
N ALA C 694 -22.83 60.19 33.58
CA ALA C 694 -22.54 59.16 34.56
C ALA C 694 -22.22 57.84 33.87
N ILE C 695 -22.97 57.50 32.82
CA ILE C 695 -22.64 56.30 32.07
C ILE C 695 -21.25 56.40 31.47
N ARG C 696 -20.90 57.57 30.92
CA ARG C 696 -19.56 57.73 30.37
C ARG C 696 -18.52 57.45 31.44
N VAL C 697 -18.73 57.97 32.64
CA VAL C 697 -17.77 57.73 33.72
C VAL C 697 -17.69 56.25 34.05
N TYR C 698 -18.84 55.62 34.26
CA TYR C 698 -18.83 54.24 34.71
C TYR C 698 -18.21 53.33 33.67
N ARG C 699 -18.46 53.60 32.40
CA ARG C 699 -17.85 52.85 31.32
C ARG C 699 -16.34 52.89 31.37
N ARG C 700 -15.75 53.90 32.01
CA ARG C 700 -14.31 53.93 32.21
C ARG C 700 -13.92 53.27 33.52
N ILE C 701 -14.70 53.50 34.57
CA ILE C 701 -14.44 52.83 35.84
C ILE C 701 -14.43 51.34 35.65
N GLY C 702 -15.30 50.83 34.79
CA GLY C 702 -15.38 49.42 34.50
C GLY C 702 -16.56 48.74 35.15
N ASN C 703 -17.17 49.36 36.15
CA ASN C 703 -18.30 48.74 36.83
C ASN C 703 -19.38 48.44 35.81
N VAL C 704 -19.68 47.16 35.63
CA VAL C 704 -20.56 46.75 34.54
C VAL C 704 -22.00 46.56 34.99
N GLY C 705 -22.22 46.15 36.22
CA GLY C 705 -23.59 45.89 36.57
C GLY C 705 -24.43 47.12 36.75
N ILE C 706 -23.80 48.28 36.71
CA ILE C 706 -24.52 49.53 36.76
C ILE C 706 -24.55 50.21 35.40
N VAL C 707 -23.56 49.99 34.55
CA VAL C 707 -23.62 50.53 33.20
C VAL C 707 -24.86 50.01 32.50
N MET C 708 -25.12 48.71 32.60
CA MET C 708 -26.29 48.15 31.97
C MET C 708 -27.57 48.69 32.60
N SER C 709 -27.59 48.85 33.92
CA SER C 709 -28.78 49.36 34.57
C SER C 709 -29.08 50.77 34.10
N LEU C 710 -28.07 51.64 34.10
CA LEU C 710 -28.30 53.01 33.68
C LEU C 710 -28.71 53.06 32.22
N GLU C 711 -28.06 52.26 31.36
CA GLU C 711 -28.52 52.20 29.99
C GLU C 711 -29.94 51.68 29.90
N GLN C 712 -30.39 50.95 30.90
CA GLN C 712 -31.77 50.50 30.90
C GLN C 712 -32.74 51.63 31.24
N ILE C 713 -32.39 52.50 32.18
CA ILE C 713 -33.32 53.54 32.61
C ILE C 713 -33.02 54.88 31.95
N LYS C 714 -32.21 54.90 30.90
CA LYS C 714 -31.97 56.16 30.21
C LYS C 714 -33.19 56.67 29.47
N GLY C 715 -34.20 55.83 29.26
CA GLY C 715 -35.38 56.22 28.54
C GLY C 715 -36.40 56.97 29.37
N ILE C 716 -36.40 56.71 30.68
CA ILE C 716 -37.33 57.34 31.62
C ILE C 716 -37.32 58.85 31.49
N GLU C 717 -38.50 59.44 31.33
CA GLU C 717 -38.62 60.89 31.30
C GLU C 717 -39.25 61.46 32.56
N ASP C 718 -40.10 60.70 33.24
CA ASP C 718 -40.75 61.20 34.44
C ASP C 718 -39.73 61.63 35.48
N TYR C 719 -39.94 62.82 36.04
CA TYR C 719 -38.92 63.41 36.89
C TYR C 719 -38.79 62.66 38.21
N ASN C 720 -39.91 62.37 38.86
CA ASN C 720 -39.83 61.69 40.15
C ASN C 720 -39.45 60.23 39.99
N LEU C 721 -39.93 59.56 38.94
CA LEU C 721 -39.54 58.17 38.72
C LEU C 721 -38.04 58.05 38.46
N LEU C 722 -37.53 58.87 37.56
CA LEU C 722 -36.09 58.89 37.33
C LEU C 722 -35.35 59.26 38.60
N ALA C 723 -35.90 60.19 39.37
CA ALA C 723 -35.28 60.55 40.64
C ALA C 723 -35.15 59.33 41.52
N GLY C 724 -36.22 58.55 41.61
CA GLY C 724 -36.19 57.37 42.45
C GLY C 724 -35.18 56.35 41.96
N HIS C 725 -35.11 56.16 40.65
CA HIS C 725 -34.16 55.19 40.13
C HIS C 725 -32.74 55.59 40.47
N LEU C 726 -32.36 56.83 40.13
CA LEU C 726 -31.02 57.28 40.43
C LEU C 726 -30.76 57.35 41.91
N ALA C 727 -31.80 57.47 42.73
CA ALA C 727 -31.60 57.36 44.17
C ALA C 727 -31.24 55.93 44.54
N MET C 728 -32.00 54.97 44.03
CA MET C 728 -31.72 53.58 44.32
C MET C 728 -30.32 53.20 43.90
N PHE C 729 -29.83 53.76 42.79
CA PHE C 729 -28.47 53.42 42.39
C PHE C 729 -27.44 54.03 43.32
N THR C 730 -27.80 55.04 44.10
CA THR C 730 -26.91 55.58 45.11
C THR C 730 -27.19 54.99 46.48
N ASN C 731 -27.79 53.82 46.54
CA ASN C 731 -28.03 53.06 47.76
C ASN C 731 -28.59 53.93 48.87
N ASP C 732 -29.61 54.71 48.53
CA ASP C 732 -30.41 55.43 49.53
C ASP C 732 -31.86 55.02 49.29
N TYR C 733 -32.24 53.91 49.90
CA TYR C 733 -33.54 53.30 49.60
C TYR C 733 -34.70 54.09 50.17
N ASN C 734 -34.53 54.75 51.30
CA ASN C 734 -35.64 55.48 51.89
C ASN C 734 -36.08 56.63 50.98
N LEU C 735 -35.12 57.46 50.56
CA LEU C 735 -35.44 58.52 49.61
C LEU C 735 -35.98 57.95 48.32
N ALA C 736 -35.49 56.78 47.91
CA ALA C 736 -36.03 56.13 46.74
C ALA C 736 -37.52 55.89 46.90
N GLN C 737 -37.91 55.27 48.01
CA GLN C 737 -39.32 55.07 48.26
C GLN C 737 -40.07 56.38 48.21
N ASP C 738 -39.53 57.40 48.87
CA ASP C 738 -40.21 58.69 48.94
C ASP C 738 -40.53 59.21 47.54
N LEU C 739 -39.55 59.24 46.66
CA LEU C 739 -39.79 59.72 45.30
C LEU C 739 -40.73 58.80 44.54
N TYR C 740 -40.48 57.49 44.59
CA TYR C 740 -41.30 56.58 43.81
C TYR C 740 -42.77 56.74 44.15
N LEU C 741 -43.09 56.98 45.42
CA LEU C 741 -44.51 57.17 45.71
C LEU C 741 -45.06 58.46 45.12
N ALA C 742 -44.22 59.36 44.61
CA ALA C 742 -44.71 60.56 43.95
C ALA C 742 -44.69 60.47 42.43
N SER C 743 -44.10 59.42 41.87
CA SER C 743 -43.97 59.27 40.43
C SER C 743 -45.26 58.74 39.82
N SER C 744 -45.21 58.49 38.51
CA SER C 744 -46.37 57.96 37.81
C SER C 744 -46.60 56.49 38.11
N CYS C 745 -45.54 55.74 38.44
CA CYS C 745 -45.62 54.29 38.62
C CYS C 745 -45.14 53.95 40.03
N PRO C 746 -45.99 54.18 41.04
CA PRO C 746 -45.56 53.94 42.41
C PRO C 746 -45.22 52.49 42.72
N ILE C 747 -45.82 51.54 42.02
CA ILE C 747 -45.61 50.12 42.33
C ILE C 747 -44.13 49.79 42.22
N ALA C 748 -43.36 50.66 41.59
CA ALA C 748 -41.92 50.45 41.54
C ALA C 748 -41.31 50.44 42.93
N ALA C 749 -41.78 51.30 43.83
CA ALA C 749 -41.30 51.26 45.20
C ALA C 749 -41.61 49.91 45.84
N LEU C 750 -42.82 49.41 45.60
CA LEU C 750 -43.14 48.04 45.97
C LEU C 750 -42.11 47.05 45.47
N GLU C 751 -41.83 47.11 44.17
CA GLU C 751 -40.87 46.17 43.57
C GLU C 751 -39.52 46.28 44.26
N MET C 752 -39.12 47.51 44.60
CA MET C 752 -37.87 47.71 45.32
C MET C 752 -37.90 47.01 46.66
N ARG C 753 -38.95 47.23 47.44
CA ARG C 753 -39.03 46.59 48.75
C ARG C 753 -39.02 45.07 48.61
N ARG C 754 -39.78 44.54 47.66
CA ARG C 754 -39.90 43.10 47.52
C ARG C 754 -38.57 42.48 47.12
N ASP C 755 -37.86 43.12 46.18
CA ASP C 755 -36.51 42.67 45.86
C ASP C 755 -35.59 42.84 47.06
N LEU C 756 -35.63 44.01 47.69
CA LEU C 756 -34.75 44.30 48.82
C LEU C 756 -35.09 43.45 50.04
N GLN C 757 -36.13 42.62 49.97
CA GLN C 757 -36.46 41.58 50.95
C GLN C 757 -37.10 42.13 52.21
N HIS C 758 -37.54 43.37 52.24
CA HIS C 758 -38.11 43.95 53.46
C HIS C 758 -39.62 43.81 53.38
N TRP C 759 -40.11 42.58 53.55
CA TRP C 759 -41.49 42.33 53.19
C TRP C 759 -42.50 43.08 54.04
N ASP C 760 -42.10 43.64 55.17
CA ASP C 760 -43.09 44.39 55.94
C ASP C 760 -43.48 45.69 55.23
N SER C 761 -42.47 46.44 54.78
CA SER C 761 -42.76 47.59 53.95
C SER C 761 -43.38 47.16 52.63
N ALA C 762 -43.03 45.97 52.15
CA ALA C 762 -43.69 45.46 50.95
C ALA C 762 -45.18 45.34 51.16
N LEU C 763 -45.60 44.79 52.30
CA LEU C 763 -47.03 44.74 52.61
C LEU C 763 -47.61 46.14 52.66
N GLN C 764 -46.93 47.04 53.37
CA GLN C 764 -47.48 48.38 53.53
C GLN C 764 -47.71 49.05 52.18
N LEU C 765 -46.67 49.10 51.35
CA LEU C 765 -46.79 49.73 50.05
C LEU C 765 -47.77 49.01 49.15
N ALA C 766 -47.76 47.68 49.16
CA ALA C 766 -48.64 46.92 48.28
C ALA C 766 -50.09 47.15 48.63
N LYS C 767 -50.42 47.01 49.92
CA LYS C 767 -51.79 47.18 50.38
C LYS C 767 -52.37 48.49 49.86
N HIS C 768 -51.58 49.56 49.95
CA HIS C 768 -52.03 50.84 49.43
C HIS C 768 -52.11 50.85 47.90
N LEU C 769 -51.28 50.05 47.21
CA LEU C 769 -51.25 50.08 45.76
C LEU C 769 -51.76 48.77 45.21
N ALA C 770 -51.15 47.63 45.54
CA ALA C 770 -51.68 46.46 44.85
C ALA C 770 -52.23 45.44 45.83
N PRO C 771 -53.38 44.85 45.54
CA PRO C 771 -53.89 43.81 46.42
C PRO C 771 -53.50 42.41 45.98
N ASP C 772 -52.93 42.27 44.80
CA ASP C 772 -52.55 40.94 44.33
C ASP C 772 -51.28 40.45 45.00
N GLN C 773 -50.34 41.37 45.24
CA GLN C 773 -49.12 41.01 45.95
C GLN C 773 -49.39 40.63 47.40
N ILE C 774 -50.53 41.08 47.94
CA ILE C 774 -50.81 40.95 49.37
C ILE C 774 -50.68 39.52 49.86
N PRO C 775 -51.48 38.56 49.39
CA PRO C 775 -51.31 37.21 49.90
C PRO C 775 -49.96 36.60 49.56
N PHE C 776 -49.39 36.91 48.40
CA PHE C 776 -48.11 36.28 48.07
C PHE C 776 -46.97 36.88 48.86
N ILE C 777 -46.94 38.20 49.03
CA ILE C 777 -45.90 38.77 49.87
C ILE C 777 -46.12 38.38 51.32
N SER C 778 -47.38 38.16 51.73
CA SER C 778 -47.64 37.61 53.05
C SER C 778 -47.01 36.23 53.19
N LYS C 779 -47.19 35.38 52.18
CA LYS C 779 -46.57 34.07 52.20
C LYS C 779 -45.07 34.16 52.28
N GLU C 780 -44.47 35.04 51.47
CA GLU C 780 -43.02 35.16 51.46
C GLU C 780 -42.50 35.65 52.80
N TYR C 781 -43.20 36.62 53.40
CA TYR C 781 -42.80 37.10 54.72
C TYR C 781 -42.94 36.03 55.77
N ALA C 782 -44.00 35.22 55.69
CA ALA C 782 -44.16 34.12 56.62
C ALA C 782 -43.00 33.15 56.50
N ILE C 783 -42.65 32.77 55.26
CA ILE C 783 -41.52 31.87 55.05
C ILE C 783 -40.25 32.52 55.54
N GLN C 784 -40.13 33.84 55.40
CA GLN C 784 -38.96 34.53 55.92
C GLN C 784 -38.86 34.34 57.43
N LEU C 785 -39.98 34.49 58.13
CA LEU C 785 -39.95 34.26 59.58
C LEU C 785 -39.66 32.81 59.90
N GLU C 786 -40.16 31.88 59.08
CA GLU C 786 -39.97 30.47 59.36
C GLU C 786 -38.51 30.07 59.22
N PHE C 787 -37.88 30.47 58.11
CA PHE C 787 -36.44 30.24 57.95
C PHE C 787 -35.65 30.98 59.02
N ALA C 788 -36.09 32.20 59.35
CA ALA C 788 -35.46 32.95 60.43
C ALA C 788 -35.62 32.26 61.77
N GLY C 789 -36.82 31.75 62.04
CA GLY C 789 -37.07 31.09 63.32
C GLY C 789 -38.41 31.41 63.97
N ASP C 790 -38.94 32.60 63.75
CA ASP C 790 -40.26 32.92 64.27
C ASP C 790 -41.30 32.01 63.63
N TYR C 791 -42.29 31.58 64.43
CA TYR C 791 -43.33 30.71 63.90
C TYR C 791 -44.70 31.02 64.49
N VAL C 792 -44.94 32.25 64.94
CA VAL C 792 -46.26 32.65 65.42
C VAL C 792 -46.84 33.70 64.50
N ASN C 793 -46.16 34.85 64.40
CA ASN C 793 -46.53 35.83 63.40
C ASN C 793 -46.42 35.23 62.02
N ALA C 794 -45.45 34.33 61.81
CA ALA C 794 -45.36 33.61 60.55
C ALA C 794 -46.64 32.83 60.27
N LEU C 795 -47.11 32.06 61.27
CA LEU C 795 -48.34 31.30 61.09
C LEU C 795 -49.52 32.22 60.78
N ALA C 796 -49.59 33.34 61.50
CA ALA C 796 -50.69 34.28 61.27
C ALA C 796 -50.67 34.80 59.84
N HIS C 797 -49.48 35.19 59.35
CA HIS C 797 -49.36 35.62 57.97
C HIS C 797 -49.73 34.51 57.00
N TYR C 798 -49.31 33.29 57.29
CA TYR C 798 -49.70 32.15 56.46
C TYR C 798 -51.21 32.10 56.34
N GLU C 799 -51.90 32.23 57.46
CA GLU C 799 -53.36 32.32 57.43
C GLU C 799 -53.79 33.47 56.52
N LYS C 800 -53.17 34.63 56.69
CA LYS C 800 -53.45 35.76 55.80
C LYS C 800 -53.12 35.43 54.36
N GLY C 801 -52.17 34.53 54.13
CA GLY C 801 -51.65 34.32 52.80
C GLY C 801 -52.45 33.43 51.88
N ILE C 802 -53.56 32.87 52.33
CA ILE C 802 -54.27 31.87 51.54
C ILE C 802 -55.04 32.57 50.43
N THR C 803 -54.78 32.18 49.20
CA THR C 803 -55.47 32.70 48.03
C THR C 803 -56.56 31.71 47.61
N GLY C 804 -57.20 31.96 46.47
CA GLY C 804 -58.28 31.11 46.02
C GLY C 804 -58.11 30.63 44.59
N ASP C 805 -56.96 30.92 43.99
CA ASP C 805 -56.69 30.50 42.62
C ASP C 805 -55.50 29.58 42.50
N ASN C 806 -54.38 29.89 43.15
CA ASN C 806 -53.15 29.10 43.01
C ASN C 806 -53.19 28.03 44.10
N LYS C 807 -53.74 26.86 43.74
CA LYS C 807 -53.79 25.74 44.67
C LYS C 807 -52.41 25.43 45.22
N GLU C 808 -51.38 25.61 44.40
CA GLU C 808 -50.01 25.51 44.87
C GLU C 808 -49.81 26.47 46.04
N HIS C 809 -50.01 27.76 45.80
CA HIS C 809 -49.87 28.78 46.85
C HIS C 809 -50.77 28.47 48.05
N ASP C 810 -52.00 28.04 47.77
CA ASP C 810 -52.97 27.83 48.83
C ASP C 810 -52.51 26.71 49.77
N GLU C 811 -52.29 25.51 49.22
CA GLU C 811 -51.82 24.41 50.03
C GLU C 811 -50.44 24.68 50.60
N ALA C 812 -49.63 25.51 49.93
CA ALA C 812 -48.34 25.90 50.49
C ALA C 812 -48.52 26.67 51.78
N CYS C 813 -49.44 27.64 51.78
CA CYS C 813 -49.74 28.35 53.02
C CYS C 813 -50.30 27.40 54.06
N LEU C 814 -51.10 26.44 53.62
CA LEU C 814 -51.63 25.44 54.55
C LEU C 814 -50.50 24.66 55.21
N ALA C 815 -49.54 24.21 54.43
CA ALA C 815 -48.38 23.52 54.97
C ALA C 815 -47.57 24.42 55.87
N GLY C 816 -47.50 25.70 55.53
CA GLY C 816 -46.84 26.67 56.38
C GLY C 816 -47.44 26.62 57.76
N VAL C 817 -48.72 26.99 57.84
CA VAL C 817 -49.44 26.91 59.12
C VAL C 817 -49.14 25.58 59.80
N ALA C 818 -49.24 24.49 59.05
CA ALA C 818 -48.99 23.17 59.59
C ALA C 818 -47.66 23.11 60.32
N GLN C 819 -46.59 23.54 59.66
CA GLN C 819 -45.24 23.34 60.16
C GLN C 819 -44.89 24.33 61.26
N MET C 820 -45.21 25.61 61.07
CA MET C 820 -44.94 26.60 62.10
C MET C 820 -45.73 26.30 63.36
N SER C 821 -47.03 26.01 63.23
CA SER C 821 -47.82 25.69 64.41
C SER C 821 -47.36 24.37 65.03
N ILE C 822 -46.99 23.39 64.21
CA ILE C 822 -46.47 22.13 64.73
C ILE C 822 -45.22 22.38 65.55
N ARG C 823 -44.40 23.32 65.10
CA ARG C 823 -43.26 23.72 65.92
C ARG C 823 -43.73 24.35 67.23
N MET C 824 -44.78 25.18 67.18
CA MET C 824 -45.45 25.62 68.39
C MET C 824 -46.12 24.42 69.06
N GLY C 825 -46.78 24.66 70.19
CA GLY C 825 -47.42 23.51 70.80
C GLY C 825 -48.83 23.32 70.25
N ASP C 826 -48.90 22.54 69.19
CA ASP C 826 -50.12 22.43 68.41
C ASP C 826 -50.38 21.02 67.91
N ILE C 827 -49.86 20.00 68.61
CA ILE C 827 -50.04 18.62 68.15
C ILE C 827 -51.53 18.44 67.93
N ARG C 828 -52.35 19.16 68.68
CA ARG C 828 -53.77 19.23 68.40
C ARG C 828 -54.11 20.18 67.27
N ARG C 829 -53.42 21.32 67.15
CA ARG C 829 -53.68 22.29 66.09
C ARG C 829 -52.77 22.13 64.89
N GLY C 830 -51.73 21.30 64.99
CA GLY C 830 -50.95 20.87 63.86
C GLY C 830 -51.35 19.45 63.53
N VAL C 831 -52.21 18.89 64.40
CA VAL C 831 -52.84 17.62 64.13
C VAL C 831 -53.61 17.67 62.82
N ASN C 832 -54.04 18.87 62.42
CA ASN C 832 -54.65 19.03 61.12
C ASN C 832 -53.74 18.48 60.02
N GLN C 833 -52.44 18.73 60.14
CA GLN C 833 -51.50 18.32 59.10
C GLN C 833 -51.49 16.81 58.90
N ALA C 834 -51.91 16.05 59.92
CA ALA C 834 -52.15 14.62 59.69
C ALA C 834 -53.22 14.44 58.60
N LEU C 835 -54.26 15.28 58.63
CA LEU C 835 -55.32 15.35 57.62
C LEU C 835 -55.09 16.42 56.58
N LYS C 836 -54.76 17.65 57.02
CA LYS C 836 -54.67 18.78 56.10
C LYS C 836 -53.61 18.56 55.03
N HIS C 837 -52.70 17.63 55.25
CA HIS C 837 -51.67 17.29 54.28
C HIS C 837 -52.29 16.86 52.95
N PRO C 838 -52.16 17.65 51.89
CA PRO C 838 -52.73 17.30 50.59
C PRO C 838 -51.78 16.57 49.65
N SER C 839 -50.53 16.37 50.02
CA SER C 839 -49.56 15.67 49.19
C SER C 839 -48.67 14.80 50.07
N ARG C 840 -48.18 13.69 49.50
CA ARG C 840 -47.18 12.90 50.19
C ARG C 840 -45.97 13.74 50.55
N VAL C 841 -45.68 14.76 49.73
CA VAL C 841 -44.66 15.74 50.06
C VAL C 841 -44.97 16.39 51.40
N LEU C 842 -46.22 16.81 51.58
CA LEU C 842 -46.63 17.40 52.86
C LEU C 842 -46.40 16.40 53.98
N LYS C 843 -46.76 15.14 53.75
CA LYS C 843 -46.59 14.12 54.78
C LYS C 843 -45.13 13.98 55.19
N ARG C 844 -44.23 13.90 54.21
CA ARG C 844 -42.80 13.75 54.52
C ARG C 844 -42.22 15.01 55.16
N ASP C 845 -42.68 16.19 54.78
CA ASP C 845 -42.28 17.39 55.50
C ASP C 845 -42.74 17.33 56.94
N CYS C 846 -43.94 16.81 57.14
CA CYS C 846 -44.43 16.61 58.49
C CYS C 846 -43.57 15.58 59.21
N GLY C 847 -43.10 14.56 58.49
CA GLY C 847 -42.16 13.60 59.06
C GLY C 847 -40.87 14.26 59.51
N ALA C 848 -40.41 15.27 58.76
CA ALA C 848 -39.30 16.09 59.26
C ALA C 848 -39.70 16.82 60.56
N ILE C 849 -40.89 17.40 60.59
CA ILE C 849 -41.34 18.10 61.81
C ILE C 849 -41.60 17.14 62.95
N LEU C 850 -41.79 15.88 62.63
CA LEU C 850 -42.13 14.84 63.56
C LEU C 850 -40.93 13.94 63.80
N GLU C 851 -39.78 14.37 63.30
CA GLU C 851 -38.50 14.15 63.94
C GLU C 851 -37.96 15.46 64.54
N ASN C 852 -38.75 16.54 64.48
CA ASN C 852 -38.32 17.84 65.02
C ASN C 852 -38.46 17.93 66.54
N MET C 853 -39.64 17.70 67.09
CA MET C 853 -39.85 18.09 68.49
C MET C 853 -39.91 16.87 69.40
N LYS C 854 -39.04 15.91 69.11
CA LYS C 854 -38.83 14.69 69.90
C LYS C 854 -40.14 13.93 70.08
N GLN C 855 -40.75 13.66 68.93
CA GLN C 855 -42.00 12.94 68.83
C GLN C 855 -41.81 11.44 69.03
N PHE C 856 -42.69 10.90 69.87
CA PHE C 856 -43.23 9.56 69.71
C PHE C 856 -44.64 9.67 69.15
N SER C 857 -45.45 10.59 69.72
CA SER C 857 -46.77 10.94 69.18
C SER C 857 -46.79 10.88 67.66
N GLU C 858 -46.00 11.72 67.01
CA GLU C 858 -46.33 11.69 65.60
C GLU C 858 -45.07 11.59 64.71
N ALA C 859 -43.88 11.38 65.28
CA ALA C 859 -42.93 10.56 64.56
C ALA C 859 -43.56 9.25 64.30
N ALA C 860 -44.15 8.66 65.34
CA ALA C 860 -44.91 7.43 65.16
C ALA C 860 -45.96 7.62 64.08
N GLN C 861 -46.80 8.67 64.18
CA GLN C 861 -47.90 8.73 63.22
C GLN C 861 -47.41 8.95 61.78
N LEU C 862 -46.61 9.98 61.53
CA LEU C 862 -46.30 10.23 60.13
C LEU C 862 -45.27 9.29 59.56
N TYR C 863 -44.49 8.58 60.37
CA TYR C 863 -43.75 7.52 59.73
C TYR C 863 -44.58 6.26 59.57
N GLU C 864 -45.66 6.09 60.35
CA GLU C 864 -46.60 5.03 59.97
C GLU C 864 -47.40 5.38 58.73
N LYS C 865 -47.61 6.67 58.46
CA LYS C 865 -48.53 7.09 57.42
C LYS C 865 -47.82 7.40 56.10
N GLY C 866 -46.92 8.38 56.12
CA GLY C 866 -46.51 9.01 54.88
C GLY C 866 -45.73 8.10 53.96
N LEU C 867 -45.53 8.60 52.73
CA LEU C 867 -44.65 7.95 51.76
C LEU C 867 -43.33 7.58 52.40
N TYR C 868 -42.91 8.31 53.44
CA TYR C 868 -41.99 7.81 54.44
C TYR C 868 -42.78 6.92 55.39
N TYR C 869 -42.91 5.66 55.00
CA TYR C 869 -43.65 4.68 55.78
C TYR C 869 -42.71 3.67 56.42
N ASP C 870 -41.72 3.18 55.67
CA ASP C 870 -40.66 2.38 56.27
C ASP C 870 -40.00 3.12 57.42
N LYS C 871 -40.02 4.46 57.40
CA LYS C 871 -39.44 5.23 58.48
C LYS C 871 -40.11 4.94 59.82
N ALA C 872 -41.32 4.39 59.81
CA ALA C 872 -42.00 4.04 61.05
C ALA C 872 -41.20 3.06 61.88
N ALA C 873 -40.32 2.27 61.26
CA ALA C 873 -39.49 1.36 62.03
C ALA C 873 -38.58 2.13 62.97
N SER C 874 -37.98 3.22 62.50
CA SER C 874 -37.18 4.03 63.40
C SER C 874 -38.04 4.89 64.32
N VAL C 875 -39.14 5.42 63.78
CA VAL C 875 -40.10 6.15 64.59
C VAL C 875 -40.59 5.34 65.77
N TYR C 876 -40.62 4.01 65.63
CA TYR C 876 -41.11 3.11 66.66
C TYR C 876 -40.00 2.41 67.42
N ILE C 877 -38.79 2.31 66.86
CA ILE C 877 -37.63 1.92 67.64
C ILE C 877 -37.35 2.99 68.69
N ARG C 878 -37.66 4.24 68.34
CA ARG C 878 -37.75 5.29 69.35
C ARG C 878 -38.66 4.88 70.50
N SER C 879 -39.67 4.05 70.20
CA SER C 879 -40.64 3.55 71.17
C SER C 879 -40.40 2.08 71.43
N LYS C 880 -41.34 1.47 72.14
CA LYS C 880 -41.32 0.03 72.40
C LYS C 880 -42.14 -0.78 71.41
N ASN C 881 -43.31 -0.29 71.01
CA ASN C 881 -44.23 -1.04 70.15
C ASN C 881 -43.53 -1.59 68.92
N TRP C 882 -43.59 -2.91 68.75
CA TRP C 882 -42.93 -3.57 67.64
C TRP C 882 -43.87 -3.93 66.51
N ALA C 883 -45.18 -3.68 66.66
CA ALA C 883 -46.11 -3.95 65.58
C ALA C 883 -45.69 -3.24 64.31
N LYS C 884 -45.43 -1.94 64.42
CA LYS C 884 -45.06 -1.14 63.25
C LYS C 884 -43.78 -1.66 62.62
N VAL C 885 -42.72 -1.81 63.41
CA VAL C 885 -41.42 -2.19 62.87
C VAL C 885 -41.51 -3.57 62.21
N GLY C 886 -42.12 -4.53 62.91
CA GLY C 886 -42.20 -5.88 62.36
C GLY C 886 -43.06 -5.94 61.11
N ASP C 887 -44.25 -5.35 61.16
CA ASP C 887 -45.13 -5.38 60.00
C ASP C 887 -44.49 -4.68 58.81
N LEU C 888 -43.79 -3.58 59.06
CA LEU C 888 -43.11 -2.86 58.00
C LEU C 888 -41.84 -3.57 57.53
N LEU C 889 -41.28 -4.50 58.30
CA LEU C 889 -40.05 -5.16 57.88
C LEU C 889 -40.12 -5.70 56.46
N PRO C 890 -41.20 -6.39 56.03
CA PRO C 890 -41.36 -6.64 54.58
C PRO C 890 -41.47 -5.37 53.76
N HIS C 891 -42.09 -4.32 54.29
CA HIS C 891 -42.29 -3.08 53.55
C HIS C 891 -41.19 -2.07 53.88
N VAL C 892 -39.94 -2.53 53.73
CA VAL C 892 -38.75 -1.74 54.06
C VAL C 892 -37.64 -2.15 53.09
N SER C 893 -36.83 -1.17 52.69
CA SER C 893 -35.68 -1.42 51.83
C SER C 893 -34.35 -1.29 52.57
N SER C 894 -34.37 -1.15 53.89
CA SER C 894 -33.18 -1.14 54.74
C SER C 894 -33.30 -2.28 55.73
N PRO C 895 -32.72 -3.45 55.43
CA PRO C 895 -32.80 -4.58 56.36
C PRO C 895 -32.27 -4.29 57.76
N LYS C 896 -31.51 -3.21 57.93
CA LYS C 896 -31.13 -2.77 59.28
C LYS C 896 -32.37 -2.58 60.14
N ILE C 897 -33.47 -2.14 59.54
CA ILE C 897 -34.75 -2.07 60.22
C ILE C 897 -35.18 -3.45 60.70
N HIS C 898 -35.06 -4.44 59.82
CA HIS C 898 -35.35 -5.81 60.21
C HIS C 898 -34.45 -6.26 61.36
N LEU C 899 -33.19 -5.83 61.35
CA LEU C 899 -32.27 -6.19 62.42
C LEU C 899 -32.66 -5.52 63.73
N GLN C 900 -33.21 -4.30 63.65
CA GLN C 900 -33.75 -3.65 64.84
C GLN C 900 -34.87 -4.48 65.43
N TYR C 901 -35.86 -4.84 64.60
CA TYR C 901 -36.94 -5.70 65.09
C TYR C 901 -36.41 -7.05 65.53
N ALA C 902 -35.29 -7.50 64.94
CA ALA C 902 -34.65 -8.75 65.34
C ALA C 902 -34.15 -8.65 66.76
N LYS C 903 -33.39 -7.60 67.07
CA LYS C 903 -32.92 -7.41 68.44
C LYS C 903 -34.10 -7.33 69.40
N ALA C 904 -35.15 -6.61 68.99
CA ALA C 904 -36.31 -6.43 69.85
C ALA C 904 -36.98 -7.76 70.17
N LYS C 905 -37.31 -8.53 69.13
CA LYS C 905 -37.96 -9.82 69.35
C LYS C 905 -37.03 -10.87 69.93
N GLU C 906 -35.73 -10.72 69.73
CA GLU C 906 -34.77 -11.62 70.37
C GLU C 906 -34.81 -11.43 71.87
N ALA C 907 -34.94 -10.17 72.32
CA ALA C 907 -35.17 -9.94 73.74
C ALA C 907 -36.42 -10.66 74.24
N ASP C 908 -37.38 -10.92 73.35
CA ASP C 908 -38.55 -11.75 73.68
C ASP C 908 -38.18 -13.23 73.54
N GLY C 909 -37.78 -13.64 72.34
CA GLY C 909 -37.26 -14.98 72.13
C GLY C 909 -37.87 -15.74 70.98
N ARG C 910 -38.81 -15.12 70.27
CA ARG C 910 -39.57 -15.80 69.23
C ARG C 910 -38.86 -15.67 67.89
N TYR C 911 -38.22 -16.73 67.43
CA TYR C 911 -37.61 -16.73 66.11
C TYR C 911 -38.67 -17.01 65.05
N LYS C 912 -39.65 -16.12 64.96
CA LYS C 912 -40.73 -16.26 63.98
C LYS C 912 -40.24 -15.80 62.61
N GLU C 913 -39.78 -14.57 62.54
CA GLU C 913 -39.24 -14.05 61.28
C GLU C 913 -37.92 -13.34 61.51
N ALA C 914 -37.33 -13.45 62.70
CA ALA C 914 -35.99 -12.91 62.91
C ALA C 914 -34.99 -13.52 61.95
N VAL C 915 -35.21 -14.78 61.54
CA VAL C 915 -34.36 -15.39 60.53
C VAL C 915 -34.45 -14.60 59.23
N VAL C 916 -35.65 -14.14 58.88
CA VAL C 916 -35.78 -13.24 57.74
C VAL C 916 -35.07 -11.92 58.02
N ALA C 917 -35.26 -11.38 59.23
CA ALA C 917 -34.56 -10.15 59.62
C ALA C 917 -33.05 -10.28 59.43
N TYR C 918 -32.52 -11.48 59.63
CA TYR C 918 -31.09 -11.72 59.49
C TYR C 918 -30.68 -11.91 58.03
N GLU C 919 -31.26 -12.90 57.37
CA GLU C 919 -30.87 -13.23 56.01
C GLU C 919 -31.18 -12.12 55.02
N ASN C 920 -32.20 -11.29 55.30
CA ASN C 920 -32.44 -10.10 54.50
C ASN C 920 -31.28 -9.12 54.67
N ALA C 921 -30.85 -8.92 55.91
CA ALA C 921 -29.64 -8.19 56.23
C ALA C 921 -28.39 -8.97 55.90
N LYS C 922 -28.60 -10.10 55.21
CA LYS C 922 -27.53 -11.03 54.85
C LYS C 922 -26.77 -11.46 56.09
N GLN C 923 -27.53 -11.96 57.07
CA GLN C 923 -26.95 -12.44 58.32
C GLN C 923 -27.20 -13.93 58.42
N TRP C 924 -26.30 -14.70 57.81
CA TRP C 924 -26.09 -16.07 58.24
C TRP C 924 -25.65 -16.08 59.69
N GLN C 925 -24.95 -15.03 60.12
CA GLN C 925 -24.59 -14.85 61.52
C GLN C 925 -25.81 -14.97 62.44
N SER C 926 -26.80 -14.10 62.25
CA SER C 926 -27.91 -14.08 63.20
C SER C 926 -28.85 -15.25 62.97
N VAL C 927 -29.13 -15.61 61.72
CA VAL C 927 -29.87 -16.81 61.39
C VAL C 927 -29.27 -17.99 62.14
N ILE C 928 -27.96 -18.15 62.03
CA ILE C 928 -27.29 -19.29 62.63
C ILE C 928 -27.36 -19.19 64.14
N ARG C 929 -27.04 -18.02 64.70
CA ARG C 929 -27.13 -17.82 66.14
C ARG C 929 -28.47 -18.29 66.67
N ILE C 930 -29.56 -17.76 66.11
CA ILE C 930 -30.88 -18.03 66.66
C ILE C 930 -31.27 -19.48 66.40
N TYR C 931 -31.16 -19.94 65.16
CA TYR C 931 -31.65 -21.27 64.83
C TYR C 931 -30.80 -22.35 65.50
N LEU C 932 -29.49 -22.32 65.30
CA LEU C 932 -28.61 -23.29 65.96
C LEU C 932 -28.78 -23.21 67.46
N ASP C 933 -28.98 -22.00 67.99
CA ASP C 933 -29.28 -21.87 69.41
C ASP C 933 -30.56 -22.60 69.78
N HIS C 934 -31.61 -22.45 68.98
CA HIS C 934 -32.89 -23.05 69.34
C HIS C 934 -33.39 -24.07 68.32
N LEU C 935 -33.50 -23.68 67.06
CA LEU C 935 -34.09 -24.52 66.03
C LEU C 935 -33.32 -25.82 65.85
N ASN C 936 -31.99 -25.72 65.89
CA ASN C 936 -31.08 -26.85 65.76
C ASN C 936 -31.21 -27.54 64.41
N ASN C 937 -31.94 -26.95 63.47
CA ASN C 937 -32.24 -27.58 62.20
C ASN C 937 -31.02 -27.57 61.29
N PRO C 938 -30.49 -28.74 60.95
CA PRO C 938 -29.42 -28.78 59.95
C PRO C 938 -29.86 -28.21 58.62
N GLU C 939 -31.12 -28.42 58.23
CA GLU C 939 -31.61 -27.85 56.97
C GLU C 939 -31.69 -26.33 57.05
N LYS C 940 -32.07 -25.79 58.21
CA LYS C 940 -32.19 -24.34 58.33
C LYS C 940 -30.86 -23.66 58.06
N ALA C 941 -29.79 -24.08 58.77
CA ALA C 941 -28.48 -23.51 58.53
C ALA C 941 -27.94 -23.91 57.16
N VAL C 942 -28.19 -25.16 56.74
CA VAL C 942 -27.72 -25.64 55.46
C VAL C 942 -28.32 -24.89 54.30
N ASN C 943 -29.45 -24.21 54.51
CA ASN C 943 -30.00 -23.32 53.50
C ASN C 943 -28.93 -22.30 53.11
N ILE C 944 -28.50 -21.51 54.10
CA ILE C 944 -27.46 -20.51 53.85
C ILE C 944 -26.14 -21.19 53.51
N VAL C 945 -25.87 -22.35 54.09
CA VAL C 945 -24.59 -23.01 53.84
C VAL C 945 -24.46 -23.41 52.36
N ARG C 946 -25.54 -23.89 51.74
CA ARG C 946 -25.48 -24.42 50.39
C ARG C 946 -26.05 -23.47 49.35
N GLU C 947 -26.59 -22.32 49.74
CA GLU C 947 -27.02 -21.34 48.75
C GLU C 947 -26.56 -19.92 49.03
N THR C 948 -25.96 -19.63 50.18
CA THR C 948 -25.48 -18.29 50.49
C THR C 948 -24.07 -18.32 51.06
N GLN C 949 -23.44 -19.49 51.13
CA GLN C 949 -22.04 -19.59 51.55
C GLN C 949 -21.85 -19.17 53.01
N SER C 950 -22.71 -19.67 53.89
CA SER C 950 -22.57 -19.38 55.32
C SER C 950 -21.24 -19.91 55.84
N LEU C 951 -20.49 -19.03 56.52
CA LEU C 951 -19.10 -19.29 56.91
C LEU C 951 -19.04 -19.52 58.42
N ASP C 952 -18.69 -20.74 58.82
CA ASP C 952 -18.44 -21.13 60.21
C ASP C 952 -19.65 -20.97 61.10
N GLY C 953 -20.78 -20.55 60.56
CA GLY C 953 -22.01 -20.53 61.32
C GLY C 953 -22.62 -21.91 61.15
N ALA C 954 -22.51 -22.42 59.92
CA ALA C 954 -22.74 -23.84 59.70
C ALA C 954 -21.81 -24.67 60.58
N LYS C 955 -20.57 -24.22 60.72
CA LYS C 955 -19.58 -24.99 61.48
C LYS C 955 -19.99 -25.12 62.94
N MET C 956 -20.75 -24.18 63.48
CA MET C 956 -21.32 -24.37 64.81
C MET C 956 -22.22 -25.59 64.84
N VAL C 957 -23.05 -25.74 63.82
CA VAL C 957 -23.98 -26.87 63.77
C VAL C 957 -23.20 -28.18 63.79
N ALA C 958 -22.16 -28.26 62.97
CA ALA C 958 -21.34 -29.48 62.96
C ALA C 958 -20.57 -29.63 64.27
N ARG C 959 -20.14 -28.52 64.87
CA ARG C 959 -19.46 -28.59 66.17
C ARG C 959 -20.36 -29.24 67.20
N PHE C 960 -21.66 -29.03 67.09
CA PHE C 960 -22.59 -29.69 68.00
C PHE C 960 -22.99 -31.08 67.55
N PHE C 961 -22.99 -31.35 66.24
CA PHE C 961 -23.49 -32.61 65.70
C PHE C 961 -22.39 -33.62 65.38
N LEU C 962 -21.15 -33.32 65.70
CA LEU C 962 -20.04 -34.22 65.40
C LEU C 962 -19.78 -35.18 66.56
N GLN C 963 -20.81 -35.93 66.95
CA GLN C 963 -20.76 -36.82 68.11
C GLN C 963 -21.32 -38.19 67.72
N LEU C 964 -20.86 -38.72 66.59
CA LEU C 964 -21.33 -40.01 66.11
C LEU C 964 -20.26 -40.65 65.24
N GLY C 965 -20.40 -41.96 65.04
CA GLY C 965 -19.44 -42.67 64.20
C GLY C 965 -19.49 -42.23 62.75
N ASP C 966 -20.69 -42.09 62.19
CA ASP C 966 -20.85 -41.62 60.82
C ASP C 966 -20.87 -40.10 60.71
N TYR C 967 -20.79 -39.39 61.84
CA TYR C 967 -20.73 -37.93 61.81
C TYR C 967 -19.41 -37.40 61.27
N GLY C 968 -18.49 -38.29 60.88
CA GLY C 968 -17.36 -37.84 60.08
C GLY C 968 -17.79 -37.20 58.79
N SER C 969 -18.90 -37.70 58.21
CA SER C 969 -19.57 -36.98 57.12
C SER C 969 -20.07 -35.62 57.59
N ALA C 970 -20.69 -35.57 58.77
CA ALA C 970 -21.19 -34.30 59.29
C ALA C 970 -20.08 -33.25 59.37
N ILE C 971 -18.90 -33.66 59.81
CA ILE C 971 -17.77 -32.74 59.86
C ILE C 971 -17.51 -32.13 58.49
N GLN C 972 -17.76 -32.90 57.43
CA GLN C 972 -17.67 -32.37 56.08
C GLN C 972 -19.03 -32.02 55.49
N PHE C 973 -20.12 -32.50 56.10
CA PHE C 973 -21.45 -32.19 55.58
C PHE C 973 -21.68 -30.69 55.59
N LEU C 974 -21.46 -30.06 56.73
CA LEU C 974 -20.98 -28.70 56.66
C LEU C 974 -19.48 -28.78 56.38
N VAL C 975 -19.02 -27.95 55.45
CA VAL C 975 -17.76 -28.24 54.77
C VAL C 975 -16.58 -27.81 55.63
N MET C 976 -16.77 -27.71 56.94
CA MET C 976 -15.79 -27.15 57.85
C MET C 976 -15.48 -25.71 57.47
N SER C 977 -16.47 -24.99 56.93
CA SER C 977 -16.28 -23.68 56.32
C SER C 977 -15.18 -23.79 55.28
N LYS C 978 -14.27 -22.83 55.25
CA LYS C 978 -13.01 -23.04 54.56
C LYS C 978 -12.02 -23.71 55.50
N CYS C 979 -11.70 -24.97 55.21
CA CYS C 979 -10.74 -25.72 56.01
C CYS C 979 -10.05 -26.74 55.12
N ASN C 980 -8.72 -26.73 55.16
CA ASN C 980 -7.92 -27.66 54.40
C ASN C 980 -7.43 -28.84 55.23
N ASN C 981 -7.30 -28.66 56.54
CA ASN C 981 -6.86 -29.75 57.40
C ASN C 981 -7.69 -29.92 58.66
N GLU C 982 -8.49 -28.94 59.06
CA GLU C 982 -9.35 -29.10 60.23
C GLU C 982 -10.23 -30.34 60.06
N ALA C 983 -11.03 -30.37 59.01
CA ALA C 983 -11.77 -31.58 58.70
C ALA C 983 -10.85 -32.73 58.31
N PHE C 984 -9.62 -32.45 57.86
CA PHE C 984 -8.71 -33.56 57.62
C PHE C 984 -8.18 -34.14 58.92
N THR C 985 -7.95 -33.30 59.92
CA THR C 985 -7.65 -33.80 61.25
C THR C 985 -8.82 -34.61 61.77
N LEU C 986 -10.04 -34.13 61.54
CA LEU C 986 -11.22 -34.90 61.92
C LEU C 986 -11.28 -36.23 61.18
N ALA C 987 -10.85 -36.27 59.93
CA ALA C 987 -10.86 -37.52 59.17
C ALA C 987 -9.85 -38.50 59.75
N GLN C 988 -8.64 -38.03 60.03
CA GLN C 988 -7.70 -38.87 60.76
C GLN C 988 -8.24 -39.31 62.12
N GLN C 989 -9.10 -38.47 62.72
CA GLN C 989 -9.36 -38.54 64.15
C GLN C 989 -10.15 -39.78 64.58
N HIS C 990 -10.94 -40.40 63.69
CA HIS C 990 -11.79 -41.51 64.11
C HIS C 990 -10.98 -42.56 64.86
N ASN C 991 -10.14 -43.31 64.15
CA ASN C 991 -8.81 -43.67 64.63
C ASN C 991 -7.88 -43.01 63.63
N LYS C 992 -8.16 -43.34 62.37
CA LYS C 992 -7.96 -42.57 61.18
C LYS C 992 -9.01 -43.06 60.18
N MET C 993 -9.59 -42.15 59.40
CA MET C 993 -10.72 -42.51 58.54
C MET C 993 -10.41 -42.11 57.10
N GLU C 994 -9.69 -43.00 56.41
CA GLU C 994 -9.36 -42.80 55.01
C GLU C 994 -10.62 -42.91 54.16
N ILE C 995 -11.49 -43.86 54.50
CA ILE C 995 -12.80 -43.91 53.84
C ILE C 995 -13.58 -42.64 54.11
N TYR C 996 -13.60 -42.17 55.36
CA TYR C 996 -14.25 -40.90 55.62
C TYR C 996 -13.48 -39.74 55.01
N ALA C 997 -12.16 -39.84 54.91
CA ALA C 997 -11.40 -38.78 54.26
C ALA C 997 -11.80 -38.65 52.80
N ASP C 998 -11.90 -39.79 52.10
CA ASP C 998 -12.38 -39.75 50.72
C ASP C 998 -13.85 -39.42 50.64
N ILE C 999 -14.59 -39.64 51.73
CA ILE C 999 -15.98 -39.21 51.79
C ILE C 999 -16.04 -37.70 51.80
N ILE C 1000 -15.17 -37.07 52.58
CA ILE C 1000 -14.96 -35.62 52.51
C ILE C 1000 -14.46 -35.26 51.11
N GLY C 1001 -13.80 -36.20 50.46
CA GLY C 1001 -13.47 -36.06 49.05
C GLY C 1001 -14.59 -36.54 48.15
N SER C 1002 -15.81 -36.07 48.41
CA SER C 1002 -16.94 -36.30 47.53
C SER C 1002 -17.11 -35.13 46.58
N GLU C 1003 -16.88 -33.93 47.08
CA GLU C 1003 -16.60 -32.77 46.26
C GLU C 1003 -15.70 -31.88 47.10
N ASP C 1004 -14.57 -31.46 46.52
CA ASP C 1004 -13.57 -30.67 47.22
C ASP C 1004 -13.06 -31.40 48.47
N THR C 1005 -12.27 -32.45 48.23
CA THR C 1005 -11.64 -33.19 49.30
C THR C 1005 -10.89 -32.26 50.25
N THR C 1006 -9.81 -31.68 49.75
CA THR C 1006 -8.97 -30.78 50.53
C THR C 1006 -8.34 -29.78 49.58
N ASN C 1007 -7.87 -28.68 50.15
CA ASN C 1007 -7.40 -27.57 49.33
C ASN C 1007 -5.92 -27.32 49.60
N GLU C 1008 -5.39 -26.24 49.01
CA GLU C 1008 -3.96 -25.92 49.06
C GLU C 1008 -3.20 -27.15 48.58
N ASP C 1009 -2.17 -27.61 49.29
CA ASP C 1009 -1.46 -28.80 48.84
C ASP C 1009 -2.32 -30.04 48.99
N TYR C 1010 -3.22 -30.06 49.97
CA TYR C 1010 -4.06 -31.20 50.24
C TYR C 1010 -3.21 -32.47 50.39
N GLN C 1011 -2.17 -32.36 51.21
CA GLN C 1011 -1.30 -33.51 51.47
C GLN C 1011 -2.09 -34.67 52.02
N SER C 1012 -3.17 -34.40 52.76
CA SER C 1012 -4.01 -35.48 53.24
C SER C 1012 -4.65 -36.24 52.08
N ILE C 1013 -5.18 -35.53 51.10
CA ILE C 1013 -5.75 -36.21 49.94
C ILE C 1013 -4.65 -36.92 49.16
N ALA C 1014 -3.51 -36.25 48.97
CA ALA C 1014 -2.42 -36.80 48.21
C ALA C 1014 -1.80 -38.04 48.87
N LEU C 1015 -1.99 -38.21 50.17
CA LEU C 1015 -1.48 -39.36 50.91
C LEU C 1015 -2.55 -39.90 51.86
N TYR C 1016 -3.77 -40.06 51.35
CA TYR C 1016 -4.90 -40.41 52.22
C TYR C 1016 -4.76 -41.82 52.77
N PHE C 1017 -4.74 -42.82 51.90
CA PHE C 1017 -4.44 -44.15 52.38
C PHE C 1017 -3.45 -44.79 51.42
N GLU C 1018 -2.51 -43.98 50.93
CA GLU C 1018 -1.66 -44.40 49.83
C GLU C 1018 -0.71 -45.50 50.23
N GLY C 1019 -0.47 -45.69 51.52
CA GLY C 1019 0.28 -46.83 52.02
C GLY C 1019 -0.53 -48.10 51.91
N GLU C 1020 -0.11 -49.14 52.63
CA GLU C 1020 -0.69 -50.47 52.51
C GLU C 1020 -0.81 -50.89 51.05
N LYS C 1021 0.21 -50.56 50.26
CA LYS C 1021 0.38 -50.97 48.87
C LYS C 1021 -0.70 -50.47 47.92
N ARG C 1022 -1.78 -49.88 48.43
CA ARG C 1022 -2.82 -49.34 47.56
C ARG C 1022 -3.84 -48.61 48.41
N TYR C 1023 -4.58 -47.70 47.77
CA TYR C 1023 -5.81 -47.15 48.32
C TYR C 1023 -6.71 -46.83 47.13
N LEU C 1024 -7.54 -47.80 46.75
CA LEU C 1024 -8.42 -47.65 45.61
C LEU C 1024 -7.66 -47.03 44.44
N GLN C 1025 -8.10 -45.86 43.99
CA GLN C 1025 -7.37 -45.08 43.01
C GLN C 1025 -6.35 -44.19 43.73
N ALA C 1026 -5.31 -44.86 44.25
CA ALA C 1026 -4.19 -44.13 44.85
C ALA C 1026 -3.63 -43.13 43.86
N GLY C 1027 -3.69 -43.46 42.57
CA GLY C 1027 -3.36 -42.48 41.55
C GLY C 1027 -4.26 -41.27 41.58
N LYS C 1028 -5.56 -41.47 41.85
CA LYS C 1028 -6.45 -40.34 42.04
C LYS C 1028 -6.02 -39.50 43.22
N PHE C 1029 -5.54 -40.16 44.28
CA PHE C 1029 -5.05 -39.42 45.44
C PHE C 1029 -3.84 -38.56 45.08
N PHE C 1030 -2.81 -39.19 44.48
CA PHE C 1030 -1.63 -38.44 44.07
C PHE C 1030 -1.97 -37.41 42.99
N LEU C 1031 -3.09 -37.59 42.31
CA LEU C 1031 -3.56 -36.65 41.30
C LEU C 1031 -4.54 -35.69 41.96
N LEU C 1032 -3.99 -34.73 42.69
CA LEU C 1032 -4.77 -33.55 43.05
C LEU C 1032 -4.15 -32.33 42.38
N CYS C 1033 -2.87 -32.11 42.65
CA CYS C 1033 -2.13 -31.04 42.00
C CYS C 1033 -0.75 -31.56 41.63
N GLY C 1034 0.07 -30.68 41.06
CA GLY C 1034 1.46 -31.01 40.80
C GLY C 1034 1.66 -32.01 39.67
N GLN C 1035 2.79 -32.70 39.75
CA GLN C 1035 3.15 -33.75 38.80
C GLN C 1035 2.84 -35.11 39.43
N TYR C 1036 1.98 -35.89 38.77
CA TYR C 1036 1.36 -37.09 39.36
C TYR C 1036 2.21 -38.28 38.98
N SER C 1037 3.06 -38.71 39.90
CA SER C 1037 4.02 -39.74 39.55
C SER C 1037 4.24 -40.68 40.73
N ARG C 1038 3.19 -41.06 41.46
CA ARG C 1038 3.33 -42.18 42.38
C ARG C 1038 2.46 -43.37 41.99
N ALA C 1039 1.14 -43.24 42.06
CA ALA C 1039 0.30 -44.39 41.76
C ALA C 1039 -0.37 -44.29 40.41
N LEU C 1040 -0.70 -43.07 39.98
CA LEU C 1040 -1.04 -42.89 38.57
C LEU C 1040 0.09 -43.40 37.70
N LYS C 1041 1.33 -43.18 38.13
CA LYS C 1041 2.50 -43.72 37.44
C LYS C 1041 2.81 -45.16 37.82
N HIS C 1042 2.28 -45.68 38.93
CA HIS C 1042 2.37 -47.12 39.16
C HIS C 1042 1.35 -47.87 38.31
N PHE C 1043 0.34 -47.18 37.80
CA PHE C 1043 -0.46 -47.73 36.72
C PHE C 1043 0.34 -47.79 35.42
N LEU C 1044 1.35 -46.91 35.27
CA LEU C 1044 2.33 -47.03 34.21
C LEU C 1044 3.40 -48.07 34.56
N LYS C 1045 3.53 -48.40 35.84
CA LYS C 1045 4.38 -49.52 36.26
C LYS C 1045 3.63 -50.86 36.23
N CYS C 1046 2.31 -50.84 36.03
CA CYS C 1046 1.52 -52.05 35.95
C CYS C 1046 1.46 -52.52 34.50
N PRO C 1047 2.07 -53.66 34.15
CA PRO C 1047 2.07 -54.10 32.75
C PRO C 1047 0.72 -54.57 32.23
N SER C 1048 -0.22 -54.90 33.10
CA SER C 1048 -1.58 -55.25 32.71
C SER C 1048 -2.56 -54.18 33.18
N SER C 1049 -3.79 -54.26 32.66
CA SER C 1049 -4.83 -53.27 32.98
C SER C 1049 -5.40 -53.57 34.36
N GLU C 1050 -4.82 -52.95 35.40
CA GLU C 1050 -5.45 -52.98 36.72
C GLU C 1050 -6.75 -52.20 36.70
N ASP C 1051 -6.79 -51.07 35.98
CA ASP C 1051 -8.02 -50.35 35.71
C ASP C 1051 -7.83 -49.38 34.55
N ASN C 1052 -8.69 -49.46 33.53
CA ASN C 1052 -8.66 -48.47 32.45
C ASN C 1052 -8.92 -47.06 32.97
N VAL C 1053 -9.59 -46.95 34.11
CA VAL C 1053 -9.74 -45.63 34.73
C VAL C 1053 -8.37 -45.01 34.97
N ALA C 1054 -7.39 -45.82 35.38
CA ALA C 1054 -6.09 -45.27 35.75
C ALA C 1054 -5.34 -44.72 34.55
N ILE C 1055 -5.33 -45.45 33.44
CA ILE C 1055 -4.71 -44.93 32.22
C ILE C 1055 -5.48 -43.71 31.73
N GLU C 1056 -6.80 -43.75 31.82
CA GLU C 1056 -7.59 -42.59 31.45
C GLU C 1056 -7.19 -41.36 32.26
N MET C 1057 -6.98 -41.54 33.57
CA MET C 1057 -6.55 -40.42 34.40
C MET C 1057 -5.11 -40.03 34.13
N ALA C 1058 -4.29 -40.95 33.63
CA ALA C 1058 -2.98 -40.56 33.19
C ALA C 1058 -3.03 -39.79 31.87
N ILE C 1059 -4.12 -39.95 31.14
CA ILE C 1059 -4.34 -39.12 29.97
C ILE C 1059 -4.51 -37.66 30.39
N GLU C 1060 -5.22 -37.39 31.48
CA GLU C 1060 -5.26 -36.03 32.00
C GLU C 1060 -3.96 -35.64 32.70
N THR C 1061 -3.22 -36.63 33.19
CA THR C 1061 -1.88 -36.36 33.70
C THR C 1061 -1.01 -35.71 32.63
N VAL C 1062 -1.05 -36.24 31.41
CA VAL C 1062 -0.44 -35.53 30.29
C VAL C 1062 -1.38 -34.49 29.70
N GLY C 1063 -2.62 -34.42 30.19
CA GLY C 1063 -3.52 -33.36 29.77
C GLY C 1063 -3.13 -32.01 30.34
N GLN C 1064 -2.50 -32.02 31.50
CA GLN C 1064 -1.91 -30.80 32.04
C GLN C 1064 -0.66 -30.37 31.27
N ALA C 1065 -0.44 -30.93 30.07
CA ALA C 1065 0.64 -30.54 29.19
C ALA C 1065 1.99 -30.64 29.87
N LYS C 1066 2.15 -31.64 30.75
CA LYS C 1066 3.40 -31.79 31.49
C LYS C 1066 4.60 -31.89 30.56
N ASP C 1067 4.44 -32.54 29.40
CA ASP C 1067 5.41 -32.48 28.31
C ASP C 1067 6.81 -32.92 28.78
N GLU C 1068 6.92 -34.17 29.20
CA GLU C 1068 8.18 -34.68 29.70
C GLU C 1068 8.30 -36.15 29.33
N LEU C 1069 9.27 -36.84 29.93
CA LEU C 1069 9.45 -38.27 29.69
C LEU C 1069 8.35 -39.11 30.32
N LEU C 1070 7.54 -38.52 31.22
CA LEU C 1070 6.39 -39.22 31.75
C LEU C 1070 5.35 -39.48 30.66
N THR C 1071 5.16 -38.52 29.76
CA THR C 1071 4.31 -38.74 28.59
C THR C 1071 4.85 -39.89 27.74
N ASN C 1072 6.17 -39.92 27.52
CA ASN C 1072 6.76 -41.04 26.82
C ASN C 1072 6.53 -42.35 27.54
N GLN C 1073 6.65 -42.34 28.87
CA GLN C 1073 6.42 -43.55 29.64
C GLN C 1073 5.00 -44.06 29.46
N LEU C 1074 4.04 -43.14 29.46
CA LEU C 1074 2.66 -43.54 29.24
C LEU C 1074 2.47 -44.13 27.85
N ILE C 1075 3.04 -43.48 26.83
CA ILE C 1075 2.96 -44.02 25.47
C ILE C 1075 3.57 -45.41 25.41
N ASP C 1076 4.67 -45.61 26.13
CA ASP C 1076 5.38 -46.89 26.11
C ASP C 1076 4.54 -47.98 26.74
N HIS C 1077 4.01 -47.74 27.95
CA HIS C 1077 3.09 -48.68 28.55
C HIS C 1077 1.91 -48.94 27.63
N LEU C 1078 1.51 -47.91 26.88
CA LEU C 1078 0.40 -48.02 25.94
C LEU C 1078 0.68 -49.04 24.86
N LEU C 1079 1.83 -48.92 24.21
CA LEU C 1079 2.15 -49.83 23.12
C LEU C 1079 2.35 -51.27 23.59
N GLY C 1080 2.38 -51.51 24.89
CA GLY C 1080 2.62 -52.84 25.43
C GLY C 1080 3.94 -53.42 24.99
N GLU C 1081 4.90 -52.55 24.66
CA GLU C 1081 6.22 -53.02 24.24
C GLU C 1081 7.00 -53.60 25.41
N ASN C 1082 7.07 -52.85 26.51
CA ASN C 1082 7.65 -53.36 27.75
C ASN C 1082 6.66 -54.14 28.60
N ASP C 1083 5.38 -54.10 28.25
CA ASP C 1083 4.34 -54.82 28.98
C ASP C 1083 4.07 -56.18 28.34
N GLY C 1084 3.88 -56.21 27.03
CA GLY C 1084 3.60 -57.42 26.28
C GLY C 1084 2.15 -57.64 25.97
N MET C 1085 1.24 -56.94 26.64
CA MET C 1085 -0.19 -57.10 26.42
C MET C 1085 -0.87 -55.74 26.40
N PRO C 1086 -0.57 -54.91 25.40
CA PRO C 1086 -1.21 -53.59 25.33
C PRO C 1086 -2.72 -53.73 25.18
N LYS C 1087 -3.44 -52.80 25.82
CA LYS C 1087 -4.89 -52.85 25.88
C LYS C 1087 -5.54 -52.54 24.54
N ASP C 1088 -5.35 -51.30 24.08
CA ASP C 1088 -5.99 -50.80 22.88
C ASP C 1088 -5.41 -49.42 22.60
N ALA C 1089 -5.23 -49.11 21.33
CA ALA C 1089 -4.67 -47.83 20.96
C ALA C 1089 -5.74 -46.74 20.83
N LYS C 1090 -7.00 -47.06 21.14
CA LYS C 1090 -7.96 -45.99 21.38
C LYS C 1090 -7.41 -45.00 22.40
N TYR C 1091 -6.78 -45.54 23.44
CA TYR C 1091 -6.10 -44.68 24.41
C TYR C 1091 -4.97 -43.92 23.74
N LEU C 1092 -4.31 -44.54 22.75
CA LEU C 1092 -3.29 -43.81 22.01
C LEU C 1092 -3.88 -42.60 21.32
N PHE C 1093 -5.09 -42.74 20.77
CA PHE C 1093 -5.76 -41.61 20.15
C PHE C 1093 -6.06 -40.52 21.17
N ARG C 1094 -6.65 -40.88 22.31
CA ARG C 1094 -6.99 -39.87 23.30
C ARG C 1094 -5.73 -39.18 23.83
N LEU C 1095 -4.70 -39.96 24.12
CA LEU C 1095 -3.43 -39.43 24.59
C LEU C 1095 -2.84 -38.46 23.59
N TYR C 1096 -2.79 -38.86 22.32
CA TYR C 1096 -2.20 -38.00 21.30
C TYR C 1096 -3.01 -36.73 21.14
N MET C 1097 -4.34 -36.85 21.23
CA MET C 1097 -5.18 -35.67 21.26
C MET C 1097 -4.77 -34.73 22.39
N ALA C 1098 -4.45 -35.31 23.56
CA ALA C 1098 -4.23 -34.50 24.76
C ALA C 1098 -3.18 -33.42 24.54
N LEU C 1099 -2.01 -33.79 24.04
CA LEU C 1099 -0.93 -32.83 23.88
C LEU C 1099 -1.03 -32.06 22.57
N LYS C 1100 -2.07 -32.31 21.77
CA LYS C 1100 -2.43 -31.51 20.61
C LYS C 1100 -1.45 -31.65 19.45
N GLN C 1101 -0.77 -32.78 19.33
CA GLN C 1101 -0.01 -33.07 18.13
C GLN C 1101 -0.88 -33.95 17.23
N TYR C 1102 -1.77 -33.32 16.48
CA TYR C 1102 -2.76 -34.10 15.74
C TYR C 1102 -2.18 -34.79 14.52
N ARG C 1103 -1.01 -34.35 14.04
CA ARG C 1103 -0.42 -34.99 12.87
C ARG C 1103 0.03 -36.41 13.18
N GLU C 1104 0.18 -36.74 14.46
CA GLU C 1104 0.41 -38.11 14.87
C GLU C 1104 -0.86 -38.83 15.27
N ALA C 1105 -1.84 -38.10 15.80
CA ALA C 1105 -3.13 -38.73 16.11
C ALA C 1105 -3.80 -39.24 14.84
N ALA C 1106 -3.73 -38.47 13.77
CA ALA C 1106 -4.31 -38.92 12.50
C ALA C 1106 -3.60 -40.17 12.01
N GLN C 1107 -2.27 -40.20 12.11
CA GLN C 1107 -1.54 -41.37 11.64
C GLN C 1107 -1.91 -42.60 12.45
N THR C 1108 -1.97 -42.47 13.77
CA THR C 1108 -2.34 -43.62 14.59
C THR C 1108 -3.77 -44.07 14.31
N ALA C 1109 -4.66 -43.11 14.07
CA ALA C 1109 -6.02 -43.45 13.68
C ALA C 1109 -6.03 -44.27 12.40
N ILE C 1110 -5.28 -43.81 11.39
CA ILE C 1110 -5.24 -44.53 10.13
C ILE C 1110 -4.65 -45.90 10.33
N ILE C 1111 -3.63 -46.02 11.17
CA ILE C 1111 -2.99 -47.32 11.38
C ILE C 1111 -3.97 -48.30 12.01
N ILE C 1112 -4.70 -47.85 13.03
CA ILE C 1112 -5.67 -48.72 13.68
C ILE C 1112 -6.74 -49.13 12.69
N ALA C 1113 -7.25 -48.15 11.93
CA ALA C 1113 -8.31 -48.45 10.97
C ALA C 1113 -7.82 -49.44 9.93
N ARG C 1114 -6.61 -49.23 9.41
CA ARG C 1114 -6.07 -50.13 8.40
C ARG C 1114 -5.91 -51.54 8.94
N GLU C 1115 -5.37 -51.67 10.16
CA GLU C 1115 -5.19 -53.00 10.73
C GLU C 1115 -6.53 -53.72 10.89
N GLU C 1116 -7.49 -53.05 11.50
CA GLU C 1116 -8.80 -53.66 11.71
C GLU C 1116 -9.46 -54.00 10.38
N GLN C 1117 -9.37 -53.09 9.42
CA GLN C 1117 -9.92 -53.30 8.09
C GLN C 1117 -9.32 -54.55 7.45
N SER C 1118 -7.99 -54.63 7.41
CA SER C 1118 -7.31 -55.79 6.87
C SER C 1118 -7.81 -57.07 7.53
N ALA C 1119 -7.89 -57.07 8.85
CA ALA C 1119 -8.27 -58.28 9.58
C ALA C 1119 -9.57 -58.87 9.05
N GLY C 1120 -10.55 -58.02 8.81
CA GLY C 1120 -11.83 -58.49 8.33
C GLY C 1120 -12.98 -57.72 8.95
N ASN C 1121 -12.75 -57.15 10.13
CA ASN C 1121 -13.72 -56.26 10.71
C ASN C 1121 -14.00 -55.14 9.72
N TYR C 1122 -15.22 -55.11 9.18
CA TYR C 1122 -15.57 -54.13 8.15
C TYR C 1122 -16.57 -53.08 8.62
N ARG C 1123 -17.35 -53.37 9.65
CA ARG C 1123 -18.25 -52.40 10.24
C ARG C 1123 -17.69 -51.80 11.52
N ASN C 1124 -16.92 -52.60 12.27
CA ASN C 1124 -16.19 -52.06 13.41
C ASN C 1124 -15.17 -51.04 12.96
N ALA C 1125 -14.47 -51.31 11.86
CA ALA C 1125 -13.54 -50.32 11.32
C ALA C 1125 -14.26 -49.03 10.95
N HIS C 1126 -15.45 -49.15 10.38
CA HIS C 1126 -16.23 -47.98 10.03
C HIS C 1126 -16.56 -47.15 11.26
N ASP C 1127 -17.11 -47.78 12.29
CA ASP C 1127 -17.45 -47.01 13.48
C ASP C 1127 -16.21 -46.40 14.12
N VAL C 1128 -15.11 -47.14 14.17
CA VAL C 1128 -13.91 -46.58 14.78
C VAL C 1128 -13.42 -45.37 14.00
N LEU C 1129 -13.37 -45.47 12.68
CA LEU C 1129 -12.86 -44.36 11.89
C LEU C 1129 -13.81 -43.18 11.93
N PHE C 1130 -15.11 -43.44 12.01
CA PHE C 1130 -16.04 -42.34 12.19
C PHE C 1130 -15.83 -41.68 13.53
N SER C 1131 -15.61 -42.46 14.58
CA SER C 1131 -15.45 -41.90 15.91
C SER C 1131 -14.14 -41.14 16.06
N MET C 1132 -13.18 -41.40 15.19
CA MET C 1132 -11.96 -40.61 15.22
C MET C 1132 -12.04 -39.38 14.32
N TYR C 1133 -12.70 -39.50 13.18
CA TYR C 1133 -13.06 -38.34 12.38
C TYR C 1133 -13.87 -37.36 13.21
N ALA C 1134 -14.70 -37.89 14.11
CA ALA C 1134 -15.53 -37.05 14.95
C ALA C 1134 -14.71 -35.98 15.65
N GLU C 1135 -13.75 -36.40 16.47
CA GLU C 1135 -12.98 -35.42 17.22
C GLU C 1135 -12.06 -34.62 16.31
N LEU C 1136 -11.45 -35.27 15.32
CA LEU C 1136 -10.55 -34.49 14.47
C LEU C 1136 -11.27 -33.37 13.74
N LYS C 1137 -12.56 -33.56 13.44
CA LYS C 1137 -13.30 -32.49 12.79
C LYS C 1137 -13.86 -31.50 13.80
N SER C 1138 -14.39 -32.01 14.91
CA SER C 1138 -14.96 -31.14 15.94
C SER C 1138 -13.94 -30.14 16.45
N GLN C 1139 -12.71 -30.60 16.69
CA GLN C 1139 -11.65 -29.67 17.07
C GLN C 1139 -11.22 -28.77 15.93
N LYS C 1140 -11.71 -29.00 14.72
CA LYS C 1140 -11.52 -28.18 13.52
C LYS C 1140 -10.15 -28.37 12.90
N ILE C 1141 -9.29 -29.22 13.47
CA ILE C 1141 -8.02 -29.52 12.84
C ILE C 1141 -8.27 -30.07 11.44
N LYS C 1142 -7.49 -29.62 10.47
CA LYS C 1142 -7.62 -30.14 9.12
C LYS C 1142 -7.31 -31.62 9.11
N ILE C 1143 -8.01 -32.36 8.26
CA ILE C 1143 -8.00 -33.81 8.28
C ILE C 1143 -7.20 -34.30 7.08
N PRO C 1144 -6.15 -35.09 7.28
CA PRO C 1144 -5.30 -35.49 6.17
C PRO C 1144 -6.11 -36.25 5.12
N SER C 1145 -5.66 -36.16 3.87
CA SER C 1145 -6.38 -36.82 2.80
C SER C 1145 -6.37 -38.34 2.97
N GLU C 1146 -5.40 -38.87 3.69
CA GLU C 1146 -5.41 -40.31 3.91
C GLU C 1146 -6.65 -40.73 4.68
N MET C 1147 -6.96 -40.02 5.76
CA MET C 1147 -8.10 -40.44 6.57
C MET C 1147 -9.40 -40.27 5.80
N ALA C 1148 -9.55 -39.16 5.09
CA ALA C 1148 -10.77 -38.96 4.32
C ALA C 1148 -10.91 -40.03 3.24
N THR C 1149 -9.82 -40.33 2.55
CA THR C 1149 -9.89 -41.33 1.48
C THR C 1149 -10.25 -42.69 2.04
N ASN C 1150 -9.61 -43.10 3.15
CA ASN C 1150 -9.96 -44.39 3.73
C ASN C 1150 -11.39 -44.40 4.21
N LEU C 1151 -11.87 -43.29 4.76
CA LEU C 1151 -13.25 -43.24 5.18
C LEU C 1151 -14.17 -43.48 4.00
N MET C 1152 -13.88 -42.83 2.87
CA MET C 1152 -14.75 -42.99 1.71
C MET C 1152 -14.74 -44.42 1.21
N ILE C 1153 -13.56 -45.02 1.08
CA ILE C 1153 -13.48 -46.35 0.50
C ILE C 1153 -13.92 -47.43 1.47
N LEU C 1154 -13.93 -47.15 2.77
CA LEU C 1154 -14.40 -48.11 3.75
C LEU C 1154 -15.88 -47.92 4.04
N HIS C 1155 -16.43 -46.77 3.68
CA HIS C 1155 -17.85 -46.50 3.71
C HIS C 1155 -18.58 -46.97 2.49
N SER C 1156 -17.90 -46.95 1.33
CA SER C 1156 -18.53 -47.49 0.15
C SER C 1156 -18.99 -48.92 0.39
N TYR C 1157 -18.24 -49.66 1.21
CA TYR C 1157 -18.60 -51.02 1.56
C TYR C 1157 -19.95 -51.07 2.27
N ILE C 1158 -20.15 -50.29 3.31
CA ILE C 1158 -21.44 -50.39 3.98
C ILE C 1158 -22.56 -49.96 3.03
N LEU C 1159 -22.30 -48.92 2.23
CA LEU C 1159 -23.31 -48.52 1.27
C LEU C 1159 -23.69 -49.67 0.35
N VAL C 1160 -22.72 -50.50 -0.02
CA VAL C 1160 -23.01 -51.65 -0.86
C VAL C 1160 -24.13 -52.48 -0.26
N LYS C 1161 -23.89 -53.02 0.93
CA LYS C 1161 -24.87 -53.89 1.54
C LYS C 1161 -26.23 -53.21 1.62
N ILE C 1162 -26.25 -51.94 2.02
CA ILE C 1162 -27.55 -51.28 2.17
C ILE C 1162 -28.27 -51.19 0.82
N HIS C 1163 -27.57 -50.80 -0.23
CA HIS C 1163 -28.23 -50.68 -1.53
C HIS C 1163 -28.65 -52.02 -2.09
N VAL C 1164 -28.09 -53.11 -1.56
CA VAL C 1164 -28.48 -54.45 -1.96
C VAL C 1164 -29.71 -54.91 -1.21
N LYS C 1165 -29.69 -54.79 0.12
CA LYS C 1165 -30.88 -55.12 0.91
C LYS C 1165 -32.08 -54.30 0.48
N ASN C 1166 -31.89 -53.00 0.25
CA ASN C 1166 -32.97 -52.15 -0.23
C ASN C 1166 -33.43 -52.59 -1.61
N GLY C 1167 -32.55 -53.20 -2.38
CA GLY C 1167 -32.85 -53.53 -3.76
C GLY C 1167 -32.73 -52.35 -4.71
N ASP C 1168 -31.51 -51.79 -4.83
CA ASP C 1168 -31.20 -50.73 -5.78
C ASP C 1168 -30.03 -51.21 -6.63
N HIS C 1169 -30.35 -51.91 -7.72
CA HIS C 1169 -29.38 -52.74 -8.43
C HIS C 1169 -28.20 -51.94 -8.95
N MET C 1170 -28.39 -50.66 -9.28
CA MET C 1170 -27.31 -49.93 -9.94
C MET C 1170 -26.37 -49.29 -8.92
N LYS C 1171 -26.91 -48.82 -7.80
CA LYS C 1171 -26.10 -48.20 -6.77
C LYS C 1171 -25.04 -49.17 -6.25
N GLY C 1172 -25.46 -50.39 -5.97
CA GLY C 1172 -24.52 -51.39 -5.49
C GLY C 1172 -23.44 -51.67 -6.51
N ALA C 1173 -23.79 -51.63 -7.79
CA ALA C 1173 -22.80 -51.82 -8.83
C ALA C 1173 -21.78 -50.71 -8.78
N ARG C 1174 -22.25 -49.46 -8.74
CA ARG C 1174 -21.32 -48.34 -8.75
C ARG C 1174 -20.35 -48.43 -7.58
N MET C 1175 -20.89 -48.57 -6.38
CA MET C 1175 -20.03 -48.62 -5.21
C MET C 1175 -19.11 -49.83 -5.25
N LEU C 1176 -19.62 -50.96 -5.75
CA LEU C 1176 -18.77 -52.12 -5.85
C LEU C 1176 -17.66 -51.92 -6.86
N ILE C 1177 -17.88 -51.11 -7.89
CA ILE C 1177 -16.78 -50.75 -8.78
C ILE C 1177 -15.71 -50.00 -8.01
N ARG C 1178 -16.12 -49.04 -7.18
CA ARG C 1178 -15.12 -48.29 -6.43
C ARG C 1178 -14.36 -49.19 -5.47
N VAL C 1179 -15.09 -50.04 -4.75
CA VAL C 1179 -14.47 -51.01 -3.86
C VAL C 1179 -13.56 -51.95 -4.64
N ALA C 1180 -13.97 -52.35 -5.83
CA ALA C 1180 -13.16 -53.23 -6.65
C ALA C 1180 -11.84 -52.58 -6.98
N ASN C 1181 -11.89 -51.35 -7.49
CA ASN C 1181 -10.65 -50.64 -7.77
C ASN C 1181 -9.76 -50.62 -6.54
N ASN C 1182 -10.29 -50.26 -5.38
CA ASN C 1182 -9.52 -50.38 -4.16
C ASN C 1182 -9.93 -51.65 -3.41
N ILE C 1183 -9.67 -52.79 -4.02
CA ILE C 1183 -9.80 -54.08 -3.37
C ILE C 1183 -8.51 -54.57 -2.77
N SER C 1184 -7.37 -53.95 -3.10
CA SER C 1184 -6.13 -54.38 -2.48
C SER C 1184 -6.13 -54.07 -0.99
N LYS C 1185 -6.80 -52.97 -0.60
CA LYS C 1185 -6.91 -52.68 0.81
C LYS C 1185 -7.73 -53.73 1.54
N PHE C 1186 -8.55 -54.47 0.82
CA PHE C 1186 -9.44 -55.46 1.39
C PHE C 1186 -8.88 -56.86 1.14
N PRO C 1187 -8.04 -57.37 2.01
CA PRO C 1187 -7.44 -58.68 1.73
C PRO C 1187 -8.37 -59.82 2.08
N SER C 1188 -9.10 -59.65 3.19
CA SER C 1188 -9.76 -60.78 3.83
C SER C 1188 -10.77 -61.43 2.90
N HIS C 1189 -11.59 -60.63 2.23
CA HIS C 1189 -12.57 -61.12 1.29
C HIS C 1189 -12.17 -60.55 -0.05
N ILE C 1190 -11.15 -61.13 -0.67
CA ILE C 1190 -10.63 -60.50 -1.87
C ILE C 1190 -11.28 -61.13 -3.08
N VAL C 1191 -11.47 -62.44 -3.03
CA VAL C 1191 -12.25 -63.16 -4.03
C VAL C 1191 -13.73 -62.98 -3.74
N PRO C 1192 -14.19 -63.02 -2.47
CA PRO C 1192 -15.63 -62.90 -2.25
C PRO C 1192 -16.20 -61.53 -2.51
N ILE C 1193 -15.40 -60.47 -2.45
CA ILE C 1193 -15.90 -59.13 -2.74
C ILE C 1193 -15.91 -58.87 -4.24
N LEU C 1194 -14.77 -59.12 -4.89
CA LEU C 1194 -14.71 -58.97 -6.34
C LEU C 1194 -15.70 -59.91 -6.99
N THR C 1195 -15.85 -61.09 -6.42
CA THR C 1195 -17.03 -61.89 -6.63
C THR C 1195 -18.22 -61.15 -6.05
N SER C 1196 -19.32 -61.19 -6.78
CA SER C 1196 -20.51 -60.40 -6.50
C SER C 1196 -20.28 -58.93 -6.81
N THR C 1197 -19.03 -58.47 -6.92
CA THR C 1197 -18.83 -57.28 -7.72
C THR C 1197 -19.19 -57.59 -9.16
N VAL C 1198 -18.66 -58.71 -9.65
CA VAL C 1198 -19.02 -59.19 -10.99
C VAL C 1198 -20.52 -59.49 -11.06
N ILE C 1199 -21.04 -60.20 -10.05
CA ILE C 1199 -22.43 -60.65 -10.10
C ILE C 1199 -23.39 -59.47 -10.16
N GLU C 1200 -23.17 -58.47 -9.32
CA GLU C 1200 -24.04 -57.31 -9.33
C GLU C 1200 -23.83 -56.47 -10.58
N CYS C 1201 -22.57 -56.27 -11.01
CA CYS C 1201 -22.33 -55.53 -12.24
C CYS C 1201 -23.13 -56.10 -13.39
N HIS C 1202 -23.03 -57.42 -13.58
CA HIS C 1202 -23.81 -58.05 -14.64
C HIS C 1202 -25.30 -57.99 -14.36
N ARG C 1203 -25.71 -58.22 -13.11
CA ARG C 1203 -27.12 -58.17 -12.74
C ARG C 1203 -27.69 -56.77 -12.75
N ALA C 1204 -26.90 -55.76 -13.10
CA ALA C 1204 -27.36 -54.37 -13.14
C ALA C 1204 -27.19 -53.73 -14.51
N GLY C 1205 -26.12 -54.06 -15.24
CA GLY C 1205 -25.96 -53.54 -16.58
C GLY C 1205 -24.54 -53.20 -16.99
N LEU C 1206 -23.61 -53.24 -16.03
CA LEU C 1206 -22.22 -52.87 -16.28
C LEU C 1206 -21.35 -54.08 -16.58
N LYS C 1207 -21.89 -55.07 -17.30
CA LYS C 1207 -21.18 -56.32 -17.50
C LYS C 1207 -19.84 -56.13 -18.20
N ASN C 1208 -19.69 -55.06 -18.98
CA ASN C 1208 -18.39 -54.77 -19.58
C ASN C 1208 -17.32 -54.68 -18.51
N SER C 1209 -17.56 -53.90 -17.47
CA SER C 1209 -16.59 -53.81 -16.37
C SER C 1209 -16.41 -55.15 -15.69
N ALA C 1210 -17.52 -55.85 -15.44
CA ALA C 1210 -17.44 -57.16 -14.81
C ALA C 1210 -16.59 -58.12 -15.62
N PHE C 1211 -16.50 -57.93 -16.93
CA PHE C 1211 -15.59 -58.73 -17.72
C PHE C 1211 -14.17 -58.60 -17.21
N SER C 1212 -13.67 -57.37 -17.12
CA SER C 1212 -12.32 -57.14 -16.62
C SER C 1212 -12.17 -57.66 -15.20
N PHE C 1213 -13.15 -57.36 -14.35
CA PHE C 1213 -13.04 -57.78 -12.96
C PHE C 1213 -13.04 -59.29 -12.83
N ALA C 1214 -13.89 -59.98 -13.58
CA ALA C 1214 -13.90 -61.44 -13.52
C ALA C 1214 -12.62 -62.03 -14.12
N ALA C 1215 -12.06 -61.36 -15.13
CA ALA C 1215 -10.77 -61.76 -15.67
C ALA C 1215 -9.74 -61.82 -14.55
N MET C 1216 -9.61 -60.71 -13.82
CA MET C 1216 -8.73 -60.73 -12.65
C MET C 1216 -9.21 -61.74 -11.61
N LEU C 1217 -10.52 -61.97 -11.55
CA LEU C 1217 -11.07 -62.96 -10.64
C LEU C 1217 -10.69 -64.36 -11.07
N MET C 1218 -10.64 -64.59 -12.38
CA MET C 1218 -10.25 -65.88 -12.91
C MET C 1218 -8.74 -65.96 -13.12
N ARG C 1219 -8.01 -64.93 -12.70
CA ARG C 1219 -6.57 -64.89 -12.84
C ARG C 1219 -5.94 -66.05 -12.09
N PRO C 1220 -4.70 -66.41 -12.43
CA PRO C 1220 -4.09 -67.60 -11.82
C PRO C 1220 -4.08 -67.57 -10.29
N GLU C 1221 -3.67 -66.45 -9.69
CA GLU C 1221 -3.67 -66.39 -8.23
C GLU C 1221 -5.10 -66.47 -7.69
N TYR C 1222 -5.99 -65.65 -8.23
CA TYR C 1222 -7.38 -65.66 -7.75
C TYR C 1222 -8.11 -66.94 -8.13
N ARG C 1223 -7.68 -67.66 -9.14
CA ARG C 1223 -8.40 -68.85 -9.58
C ARG C 1223 -8.18 -70.00 -8.62
N SER C 1224 -9.07 -70.98 -8.70
CA SER C 1224 -9.11 -72.12 -7.78
C SER C 1224 -9.46 -71.69 -6.37
N LYS C 1225 -10.01 -70.48 -6.24
CA LYS C 1225 -10.64 -70.00 -5.02
C LYS C 1225 -11.98 -69.38 -5.30
N ILE C 1226 -12.32 -69.16 -6.57
CA ILE C 1226 -13.57 -68.54 -7.01
C ILE C 1226 -14.73 -69.28 -6.36
N ASP C 1227 -15.83 -68.57 -6.13
CA ASP C 1227 -16.98 -69.18 -5.48
C ASP C 1227 -17.40 -70.44 -6.22
N ALA C 1228 -17.59 -71.51 -5.47
CA ALA C 1228 -17.96 -72.79 -6.06
C ALA C 1228 -19.45 -72.87 -6.32
N LYS C 1229 -20.15 -71.75 -6.25
CA LYS C 1229 -21.56 -71.68 -6.65
C LYS C 1229 -21.65 -71.49 -8.16
N TYR C 1230 -21.15 -70.37 -8.65
CA TYR C 1230 -21.27 -70.01 -10.06
C TYR C 1230 -19.90 -69.81 -10.68
N LYS C 1231 -18.94 -70.66 -10.33
CA LYS C 1231 -17.63 -70.64 -10.97
C LYS C 1231 -17.82 -70.82 -12.48
N LYS C 1232 -18.66 -71.78 -12.85
CA LYS C 1232 -18.95 -72.02 -14.26
C LYS C 1232 -19.60 -70.79 -14.90
N LYS C 1233 -20.52 -70.15 -14.18
CA LYS C 1233 -21.16 -68.96 -14.73
C LYS C 1233 -20.14 -67.85 -14.97
N ILE C 1234 -19.22 -67.65 -14.04
CA ILE C 1234 -18.19 -66.63 -14.23
C ILE C 1234 -17.33 -66.95 -15.43
N GLU C 1235 -16.91 -68.22 -15.54
CA GLU C 1235 -16.13 -68.62 -16.71
C GLU C 1235 -16.92 -68.35 -17.99
N GLY C 1236 -18.22 -68.59 -17.98
CA GLY C 1236 -19.02 -68.32 -19.15
C GLY C 1236 -19.07 -66.84 -19.49
N MET C 1237 -19.33 -66.00 -18.49
CA MET C 1237 -19.40 -64.57 -18.73
C MET C 1237 -18.11 -64.06 -19.32
N VAL C 1238 -16.97 -64.51 -18.79
CA VAL C 1238 -15.69 -64.12 -19.39
C VAL C 1238 -15.57 -64.69 -20.80
N ARG C 1239 -16.03 -65.92 -21.00
CA ARG C 1239 -15.87 -66.57 -22.29
C ARG C 1239 -16.64 -65.85 -23.38
N ARG C 1240 -17.85 -65.38 -23.07
CA ARG C 1240 -18.70 -64.66 -24.02
C ARG C 1240 -18.95 -63.26 -23.49
N PRO C 1241 -17.92 -62.42 -23.45
CA PRO C 1241 -18.06 -61.11 -22.81
C PRO C 1241 -18.72 -60.12 -23.75
N ASP C 1242 -19.75 -59.44 -23.25
CA ASP C 1242 -20.39 -58.36 -23.98
C ASP C 1242 -19.84 -57.02 -23.53
N ILE C 1243 -19.55 -56.15 -24.50
CA ILE C 1243 -18.95 -54.85 -24.21
C ILE C 1243 -20.04 -53.84 -23.89
N SER C 1244 -21.26 -54.32 -23.66
CA SER C 1244 -22.39 -53.46 -23.33
C SER C 1244 -22.29 -53.01 -21.88
N GLU C 1245 -22.05 -51.72 -21.67
CA GLU C 1245 -22.10 -51.11 -20.36
C GLU C 1245 -22.85 -49.78 -20.46
N ILE C 1246 -23.86 -49.60 -19.60
CA ILE C 1246 -24.65 -48.38 -19.63
C ILE C 1246 -23.78 -47.20 -19.23
N GLU C 1247 -23.89 -46.12 -19.99
CA GLU C 1247 -23.03 -44.96 -19.77
C GLU C 1247 -23.32 -44.32 -18.42
N GLU C 1248 -22.25 -43.89 -17.75
CA GLU C 1248 -22.42 -43.23 -16.46
C GLU C 1248 -23.02 -41.85 -16.64
N ALA C 1249 -23.95 -41.51 -15.76
CA ALA C 1249 -24.62 -40.23 -15.88
C ALA C 1249 -23.69 -39.12 -15.41
N THR C 1250 -24.08 -37.88 -15.72
CA THR C 1250 -23.26 -36.72 -15.38
C THR C 1250 -24.08 -35.74 -14.57
N THR C 1251 -23.37 -34.89 -13.86
CA THR C 1251 -24.00 -33.82 -13.09
C THR C 1251 -22.95 -32.73 -12.86
N PRO C 1252 -23.39 -31.50 -12.64
CA PRO C 1252 -22.42 -30.41 -12.45
C PRO C 1252 -21.65 -30.55 -11.16
N CYS C 1253 -20.39 -30.15 -11.21
CA CYS C 1253 -19.61 -30.04 -9.99
C CYS C 1253 -20.26 -28.99 -9.10
N PRO C 1254 -20.25 -29.17 -7.79
CA PRO C 1254 -20.96 -28.22 -6.92
C PRO C 1254 -20.32 -26.84 -6.89
N PHE C 1255 -19.01 -26.72 -6.71
CA PHE C 1255 -18.38 -25.42 -6.62
C PHE C 1255 -17.64 -25.02 -7.89
N CYS C 1256 -17.93 -25.67 -9.01
CA CYS C 1256 -17.67 -25.09 -10.31
C CYS C 1256 -18.66 -25.70 -11.28
N LYS C 1257 -19.12 -24.92 -12.24
CA LYS C 1257 -20.21 -25.36 -13.10
C LYS C 1257 -19.60 -26.23 -14.20
N PHE C 1258 -19.45 -27.53 -13.92
CA PHE C 1258 -18.84 -28.44 -14.88
C PHE C 1258 -19.36 -29.84 -14.66
N LEU C 1259 -19.53 -30.58 -15.75
CA LEU C 1259 -20.28 -31.85 -15.75
C LEU C 1259 -19.32 -33.03 -15.67
N LEU C 1260 -19.16 -33.58 -14.47
CA LEU C 1260 -18.42 -34.83 -14.30
C LEU C 1260 -19.38 -35.96 -13.94
N PRO C 1261 -18.93 -37.22 -14.06
CA PRO C 1261 -19.81 -38.35 -13.69
C PRO C 1261 -20.09 -38.44 -12.20
N GLU C 1262 -20.98 -39.35 -11.82
CA GLU C 1262 -21.51 -39.37 -10.45
C GLU C 1262 -20.50 -39.92 -9.45
N CYS C 1263 -19.72 -40.93 -9.82
CA CYS C 1263 -18.82 -41.54 -8.86
C CYS C 1263 -17.47 -40.83 -8.79
N GLU C 1264 -17.22 -39.83 -9.62
CA GLU C 1264 -15.92 -39.18 -9.65
C GLU C 1264 -15.92 -38.00 -8.70
N LEU C 1265 -14.89 -37.94 -7.85
CA LEU C 1265 -14.82 -36.89 -6.84
C LEU C 1265 -13.81 -35.79 -7.13
N LEU C 1266 -12.81 -36.05 -7.95
CA LEU C 1266 -11.82 -35.04 -8.29
C LEU C 1266 -12.25 -34.36 -9.58
N CYS C 1267 -12.60 -33.10 -9.50
CA CYS C 1267 -13.11 -32.40 -10.67
C CYS C 1267 -11.95 -31.97 -11.54
N PRO C 1268 -11.92 -32.35 -12.82
CA PRO C 1268 -10.83 -31.91 -13.69
C PRO C 1268 -10.82 -30.42 -13.95
N GLY C 1269 -11.76 -29.69 -13.37
CA GLY C 1269 -11.87 -28.26 -13.55
C GLY C 1269 -11.26 -27.54 -12.38
N CYS C 1270 -12.09 -27.19 -11.41
CA CYS C 1270 -11.63 -26.43 -10.26
C CYS C 1270 -10.52 -27.16 -9.50
N LYS C 1271 -10.43 -28.47 -9.64
CA LYS C 1271 -9.39 -29.32 -9.06
C LYS C 1271 -9.54 -29.52 -7.56
N ASN C 1272 -10.60 -29.01 -6.95
CA ASN C 1272 -10.86 -29.37 -5.57
C ASN C 1272 -11.54 -30.73 -5.51
N SER C 1273 -11.52 -31.32 -4.33
CA SER C 1273 -12.00 -32.69 -4.14
C SER C 1273 -13.40 -32.62 -3.59
N ILE C 1274 -14.38 -32.80 -4.47
CA ILE C 1274 -15.79 -32.76 -4.09
C ILE C 1274 -16.03 -33.72 -2.94
N PRO C 1275 -16.80 -33.35 -1.96
CA PRO C 1275 -17.15 -34.32 -0.92
C PRO C 1275 -18.12 -35.32 -1.50
N TYR C 1276 -18.57 -36.27 -0.70
CA TYR C 1276 -19.40 -37.34 -1.19
C TYR C 1276 -20.60 -37.50 -0.30
N CYS C 1277 -21.67 -38.03 -0.88
CA CYS C 1277 -22.93 -38.24 -0.17
C CYS C 1277 -22.75 -39.22 0.98
N ILE C 1278 -23.81 -39.49 1.72
CA ILE C 1278 -23.82 -40.62 2.63
C ILE C 1278 -24.89 -41.64 2.25
N ALA C 1279 -25.69 -41.38 1.22
CA ALA C 1279 -26.62 -42.37 0.70
C ALA C 1279 -26.08 -43.06 -0.54
N THR C 1280 -25.46 -42.33 -1.47
CA THR C 1280 -25.15 -42.87 -2.78
C THR C 1280 -23.66 -42.81 -3.14
N GLY C 1281 -22.82 -42.27 -2.29
CA GLY C 1281 -21.43 -42.17 -2.67
C GLY C 1281 -21.12 -41.25 -3.83
N ARG C 1282 -22.06 -40.43 -4.30
CA ARG C 1282 -21.78 -39.58 -5.44
C ARG C 1282 -21.23 -38.23 -5.01
N HIS C 1283 -21.00 -37.36 -5.99
CA HIS C 1283 -20.54 -36.00 -5.74
C HIS C 1283 -21.74 -35.10 -5.53
N MET C 1284 -21.76 -34.44 -4.38
CA MET C 1284 -22.87 -33.60 -3.96
C MET C 1284 -23.31 -32.63 -5.06
N LEU C 1285 -24.58 -32.27 -5.05
CA LEU C 1285 -25.11 -31.25 -5.94
C LEU C 1285 -25.68 -30.09 -5.14
N LYS C 1286 -25.32 -28.87 -5.51
CA LYS C 1286 -25.82 -27.68 -4.84
C LYS C 1286 -27.33 -27.71 -4.66
N ASP C 1287 -28.04 -28.29 -5.63
CA ASP C 1287 -29.50 -28.23 -5.61
C ASP C 1287 -30.11 -29.12 -4.54
N ASP C 1288 -29.39 -30.10 -4.02
CA ASP C 1288 -30.00 -31.02 -3.06
C ASP C 1288 -29.10 -31.30 -1.87
N TRP C 1289 -28.29 -30.32 -1.46
CA TRP C 1289 -27.40 -30.51 -0.34
C TRP C 1289 -28.21 -30.71 0.93
N THR C 1290 -27.61 -31.41 1.89
CA THR C 1290 -28.13 -31.53 3.25
C THR C 1290 -27.03 -32.02 4.16
N VAL C 1291 -27.40 -32.35 5.40
CA VAL C 1291 -26.52 -32.98 6.38
C VAL C 1291 -27.37 -33.75 7.37
N CYS C 1292 -26.86 -34.87 7.83
CA CYS C 1292 -27.42 -35.48 9.01
C CYS C 1292 -27.35 -34.47 10.15
N PRO C 1293 -28.41 -34.30 10.93
CA PRO C 1293 -28.36 -33.32 12.03
C PRO C 1293 -27.27 -33.62 13.05
N HIS C 1294 -26.80 -34.86 13.14
CA HIS C 1294 -25.82 -35.24 14.15
C HIS C 1294 -24.40 -35.28 13.62
N CYS C 1295 -24.16 -35.98 12.53
CA CYS C 1295 -22.80 -36.18 12.07
C CYS C 1295 -22.29 -35.08 11.16
N ASP C 1296 -23.15 -34.18 10.68
CA ASP C 1296 -22.76 -33.07 9.82
C ASP C 1296 -21.94 -33.55 8.61
N PHE C 1297 -22.45 -34.57 7.95
CA PHE C 1297 -21.90 -35.07 6.69
C PHE C 1297 -22.89 -34.89 5.54
N PRO C 1298 -22.39 -34.74 4.33
CA PRO C 1298 -23.27 -34.37 3.22
C PRO C 1298 -24.24 -35.48 2.91
N ALA C 1299 -25.17 -35.17 2.02
CA ALA C 1299 -26.09 -36.16 1.49
C ALA C 1299 -26.89 -35.55 0.36
N LEU C 1300 -27.15 -36.34 -0.67
CA LEU C 1300 -28.07 -35.91 -1.72
C LEU C 1300 -29.48 -36.00 -1.14
N TYR C 1301 -30.05 -34.85 -0.79
CA TYR C 1301 -31.28 -34.83 0.01
C TYR C 1301 -32.34 -35.75 -0.58
N SER C 1302 -32.50 -35.71 -1.91
CA SER C 1302 -33.40 -36.64 -2.56
C SER C 1302 -33.04 -38.07 -2.17
N GLU C 1303 -31.77 -38.40 -2.32
CA GLU C 1303 -31.32 -39.77 -2.06
C GLU C 1303 -31.40 -40.10 -0.57
N LEU C 1304 -31.01 -39.18 0.30
CA LEU C 1304 -31.10 -39.46 1.73
C LEU C 1304 -32.54 -39.77 2.12
N LYS C 1305 -33.47 -38.92 1.71
CA LYS C 1305 -34.88 -39.16 1.99
C LYS C 1305 -35.34 -40.48 1.36
N ILE C 1306 -34.86 -40.78 0.16
CA ILE C 1306 -35.24 -42.02 -0.51
C ILE C 1306 -34.76 -43.23 0.27
N MET C 1307 -33.53 -43.17 0.75
CA MET C 1307 -32.96 -44.29 1.49
C MET C 1307 -33.53 -44.41 2.88
N LEU C 1308 -34.11 -43.35 3.43
CA LEU C 1308 -34.62 -43.37 4.79
C LEU C 1308 -35.92 -44.19 4.83
N ASN C 1309 -35.81 -45.40 4.31
CA ASN C 1309 -36.92 -46.33 4.16
C ASN C 1309 -37.00 -47.25 5.37
N THR C 1310 -37.26 -46.66 6.53
CA THR C 1310 -37.39 -47.27 7.86
C THR C 1310 -36.05 -47.73 8.42
N GLU C 1311 -34.95 -47.58 7.69
CA GLU C 1311 -33.65 -47.75 8.31
C GLU C 1311 -33.48 -46.58 9.26
N SER C 1312 -33.24 -46.91 10.52
CA SER C 1312 -33.46 -45.96 11.58
C SER C 1312 -32.19 -45.21 11.98
N THR C 1313 -31.04 -45.83 11.85
CA THR C 1313 -29.79 -45.12 12.08
C THR C 1313 -29.38 -44.40 10.80
N CYS C 1314 -28.61 -43.36 10.97
CA CYS C 1314 -28.05 -42.66 9.82
C CYS C 1314 -27.26 -43.67 9.01
N PRO C 1315 -26.99 -43.42 7.73
CA PRO C 1315 -26.12 -44.35 7.01
C PRO C 1315 -24.75 -44.50 7.62
N MET C 1316 -24.19 -43.44 8.21
CA MET C 1316 -22.81 -43.47 8.65
C MET C 1316 -22.67 -43.40 10.16
N CYS C 1317 -23.19 -42.35 10.80
CA CYS C 1317 -23.00 -42.19 12.24
C CYS C 1317 -23.73 -43.24 13.04
N SER C 1318 -24.72 -43.89 12.44
CA SER C 1318 -25.52 -44.90 13.11
C SER C 1318 -26.28 -44.32 14.30
N GLU C 1319 -27.09 -43.29 14.02
CA GLU C 1319 -27.98 -42.71 15.01
C GLU C 1319 -29.36 -42.47 14.41
N ARG C 1320 -30.36 -42.42 15.28
CA ARG C 1320 -31.75 -42.36 14.85
C ARG C 1320 -31.99 -41.22 13.87
N LEU C 1321 -32.79 -41.49 12.85
CA LEU C 1321 -33.13 -40.50 11.83
C LEU C 1321 -34.47 -40.87 11.22
N ASN C 1322 -35.20 -39.86 10.77
CA ASN C 1322 -36.59 -40.05 10.35
C ASN C 1322 -36.88 -39.17 9.15
N ALA C 1323 -38.16 -39.05 8.80
CA ALA C 1323 -38.54 -38.45 7.53
C ALA C 1323 -38.14 -36.99 7.42
N ALA C 1324 -38.30 -36.22 8.49
CA ALA C 1324 -38.33 -34.77 8.36
C ALA C 1324 -37.32 -34.04 9.24
N GLN C 1325 -36.55 -34.72 10.07
CA GLN C 1325 -35.45 -34.03 10.71
C GLN C 1325 -34.29 -33.92 9.75
N LEU C 1326 -34.63 -33.62 8.50
CA LEU C 1326 -33.66 -33.59 7.41
C LEU C 1326 -34.24 -32.67 6.34
N LYS C 1327 -33.74 -31.45 6.25
CA LYS C 1327 -34.24 -30.50 5.26
C LYS C 1327 -33.07 -29.92 4.48
N LYS C 1328 -33.35 -29.51 3.24
CA LYS C 1328 -32.30 -29.07 2.34
C LYS C 1328 -31.63 -27.80 2.84
N ILE C 1329 -30.42 -27.55 2.33
CA ILE C 1329 -29.61 -26.41 2.74
C ILE C 1329 -29.31 -25.59 1.49
N SER C 1330 -29.09 -24.30 1.71
CA SER C 1330 -28.86 -23.33 0.64
C SER C 1330 -27.50 -22.65 0.72
N ASP C 1331 -27.05 -22.27 1.91
CA ASP C 1331 -25.75 -21.62 2.06
C ASP C 1331 -24.63 -22.65 2.09
N CYS C 1332 -24.63 -23.57 1.12
CA CYS C 1332 -23.66 -24.64 1.09
C CYS C 1332 -22.21 -24.14 1.02
N THR C 1333 -22.00 -22.84 0.82
CA THR C 1333 -20.65 -22.30 0.84
C THR C 1333 -19.97 -22.52 2.19
N GLN C 1334 -20.74 -22.74 3.25
CA GLN C 1334 -20.16 -23.15 4.52
C GLN C 1334 -19.63 -24.57 4.47
N TYR C 1335 -19.94 -25.31 3.42
CA TYR C 1335 -19.38 -26.65 3.19
C TYR C 1335 -18.46 -26.71 2.00
N LEU C 1336 -18.65 -25.85 1.00
CA LEU C 1336 -17.86 -25.86 -0.22
C LEU C 1336 -16.81 -24.77 -0.24
N ARG C 1337 -16.51 -24.19 0.91
CA ARG C 1337 -15.46 -23.18 0.97
C ARG C 1337 -14.14 -23.80 0.53
N THR C 1338 -13.57 -23.26 -0.54
CA THR C 1338 -12.34 -23.83 -1.11
C THR C 1338 -11.25 -23.88 -0.06
N GLU C 1339 -10.78 -25.09 0.26
CA GLU C 1339 -9.84 -25.26 1.36
C GLU C 1339 -8.58 -24.44 1.15
N GLU C 1340 -8.07 -24.41 -0.08
CA GLU C 1340 -6.95 -23.53 -0.39
C GLU C 1340 -7.33 -22.07 -0.20
N GLU C 1341 -8.55 -21.71 -0.60
CA GLU C 1341 -9.05 -20.36 -0.33
C GLU C 1341 -9.33 -20.16 1.15
N LEU C 1342 -9.67 -21.24 1.86
CA LEU C 1342 -9.94 -21.16 3.29
C LEU C 1342 -8.66 -21.32 4.09
N ARG D 407 20.08 28.48 61.34
CA ARG D 407 19.47 27.46 62.17
C ARG D 407 18.11 27.06 61.59
N ALA D 408 17.51 26.02 62.16
CA ALA D 408 16.21 25.57 61.69
C ALA D 408 15.09 26.55 62.06
N MET D 409 15.29 27.37 63.09
CA MET D 409 14.28 28.29 63.59
C MET D 409 13.02 27.51 63.96
N SER D 410 13.09 26.87 65.12
CA SER D 410 11.95 26.13 65.64
C SER D 410 10.87 27.09 66.09
N SER D 411 9.71 27.05 65.41
CA SER D 411 8.58 27.89 65.73
C SER D 411 7.33 27.03 65.90
N HIS D 412 6.46 27.47 66.81
CA HIS D 412 5.23 26.77 67.15
C HIS D 412 4.12 27.79 67.31
N PHE D 413 2.88 27.31 67.18
CA PHE D 413 1.73 28.14 67.46
C PHE D 413 0.67 27.30 68.15
N HIS D 414 0.11 27.84 69.23
CA HIS D 414 -0.88 27.14 70.04
C HIS D 414 -1.62 28.13 70.92
N GLN D 415 -2.94 27.98 70.98
CA GLN D 415 -3.79 28.77 71.86
C GLN D 415 -3.54 30.26 71.67
N GLN D 416 -3.44 30.68 70.41
CA GLN D 416 -3.18 32.06 70.04
C GLN D 416 -1.86 32.58 70.61
N VAL D 417 -0.88 31.69 70.78
CA VAL D 417 0.46 32.05 71.21
C VAL D 417 1.44 31.55 70.17
N ALA D 418 2.24 32.48 69.62
CA ALA D 418 3.24 32.14 68.62
C ALA D 418 4.63 32.40 69.19
N ALA D 419 5.46 31.37 69.22
CA ALA D 419 6.83 31.47 69.72
C ALA D 419 7.79 30.98 68.65
N MET D 420 8.78 31.81 68.33
CA MET D 420 9.79 31.47 67.33
C MET D 420 11.18 31.79 67.87
N GLN D 421 12.13 30.91 67.58
CA GLN D 421 13.48 31.10 68.08
C GLN D 421 14.14 32.28 67.40
N VAL D 422 14.71 33.18 68.20
CA VAL D 422 15.41 34.34 67.68
C VAL D 422 16.84 34.37 68.20
N LEU D 427 14.01 35.28 71.39
CA LEU D 427 12.92 34.37 71.10
C LEU D 427 11.58 35.11 71.21
N ASN D 428 11.03 35.48 70.06
CA ASN D 428 9.82 36.28 70.03
C ASN D 428 8.60 35.44 70.39
N VAL D 429 7.83 35.89 71.36
CA VAL D 429 6.59 35.24 71.77
C VAL D 429 5.46 36.27 71.64
N CYS D 430 4.42 35.91 70.88
CA CYS D 430 3.30 36.80 70.63
C CYS D 430 2.02 36.16 71.15
N PHE D 431 1.35 36.85 72.07
CA PHE D 431 0.03 36.47 72.54
C PHE D 431 -0.98 37.30 71.74
N LEU D 432 -1.43 36.76 70.61
CA LEU D 432 -2.27 37.53 69.71
C LEU D 432 -3.70 37.73 70.22
N SER D 433 -4.11 36.97 71.24
CA SER D 433 -5.39 37.24 71.87
C SER D 433 -5.39 38.62 72.53
N THR D 434 -4.34 38.93 73.27
CA THR D 434 -4.17 40.25 73.88
C THR D 434 -3.29 41.19 73.07
N GLY D 435 -2.67 40.69 72.00
CA GLY D 435 -1.83 41.54 71.16
C GLY D 435 -0.60 42.08 71.86
N VAL D 436 0.08 41.24 72.64
CA VAL D 436 1.27 41.65 73.40
C VAL D 436 2.47 40.85 72.88
N ALA D 437 3.50 41.56 72.44
CA ALA D 437 4.69 40.97 71.85
C ALA D 437 5.90 41.26 72.73
N HIS D 438 6.70 40.23 72.99
CA HIS D 438 7.92 40.39 73.77
C HIS D 438 9.12 39.91 72.98
N SER D 447 16.91 24.44 70.95
CA SER D 447 16.63 23.62 69.78
C SER D 447 15.16 23.73 69.37
N GLY D 448 14.29 23.95 70.36
CA GLY D 448 12.87 24.10 70.11
C GLY D 448 12.21 24.83 71.24
N VAL D 449 11.14 25.55 70.92
CA VAL D 449 10.36 26.30 71.91
C VAL D 449 8.89 25.96 71.74
N PHE D 450 8.21 25.71 72.86
CA PHE D 450 6.78 25.41 72.88
C PHE D 450 6.11 26.42 73.77
N ALA D 451 5.04 27.04 73.29
CA ALA D 451 4.40 28.14 74.00
C ALA D 451 2.91 27.87 74.17
N THR D 452 2.41 28.17 75.36
CA THR D 452 0.98 28.17 75.61
C THR D 452 0.57 29.55 76.14
N LYS D 453 -0.66 29.68 76.64
CA LYS D 453 -1.09 30.96 77.20
C LYS D 453 -0.27 31.32 78.44
N ASP D 454 0.05 30.34 79.28
CA ASP D 454 0.66 30.61 80.57
C ASP D 454 2.13 30.18 80.64
N ALA D 455 2.49 29.04 80.09
CA ALA D 455 3.83 28.50 80.24
C ALA D 455 4.48 28.32 78.87
N VAL D 456 5.76 28.64 78.79
CA VAL D 456 6.53 28.51 77.55
C VAL D 456 7.64 27.50 77.79
N ALA D 457 7.72 26.49 76.93
CA ALA D 457 8.65 25.38 77.07
C ALA D 457 9.78 25.56 76.08
N VAL D 458 11.01 25.62 76.59
CA VAL D 458 12.20 25.54 75.78
C VAL D 458 12.94 24.27 76.17
N TRP D 459 13.27 23.47 75.16
CA TRP D 459 14.05 22.26 75.34
C TRP D 459 15.29 22.31 74.44
N GLU D 483 16.66 16.33 78.28
CA GLU D 483 17.11 15.82 77.01
C GLU D 483 15.93 15.25 76.23
N THR D 484 15.29 16.04 75.37
CA THR D 484 14.14 15.52 74.66
C THR D 484 14.20 15.86 73.18
N PRO D 485 13.74 14.94 72.31
CA PRO D 485 13.45 15.38 70.93
C PRO D 485 12.31 16.36 70.88
N VAL D 486 11.37 16.28 71.82
CA VAL D 486 10.23 17.19 71.88
C VAL D 486 9.73 17.20 73.32
N LEU D 487 9.32 18.38 73.78
CA LEU D 487 8.82 18.55 75.13
C LEU D 487 7.60 19.46 75.07
N ALA D 488 6.69 19.31 76.03
CA ALA D 488 5.53 20.17 76.00
C ALA D 488 4.94 20.34 77.40
N MET D 489 4.38 21.51 77.63
CA MET D 489 3.55 21.80 78.78
C MET D 489 2.08 21.59 78.43
N HIS D 490 1.36 20.94 79.34
CA HIS D 490 -0.08 20.73 79.25
C HIS D 490 -0.58 21.18 80.63
N GLU D 491 -0.85 22.47 80.77
CA GLU D 491 -0.95 23.12 82.09
C GLU D 491 0.41 22.91 82.75
N GLU D 492 0.48 22.47 84.02
CA GLU D 492 1.81 22.39 84.62
C GLU D 492 2.66 21.22 84.12
N ASN D 493 2.11 20.32 83.31
CA ASN D 493 2.77 19.06 83.02
C ASN D 493 3.93 19.22 82.04
N VAL D 494 4.85 18.24 82.08
CA VAL D 494 5.87 18.08 81.06
C VAL D 494 5.62 16.77 80.34
N TYR D 495 5.86 16.75 79.02
CA TYR D 495 5.85 15.49 78.30
C TYR D 495 7.29 15.18 77.88
N THR D 496 8.09 14.78 78.87
CA THR D 496 9.43 14.34 78.55
C THR D 496 9.38 12.95 77.94
N VAL D 497 9.93 12.82 76.74
CA VAL D 497 10.13 11.54 76.08
C VAL D 497 11.55 11.10 76.40
N GLU D 498 11.70 10.30 77.45
CA GLU D 498 12.95 9.62 77.68
C GLU D 498 12.91 8.31 76.92
N SER D 499 13.89 7.48 77.16
CA SER D 499 14.03 6.28 76.38
C SER D 499 12.78 5.44 76.45
N ASN D 500 12.03 5.39 75.34
CA ASN D 500 10.97 4.41 75.13
C ASN D 500 9.91 4.48 76.23
N ARG D 501 9.71 5.69 76.75
CA ARG D 501 8.89 5.96 77.92
C ARG D 501 8.37 7.38 77.82
N VAL D 502 7.27 7.64 78.51
CA VAL D 502 6.72 8.98 78.56
C VAL D 502 6.67 9.40 80.02
N GLN D 503 7.36 10.50 80.34
CA GLN D 503 7.54 10.94 81.72
C GLN D 503 6.98 12.33 81.91
N VAL D 504 6.63 12.61 83.17
CA VAL D 504 6.05 13.87 83.58
C VAL D 504 6.71 14.30 84.87
N ARG D 505 6.93 15.59 85.01
CA ARG D 505 7.39 16.19 86.26
C ARG D 505 6.86 17.63 86.30
N THR D 506 7.12 18.35 87.38
CA THR D 506 6.40 19.56 87.65
C THR D 506 6.89 20.71 86.77
N TRP D 507 7.38 21.78 87.41
CA TRP D 507 8.03 22.99 86.80
C TRP D 507 9.51 23.23 87.21
N VAL D 511 8.32 13.80 89.18
CA VAL D 511 7.71 12.62 88.56
C VAL D 511 6.22 12.49 88.94
N LYS D 512 5.37 12.80 87.97
CA LYS D 512 3.93 12.93 88.20
C LYS D 512 3.11 11.83 87.52
N GLN D 513 3.31 11.65 86.22
CA GLN D 513 2.70 10.54 85.51
C GLN D 513 3.72 9.89 84.60
N LEU D 514 3.51 8.59 84.36
CA LEU D 514 4.41 7.79 83.56
C LEU D 514 3.59 7.05 82.52
N LEU D 515 4.16 6.88 81.33
CA LEU D 515 3.52 6.13 80.26
C LEU D 515 4.55 5.22 79.58
N LEU D 516 4.13 4.00 79.28
CA LEU D 516 5.03 2.96 78.84
C LEU D 516 4.80 2.61 77.38
N PHE D 517 5.85 2.76 76.57
CA PHE D 517 5.92 2.21 75.22
C PHE D 517 6.70 0.91 75.21
N SER D 518 6.12 -0.11 74.58
CA SER D 518 6.80 -1.38 74.43
C SER D 518 7.64 -1.36 73.15
N GLU D 521 8.80 -0.37 70.08
CA GLU D 521 8.06 0.75 69.51
C GLU D 521 8.97 1.95 69.31
N GLY D 522 10.21 1.86 69.77
CA GLY D 522 11.25 2.81 69.40
C GLY D 522 11.06 4.16 70.07
N ASN D 523 12.02 5.06 69.83
CA ASN D 523 11.93 6.40 70.40
C ASN D 523 10.84 7.20 69.67
N PRO D 524 9.84 7.71 70.38
CA PRO D 524 9.10 8.84 69.83
C PRO D 524 9.98 10.08 69.85
N CYS D 525 9.87 10.88 68.79
CA CYS D 525 10.46 12.21 68.76
C CYS D 525 9.41 13.23 68.33
N PHE D 526 8.14 12.81 68.27
CA PHE D 526 7.00 13.66 67.95
C PHE D 526 6.02 13.65 69.12
N LEU D 527 5.77 14.83 69.68
CA LEU D 527 4.71 15.11 70.62
C LEU D 527 3.84 16.24 70.08
N ASP D 528 2.52 16.13 70.21
CA ASP D 528 1.64 17.20 69.78
C ASP D 528 0.39 17.21 70.66
N ILE D 529 0.19 18.29 71.40
CA ILE D 529 -0.97 18.46 72.26
C ILE D 529 -1.93 19.45 71.60
N CYS D 530 -3.18 19.02 71.41
CA CYS D 530 -4.22 19.88 70.87
C CYS D 530 -5.52 19.51 71.56
N GLY D 531 -6.28 20.52 71.96
CA GLY D 531 -7.49 20.28 72.72
C GLY D 531 -7.15 19.58 74.03
N ASN D 532 -7.76 18.42 74.25
CA ASN D 532 -7.48 17.59 75.41
C ASN D 532 -6.98 16.21 74.98
N PHE D 533 -6.19 16.18 73.92
CA PHE D 533 -5.63 14.93 73.43
C PHE D 533 -4.20 15.15 72.96
N LEU D 534 -3.38 14.13 73.17
CA LEU D 534 -1.99 14.13 72.74
C LEU D 534 -1.76 12.94 71.82
N VAL D 535 -1.06 13.18 70.72
CA VAL D 535 -0.53 12.11 69.90
C VAL D 535 0.98 12.06 70.11
N VAL D 536 1.50 10.90 70.45
CA VAL D 536 2.94 10.71 70.61
C VAL D 536 3.40 9.86 69.45
N GLY D 537 4.16 10.46 68.54
CA GLY D 537 4.52 9.80 67.31
C GLY D 537 6.01 9.57 67.21
N THR D 538 6.35 8.51 66.49
CA THR D 538 7.73 8.19 66.20
C THR D 538 8.02 8.44 64.74
N ASP D 539 9.30 8.23 64.38
CA ASP D 539 9.81 8.16 63.02
C ASP D 539 9.98 6.72 62.55
N LEU D 540 9.40 5.78 63.28
CA LEU D 540 9.52 4.34 63.06
C LEU D 540 8.18 3.76 62.65
N ALA D 541 7.30 4.59 62.09
CA ALA D 541 5.92 4.18 61.79
C ALA D 541 5.18 3.70 63.03
N HIS D 542 5.47 4.28 64.19
CA HIS D 542 4.77 3.97 65.43
C HIS D 542 4.32 5.23 66.15
N PHE D 543 3.14 5.13 66.76
CA PHE D 543 2.50 6.23 67.45
C PHE D 543 1.28 5.70 68.19
N LYS D 544 0.72 6.54 69.05
CA LYS D 544 -0.49 6.26 69.80
C LYS D 544 -1.21 7.58 70.07
N SER D 545 -2.46 7.48 70.54
CA SER D 545 -3.20 8.66 70.99
C SER D 545 -3.58 8.48 72.45
N PHE D 546 -3.16 9.43 73.29
CA PHE D 546 -3.39 9.39 74.73
C PHE D 546 -4.34 10.51 75.14
N ASP D 547 -5.41 10.15 75.84
CA ASP D 547 -6.43 11.11 76.23
C ASP D 547 -5.98 11.92 77.43
N LEU D 548 -6.46 13.17 77.49
CA LEU D 548 -5.97 14.11 78.49
C LEU D 548 -7.09 14.82 79.26
N SER D 549 -8.35 14.52 78.96
CA SER D 549 -9.44 15.19 79.65
C SER D 549 -9.49 14.82 81.13
N ARG D 550 -8.82 13.74 81.52
CA ARG D 550 -8.82 13.26 82.87
C ARG D 550 -7.63 13.86 83.63
N ARG D 551 -7.40 13.35 84.85
CA ARG D 551 -6.35 13.94 85.69
C ARG D 551 -4.96 13.71 85.08
N GLU D 552 -4.78 12.59 84.39
CA GLU D 552 -3.48 12.14 83.89
C GLU D 552 -3.62 11.76 82.42
N ALA D 553 -2.50 11.37 81.80
CA ALA D 553 -2.51 10.87 80.44
C ALA D 553 -2.98 9.41 80.42
N LYS D 554 -4.02 9.13 79.64
CA LYS D 554 -4.52 7.79 79.45
C LYS D 554 -4.62 7.48 77.97
N ALA D 555 -4.24 6.26 77.59
CA ALA D 555 -4.22 5.87 76.18
C ALA D 555 -5.64 5.78 75.64
N HIS D 556 -5.99 6.71 74.74
CA HIS D 556 -7.27 6.60 74.04
C HIS D 556 -7.19 5.60 72.90
N CYS D 557 -6.02 5.39 72.31
CA CYS D 557 -5.82 4.44 71.23
C CYS D 557 -4.59 3.58 71.49
N SER D 558 -4.64 2.35 70.98
CA SER D 558 -3.60 1.36 71.24
C SER D 558 -2.40 1.53 70.31
N CYS D 559 -1.43 0.63 70.46
CA CYS D 559 -0.27 0.59 69.56
C CYS D 559 -0.70 0.33 68.12
N ARG D 560 -0.05 1.03 67.20
CA ARG D 560 -0.27 0.84 65.77
C ARG D 560 1.04 0.93 65.02
N SER D 561 1.06 0.32 63.84
CA SER D 561 2.17 0.41 62.91
C SER D 561 1.66 1.04 61.61
N LEU D 562 2.25 2.18 61.22
CA LEU D 562 1.89 2.79 59.94
C LEU D 562 2.31 1.92 58.78
N ALA D 563 3.47 1.26 58.90
CA ALA D 563 3.99 0.43 57.82
C ALA D 563 3.03 -0.70 57.49
N GLU D 564 2.40 -1.29 58.52
CA GLU D 564 1.36 -2.27 58.26
C GLU D 564 0.17 -1.65 57.54
N LEU D 565 -0.28 -0.48 58.01
CA LEU D 565 -1.40 0.19 57.36
C LEU D 565 -0.98 0.77 56.01
N VAL D 566 0.20 1.38 55.93
CA VAL D 566 0.75 1.85 54.66
C VAL D 566 2.11 1.20 54.41
N GLY D 571 10.00 5.64 57.72
CA GLY D 571 9.90 6.72 58.68
C GLY D 571 8.64 7.56 58.56
N ILE D 572 8.39 8.40 59.58
CA ILE D 572 7.28 9.35 59.56
C ILE D 572 7.86 10.75 59.75
N ALA D 573 7.41 11.70 58.93
CA ALA D 573 8.06 13.01 58.89
C ALA D 573 7.71 13.87 60.09
N SER D 574 6.41 14.03 60.37
CA SER D 574 5.96 14.86 61.48
C SER D 574 4.54 14.47 61.84
N LEU D 575 4.16 14.70 63.09
CA LEU D 575 2.86 14.27 63.59
C LEU D 575 2.13 15.44 64.25
N ARG D 576 0.81 15.45 64.09
CA ARG D 576 -0.06 16.47 64.66
C ARG D 576 -1.37 15.81 65.05
N CYS D 577 -2.16 16.53 65.84
CA CYS D 577 -3.43 16.01 66.35
C CYS D 577 -4.53 17.05 66.22
N SER D 578 -5.76 16.57 66.21
CA SER D 578 -6.93 17.44 66.26
C SER D 578 -7.31 17.70 67.71
N SER D 579 -8.22 18.64 67.90
CA SER D 579 -8.69 18.95 69.25
C SER D 579 -9.41 17.76 69.88
N SER D 580 -10.28 17.10 69.11
CA SER D 580 -11.02 15.96 69.63
C SER D 580 -10.14 14.72 69.77
N GLY D 581 -9.02 14.65 69.07
CA GLY D 581 -8.08 13.56 69.21
C GLY D 581 -8.42 12.31 68.44
N SER D 582 -9.56 12.28 67.75
CA SER D 582 -9.90 11.12 66.93
C SER D 582 -9.09 11.05 65.65
N THR D 583 -8.42 12.14 65.28
CA THR D 583 -7.60 12.20 64.07
C THR D 583 -6.14 12.41 64.48
N ILE D 584 -5.29 11.47 64.07
CA ILE D 584 -3.87 11.52 64.38
C ILE D 584 -3.08 11.98 63.17
N ILE D 586 -0.01 13.63 59.55
CA ILE D 586 1.01 12.61 59.40
C ILE D 586 1.61 12.67 58.01
N LEU D 587 2.94 12.68 57.93
CA LEU D 587 3.62 12.62 56.63
C LEU D 587 4.56 11.43 56.64
N PRO D 588 4.26 10.35 55.91
CA PRO D 588 5.17 9.20 55.87
C PRO D 588 6.44 9.50 55.08
N SER D 589 7.49 8.74 55.39
CA SER D 589 8.77 8.92 54.72
C SER D 589 9.56 7.61 54.68
N ASN D 593 15.24 10.73 53.84
CA ASN D 593 14.36 11.17 54.92
C ASN D 593 13.47 12.32 54.45
N SER D 594 13.52 12.58 53.15
CA SER D 594 12.76 13.69 52.58
C SER D 594 11.27 13.42 52.73
N PRO D 595 10.47 14.47 52.89
CA PRO D 595 9.02 14.28 53.00
C PRO D 595 8.44 13.71 51.71
N ASP D 596 7.36 12.95 51.87
CA ASP D 596 6.68 12.31 50.75
C ASP D 596 5.40 13.08 50.42
N SER D 597 4.98 12.96 49.16
CA SER D 597 3.78 13.67 48.73
C SER D 597 2.54 13.17 49.46
N LYS D 598 2.43 11.85 49.63
CA LYS D 598 1.26 11.31 50.30
C LYS D 598 1.18 11.78 51.76
N ILE D 599 -0.04 11.96 52.23
CA ILE D 599 -0.34 12.26 53.61
C ILE D 599 -1.31 11.20 54.13
N CYS D 600 -1.01 10.65 55.29
CA CYS D 600 -1.82 9.59 55.88
C CYS D 600 -2.53 10.11 57.11
N PHE D 601 -3.77 9.66 57.31
CA PHE D 601 -4.53 10.02 58.49
C PHE D 601 -5.15 8.75 59.07
N TYR D 602 -4.90 8.50 60.35
CA TYR D 602 -5.39 7.32 61.05
C TYR D 602 -6.66 7.69 61.81
N ASP D 603 -7.77 7.06 61.45
CA ASP D 603 -9.05 7.27 62.11
C ASP D 603 -9.11 6.35 63.31
N VAL D 604 -9.10 6.94 64.51
CA VAL D 604 -9.09 6.13 65.74
C VAL D 604 -10.41 5.38 65.90
N GLU D 605 -11.53 6.09 65.72
CA GLU D 605 -12.83 5.52 66.07
C GLU D 605 -13.17 4.32 65.18
N MET D 606 -13.13 4.51 63.87
CA MET D 606 -13.47 3.42 62.96
C MET D 606 -12.27 2.56 62.60
N ASP D 607 -11.07 2.94 63.05
CA ASP D 607 -9.90 2.06 63.11
C ASP D 607 -9.44 1.60 61.72
N THR D 608 -9.11 2.56 60.87
CA THR D 608 -8.42 2.30 59.60
C THR D 608 -7.48 3.46 59.34
N VAL D 609 -7.00 3.57 58.10
CA VAL D 609 -6.11 4.66 57.69
C VAL D 609 -6.60 5.22 56.38
N THR D 610 -6.41 6.52 56.20
CA THR D 610 -6.74 7.20 54.94
C THR D 610 -5.50 7.94 54.47
N VAL D 611 -5.09 7.67 53.24
CA VAL D 611 -3.90 8.26 52.63
C VAL D 611 -4.35 9.08 51.43
N PHE D 612 -3.93 10.34 51.40
CA PHE D 612 -4.20 11.22 50.27
C PHE D 612 -2.89 11.46 49.52
N ASP D 613 -2.91 11.24 48.21
CA ASP D 613 -1.71 11.39 47.39
C ASP D 613 -1.74 12.77 46.73
N PHE D 614 -0.67 13.54 46.95
CA PHE D 614 -0.57 14.86 46.33
C PHE D 614 -0.47 14.76 44.81
N LYS D 615 0.33 13.81 44.33
CA LYS D 615 0.54 13.67 42.89
C LYS D 615 -0.75 13.29 42.17
N THR D 616 -1.54 12.39 42.76
CA THR D 616 -2.73 11.88 42.10
C THR D 616 -4.02 12.53 42.58
N GLY D 617 -4.02 13.18 43.74
CA GLY D 617 -5.25 13.72 44.28
C GLY D 617 -6.26 12.64 44.61
N GLN D 618 -5.80 11.48 45.07
CA GLN D 618 -6.66 10.33 45.31
C GLN D 618 -6.58 9.90 46.76
N ILE D 619 -7.71 9.47 47.30
CA ILE D 619 -7.83 9.06 48.69
C ILE D 619 -8.03 7.56 48.73
N ASP D 620 -7.13 6.87 49.41
CA ASP D 620 -7.22 5.42 49.60
C ASP D 620 -7.57 5.14 51.05
N ARG D 621 -8.58 4.30 51.26
CA ARG D 621 -9.06 3.96 52.59
C ARG D 621 -8.66 2.53 52.91
N ARG D 622 -7.90 2.35 53.98
CA ARG D 622 -7.47 1.02 54.40
C ARG D 622 -7.83 0.75 55.85
N LEU D 643 -1.52 20.64 42.69
CA LEU D 643 -1.09 19.93 43.90
C LEU D 643 -0.28 18.70 43.53
N LYS D 644 -0.20 18.42 42.22
CA LYS D 644 0.48 17.23 41.75
C LYS D 644 2.01 17.36 41.81
N ASN D 645 2.53 18.58 41.83
CA ASN D 645 3.97 18.81 41.88
C ASN D 645 4.42 19.37 43.22
N TYR D 646 3.63 19.15 44.27
CA TYR D 646 3.93 19.67 45.60
C TYR D 646 4.06 18.52 46.58
N VAL D 647 4.96 18.70 47.55
CA VAL D 647 5.17 17.71 48.60
C VAL D 647 4.93 18.38 49.95
N PRO D 648 4.03 17.84 50.77
CA PRO D 648 3.81 18.42 52.10
C PRO D 648 5.09 18.39 52.92
N VAL D 649 5.33 19.47 53.65
CA VAL D 649 6.54 19.60 54.45
C VAL D 649 6.18 19.93 55.89
N ASN D 650 5.03 20.57 56.07
CA ASN D 650 4.59 21.02 57.39
C ASN D 650 3.08 20.92 57.47
N HIS D 651 2.56 20.79 58.68
CA HIS D 651 1.12 20.63 58.85
C HIS D 651 0.73 21.09 60.25
N PHE D 652 -0.50 21.58 60.37
CA PHE D 652 -1.05 21.99 61.65
C PHE D 652 -2.56 21.73 61.65
N TRP D 653 -3.18 21.96 62.79
CA TRP D 653 -4.61 21.81 62.94
C TRP D 653 -5.19 23.08 63.53
N ASP D 654 -6.47 23.31 63.26
CA ASP D 654 -7.17 24.41 63.90
C ASP D 654 -7.36 24.10 65.38
N GLN D 655 -7.27 25.15 66.19
CA GLN D 655 -7.33 24.97 67.64
C GLN D 655 -8.76 24.86 68.16
N SER D 656 -9.77 25.00 67.31
CA SER D 656 -11.16 24.84 67.71
C SER D 656 -11.89 23.74 66.97
N GLU D 657 -11.69 23.62 65.65
CA GLU D 657 -12.42 22.65 64.85
C GLU D 657 -11.56 21.42 64.61
N PRO D 658 -11.94 20.26 65.14
CA PRO D 658 -11.12 19.05 64.90
C PRO D 658 -11.06 18.64 63.44
N ARG D 659 -12.09 18.97 62.64
CA ARG D 659 -12.13 18.54 61.26
C ARG D 659 -11.34 19.44 60.32
N LEU D 660 -10.89 20.60 60.77
CA LEU D 660 -10.17 21.53 59.91
C LEU D 660 -8.69 21.23 59.97
N PHE D 661 -8.11 20.92 58.80
CA PHE D 661 -6.71 20.57 58.71
C PHE D 661 -6.05 21.44 57.64
N VAL D 662 -4.77 21.75 57.86
CA VAL D 662 -4.01 22.61 56.97
C VAL D 662 -2.68 21.95 56.66
N CYS D 663 -2.09 22.33 55.52
CA CYS D 663 -0.85 21.72 55.07
C CYS D 663 -0.01 22.74 54.33
N GLU D 664 1.31 22.66 54.53
CA GLU D 664 2.28 23.44 53.77
C GLU D 664 3.02 22.50 52.83
N ALA D 665 2.94 22.79 51.53
CA ALA D 665 3.52 21.95 50.50
C ALA D 665 4.50 22.78 49.68
N VAL D 666 5.72 22.27 49.53
CA VAL D 666 6.75 22.92 48.74
C VAL D 666 6.82 22.22 47.40
N GLN D 667 6.91 23.01 46.32
CA GLN D 667 7.05 22.44 44.99
C GLN D 667 8.34 21.66 44.88
N GLU D 668 8.26 20.45 44.33
CA GLU D 668 9.42 19.60 44.15
C GLU D 668 10.22 20.02 42.91
N ASP D 691 5.95 27.43 44.21
CA ASP D 691 6.89 27.08 45.27
C ASP D 691 6.16 26.48 46.47
N VAL D 692 5.83 27.33 47.43
CA VAL D 692 5.20 26.92 48.68
C VAL D 692 3.76 27.40 48.67
N LEU D 693 2.84 26.47 48.90
CA LEU D 693 1.41 26.77 48.91
C LEU D 693 0.77 26.13 50.13
N ILE D 694 -0.23 26.79 50.69
CA ILE D 694 -0.89 26.37 51.91
C ILE D 694 -2.27 25.82 51.56
N LEU D 695 -2.54 24.60 52.01
CA LEU D 695 -3.77 23.89 51.69
C LEU D 695 -4.51 23.59 53.00
N SER D 696 -5.72 24.12 53.13
CA SER D 696 -6.57 23.83 54.28
C SER D 696 -7.66 22.86 53.87
N PHE D 697 -7.87 21.83 54.67
CA PHE D 697 -8.89 20.82 54.38
C PHE D 697 -9.80 20.63 55.58
N PHE D 698 -11.01 20.19 55.27
CA PHE D 698 -11.99 19.79 56.27
C PHE D 698 -12.18 18.29 56.14
N ILE D 699 -12.01 17.56 57.25
CA ILE D 699 -12.10 16.11 57.24
C ILE D 699 -13.51 15.73 57.70
N SER D 700 -14.34 15.33 56.75
CA SER D 700 -15.71 14.91 57.02
C SER D 700 -15.79 13.40 56.94
N GLU D 701 -16.24 12.76 58.02
CA GLU D 701 -16.35 11.31 58.03
C GLU D 701 -17.36 10.83 57.00
N GLU D 702 -18.47 11.56 56.86
CA GLU D 702 -19.55 11.15 55.97
C GLU D 702 -19.28 11.46 54.51
N HIS D 703 -18.25 12.26 54.21
CA HIS D 703 -18.01 12.68 52.83
C HIS D 703 -16.58 12.42 52.43
N GLY D 704 -15.66 12.38 53.39
CA GLY D 704 -14.26 12.10 53.09
C GLY D 704 -13.36 13.29 53.35
N PHE D 705 -12.48 13.58 52.39
CA PHE D 705 -11.62 14.75 52.47
C PHE D 705 -12.08 15.78 51.44
N LEU D 706 -12.07 17.05 51.84
CA LEU D 706 -12.58 18.13 51.00
C LEU D 706 -11.55 19.24 50.91
N LEU D 707 -11.49 19.87 49.74
CA LEU D 707 -10.56 20.96 49.47
C LEU D 707 -11.20 22.26 49.93
N HIS D 708 -10.77 22.76 51.08
CA HIS D 708 -11.37 23.95 51.68
C HIS D 708 -10.72 25.22 51.15
N GLU D 709 -9.41 25.38 51.33
CA GLU D 709 -8.70 26.55 50.85
C GLU D 709 -7.39 26.13 50.21
N SER D 710 -6.99 26.88 49.18
CA SER D 710 -5.73 26.64 48.47
C SER D 710 -5.19 28.00 48.03
N PHE D 711 -4.24 28.52 48.80
CA PHE D 711 -3.66 29.83 48.52
C PHE D 711 -2.14 29.76 48.63
N PRO D 712 -1.42 30.52 47.79
CA PRO D 712 0.04 30.50 47.86
C PRO D 712 0.55 31.13 49.15
N ARG D 713 1.73 30.69 49.56
CA ARG D 713 2.34 31.22 50.77
C ARG D 713 2.65 32.71 50.60
N PRO D 714 2.36 33.54 51.60
CA PRO D 714 2.62 34.97 51.47
C PRO D 714 4.10 35.28 51.29
N ALA D 715 4.38 36.40 50.64
CA ALA D 715 5.77 36.80 50.40
C ALA D 715 6.50 37.06 51.70
N THR D 716 5.83 37.67 52.67
CA THR D 716 6.41 37.86 54.00
C THR D 716 6.47 36.59 54.81
N SER D 717 5.79 35.53 54.38
CA SER D 717 5.73 34.28 55.11
C SER D 717 6.64 33.25 54.46
N HIS D 718 7.27 32.42 55.28
CA HIS D 718 8.13 31.36 54.78
C HIS D 718 7.73 29.97 55.26
N SER D 719 7.10 29.86 56.43
CA SER D 719 6.67 28.58 56.96
C SER D 719 5.25 28.71 57.51
N LEU D 720 4.54 27.59 57.50
CA LEU D 720 3.16 27.55 57.98
C LEU D 720 3.16 27.29 59.48
N LEU D 721 2.85 28.33 60.26
CA LEU D 721 2.87 28.22 61.72
C LEU D 721 1.63 27.49 62.24
N GLY D 722 0.50 27.67 61.58
CA GLY D 722 -0.74 27.05 61.98
C GLY D 722 -1.90 28.00 61.73
N MET D 723 -3.00 27.78 62.44
CA MET D 723 -4.10 28.73 62.42
C MET D 723 -4.84 28.72 63.75
N GLU D 724 -5.63 29.77 63.94
CA GLU D 724 -6.61 29.87 65.00
C GLU D 724 -7.59 30.94 64.56
N VAL D 725 -8.88 30.74 64.86
CA VAL D 725 -9.97 31.54 64.31
C VAL D 725 -9.76 33.02 64.59
N PRO D 726 -9.87 33.90 63.57
CA PRO D 726 -10.15 33.56 62.17
C PRO D 726 -8.98 33.81 61.23
N TYR D 727 -7.75 33.55 61.68
CA TYR D 727 -6.56 33.96 60.95
C TYR D 727 -5.65 32.77 60.67
N TYR D 728 -5.13 32.72 59.45
CA TYR D 728 -3.96 31.89 59.17
C TYR D 728 -2.72 32.58 59.70
N TYR D 729 -1.97 31.89 60.56
CA TYR D 729 -0.80 32.46 61.21
C TYR D 729 0.48 31.88 60.61
N PHE D 730 1.40 32.76 60.24
CA PHE D 730 2.64 32.39 59.60
C PHE D 730 3.81 33.11 60.27
N THR D 731 5.01 32.56 60.06
CA THR D 731 6.23 33.23 60.49
C THR D 731 6.63 34.28 59.46
N ARG D 732 6.77 35.53 59.92
CA ARG D 732 7.10 36.62 59.03
C ARG D 732 8.60 36.76 58.87
N LYS D 733 9.03 37.01 57.64
CA LYS D 733 10.44 37.21 57.34
C LYS D 733 10.91 38.55 57.91
N PRO D 734 11.94 38.58 58.76
CA PRO D 734 12.46 39.82 59.34
C PRO D 734 13.12 40.73 58.30
N GLN D 752 6.73 43.11 64.85
CA GLN D 752 5.95 41.88 64.90
C GLN D 752 6.36 40.92 63.79
N MET D 753 6.80 39.72 64.18
CA MET D 753 7.24 38.70 63.25
C MET D 753 6.18 37.64 62.98
N VAL D 754 4.93 37.85 63.41
CA VAL D 754 3.83 36.94 63.15
C VAL D 754 2.86 37.62 62.18
N SER D 755 2.56 36.94 61.09
CA SER D 755 1.65 37.46 60.06
C SER D 755 0.34 36.67 60.13
N ARG D 756 -0.76 37.38 60.38
CA ARG D 756 -2.08 36.78 60.49
C ARG D 756 -2.91 37.14 59.27
N ARG D 757 -3.37 36.12 58.54
CA ARG D 757 -4.18 36.33 57.34
C ARG D 757 -5.60 35.84 57.60
N PRO D 758 -6.59 36.73 57.57
CA PRO D 758 -7.97 36.29 57.79
C PRO D 758 -8.42 35.31 56.72
N LEU D 759 -9.22 34.33 57.14
CA LEU D 759 -9.66 33.30 56.20
C LEU D 759 -10.58 33.92 55.15
N ARG D 760 -10.49 33.40 53.93
CA ARG D 760 -11.15 34.02 52.78
C ARG D 760 -12.65 34.15 53.01
N ASP D 761 -13.29 33.10 53.51
CA ASP D 761 -14.70 33.21 53.87
C ASP D 761 -14.89 34.14 55.07
N PHE D 762 -13.97 34.09 56.03
CA PHE D 762 -14.10 34.84 57.28
C PHE D 762 -13.68 36.30 57.14
N VAL D 763 -13.54 36.81 55.92
CA VAL D 763 -13.18 38.22 55.75
C VAL D 763 -14.35 39.08 56.20
N GLY D 764 -14.12 39.89 57.23
CA GLY D 764 -15.12 40.80 57.75
C GLY D 764 -15.71 40.40 59.08
N LEU D 765 -15.64 39.11 59.43
CA LEU D 765 -16.12 38.62 60.72
C LEU D 765 -14.98 38.41 61.70
N GLU D 766 -13.93 39.21 61.60
CA GLU D 766 -12.79 39.06 62.48
C GLU D 766 -13.13 39.48 63.90
N ASP D 767 -13.96 40.51 64.05
CA ASP D 767 -14.35 41.03 65.34
C ASP D 767 -15.73 40.55 65.80
N CYS D 768 -16.32 39.60 65.08
CA CYS D 768 -17.63 39.10 65.48
C CYS D 768 -17.49 38.22 66.72
N ASP D 769 -18.63 37.78 67.23
CA ASP D 769 -18.64 37.00 68.46
C ASP D 769 -18.14 35.58 68.21
N LYS D 770 -17.94 34.84 69.31
CA LYS D 770 -17.58 33.44 69.20
C LYS D 770 -18.68 32.66 68.47
N ALA D 771 -19.94 32.91 68.82
CA ALA D 771 -21.04 32.20 68.17
C ALA D 771 -21.25 32.66 66.74
N THR D 772 -21.06 33.95 66.46
CA THR D 772 -21.13 34.43 65.08
C THR D 772 -20.05 33.76 64.23
N ARG D 773 -18.81 33.72 64.74
CA ARG D 773 -17.75 33.04 64.02
C ARG D 773 -18.02 31.54 63.91
N ASP D 774 -18.68 30.95 64.91
CA ASP D 774 -19.06 29.54 64.82
C ASP D 774 -20.06 29.32 63.70
N ALA D 775 -21.02 30.23 63.56
CA ALA D 775 -21.95 30.14 62.44
C ALA D 775 -21.22 30.29 61.12
N MET D 776 -20.27 31.22 61.06
CA MET D 776 -19.45 31.37 59.85
C MET D 776 -18.69 30.08 59.56
N LEU D 777 -18.17 29.44 60.61
CA LEU D 777 -17.48 28.16 60.45
C LEU D 777 -18.43 27.09 59.93
N HIS D 778 -19.66 27.06 60.44
CA HIS D 778 -20.65 26.10 59.95
C HIS D 778 -20.90 26.31 58.46
N PHE D 779 -21.05 27.57 58.06
CA PHE D 779 -21.22 27.88 56.64
C PHE D 779 -20.00 27.44 55.84
N SER D 780 -18.80 27.70 56.37
CA SER D 780 -17.58 27.31 55.68
C SER D 780 -17.50 25.79 55.51
N PHE D 781 -17.91 25.05 56.54
CA PHE D 781 -17.91 23.59 56.45
C PHE D 781 -18.90 23.12 55.39
N PHE D 782 -20.14 23.61 55.44
CA PHE D 782 -21.13 23.20 54.46
C PHE D 782 -20.76 23.68 53.06
N VAL D 783 -19.85 24.64 52.96
CA VAL D 783 -19.29 25.04 51.67
C VAL D 783 -18.21 24.05 51.24
N THR D 784 -17.38 23.60 52.19
CA THR D 784 -16.42 22.54 51.91
C THR D 784 -17.12 21.29 51.40
N ILE D 785 -18.28 21.02 51.92
CA ILE D 785 -19.19 20.02 51.36
C ILE D 785 -20.11 20.72 50.37
N GLY D 786 -20.89 19.95 49.64
CA GLY D 786 -21.74 20.58 48.64
C GLY D 786 -23.08 21.05 49.18
N ASP D 787 -23.22 21.10 50.50
CA ASP D 787 -24.49 21.48 51.12
C ASP D 787 -24.58 23.00 51.23
N MET D 788 -24.98 23.62 50.12
CA MET D 788 -25.36 25.03 50.17
C MET D 788 -26.53 25.25 51.11
N ASP D 789 -27.44 24.28 51.16
CA ASP D 789 -28.66 24.44 51.96
C ASP D 789 -28.34 24.50 53.45
N GLU D 790 -27.55 23.54 53.94
CA GLU D 790 -27.13 23.57 55.33
C GLU D 790 -26.36 24.85 55.62
N ALA D 791 -25.48 25.26 54.71
CA ALA D 791 -24.71 26.49 54.93
C ALA D 791 -25.63 27.68 55.14
N PHE D 792 -26.57 27.87 54.23
CA PHE D 792 -27.48 29.01 54.32
C PHE D 792 -28.35 28.92 55.56
N LYS D 793 -28.88 27.73 55.85
CA LYS D 793 -29.77 27.58 57.00
C LYS D 793 -29.01 27.76 58.30
N SER D 794 -27.72 27.45 58.30
CA SER D 794 -26.86 27.79 59.43
C SER D 794 -26.71 29.29 59.55
N ILE D 795 -26.44 29.98 58.44
CA ILE D 795 -26.28 31.43 58.47
C ILE D 795 -27.67 32.02 58.27
N LYS D 796 -28.41 32.13 59.37
CA LYS D 796 -29.73 32.75 59.33
C LYS D 796 -29.89 33.90 60.31
N LEU D 797 -29.07 34.00 61.35
CA LEU D 797 -29.04 35.19 62.18
C LEU D 797 -27.61 35.72 62.18
N ILE D 798 -27.27 36.42 61.10
CA ILE D 798 -26.02 37.18 60.97
C ILE D 798 -26.31 38.35 60.03
N LYS D 799 -26.20 39.57 60.53
CA LYS D 799 -26.69 40.74 59.79
C LYS D 799 -25.60 41.47 59.03
N SER D 800 -24.41 40.90 58.91
CA SER D 800 -23.33 41.54 58.19
C SER D 800 -23.49 41.29 56.69
N GLU D 801 -23.44 42.36 55.91
CA GLU D 801 -23.53 42.22 54.46
C GLU D 801 -22.42 41.33 53.93
N ALA D 802 -21.26 41.31 54.60
CA ALA D 802 -20.11 40.57 54.09
C ALA D 802 -20.42 39.08 53.94
N VAL D 803 -21.05 38.48 54.96
CA VAL D 803 -21.35 37.05 54.90
C VAL D 803 -22.25 36.75 53.72
N TRP D 804 -23.29 37.57 53.55
CA TRP D 804 -24.20 37.36 52.44
C TRP D 804 -23.48 37.51 51.12
N GLU D 805 -22.61 38.51 51.00
CA GLU D 805 -21.83 38.64 49.78
C GLU D 805 -20.98 37.41 49.53
N ASN D 806 -20.42 36.83 50.59
CA ASN D 806 -19.58 35.65 50.46
C ASN D 806 -20.39 34.46 49.92
N MET D 807 -21.51 34.16 50.56
CA MET D 807 -22.28 33.04 50.05
C MET D 807 -22.92 33.40 48.71
N ALA D 808 -22.97 34.69 48.39
CA ALA D 808 -23.46 35.19 47.11
C ALA D 808 -22.43 35.11 45.99
N ARG D 809 -21.20 34.76 46.33
CA ARG D 809 -20.26 34.27 45.33
C ARG D 809 -20.14 32.77 45.38
N MET D 810 -20.46 32.16 46.52
CA MET D 810 -20.66 30.71 46.55
C MET D 810 -21.74 30.31 45.55
N CYS D 811 -22.86 31.03 45.57
CA CYS D 811 -23.93 30.77 44.61
C CYS D 811 -23.40 30.88 43.18
N VAL D 812 -22.53 31.86 42.93
CA VAL D 812 -21.93 32.02 41.62
C VAL D 812 -21.15 30.76 41.25
N LYS D 813 -20.30 30.33 42.16
CA LYS D 813 -19.46 29.18 41.93
C LYS D 813 -20.21 27.91 41.97
N THR D 814 -21.52 27.95 42.24
CA THR D 814 -22.30 26.72 42.30
C THR D 814 -23.63 26.85 41.58
N GLN D 815 -23.72 27.76 40.62
CA GLN D 815 -24.85 27.86 39.69
C GLN D 815 -26.18 27.57 40.36
N ARG D 816 -26.39 28.19 41.53
CA ARG D 816 -27.59 27.98 42.34
C ARG D 816 -28.19 29.36 42.66
N LEU D 817 -29.04 29.84 41.77
CA LEU D 817 -29.62 31.17 41.91
C LEU D 817 -30.85 31.20 42.77
N ASP D 818 -31.49 30.05 43.01
CA ASP D 818 -32.71 30.02 43.82
C ASP D 818 -32.50 30.69 45.16
N VAL D 819 -31.45 30.27 45.88
CA VAL D 819 -31.14 30.90 47.15
C VAL D 819 -30.45 32.23 46.95
N ALA D 820 -29.91 32.49 45.76
CA ALA D 820 -29.23 33.75 45.53
C ALA D 820 -30.17 34.93 45.75
N LYS D 821 -31.39 34.82 45.23
CA LYS D 821 -32.33 35.94 45.27
C LYS D 821 -32.52 36.46 46.69
N VAL D 822 -32.75 35.55 47.64
CA VAL D 822 -32.95 35.99 49.02
C VAL D 822 -31.69 36.63 49.57
N CYS D 823 -30.53 36.24 49.04
CA CYS D 823 -29.29 36.77 49.58
C CYS D 823 -29.12 38.25 49.26
N LEU D 824 -28.98 38.58 47.97
CA LEU D 824 -28.69 39.97 47.63
C LEU D 824 -29.84 40.89 47.99
N GLY D 825 -30.94 40.35 48.50
CA GLY D 825 -31.83 41.16 49.31
C GLY D 825 -31.20 41.55 50.64
N ASN D 826 -30.61 40.59 51.35
CA ASN D 826 -30.03 40.87 52.67
C ASN D 826 -28.86 41.82 52.56
N MET D 827 -27.97 41.57 51.60
CA MET D 827 -27.09 42.63 51.19
C MET D 827 -27.92 43.72 50.54
N GLY D 828 -27.52 44.96 50.73
CA GLY D 828 -28.34 45.98 50.10
C GLY D 828 -27.79 46.23 48.72
N HIS D 829 -28.28 45.46 47.76
CA HIS D 829 -27.83 45.51 46.38
C HIS D 829 -29.04 45.44 45.45
N ALA D 830 -30.04 46.28 45.76
CA ALA D 830 -31.33 46.19 45.09
C ALA D 830 -31.19 46.19 43.57
N ARG D 831 -30.21 46.94 43.08
CA ARG D 831 -29.92 46.95 41.66
C ARG D 831 -29.77 45.54 41.12
N GLY D 832 -28.95 44.74 41.79
CA GLY D 832 -28.74 43.38 41.34
C GLY D 832 -30.01 42.54 41.39
N ALA D 833 -30.81 42.73 42.44
CA ALA D 833 -32.05 41.97 42.52
C ALA D 833 -32.95 42.26 41.35
N ARG D 834 -33.08 43.53 40.99
CA ARG D 834 -33.90 43.87 39.84
C ARG D 834 -33.30 43.28 38.56
N ALA D 835 -31.97 43.29 38.48
CA ALA D 835 -31.31 42.67 37.32
C ALA D 835 -31.67 41.20 37.20
N LEU D 836 -31.60 40.47 38.31
CA LEU D 836 -31.97 39.05 38.28
C LEU D 836 -33.42 38.88 37.89
N ARG D 837 -34.31 39.67 38.48
CA ARG D 837 -35.72 39.61 38.12
C ARG D 837 -35.89 39.73 36.61
N GLU D 838 -35.20 40.70 36.02
CA GLU D 838 -35.31 40.89 34.58
C GLU D 838 -34.72 39.70 33.82
N ALA D 839 -33.50 39.32 34.17
CA ALA D 839 -32.82 38.24 33.47
C ALA D 839 -33.57 36.93 33.54
N GLU D 840 -34.45 36.78 34.53
CA GLU D 840 -35.26 35.57 34.62
C GLU D 840 -35.98 35.29 33.31
N GLN D 841 -36.30 36.33 32.54
CA GLN D 841 -36.90 36.15 31.23
C GLN D 841 -35.99 35.35 30.30
N GLU D 842 -34.67 35.55 30.42
CA GLU D 842 -33.74 34.94 29.48
C GLU D 842 -33.90 33.42 29.48
N PRO D 843 -33.87 32.79 28.30
CA PRO D 843 -34.07 31.34 28.19
C PRO D 843 -32.78 30.53 28.30
N GLU D 844 -32.03 30.76 29.38
CA GLU D 844 -30.82 29.99 29.58
C GLU D 844 -30.48 29.99 31.06
N LEU D 845 -29.68 29.00 31.45
CA LEU D 845 -29.27 28.85 32.84
C LEU D 845 -27.94 29.53 33.12
N GLU D 846 -26.93 29.25 32.30
CA GLU D 846 -25.65 29.94 32.45
C GLU D 846 -25.82 31.45 32.31
N ALA D 847 -26.76 31.88 31.47
CA ALA D 847 -26.94 33.30 31.22
C ALA D 847 -27.31 34.04 32.50
N ARG D 848 -28.30 33.54 33.22
CA ARG D 848 -28.72 34.20 34.45
C ARG D 848 -27.57 34.28 35.43
N VAL D 849 -26.80 33.19 35.53
CA VAL D 849 -25.65 33.18 36.43
C VAL D 849 -24.66 34.25 36.02
N ALA D 850 -24.41 34.39 34.72
CA ALA D 850 -23.49 35.41 34.25
C ALA D 850 -23.95 36.80 34.63
N VAL D 851 -25.25 37.06 34.45
CA VAL D 851 -25.81 38.35 34.85
C VAL D 851 -25.61 38.58 36.34
N LEU D 852 -25.92 37.56 37.13
CA LEU D 852 -25.73 37.66 38.57
C LEU D 852 -24.28 38.02 38.89
N ALA D 853 -23.34 37.32 38.27
CA ALA D 853 -21.93 37.56 38.53
C ALA D 853 -21.55 38.99 38.17
N THR D 854 -22.02 39.47 37.02
CA THR D 854 -21.78 40.87 36.68
C THR D 854 -22.24 41.77 37.81
N GLN D 855 -23.40 41.47 38.39
CA GLN D 855 -23.89 42.29 39.48
C GLN D 855 -23.07 42.17 40.75
N LEU D 856 -22.26 41.13 40.89
CA LEU D 856 -21.44 40.99 42.09
C LEU D 856 -19.99 40.80 41.67
N GLY D 857 -19.33 41.90 41.36
CA GLY D 857 -17.89 42.00 41.27
C GLY D 857 -17.06 40.81 40.79
N MET D 858 -17.52 40.09 39.77
CA MET D 858 -16.58 39.19 39.13
C MET D 858 -16.88 39.17 37.64
N LEU D 859 -16.20 40.04 36.89
CA LEU D 859 -16.47 40.14 35.47
C LEU D 859 -15.96 38.91 34.74
N GLU D 860 -14.78 38.41 35.12
CA GLU D 860 -14.12 37.39 34.33
C GLU D 860 -14.93 36.10 34.26
N ASP D 861 -15.44 35.64 35.40
CA ASP D 861 -16.28 34.46 35.40
C ASP D 861 -17.50 34.68 34.55
N ALA D 862 -18.06 35.88 34.59
CA ALA D 862 -19.21 36.19 33.76
C ALA D 862 -18.86 36.04 32.29
N GLU D 863 -17.68 36.52 31.90
CA GLU D 863 -17.19 36.33 30.54
C GLU D 863 -17.12 34.85 30.19
N GLN D 864 -16.57 34.05 31.10
CA GLN D 864 -16.43 32.63 30.84
C GLN D 864 -17.78 31.98 30.61
N LEU D 865 -18.72 32.20 31.53
CA LEU D 865 -20.04 31.61 31.38
C LEU D 865 -20.77 32.14 30.16
N TYR D 866 -20.53 33.38 29.76
CA TYR D 866 -21.11 33.85 28.53
C TYR D 866 -20.52 33.10 27.35
N ARG D 867 -19.21 32.87 27.36
CA ARG D 867 -18.56 32.13 26.29
C ARG D 867 -19.15 30.74 26.17
N LYS D 868 -19.36 30.07 27.29
CA LYS D 868 -19.86 28.70 27.26
C LYS D 868 -21.35 28.64 26.99
N CYS D 869 -22.09 29.67 27.41
CA CYS D 869 -23.53 29.71 27.18
C CYS D 869 -23.87 29.75 25.71
N LYS D 870 -22.98 30.30 24.88
CA LYS D 870 -23.13 30.56 23.46
C LYS D 870 -24.03 31.77 23.18
N ARG D 871 -24.56 32.43 24.21
CA ARG D 871 -25.34 33.66 24.00
C ARG D 871 -24.40 34.82 23.68
N HIS D 872 -23.75 34.70 22.51
CA HIS D 872 -22.69 35.64 22.15
C HIS D 872 -23.16 37.08 22.10
N ASP D 873 -24.40 37.33 21.67
CA ASP D 873 -24.92 38.69 21.67
C ASP D 873 -24.82 39.31 23.06
N LEU D 874 -25.19 38.53 24.08
CA LEU D 874 -25.01 38.99 25.44
C LEU D 874 -23.55 39.27 25.76
N LEU D 875 -22.64 38.42 25.31
CA LEU D 875 -21.22 38.73 25.48
C LEU D 875 -20.88 40.07 24.87
N ASN D 876 -21.44 40.34 23.70
CA ASN D 876 -21.19 41.59 23.00
C ASN D 876 -21.61 42.77 23.85
N LYS D 877 -22.83 42.71 24.37
CA LYS D 877 -23.31 43.78 25.23
C LYS D 877 -22.45 43.89 26.47
N PHE D 878 -21.98 42.76 26.98
CA PHE D 878 -21.14 42.80 28.19
C PHE D 878 -19.84 43.54 27.90
N TYR D 879 -19.17 43.21 26.81
CA TYR D 879 -17.96 43.95 26.46
C TYR D 879 -18.24 45.42 26.23
N GLN D 880 -19.37 45.75 25.63
CA GLN D 880 -19.69 47.16 25.45
C GLN D 880 -19.85 47.85 26.80
N ALA D 881 -20.53 47.18 27.73
CA ALA D 881 -20.70 47.76 29.07
C ALA D 881 -19.34 47.98 29.73
N ALA D 882 -18.48 46.97 29.72
CA ALA D 882 -17.11 47.19 30.14
C ALA D 882 -16.41 48.06 29.12
N GLY D 883 -15.22 48.53 29.47
CA GLY D 883 -14.49 49.36 28.54
C GLY D 883 -13.86 48.57 27.41
N ARG D 884 -14.37 47.35 27.19
CA ARG D 884 -13.87 46.47 26.14
C ARG D 884 -14.46 46.93 24.80
N TRP D 885 -14.06 48.10 24.38
CA TRP D 885 -14.73 48.51 23.18
C TRP D 885 -14.24 47.77 21.96
N GLN D 886 -13.07 47.15 22.05
CA GLN D 886 -12.47 46.50 20.89
C GLN D 886 -12.84 45.03 20.80
N GLU D 887 -12.80 44.32 21.92
CA GLU D 887 -13.29 42.95 21.96
C GLU D 887 -14.70 42.87 21.44
N ALA D 888 -15.50 43.90 21.75
CA ALA D 888 -16.88 43.95 21.28
C ALA D 888 -16.92 43.81 19.77
N LEU D 889 -16.08 44.56 19.07
CA LEU D 889 -16.04 44.45 17.62
C LEU D 889 -15.64 43.06 17.19
N GLN D 890 -14.80 42.37 17.94
CA GLN D 890 -14.48 40.99 17.62
C GLN D 890 -15.73 40.13 17.64
N VAL D 891 -16.46 40.18 18.75
CA VAL D 891 -17.62 39.30 18.88
C VAL D 891 -18.70 39.69 17.89
N ALA D 892 -18.77 40.97 17.54
CA ALA D 892 -19.70 41.39 16.51
C ALA D 892 -19.26 40.91 15.13
N GLU D 893 -17.96 40.89 14.89
CA GLU D 893 -17.44 40.55 13.58
C GLU D 893 -17.57 39.06 13.30
N HIS D 894 -17.35 38.22 14.31
CA HIS D 894 -17.41 36.79 14.02
C HIS D 894 -18.72 36.13 14.40
N HIS D 895 -19.47 36.66 15.35
CA HIS D 895 -20.57 35.88 15.93
C HIS D 895 -21.95 36.46 15.67
N ASP D 896 -22.25 37.71 16.06
CA ASP D 896 -23.60 38.22 15.86
C ASP D 896 -23.88 38.46 14.38
N ARG D 897 -23.00 39.17 13.70
CA ARG D 897 -23.23 39.68 12.36
C ARG D 897 -24.62 40.28 12.21
N VAL D 898 -25.21 40.74 13.29
CA VAL D 898 -26.53 41.36 13.21
C VAL D 898 -26.41 42.69 13.92
N HIS D 899 -25.74 42.68 15.06
CA HIS D 899 -25.45 43.89 15.77
C HIS D 899 -24.16 44.52 15.28
N LEU D 900 -23.53 43.93 14.28
CA LEU D 900 -22.31 44.51 13.73
C LEU D 900 -22.54 45.95 13.31
N ARG D 901 -23.62 46.20 12.58
CA ARG D 901 -24.02 47.58 12.33
C ARG D 901 -24.23 48.32 13.64
N SER D 902 -24.92 47.68 14.59
CA SER D 902 -25.22 48.33 15.85
C SER D 902 -23.98 48.46 16.72
N THR D 903 -23.14 47.42 16.79
CA THR D 903 -21.92 47.53 17.56
C THR D 903 -21.06 48.66 17.02
N TYR D 904 -20.91 48.72 15.70
CA TYR D 904 -20.20 49.81 15.07
C TYR D 904 -20.81 51.15 15.45
N HIS D 905 -22.14 51.21 15.47
CA HIS D 905 -22.81 52.46 15.81
C HIS D 905 -22.49 52.89 17.23
N ARG D 906 -22.65 51.98 18.19
CA ARG D 906 -22.35 52.34 19.57
C ARG D 906 -20.91 52.79 19.70
N TYR D 907 -19.99 52.13 19.01
CA TYR D 907 -18.60 52.55 19.10
C TYR D 907 -18.42 53.95 18.54
N ALA D 908 -19.10 54.25 17.45
CA ALA D 908 -19.03 55.60 16.90
C ALA D 908 -19.55 56.62 17.89
N GLY D 909 -20.65 56.29 18.56
CA GLY D 909 -21.24 57.19 19.54
C GLY D 909 -20.26 57.46 20.65
N HIS D 910 -19.67 56.41 21.18
CA HIS D 910 -18.66 56.57 22.21
C HIS D 910 -17.50 57.44 21.73
N LEU D 911 -17.03 57.19 20.50
CA LEU D 911 -15.94 57.99 19.98
C LEU D 911 -16.31 59.47 19.95
N GLU D 912 -17.55 59.77 19.54
CA GLU D 912 -18.02 61.15 19.64
C GLU D 912 -18.02 61.62 21.08
N ALA D 913 -18.36 60.74 22.01
CA ALA D 913 -18.39 61.11 23.42
C ALA D 913 -17.00 61.44 23.94
N SER D 914 -15.96 60.81 23.39
CA SER D 914 -14.59 61.07 23.82
C SER D 914 -13.93 62.19 23.04
N ALA D 915 -14.72 62.98 22.31
CA ALA D 915 -14.22 64.17 21.62
C ALA D 915 -13.11 63.82 20.64
N ASP D 916 -13.33 62.75 19.87
CA ASP D 916 -12.46 62.38 18.76
C ASP D 916 -13.35 62.14 17.56
N CYS D 917 -13.48 63.14 16.69
CA CYS D 917 -14.48 63.10 15.63
C CYS D 917 -13.87 62.81 14.26
N SER D 918 -12.82 61.99 14.21
CA SER D 918 -12.33 61.43 12.96
C SER D 918 -12.63 59.94 12.91
N ARG D 919 -12.19 59.19 13.92
CA ARG D 919 -12.62 57.81 14.03
C ARG D 919 -14.14 57.72 14.16
N ALA D 920 -14.73 58.72 14.81
CA ALA D 920 -16.18 58.76 14.90
C ALA D 920 -16.82 58.85 13.53
N LEU D 921 -16.31 59.73 12.67
CA LEU D 921 -16.80 59.76 11.30
C LEU D 921 -16.64 58.41 10.65
N SER D 922 -15.47 57.80 10.83
CA SER D 922 -15.20 56.51 10.19
C SER D 922 -16.27 55.49 10.53
N TYR D 923 -16.52 55.30 11.83
CA TYR D 923 -17.53 54.31 12.22
C TYR D 923 -18.95 54.75 11.88
N TYR D 924 -19.21 56.06 11.77
CA TYR D 924 -20.46 56.47 11.15
C TYR D 924 -20.58 55.93 9.75
N GLU D 925 -19.50 55.96 8.99
CA GLU D 925 -19.62 55.51 7.61
C GLU D 925 -19.68 53.99 7.51
N LYS D 926 -18.96 53.27 8.37
CA LYS D 926 -19.05 51.82 8.35
C LYS D 926 -20.45 51.35 8.70
N SER D 927 -21.08 51.98 9.68
CA SER D 927 -22.42 51.59 10.09
C SER D 927 -23.47 51.92 9.05
N ASP D 928 -23.13 52.70 8.02
CA ASP D 928 -24.03 53.18 6.98
C ASP D 928 -25.03 54.18 7.52
N THR D 929 -24.89 54.59 8.77
CA THR D 929 -25.76 55.60 9.36
C THR D 929 -25.22 57.00 9.15
N HIS D 930 -24.02 57.12 8.58
CA HIS D 930 -23.39 58.43 8.49
C HIS D 930 -24.30 59.39 7.76
N ARG D 931 -25.01 58.89 6.74
CA ARG D 931 -25.84 59.69 5.86
C ARG D 931 -26.57 60.79 6.59
N PHE D 932 -27.09 60.49 7.76
CA PHE D 932 -27.73 61.52 8.58
C PHE D 932 -27.03 61.76 9.90
N GLU D 933 -26.41 60.74 10.50
CA GLU D 933 -25.81 60.96 11.80
C GLU D 933 -24.68 61.99 11.74
N VAL D 934 -23.89 61.97 10.66
CA VAL D 934 -22.75 62.89 10.58
C VAL D 934 -23.21 64.34 10.66
N PRO D 935 -24.25 64.77 9.93
CA PRO D 935 -24.72 66.15 10.11
C PRO D 935 -25.02 66.51 11.55
N ARG D 936 -25.63 65.61 12.32
CA ARG D 936 -25.85 65.89 13.73
C ARG D 936 -24.54 66.16 14.43
N MET D 937 -23.57 65.26 14.25
CA MET D 937 -22.28 65.40 14.92
C MET D 937 -21.59 66.68 14.50
N LEU D 938 -21.61 66.99 13.22
CA LEU D 938 -20.89 68.15 12.72
C LEU D 938 -21.70 69.44 12.75
N SER D 939 -22.93 69.40 13.27
CA SER D 939 -23.63 70.65 13.52
C SER D 939 -22.79 71.49 14.47
N GLU D 940 -22.73 72.79 14.20
CA GLU D 940 -21.86 73.80 14.81
C GLU D 940 -20.41 73.65 14.33
N ASP D 941 -20.10 72.66 13.52
CA ASP D 941 -18.83 72.56 12.81
C ASP D 941 -19.07 72.79 11.33
N LEU D 942 -19.88 73.80 11.02
CA LEU D 942 -20.41 74.04 9.69
C LEU D 942 -19.35 73.99 8.60
N PRO D 943 -18.19 74.64 8.73
CA PRO D 943 -17.16 74.47 7.69
C PRO D 943 -16.71 73.03 7.53
N SER D 944 -16.55 72.31 8.64
CA SER D 944 -16.20 70.90 8.56
C SER D 944 -17.30 70.13 7.83
N LEU D 945 -18.56 70.44 8.14
CA LEU D 945 -19.65 69.83 7.41
C LEU D 945 -19.50 70.09 5.92
N GLU D 946 -19.36 71.35 5.55
CA GLU D 946 -19.26 71.73 4.14
C GLU D 946 -18.20 70.90 3.44
N LEU D 947 -17.01 70.80 4.05
CA LEU D 947 -15.98 69.94 3.47
C LEU D 947 -16.50 68.52 3.29
N TYR D 948 -17.08 67.96 4.34
CA TYR D 948 -17.54 66.57 4.28
C TYR D 948 -18.56 66.36 3.17
N VAL D 949 -19.60 67.19 3.17
CA VAL D 949 -20.68 67.03 2.21
C VAL D 949 -20.19 67.28 0.79
N ASN D 950 -19.24 68.19 0.62
CA ASN D 950 -18.69 68.39 -0.72
C ASN D 950 -17.76 67.28 -1.12
N LYS D 951 -17.37 66.43 -0.18
CA LYS D 951 -16.52 65.31 -0.58
C LYS D 951 -17.31 64.03 -0.81
N MET D 952 -18.07 63.58 0.18
CA MET D 952 -18.84 62.35 0.05
C MET D 952 -19.58 62.22 -1.27
N LYS D 953 -20.26 63.28 -1.69
CA LYS D 953 -21.07 63.27 -2.90
C LYS D 953 -22.19 62.25 -2.81
N ASP D 954 -22.67 61.97 -1.60
CA ASP D 954 -23.88 61.18 -1.45
C ASP D 954 -25.07 62.08 -1.71
N LYS D 955 -26.02 61.60 -2.49
CA LYS D 955 -27.14 62.47 -2.78
C LYS D 955 -28.19 62.39 -1.69
N THR D 956 -27.74 62.42 -0.45
CA THR D 956 -28.62 62.72 0.66
C THR D 956 -27.96 63.79 1.51
N LEU D 957 -26.65 63.64 1.73
CA LEU D 957 -25.91 64.71 2.39
C LEU D 957 -25.96 65.97 1.57
N TRP D 958 -25.92 65.83 0.25
CA TRP D 958 -26.09 66.97 -0.63
C TRP D 958 -27.46 67.59 -0.46
N ARG D 959 -28.50 66.78 -0.36
CA ARG D 959 -29.82 67.38 -0.18
C ARG D 959 -29.98 67.96 1.21
N TRP D 960 -29.32 67.42 2.22
CA TRP D 960 -29.41 68.03 3.54
C TRP D 960 -28.71 69.38 3.53
N TRP D 961 -27.53 69.46 2.92
CA TRP D 961 -26.87 70.73 2.75
C TRP D 961 -27.71 71.71 1.94
N ALA D 962 -28.45 71.22 0.96
CA ALA D 962 -29.32 72.11 0.21
C ALA D 962 -30.41 72.67 1.10
N GLN D 963 -31.01 71.80 1.93
CA GLN D 963 -31.98 72.30 2.90
C GLN D 963 -31.35 73.37 3.77
N TYR D 964 -30.10 73.17 4.17
CA TYR D 964 -29.45 74.06 5.10
C TYR D 964 -28.84 75.27 4.41
N LEU D 965 -28.93 75.34 3.10
CA LEU D 965 -28.66 76.59 2.40
C LEU D 965 -29.91 77.13 1.76
N GLU D 966 -31.06 76.59 2.11
CA GLU D 966 -32.32 77.30 1.87
C GLU D 966 -32.97 77.78 3.16
N SER D 967 -32.64 77.20 4.30
CA SER D 967 -33.15 77.66 5.59
C SER D 967 -32.20 78.63 6.26
N GLN D 968 -31.29 79.22 5.50
CA GLN D 968 -30.43 80.27 6.01
C GLN D 968 -30.42 81.42 5.03
N GLY D 969 -31.45 81.50 4.20
CA GLY D 969 -31.61 82.59 3.27
C GLY D 969 -30.46 82.81 2.34
N GLU D 970 -29.89 81.73 1.80
CA GLU D 970 -28.92 81.86 0.71
C GLU D 970 -29.43 81.00 -0.42
N MET D 971 -30.42 81.51 -1.14
CA MET D 971 -31.18 80.68 -2.06
C MET D 971 -30.44 80.44 -3.36
N ASP D 972 -29.32 81.11 -3.61
CA ASP D 972 -28.65 80.94 -4.88
C ASP D 972 -27.61 79.83 -4.86
N ALA D 973 -27.37 79.21 -3.71
CA ALA D 973 -26.56 78.01 -3.62
C ALA D 973 -27.39 76.79 -3.34
N ALA D 974 -28.59 76.97 -2.79
CA ALA D 974 -29.57 75.91 -2.80
C ALA D 974 -29.78 75.42 -4.21
N LEU D 975 -29.84 76.31 -5.19
CA LEU D 975 -29.97 75.83 -6.56
C LEU D 975 -28.77 75.00 -6.97
N HIS D 976 -27.55 75.41 -6.59
CA HIS D 976 -26.38 74.65 -6.99
C HIS D 976 -26.41 73.25 -6.40
N TYR D 977 -26.60 73.15 -5.08
CA TYR D 977 -26.57 71.83 -4.44
C TYR D 977 -27.78 70.99 -4.77
N TYR D 978 -28.97 71.59 -4.89
CA TYR D 978 -30.10 70.82 -5.35
C TYR D 978 -29.88 70.33 -6.76
N GLU D 979 -29.26 71.14 -7.61
CA GLU D 979 -28.89 70.70 -8.94
C GLU D 979 -28.00 69.49 -8.87
N LEU D 980 -27.00 69.54 -8.01
CA LEU D 980 -26.09 68.41 -7.88
C LEU D 980 -26.80 67.18 -7.32
N ALA D 981 -27.73 67.37 -6.40
CA ALA D 981 -28.39 66.28 -5.71
C ALA D 981 -29.66 65.81 -6.41
N ARG D 982 -29.85 66.17 -7.67
CA ARG D 982 -30.91 65.64 -8.53
C ARG D 982 -32.26 65.65 -7.84
N ASP D 983 -32.66 66.82 -7.34
CA ASP D 983 -33.95 66.94 -6.65
C ASP D 983 -34.82 67.92 -7.40
N HIS D 984 -35.41 67.46 -8.51
CA HIS D 984 -36.07 68.37 -9.43
C HIS D 984 -37.29 69.02 -8.81
N PHE D 985 -38.01 68.29 -7.96
CA PHE D 985 -39.16 68.91 -7.28
C PHE D 985 -38.72 70.16 -6.55
N SER D 986 -37.56 70.12 -5.90
CA SER D 986 -37.11 71.29 -5.15
C SER D 986 -36.64 72.41 -6.06
N LEU D 987 -35.84 72.11 -7.08
CA LEU D 987 -35.45 73.15 -8.03
C LEU D 987 -36.65 73.85 -8.59
N VAL D 988 -37.63 73.08 -9.09
CA VAL D 988 -38.82 73.69 -9.65
C VAL D 988 -39.52 74.54 -8.60
N ARG D 989 -39.54 74.09 -7.35
CA ARG D 989 -40.18 74.89 -6.32
C ARG D 989 -39.51 76.24 -6.18
N ILE D 990 -38.18 76.25 -6.08
CA ILE D 990 -37.48 77.50 -5.90
C ILE D 990 -37.69 78.40 -7.10
N HIS D 991 -37.61 77.82 -8.29
CA HIS D 991 -37.81 78.61 -9.49
C HIS D 991 -39.22 79.17 -9.54
N CYS D 992 -40.20 78.45 -8.99
CA CYS D 992 -41.54 79.03 -8.94
C CYS D 992 -41.66 80.07 -7.83
N PHE D 993 -40.72 80.11 -6.90
CA PHE D 993 -40.71 81.16 -5.90
C PHE D 993 -40.09 82.44 -6.45
N GLN D 994 -38.83 82.38 -6.88
CA GLN D 994 -38.25 83.51 -7.59
C GLN D 994 -38.85 83.55 -8.99
N GLY D 995 -39.48 84.67 -9.33
CA GLY D 995 -40.58 84.69 -10.29
C GLY D 995 -40.36 83.90 -11.57
N ASN D 996 -39.12 83.59 -11.90
CA ASN D 996 -38.82 82.90 -13.14
C ASN D 996 -39.54 81.56 -13.22
N VAL D 997 -40.63 81.54 -14.00
CA VAL D 997 -41.39 80.31 -14.21
C VAL D 997 -41.06 79.66 -15.55
N GLN D 998 -40.41 80.38 -16.47
CA GLN D 998 -39.85 79.75 -17.66
C GLN D 998 -38.77 78.75 -17.28
N LYS D 999 -37.99 79.04 -16.25
CA LYS D 999 -36.99 78.09 -15.80
C LYS D 999 -37.62 76.81 -15.26
N ALA D 1000 -38.65 76.94 -14.40
CA ALA D 1000 -39.33 75.75 -13.89
C ALA D 1000 -39.93 74.96 -15.03
N ALA D 1001 -40.52 75.64 -15.99
CA ALA D 1001 -41.01 74.96 -17.18
C ALA D 1001 -39.89 74.17 -17.84
N GLN D 1002 -38.70 74.74 -17.92
CA GLN D 1002 -37.57 74.04 -18.54
C GLN D 1002 -37.19 72.80 -17.75
N ILE D 1003 -37.07 72.93 -16.44
CA ILE D 1003 -36.59 71.84 -15.59
C ILE D 1003 -37.67 70.77 -15.49
N ALA D 1004 -38.86 71.08 -15.97
CA ALA D 1004 -39.93 70.09 -15.96
C ALA D 1004 -40.21 69.50 -17.33
N ASN D 1005 -39.89 70.21 -18.41
CA ASN D 1005 -40.03 69.62 -19.74
C ASN D 1005 -39.15 68.39 -19.91
N GLU D 1006 -37.88 68.50 -19.54
CA GLU D 1006 -36.92 67.47 -19.94
C GLU D 1006 -36.79 66.36 -18.90
N THR D 1007 -36.39 66.70 -17.69
CA THR D 1007 -36.49 65.73 -16.60
C THR D 1007 -37.95 65.39 -16.41
N GLY D 1008 -38.24 64.11 -16.30
CA GLY D 1008 -39.63 63.73 -16.25
C GLY D 1008 -40.20 63.66 -14.84
N ASN D 1009 -39.43 64.11 -13.84
CA ASN D 1009 -39.87 63.99 -12.46
C ASN D 1009 -41.26 64.55 -12.28
N LEU D 1010 -42.21 63.67 -11.95
CA LEU D 1010 -43.60 64.05 -11.88
C LEU D 1010 -43.82 65.09 -10.79
N ALA D 1011 -43.10 64.97 -9.68
CA ALA D 1011 -43.32 65.89 -8.57
C ALA D 1011 -43.11 67.32 -9.02
N ALA D 1012 -42.13 67.54 -9.88
CA ALA D 1012 -41.97 68.86 -10.46
C ALA D 1012 -43.20 69.24 -11.26
N SER D 1013 -43.76 68.31 -12.04
CA SER D 1013 -44.93 68.64 -12.81
C SER D 1013 -46.08 69.05 -11.92
N TYR D 1014 -46.21 68.39 -10.77
CA TYR D 1014 -47.24 68.78 -9.84
C TYR D 1014 -47.02 70.21 -9.36
N HIS D 1015 -45.85 70.48 -8.78
CA HIS D 1015 -45.67 71.78 -8.15
C HIS D 1015 -45.67 72.89 -9.18
N LEU D 1016 -45.17 72.63 -10.38
CA LEU D 1016 -45.26 73.59 -11.47
C LEU D 1016 -46.71 73.88 -11.80
N ALA D 1017 -47.52 72.83 -11.88
CA ALA D 1017 -48.92 73.04 -12.21
C ALA D 1017 -49.61 73.87 -11.14
N ARG D 1018 -49.29 73.62 -9.87
CA ARG D 1018 -49.86 74.45 -8.82
C ARG D 1018 -49.39 75.90 -8.94
N GLN D 1019 -48.15 76.10 -9.38
CA GLN D 1019 -47.65 77.46 -9.55
C GLN D 1019 -48.45 78.20 -10.61
N TYR D 1020 -48.65 77.57 -11.77
CA TYR D 1020 -49.56 78.18 -12.74
C TYR D 1020 -50.97 78.33 -12.20
N GLU D 1021 -51.40 77.42 -11.32
CA GLU D 1021 -52.75 77.50 -10.76
C GLU D 1021 -52.92 78.82 -10.03
N SER D 1022 -52.02 79.09 -9.09
CA SER D 1022 -52.05 80.40 -8.43
C SER D 1022 -51.85 81.52 -9.43
N GLN D 1023 -51.10 81.25 -10.51
CA GLN D 1023 -50.90 82.23 -11.57
C GLN D 1023 -52.11 82.37 -12.49
N GLU D 1024 -53.15 81.57 -12.28
CA GLU D 1024 -54.43 81.67 -12.99
C GLU D 1024 -54.37 81.19 -14.43
N GLU D 1025 -53.17 80.93 -14.95
CA GLU D 1025 -53.07 80.14 -16.16
C GLU D 1025 -53.82 78.82 -15.98
N VAL D 1026 -54.81 78.56 -16.83
CA VAL D 1026 -55.68 77.43 -16.64
C VAL D 1026 -55.30 76.27 -17.55
N GLY D 1027 -55.19 76.51 -18.86
CA GLY D 1027 -54.76 75.43 -19.74
C GLY D 1027 -53.41 74.87 -19.34
N GLN D 1028 -52.48 75.75 -19.00
CA GLN D 1028 -51.15 75.32 -18.58
C GLN D 1028 -51.23 74.49 -17.32
N ALA D 1029 -51.91 75.00 -16.30
CA ALA D 1029 -52.00 74.27 -15.05
C ALA D 1029 -52.84 73.01 -15.14
N VAL D 1030 -53.62 72.81 -16.19
CA VAL D 1030 -54.35 71.57 -16.39
C VAL D 1030 -53.47 70.56 -17.08
N HIS D 1031 -52.88 70.97 -18.21
CA HIS D 1031 -51.99 70.07 -18.91
C HIS D 1031 -50.83 69.61 -18.03
N PHE D 1032 -50.36 70.45 -17.11
CA PHE D 1032 -49.20 70.04 -16.34
C PHE D 1032 -49.57 69.09 -15.21
N TYR D 1033 -50.78 69.21 -14.63
CA TYR D 1033 -51.26 68.11 -13.80
C TYR D 1033 -51.35 66.85 -14.63
N THR D 1034 -51.86 66.98 -15.86
CA THR D 1034 -51.94 65.83 -16.76
C THR D 1034 -50.59 65.16 -16.90
N ARG D 1035 -49.53 65.94 -17.01
CA ARG D 1035 -48.19 65.39 -17.13
C ARG D 1035 -47.87 64.44 -15.98
N ALA D 1036 -48.14 64.86 -14.76
CA ALA D 1036 -47.73 64.05 -13.61
C ALA D 1036 -48.57 62.84 -13.39
N GLN D 1037 -49.52 62.46 -14.26
CA GLN D 1037 -50.39 61.31 -14.01
C GLN D 1037 -51.06 61.43 -12.65
N ALA D 1038 -51.76 62.54 -12.47
CA ALA D 1038 -52.35 62.93 -11.20
C ALA D 1038 -53.79 63.36 -11.47
N PHE D 1039 -54.52 62.55 -12.21
CA PHE D 1039 -55.68 63.07 -12.91
C PHE D 1039 -56.79 63.53 -11.98
N LYS D 1040 -56.74 63.25 -10.69
CA LYS D 1040 -57.83 63.69 -9.82
C LYS D 1040 -57.78 65.18 -9.53
N ASN D 1041 -56.59 65.77 -9.55
CA ASN D 1041 -56.50 67.22 -9.45
C ASN D 1041 -56.85 67.85 -10.79
N ALA D 1042 -56.44 67.20 -11.87
CA ALA D 1042 -56.77 67.70 -13.20
C ALA D 1042 -58.27 67.81 -13.39
N ILE D 1043 -58.99 66.73 -13.11
CA ILE D 1043 -60.44 66.73 -13.30
C ILE D 1043 -61.06 67.76 -12.38
N ARG D 1044 -60.38 68.07 -11.27
CA ARG D 1044 -60.97 68.96 -10.28
C ARG D 1044 -60.92 70.40 -10.79
N LEU D 1045 -59.71 70.86 -11.10
CA LEU D 1045 -59.58 72.18 -11.70
C LEU D 1045 -60.36 72.27 -13.00
N CYS D 1046 -60.45 71.17 -13.74
CA CYS D 1046 -61.22 71.15 -14.98
C CYS D 1046 -62.69 71.43 -14.71
N LYS D 1047 -63.27 70.71 -13.75
CA LYS D 1047 -64.67 70.94 -13.40
C LYS D 1047 -64.88 72.37 -12.93
N GLU D 1048 -63.97 72.87 -12.09
CA GLU D 1048 -64.10 74.23 -11.60
C GLU D 1048 -64.10 75.23 -12.75
N ASN D 1049 -63.16 75.10 -13.68
CA ASN D 1049 -63.14 75.98 -14.83
C ASN D 1049 -64.36 75.76 -15.71
N GLY D 1050 -64.79 74.50 -15.82
CA GLY D 1050 -65.86 74.15 -16.72
C GLY D 1050 -65.43 73.57 -18.04
N LEU D 1051 -64.16 73.19 -18.19
CA LEU D 1051 -63.68 72.63 -19.44
C LEU D 1051 -64.37 71.30 -19.68
N ASP D 1052 -65.31 71.27 -20.62
CA ASP D 1052 -66.00 70.03 -20.94
C ASP D 1052 -65.05 69.03 -21.60
N ASP D 1053 -64.26 69.49 -22.57
CA ASP D 1053 -63.30 68.60 -23.22
C ASP D 1053 -62.38 67.94 -22.21
N GLN D 1054 -62.04 68.68 -21.16
CA GLN D 1054 -61.19 68.14 -20.10
C GLN D 1054 -61.83 66.92 -19.45
N LEU D 1055 -63.15 66.94 -19.28
CA LEU D 1055 -63.82 65.82 -18.62
C LEU D 1055 -63.57 64.52 -19.37
N MET D 1056 -63.70 64.56 -20.70
CA MET D 1056 -63.43 63.36 -21.49
C MET D 1056 -61.94 63.05 -21.52
N ASN D 1057 -61.11 64.08 -21.71
CA ASN D 1057 -59.68 63.86 -21.85
C ASN D 1057 -59.06 63.30 -20.57
N LEU D 1058 -59.67 63.53 -19.41
CA LEU D 1058 -59.11 63.08 -18.15
C LEU D 1058 -60.07 62.15 -17.42
N ALA D 1059 -61.11 61.67 -18.10
CA ALA D 1059 -61.97 60.63 -17.57
C ALA D 1059 -61.66 59.28 -18.19
N LEU D 1060 -61.44 59.24 -19.50
CA LEU D 1060 -60.92 58.04 -20.15
C LEU D 1060 -59.64 57.59 -19.48
N LEU D 1061 -58.68 58.50 -19.34
CA LEU D 1061 -57.44 58.16 -18.65
C LEU D 1061 -57.69 57.86 -17.17
N SER D 1062 -58.73 58.45 -16.59
CA SER D 1062 -58.97 58.31 -15.16
C SER D 1062 -59.22 56.86 -14.77
N SER D 1063 -58.97 56.57 -13.49
CA SER D 1063 -59.28 55.26 -12.92
C SER D 1063 -60.78 55.15 -12.66
N PRO D 1064 -61.26 53.93 -12.40
CA PRO D 1064 -62.71 53.73 -12.22
C PRO D 1064 -63.34 54.63 -11.16
N GLU D 1065 -62.63 54.88 -10.06
CA GLU D 1065 -63.18 55.72 -9.00
C GLU D 1065 -63.46 57.14 -9.49
N ASP D 1066 -62.52 57.72 -10.25
CA ASP D 1066 -62.68 59.10 -10.70
C ASP D 1066 -63.87 59.24 -11.65
N MET D 1067 -64.04 58.26 -12.54
CA MET D 1067 -65.17 58.29 -13.46
C MET D 1067 -66.49 58.42 -12.72
N ILE D 1068 -66.55 57.98 -11.46
CA ILE D 1068 -67.76 58.12 -10.67
C ILE D 1068 -68.08 59.60 -10.45
N GLU D 1069 -67.08 60.39 -10.04
CA GLU D 1069 -67.32 61.82 -9.91
C GLU D 1069 -67.50 62.49 -11.26
N ALA D 1070 -66.88 61.93 -12.31
CA ALA D 1070 -67.15 62.41 -13.65
C ALA D 1070 -68.62 62.27 -13.99
N ALA D 1071 -69.16 61.07 -13.75
CA ALA D 1071 -70.59 60.83 -13.88
C ALA D 1071 -71.37 61.80 -13.01
N ARG D 1072 -70.86 62.09 -11.80
CA ARG D 1072 -71.56 62.99 -10.91
C ARG D 1072 -71.79 64.34 -11.58
N TYR D 1073 -70.71 64.96 -12.05
CA TYR D 1073 -70.87 66.27 -12.69
C TYR D 1073 -71.68 66.16 -13.97
N TYR D 1074 -71.33 65.21 -14.83
CA TYR D 1074 -71.98 65.12 -16.12
C TYR D 1074 -73.47 64.90 -15.97
N GLU D 1075 -73.87 63.88 -15.21
CA GLU D 1075 -75.29 63.60 -15.04
C GLU D 1075 -75.97 64.65 -14.18
N GLU D 1076 -75.21 65.42 -13.38
CA GLU D 1076 -75.79 66.62 -12.79
C GLU D 1076 -76.17 67.61 -13.87
N LYS D 1077 -75.47 67.56 -15.01
CA LYS D 1077 -75.93 68.24 -16.22
C LYS D 1077 -76.81 67.32 -17.07
N GLY D 1078 -76.34 66.12 -17.37
CA GLY D 1078 -77.13 65.10 -18.05
C GLY D 1078 -76.76 64.85 -19.50
N VAL D 1079 -75.99 65.74 -20.14
CA VAL D 1079 -75.65 65.56 -21.55
C VAL D 1079 -74.85 64.28 -21.74
N GLN D 1080 -73.70 64.18 -21.09
CA GLN D 1080 -72.83 63.03 -21.20
C GLN D 1080 -73.15 61.95 -20.17
N MET D 1081 -74.36 61.96 -19.62
CA MET D 1081 -74.76 60.89 -18.73
C MET D 1081 -74.68 59.54 -19.42
N ASP D 1082 -74.96 59.49 -20.73
CA ASP D 1082 -74.70 58.27 -21.48
C ASP D 1082 -73.20 57.98 -21.52
N ARG D 1083 -72.40 59.01 -21.76
CA ARG D 1083 -70.96 58.84 -21.61
C ARG D 1083 -70.58 58.51 -20.18
N ALA D 1084 -71.38 58.97 -19.20
CA ALA D 1084 -71.12 58.58 -17.82
C ALA D 1084 -71.37 57.09 -17.58
N VAL D 1085 -72.42 56.55 -18.19
CA VAL D 1085 -72.66 55.11 -18.12
C VAL D 1085 -71.54 54.36 -18.83
N MET D 1086 -71.11 54.86 -19.98
CA MET D 1086 -69.97 54.28 -20.67
C MET D 1086 -68.72 54.29 -19.80
N LEU D 1087 -68.53 55.37 -19.03
CA LEU D 1087 -67.43 55.42 -18.08
C LEU D 1087 -67.59 54.37 -16.99
N TYR D 1088 -68.82 54.21 -16.48
CA TYR D 1088 -69.09 53.20 -15.46
C TYR D 1088 -68.81 51.81 -15.99
N HIS D 1089 -69.06 51.60 -17.28
CA HIS D 1089 -68.65 50.37 -17.94
C HIS D 1089 -67.12 50.27 -17.96
N LYS D 1090 -66.45 51.36 -18.37
CA LYS D 1090 -65.00 51.41 -18.28
C LYS D 1090 -64.53 51.31 -16.84
N ALA D 1091 -65.35 51.75 -15.89
CA ALA D 1091 -65.01 51.67 -14.47
C ALA D 1091 -65.18 50.28 -13.88
N GLY D 1092 -65.62 49.31 -14.68
CA GLY D 1092 -65.92 48.00 -14.15
C GLY D 1092 -67.19 47.92 -13.33
N HIS D 1093 -67.91 49.03 -13.19
CA HIS D 1093 -69.17 49.06 -12.47
C HIS D 1093 -70.26 49.51 -13.42
N PHE D 1094 -70.32 48.87 -14.59
CA PHE D 1094 -71.31 49.24 -15.60
C PHE D 1094 -72.72 49.18 -15.04
N SER D 1095 -72.95 48.31 -14.05
CA SER D 1095 -74.22 48.32 -13.36
C SER D 1095 -74.53 49.70 -12.79
N LYS D 1096 -73.52 50.38 -12.26
CA LYS D 1096 -73.73 51.74 -11.78
C LYS D 1096 -74.26 52.58 -12.91
N ALA D 1097 -75.52 53.01 -12.78
CA ALA D 1097 -76.27 53.78 -13.76
C ALA D 1097 -76.67 52.92 -14.95
N LEU D 1098 -76.41 51.60 -14.93
CA LEU D 1098 -76.89 50.75 -16.01
C LEU D 1098 -78.37 50.98 -16.24
N GLU D 1099 -79.14 51.06 -15.15
CA GLU D 1099 -80.53 51.48 -15.26
C GLU D 1099 -80.61 52.91 -15.79
N LEU D 1100 -79.78 53.80 -15.27
CA LEU D 1100 -79.84 55.21 -15.68
C LEU D 1100 -79.52 55.37 -17.14
N ALA D 1101 -78.96 54.34 -17.78
CA ALA D 1101 -78.86 54.33 -19.23
C ALA D 1101 -80.23 54.58 -19.85
N PHE D 1102 -81.28 54.12 -19.18
CA PHE D 1102 -82.66 54.45 -19.53
C PHE D 1102 -82.96 54.13 -20.98
N ALA D 1103 -82.34 53.06 -21.49
CA ALA D 1103 -82.50 52.62 -22.87
C ALA D 1103 -82.15 53.73 -23.86
N GLU E 19 -84.13 71.39 14.05
CA GLU E 19 -83.78 71.14 15.45
C GLU E 19 -82.34 70.67 15.55
N MET E 20 -82.17 69.54 16.24
CA MET E 20 -80.87 68.88 16.28
C MET E 20 -80.34 68.64 14.87
N MET E 21 -81.23 68.29 13.95
CA MET E 21 -80.85 68.08 12.57
C MET E 21 -80.24 69.34 11.96
N LYS E 22 -80.87 70.49 12.21
CA LYS E 22 -80.41 71.74 11.63
C LYS E 22 -79.00 72.09 12.09
N MET E 23 -78.78 72.07 13.41
CA MET E 23 -77.45 72.37 13.94
C MET E 23 -76.43 71.33 13.48
N ARG E 24 -76.84 70.06 13.40
CA ARG E 24 -75.93 69.01 12.96
C ARG E 24 -75.46 69.29 11.54
N GLN E 25 -76.40 69.61 10.66
CA GLN E 25 -76.06 69.94 9.29
C GLN E 25 -75.20 71.20 9.23
N ALA E 26 -75.48 72.16 10.10
CA ALA E 26 -74.67 73.37 10.14
C ALA E 26 -73.22 73.07 10.46
N LYS E 27 -73.00 72.22 11.47
CA LYS E 27 -71.63 71.84 11.81
C LYS E 27 -70.99 71.08 10.67
N LEU E 28 -71.75 70.16 10.07
CA LEU E 28 -71.26 69.43 8.90
C LEU E 28 -70.79 70.38 7.81
N ASP E 29 -71.47 71.52 7.67
CA ASP E 29 -71.08 72.49 6.66
C ASP E 29 -69.87 73.29 7.09
N TYR E 30 -69.79 73.62 8.38
CA TYR E 30 -68.64 74.37 8.87
C TYR E 30 -67.35 73.61 8.63
N GLN E 31 -67.32 72.35 9.07
CA GLN E 31 -66.13 71.54 8.84
C GLN E 31 -65.87 71.28 7.36
N ARG E 32 -66.93 71.20 6.55
CA ARG E 32 -66.74 71.25 5.10
C ARG E 32 -65.88 72.44 4.71
N LEU E 33 -66.29 73.64 5.13
CA LEU E 33 -65.61 74.86 4.72
C LEU E 33 -64.16 74.85 5.20
N LEU E 34 -63.95 74.40 6.44
CA LEU E 34 -62.60 74.33 6.97
C LEU E 34 -61.73 73.42 6.12
N LEU E 35 -62.25 72.25 5.75
CA LEU E 35 -61.49 71.37 4.87
C LEU E 35 -61.12 72.08 3.58
N GLU E 36 -62.08 72.80 3.00
CA GLU E 36 -61.81 73.52 1.76
C GLU E 36 -60.67 74.52 1.94
N LYS E 37 -60.77 75.37 2.95
CA LYS E 37 -59.74 76.39 3.13
C LYS E 37 -58.39 75.75 3.44
N ARG E 38 -58.40 74.66 4.20
CA ARG E 38 -57.16 73.93 4.50
C ARG E 38 -56.47 73.49 3.23
N GLN E 39 -57.17 72.71 2.41
CA GLN E 39 -56.54 72.21 1.20
C GLN E 39 -56.20 73.34 0.25
N ARG E 40 -57.01 74.39 0.23
CA ARG E 40 -56.65 75.58 -0.53
C ARG E 40 -55.32 76.14 -0.06
N LYS E 41 -55.11 76.19 1.25
CA LYS E 41 -53.85 76.70 1.78
C LYS E 41 -52.69 75.86 1.30
N LYS E 42 -52.85 74.54 1.33
CA LYS E 42 -51.77 73.70 0.80
C LYS E 42 -51.54 73.97 -0.68
N ARG E 43 -52.63 74.05 -1.45
CA ARG E 43 -52.52 74.08 -2.90
C ARG E 43 -51.94 75.39 -3.42
N LEU E 44 -52.44 76.52 -2.93
CA LEU E 44 -52.05 77.81 -3.48
C LEU E 44 -50.89 78.44 -2.74
N GLU E 45 -50.26 77.72 -1.84
CA GLU E 45 -49.12 78.29 -1.13
C GLU E 45 -47.96 77.31 -1.15
N PRO E 46 -46.75 77.80 -1.34
CA PRO E 46 -45.58 76.94 -1.22
C PRO E 46 -45.00 76.99 0.18
N PHE E 47 -44.33 75.92 0.59
CA PHE E 47 -43.75 75.85 1.94
C PHE E 47 -42.23 75.84 1.83
N MET E 48 -41.65 77.03 1.79
CA MET E 48 -40.20 77.15 1.76
C MET E 48 -39.61 76.66 3.06
N VAL E 49 -38.53 75.88 2.94
CA VAL E 49 -37.90 75.32 4.13
C VAL E 49 -37.54 76.47 5.06
N GLN E 50 -38.01 76.39 6.29
CA GLN E 50 -37.80 77.52 7.17
C GLN E 50 -36.88 77.16 8.33
N PRO E 51 -36.08 78.12 8.81
CA PRO E 51 -35.16 77.83 9.91
C PRO E 51 -35.89 77.54 11.21
N ASN E 52 -35.20 76.84 12.10
CA ASN E 52 -35.87 76.63 13.37
C ASN E 52 -35.30 77.56 14.42
N PRO E 53 -36.02 77.85 15.51
CA PRO E 53 -35.47 78.78 16.52
C PRO E 53 -34.20 78.27 17.16
N GLU E 54 -34.21 77.05 17.70
CA GLU E 54 -33.02 76.51 18.33
C GLU E 54 -31.93 76.26 17.29
#